data_7F5T
#
_entry.id   7F5T
#
_cell.length_a   1.00
_cell.length_b   1.00
_cell.length_c   1.00
_cell.angle_alpha   90.00
_cell.angle_beta   90.00
_cell.angle_gamma   90.00
#
_symmetry.space_group_name_H-M   'P 1'
#
loop_
_entity.id
_entity.type
_entity.pdbx_description
1 polymer 'Delta-1-pyrroline-5-carboxylate synthase'
2 non-polymer 'GLUTAMIC ACID'
#
_entity_poly.entity_id   1
_entity_poly.type   'polypeptide(L)'
_entity_poly.pdbx_seq_one_letter_code
;MLQNSFKLAQSLRNGFYRNAWRAFSSHGPRQPLVSPERRLEKAHPTFTERSQLKYARRLVVKLGSAVITREDNHGLALGR
LASIVEQVAECHLEGREVMMVTSGAVAFGKQKLAQELLMSLSMRETLNPKDSKEFDGATLEPRAAAAVGQSGLMSLYDAM
FAQYGVKIAQVLVTKPDFYNEETRNNLFCTLSELISLNIVPIINTNDAVSPPMFIRDDEPAGGARRGIPIKDNDSLSAML
AAEVQADLLILMSDVDGIYNKPPWEDGAKLMHTYTSDDSNSIEFGKKSKVGTGGMDSKVKAATWALDRGVSVVICNGMQE
KAIKTIIGGRKVGTFFTEATESANAVPVEVMAENARTGSRQMQALTPAQRASAVNTLADLLVSREKFILDANAKDLAEAQ
KSGLAKPLLSRLSLNPAKLKNLSVGLKQIAEDSHKNVGRVLRRTRLADQLELKQVTVPIGVLLVIFESRPDSLPQVAALA
MASANGLLLKGGKEAAHSNKALMELVKEALATVGAEHAVSLVSTREEISDLLSMENHIDLIIPRGSSDLVRSIQQQSLHI
PVLGHAEGVCHVYIDRDADLEKALRIARDAKCDYPAACNAMETLLIHEDLMSGAIFGDVCNMLKREGVKIYAGPRLNQQL
TFGPPAAKSLKHEYGALECCIEVVPSLDEAINHIHTYGSSHTDVIVTENDAAARQFLGSVDSACVFHNASSRFADGFRFG
LGAEVGISTARIHARGPVGVEGLLTTKWILEGQDHAAADFAEGGGRTWLHETLPLD
;
_entity_poly.pdbx_strand_id   A,B,C,D
#
# COMPACT_ATOMS: atom_id res chain seq x y z
N PRO A 45 5.54 -34.26 -24.43
CA PRO A 45 5.87 -32.92 -24.90
C PRO A 45 6.74 -32.94 -26.14
N THR A 46 7.64 -31.96 -26.25
CA THR A 46 8.60 -31.90 -27.34
C THR A 46 10.04 -31.74 -26.87
N PHE A 47 10.28 -31.07 -25.75
CA PHE A 47 11.64 -30.81 -25.31
C PHE A 47 12.23 -32.07 -24.68
N THR A 48 13.53 -32.26 -24.89
CA THR A 48 14.19 -33.49 -24.45
C THR A 48 15.34 -33.25 -23.49
N GLU A 49 16.22 -32.29 -23.78
CA GLU A 49 17.39 -32.07 -22.96
C GLU A 49 17.39 -30.66 -22.40
N ARG A 50 18.11 -30.50 -21.28
CA ARG A 50 18.26 -29.18 -20.69
C ARG A 50 18.81 -28.16 -21.68
N SER A 51 19.51 -28.62 -22.72
CA SER A 51 19.93 -27.72 -23.79
C SER A 51 18.73 -27.04 -24.43
N GLN A 52 17.62 -27.75 -24.56
CA GLN A 52 16.43 -27.19 -25.19
C GLN A 52 15.77 -26.12 -24.35
N LEU A 53 16.24 -25.88 -23.16
CA LEU A 53 15.44 -25.04 -22.28
C LEU A 53 15.69 -23.60 -22.47
N LYS A 54 16.48 -23.17 -23.44
CA LYS A 54 16.48 -21.76 -23.76
C LYS A 54 15.37 -21.39 -24.73
N TYR A 55 14.42 -22.29 -24.97
CA TYR A 55 13.51 -22.19 -26.09
C TYR A 55 12.07 -22.51 -25.70
N ALA A 56 11.73 -22.33 -24.43
CA ALA A 56 10.37 -22.45 -23.96
C ALA A 56 9.77 -21.05 -23.82
N ARG A 57 8.61 -20.85 -24.42
CA ARG A 57 8.00 -19.52 -24.46
C ARG A 57 6.96 -19.30 -23.37
N ARG A 58 6.50 -20.36 -22.70
CA ARG A 58 5.46 -20.22 -21.69
C ARG A 58 5.91 -21.00 -20.46
N LEU A 59 5.98 -20.32 -19.33
CA LEU A 59 6.46 -20.95 -18.11
C LEU A 59 5.43 -20.84 -16.99
N VAL A 60 5.56 -21.74 -16.02
CA VAL A 60 4.71 -21.69 -14.84
C VAL A 60 5.54 -22.03 -13.62
N VAL A 61 5.57 -21.14 -12.65
CA VAL A 61 6.24 -21.44 -11.40
C VAL A 61 5.23 -21.90 -10.37
N LYS A 62 5.72 -22.61 -9.36
CA LYS A 62 4.89 -22.94 -8.21
C LYS A 62 5.81 -23.01 -7.00
N LEU A 63 5.91 -21.92 -6.26
CA LEU A 63 6.73 -21.88 -5.07
C LEU A 63 6.17 -22.85 -4.05
N GLY A 64 7.07 -23.48 -3.29
CA GLY A 64 6.63 -24.44 -2.30
C GLY A 64 6.34 -23.79 -0.97
N SER A 65 5.51 -24.45 -0.17
CA SER A 65 5.11 -23.85 1.09
C SER A 65 6.24 -23.74 2.09
N ALA A 66 7.42 -24.29 1.78
CA ALA A 66 8.54 -24.27 2.70
C ALA A 66 9.64 -23.31 2.30
N VAL A 67 9.65 -22.84 1.07
CA VAL A 67 10.73 -21.97 0.63
C VAL A 67 10.47 -20.53 1.03
N ILE A 68 9.24 -20.20 1.39
CA ILE A 68 8.91 -18.82 1.70
C ILE A 68 8.70 -18.57 3.18
N THR A 69 8.08 -19.50 3.90
CA THR A 69 7.91 -19.34 5.33
C THR A 69 9.24 -19.55 6.00
N ARG A 70 9.52 -18.78 7.05
CA ARG A 70 10.72 -19.04 7.81
C ARG A 70 10.55 -20.33 8.58
N GLU A 71 11.59 -20.67 9.34
CA GLU A 71 11.65 -21.99 9.96
C GLU A 71 10.82 -21.99 11.23
N ASP A 72 9.61 -21.44 11.11
CA ASP A 72 8.60 -21.48 12.16
C ASP A 72 7.24 -21.84 11.62
N ASN A 73 6.99 -21.67 10.33
CA ASN A 73 5.66 -21.47 9.77
C ASN A 73 4.92 -20.38 10.53
N HIS A 74 5.65 -19.46 11.15
CA HIS A 74 5.09 -18.43 12.01
C HIS A 74 5.69 -17.08 11.63
N GLY A 75 5.68 -16.80 10.34
CA GLY A 75 6.25 -15.56 9.84
C GLY A 75 6.45 -15.63 8.36
N LEU A 76 7.63 -15.26 7.88
CA LEU A 76 7.93 -15.37 6.46
C LEU A 76 9.44 -15.24 6.28
N ALA A 77 10.05 -16.26 5.69
CA ALA A 77 11.42 -16.12 5.24
C ALA A 77 11.42 -15.29 3.96
N LEU A 78 12.05 -14.13 4.01
CA LEU A 78 11.83 -13.19 2.92
C LEU A 78 12.88 -13.32 1.83
N GLY A 79 14.15 -13.32 2.19
CA GLY A 79 15.23 -13.31 1.21
C GLY A 79 15.03 -14.27 0.06
N ARG A 80 14.63 -15.49 0.39
CA ARG A 80 14.32 -16.45 -0.66
C ARG A 80 13.22 -15.94 -1.56
N LEU A 81 12.14 -15.44 -0.97
CA LEU A 81 11.02 -14.92 -1.76
C LEU A 81 11.47 -13.80 -2.67
N ALA A 82 12.29 -12.89 -2.15
CA ALA A 82 12.81 -11.82 -2.98
C ALA A 82 13.61 -12.37 -4.14
N SER A 83 14.53 -13.27 -3.87
CA SER A 83 15.28 -13.88 -4.96
C SER A 83 14.33 -14.42 -6.01
N ILE A 84 13.27 -15.08 -5.58
CA ILE A 84 12.34 -15.70 -6.52
C ILE A 84 11.69 -14.64 -7.39
N VAL A 85 11.17 -13.59 -6.76
CA VAL A 85 10.45 -12.60 -7.54
C VAL A 85 11.39 -11.90 -8.50
N GLU A 86 12.65 -11.74 -8.11
CA GLU A 86 13.59 -11.08 -9.00
C GLU A 86 13.87 -11.95 -10.22
N GLN A 87 14.17 -13.24 -9.98
CA GLN A 87 14.36 -14.14 -11.11
C GLN A 87 13.16 -14.15 -12.02
N VAL A 88 11.96 -14.17 -11.43
CA VAL A 88 10.74 -14.29 -12.24
C VAL A 88 10.54 -13.03 -13.07
N ALA A 89 10.68 -11.86 -12.45
CA ALA A 89 10.60 -10.63 -13.21
C ALA A 89 11.63 -10.62 -14.32
N GLU A 90 12.80 -11.19 -14.08
CA GLU A 90 13.78 -11.26 -15.15
C GLU A 90 13.26 -12.10 -16.31
N CYS A 91 12.95 -13.38 -16.06
CA CYS A 91 12.50 -14.24 -17.15
C CYS A 91 11.31 -13.66 -17.88
N HIS A 92 10.47 -12.90 -17.18
CA HIS A 92 9.36 -12.28 -17.88
C HIS A 92 9.83 -11.14 -18.75
N LEU A 93 10.63 -10.23 -18.20
CA LEU A 93 11.20 -9.15 -18.97
C LEU A 93 11.94 -9.64 -20.20
N GLU A 94 12.50 -10.84 -20.16
CA GLU A 94 13.06 -11.45 -21.34
C GLU A 94 12.03 -11.62 -22.44
N GLY A 95 10.78 -11.88 -22.08
CA GLY A 95 9.72 -12.14 -23.04
C GLY A 95 9.07 -13.48 -22.88
N ARG A 96 9.55 -14.31 -21.96
CA ARG A 96 8.86 -15.56 -21.69
C ARG A 96 7.61 -15.27 -20.86
N GLU A 97 6.73 -16.26 -20.78
CA GLU A 97 5.41 -16.08 -20.18
C GLU A 97 5.34 -16.92 -18.91
N VAL A 98 5.05 -16.26 -17.80
CA VAL A 98 5.14 -16.91 -16.50
C VAL A 98 3.86 -16.69 -15.71
N MET A 99 3.44 -17.69 -14.95
CA MET A 99 2.27 -17.58 -14.10
C MET A 99 2.63 -18.22 -12.76
N MET A 100 3.04 -17.41 -11.81
CA MET A 100 3.39 -17.92 -10.50
C MET A 100 2.20 -18.65 -9.88
N VAL A 101 2.50 -19.64 -9.06
CA VAL A 101 1.53 -20.27 -8.19
C VAL A 101 2.15 -20.28 -6.80
N THR A 102 1.93 -19.22 -6.04
CA THR A 102 2.53 -19.11 -4.73
C THR A 102 1.70 -19.91 -3.73
N SER A 103 2.30 -20.92 -3.14
CA SER A 103 1.65 -21.63 -2.05
C SER A 103 1.87 -20.88 -0.74
N GLY A 104 1.27 -21.37 0.33
CA GLY A 104 1.59 -20.90 1.65
C GLY A 104 1.32 -19.44 1.93
N ALA A 105 0.05 -19.04 1.95
CA ALA A 105 -0.31 -17.72 2.43
C ALA A 105 -0.56 -17.71 3.93
N VAL A 106 -0.88 -18.86 4.51
CA VAL A 106 -1.24 -18.97 5.91
C VAL A 106 -0.23 -18.25 6.79
N ALA A 107 1.05 -18.37 6.47
CA ALA A 107 2.07 -17.78 7.32
C ALA A 107 1.92 -16.27 7.38
N PHE A 108 1.65 -15.66 6.23
CA PHE A 108 1.45 -14.21 6.22
C PHE A 108 0.39 -13.80 7.22
N GLY A 109 -0.82 -14.33 7.11
CA GLY A 109 -1.88 -13.95 8.00
C GLY A 109 -1.58 -14.30 9.45
N LYS A 110 -1.03 -15.48 9.67
CA LYS A 110 -0.69 -15.89 11.02
C LYS A 110 0.20 -14.85 11.68
N GLN A 111 1.20 -14.37 10.95
CA GLN A 111 2.03 -13.31 11.50
C GLN A 111 1.24 -12.01 11.64
N LYS A 112 0.41 -11.69 10.65
CA LYS A 112 -0.22 -10.38 10.66
C LYS A 112 -1.14 -10.21 11.85
N LEU A 113 -1.81 -11.29 12.27
CA LEU A 113 -2.67 -11.14 13.44
C LEU A 113 -1.83 -11.12 14.71
N ALA A 114 -1.27 -12.27 15.08
CA ALA A 114 -0.26 -12.38 16.12
C ALA A 114 -0.69 -11.81 17.46
N GLN A 115 -1.89 -11.22 17.52
CA GLN A 115 -2.38 -10.61 18.74
C GLN A 115 -3.72 -11.21 19.10
N GLU A 116 -4.60 -11.31 18.11
CA GLU A 116 -5.91 -11.88 18.36
C GLU A 116 -5.86 -13.38 18.48
N LEU A 117 -5.01 -14.06 17.69
CA LEU A 117 -4.75 -15.46 17.96
C LEU A 117 -4.23 -15.63 19.38
N LEU A 118 -3.39 -14.70 19.83
CA LEU A 118 -2.88 -14.73 21.20
C LEU A 118 -4.03 -14.65 22.21
N MET A 119 -4.84 -13.60 22.11
CA MET A 119 -5.91 -13.39 23.09
C MET A 119 -7.04 -14.39 22.95
N SER A 120 -7.09 -15.15 21.85
CA SER A 120 -8.11 -16.17 21.70
C SER A 120 -7.65 -17.54 22.15
N LEU A 121 -6.37 -17.86 22.00
CA LEU A 121 -5.87 -19.15 22.49
C LEU A 121 -5.90 -19.27 24.01
N SER A 122 -6.18 -18.17 24.71
CA SER A 122 -6.41 -18.21 26.15
C SER A 122 -7.88 -18.24 26.52
N MET A 123 -8.76 -17.78 25.64
CA MET A 123 -10.20 -17.82 25.89
C MET A 123 -10.94 -18.77 24.97
N ARG A 124 -10.25 -19.38 24.00
CA ARG A 124 -10.88 -20.32 23.08
C ARG A 124 -9.95 -21.50 22.85
N PRO A 142 -8.00 -21.34 11.40
CA PRO A 142 -6.75 -21.31 10.64
C PRO A 142 -6.95 -20.70 9.26
N ARG A 143 -8.00 -21.17 8.58
CA ARG A 143 -8.30 -20.71 7.24
C ARG A 143 -8.46 -19.20 7.16
N ALA A 144 -9.11 -18.60 8.16
CA ALA A 144 -9.35 -17.16 8.13
C ALA A 144 -8.03 -16.39 8.08
N ALA A 145 -7.07 -16.81 8.90
CA ALA A 145 -5.74 -16.23 8.83
C ALA A 145 -5.19 -16.32 7.42
N ALA A 146 -5.46 -17.42 6.73
CA ALA A 146 -4.98 -17.53 5.36
C ALA A 146 -5.70 -16.55 4.44
N ALA A 147 -6.98 -16.26 4.70
CA ALA A 147 -7.68 -15.28 3.86
C ALA A 147 -7.08 -13.89 4.02
N VAL A 148 -6.92 -13.46 5.27
CA VAL A 148 -6.35 -12.14 5.49
C VAL A 148 -4.92 -12.08 4.97
N GLY A 149 -4.16 -13.17 5.15
CA GLY A 149 -2.83 -13.22 4.59
C GLY A 149 -2.85 -13.16 3.08
N GLN A 150 -3.84 -13.79 2.46
CA GLN A 150 -3.99 -13.70 1.02
C GLN A 150 -4.03 -12.25 0.59
N SER A 151 -4.88 -11.47 1.24
CA SER A 151 -4.94 -10.05 0.93
C SER A 151 -3.56 -9.40 1.06
N GLY A 152 -2.97 -9.50 2.24
CA GLY A 152 -1.73 -8.80 2.49
C GLY A 152 -0.62 -9.21 1.54
N LEU A 153 -0.40 -10.52 1.42
CA LEU A 153 0.57 -11.07 0.50
C LEU A 153 0.37 -10.53 -0.90
N MET A 154 -0.87 -10.44 -1.35
CA MET A 154 -1.12 -9.86 -2.65
C MET A 154 -0.54 -8.46 -2.71
N SER A 155 -0.81 -7.66 -1.72
CA SER A 155 -0.33 -6.31 -1.78
C SER A 155 1.16 -6.34 -1.91
N LEU A 156 1.79 -7.15 -1.09
CA LEU A 156 3.25 -7.16 -1.05
C LEU A 156 3.83 -7.51 -2.41
N TYR A 157 3.29 -8.55 -3.04
CA TYR A 157 3.71 -8.89 -4.39
C TYR A 157 3.52 -7.70 -5.31
N ASP A 158 2.41 -6.99 -5.17
CA ASP A 158 2.17 -5.84 -6.02
C ASP A 158 3.31 -4.84 -5.90
N ALA A 159 3.62 -4.45 -4.67
CA ALA A 159 4.70 -3.50 -4.46
C ALA A 159 5.98 -4.00 -5.11
N MET A 160 6.40 -5.21 -4.76
CA MET A 160 7.68 -5.69 -5.25
C MET A 160 7.72 -5.79 -6.77
N PHE A 161 6.76 -6.45 -7.39
CA PHE A 161 6.75 -6.59 -8.83
C PHE A 161 6.73 -5.23 -9.51
N ALA A 162 5.79 -4.38 -9.13
CA ALA A 162 5.76 -3.04 -9.69
C ALA A 162 7.10 -2.34 -9.54
N GLN A 163 7.92 -2.75 -8.58
CA GLN A 163 9.22 -2.10 -8.58
C GLN A 163 10.07 -2.53 -9.76
N TYR A 164 9.71 -3.57 -10.50
CA TYR A 164 10.27 -3.80 -11.81
C TYR A 164 9.37 -3.26 -12.91
N GLY A 165 8.30 -2.58 -12.56
CA GLY A 165 7.36 -2.06 -13.52
C GLY A 165 6.30 -3.04 -13.96
N VAL A 166 6.53 -4.34 -13.76
CA VAL A 166 5.52 -5.31 -14.10
C VAL A 166 4.31 -5.17 -13.18
N LYS A 167 3.14 -5.46 -13.73
CA LYS A 167 1.90 -5.47 -12.97
C LYS A 167 1.41 -6.90 -12.84
N ILE A 168 0.64 -7.15 -11.79
CA ILE A 168 0.12 -8.47 -11.51
C ILE A 168 -1.36 -8.37 -11.18
N ALA A 169 -1.99 -9.52 -10.99
CA ALA A 169 -3.43 -9.55 -10.74
C ALA A 169 -3.75 -10.90 -10.08
N GLN A 170 -4.25 -10.83 -8.87
CA GLN A 170 -4.59 -12.04 -8.14
C GLN A 170 -5.60 -12.86 -8.91
N VAL A 171 -5.45 -14.19 -8.88
CA VAL A 171 -6.42 -15.11 -9.42
C VAL A 171 -6.57 -16.28 -8.46
N LEU A 172 -7.82 -16.64 -8.15
CA LEU A 172 -8.11 -17.70 -7.21
C LEU A 172 -8.80 -18.84 -7.95
N VAL A 173 -8.40 -20.08 -7.65
CA VAL A 173 -9.03 -21.26 -8.24
C VAL A 173 -9.09 -22.35 -7.18
N THR A 174 -9.72 -23.47 -7.54
CA THR A 174 -9.67 -24.69 -6.75
C THR A 174 -9.68 -25.89 -7.69
N LYS A 175 -9.29 -27.04 -7.15
CA LYS A 175 -9.31 -28.28 -7.93
C LYS A 175 -10.67 -28.55 -8.59
N PRO A 176 -11.81 -28.44 -7.90
CA PRO A 176 -13.08 -28.63 -8.60
C PRO A 176 -13.26 -27.69 -9.77
N ASP A 177 -12.66 -26.51 -9.72
CA ASP A 177 -12.83 -25.55 -10.81
C ASP A 177 -12.21 -26.05 -12.11
N PHE A 178 -11.35 -27.05 -12.05
CA PHE A 178 -10.79 -27.64 -13.25
C PHE A 178 -11.65 -28.74 -13.80
N TYR A 179 -12.57 -29.25 -13.00
CA TYR A 179 -13.31 -30.46 -13.36
C TYR A 179 -14.52 -30.19 -14.22
N ASN A 180 -15.39 -29.27 -13.82
CA ASN A 180 -16.44 -28.83 -14.71
C ASN A 180 -15.82 -28.12 -15.91
N GLU A 181 -16.50 -28.21 -17.05
CA GLU A 181 -15.88 -27.73 -18.27
C GLU A 181 -16.23 -26.28 -18.56
N GLU A 182 -17.44 -25.84 -18.17
CA GLU A 182 -17.78 -24.43 -18.36
C GLU A 182 -16.83 -23.54 -17.60
N THR A 183 -16.51 -23.92 -16.36
CA THR A 183 -15.52 -23.16 -15.60
C THR A 183 -14.14 -23.31 -16.22
N ARG A 184 -13.84 -24.45 -16.83
CA ARG A 184 -12.60 -24.56 -17.58
C ARG A 184 -12.52 -23.49 -18.64
N ASN A 185 -13.59 -23.36 -19.43
CA ASN A 185 -13.67 -22.29 -20.43
C ASN A 185 -13.48 -20.93 -19.78
N ASN A 186 -14.23 -20.68 -18.70
CA ASN A 186 -14.19 -19.37 -18.07
C ASN A 186 -12.78 -19.02 -17.62
N LEU A 187 -12.18 -19.88 -16.82
CA LEU A 187 -10.85 -19.61 -16.28
C LEU A 187 -9.81 -19.51 -17.39
N PHE A 188 -9.89 -20.36 -18.41
CA PHE A 188 -8.92 -20.24 -19.48
C PHE A 188 -9.08 -18.92 -20.20
N CYS A 189 -10.32 -18.47 -20.39
CA CYS A 189 -10.53 -17.16 -21.00
C CYS A 189 -9.91 -16.07 -20.15
N THR A 190 -10.12 -16.15 -18.84
CA THR A 190 -9.52 -15.17 -17.94
C THR A 190 -8.01 -15.15 -18.07
N LEU A 191 -7.40 -16.34 -18.17
CA LEU A 191 -5.95 -16.43 -18.23
C LEU A 191 -5.42 -15.89 -19.56
N SER A 192 -6.08 -16.25 -20.65
CA SER A 192 -5.63 -15.78 -21.95
C SER A 192 -5.75 -14.26 -22.04
N GLU A 193 -6.90 -13.73 -21.65
CA GLU A 193 -7.07 -12.28 -21.62
C GLU A 193 -5.98 -11.63 -20.78
N LEU A 194 -5.62 -12.25 -19.66
CA LEU A 194 -4.56 -11.69 -18.84
C LEU A 194 -3.22 -11.70 -19.55
N ILE A 195 -2.74 -12.89 -19.92
CA ILE A 195 -1.41 -13.03 -20.49
C ILE A 195 -1.26 -12.13 -21.71
N SER A 196 -2.35 -11.97 -22.47
CA SER A 196 -2.31 -11.06 -23.60
C SER A 196 -1.97 -9.64 -23.20
N LEU A 197 -2.06 -9.31 -21.91
CA LEU A 197 -1.90 -7.93 -21.46
C LEU A 197 -0.65 -7.71 -20.64
N ASN A 198 0.33 -8.62 -20.72
CA ASN A 198 1.61 -8.45 -20.04
C ASN A 198 1.42 -8.34 -18.53
N ILE A 199 0.56 -9.21 -18.01
CA ILE A 199 0.29 -9.24 -16.59
C ILE A 199 0.63 -10.63 -16.07
N VAL A 200 1.20 -10.68 -14.88
CA VAL A 200 1.65 -11.95 -14.32
C VAL A 200 0.68 -12.38 -13.23
N PRO A 201 -0.34 -13.15 -13.56
CA PRO A 201 -1.33 -13.50 -12.56
C PRO A 201 -0.75 -14.45 -11.53
N ILE A 202 -1.07 -14.16 -10.28
CA ILE A 202 -0.68 -14.99 -9.16
C ILE A 202 -1.88 -15.89 -8.88
N ILE A 203 -1.65 -17.18 -8.80
CA ILE A 203 -2.73 -18.16 -8.83
C ILE A 203 -2.73 -18.85 -7.47
N ASN A 204 -3.55 -18.37 -6.56
CA ASN A 204 -3.70 -19.11 -5.32
C ASN A 204 -4.97 -19.95 -5.35
N THR A 205 -5.12 -20.79 -4.35
CA THR A 205 -6.33 -21.57 -4.28
C THR A 205 -7.35 -20.82 -3.48
N ASN A 206 -8.62 -21.00 -3.80
CA ASN A 206 -9.66 -20.34 -3.04
C ASN A 206 -9.79 -20.97 -1.67
N ASP A 207 -8.82 -20.71 -0.81
CA ASP A 207 -8.86 -21.27 0.53
C ASP A 207 -10.27 -21.28 1.06
N ALA A 208 -10.95 -20.15 0.92
CA ALA A 208 -12.30 -20.04 1.43
C ALA A 208 -13.00 -21.35 1.23
N VAL A 209 -12.93 -21.87 0.01
CA VAL A 209 -13.52 -23.17 -0.27
C VAL A 209 -12.45 -24.24 -0.18
N SER A 210 -12.01 -24.53 1.04
CA SER A 210 -10.97 -25.53 1.23
C SER A 210 -11.05 -26.14 2.61
N PRO A 211 -11.15 -27.48 2.69
CA PRO A 211 -11.24 -28.16 3.98
C PRO A 211 -10.27 -27.57 5.01
N ASP A 232 -0.49 -30.90 -1.01
CA ASP A 232 -0.21 -29.47 -0.92
C ASP A 232 -0.22 -28.81 -2.29
N ASN A 233 -1.44 -28.54 -2.79
CA ASN A 233 -1.74 -27.64 -3.90
C ASN A 233 -0.72 -27.74 -5.04
N ASP A 234 -0.18 -28.92 -5.25
CA ASP A 234 0.81 -29.18 -6.29
C ASP A 234 0.19 -29.79 -7.52
N SER A 235 -0.62 -30.84 -7.32
CA SER A 235 -1.52 -31.31 -8.36
C SER A 235 -2.21 -30.14 -9.05
N LEU A 236 -2.56 -29.12 -8.27
CA LEU A 236 -3.20 -27.95 -8.85
C LEU A 236 -2.32 -27.34 -9.93
N SER A 237 -1.08 -27.00 -9.57
CA SER A 237 -0.17 -26.41 -10.54
C SER A 237 0.04 -27.33 -11.73
N ALA A 238 0.21 -28.62 -11.47
CA ALA A 238 0.44 -29.56 -12.55
C ALA A 238 -0.70 -29.49 -13.56
N MET A 239 -1.92 -29.76 -13.10
CA MET A 239 -3.04 -29.80 -14.02
C MET A 239 -3.33 -28.42 -14.57
N LEU A 240 -2.89 -27.38 -13.88
CA LEU A 240 -2.96 -26.03 -14.43
C LEU A 240 -2.14 -25.94 -15.69
N ALA A 241 -0.84 -26.22 -15.57
CA ALA A 241 0.00 -26.27 -16.75
C ALA A 241 -0.63 -27.15 -17.80
N ALA A 242 -1.25 -28.24 -17.38
CA ALA A 242 -1.92 -29.14 -18.31
C ALA A 242 -2.94 -28.39 -19.14
N GLU A 243 -3.95 -27.80 -18.49
CA GLU A 243 -4.97 -27.07 -19.23
C GLU A 243 -4.36 -25.98 -20.09
N VAL A 244 -3.36 -25.28 -19.55
CA VAL A 244 -2.67 -24.28 -20.35
C VAL A 244 -1.80 -24.90 -21.42
N GLN A 245 -1.40 -26.16 -21.24
CA GLN A 245 -0.41 -26.80 -22.09
C GLN A 245 0.83 -25.90 -22.20
N ALA A 246 1.46 -25.70 -21.04
CA ALA A 246 2.61 -24.84 -20.93
C ALA A 246 3.89 -25.57 -21.30
N ASP A 247 4.89 -24.79 -21.71
CA ASP A 247 6.15 -25.37 -22.15
C ASP A 247 6.82 -26.17 -21.03
N LEU A 248 7.21 -25.48 -19.97
CA LEU A 248 7.90 -26.09 -18.86
C LEU A 248 7.26 -25.70 -17.55
N LEU A 249 7.06 -26.69 -16.70
CA LEU A 249 6.60 -26.41 -15.34
C LEU A 249 7.83 -26.47 -14.45
N ILE A 250 8.18 -25.33 -13.88
CA ILE A 250 9.14 -25.32 -12.79
C ILE A 250 8.38 -25.63 -11.51
N LEU A 251 8.98 -26.43 -10.66
CA LEU A 251 8.39 -26.73 -9.35
C LEU A 251 9.51 -26.61 -8.34
N MET A 252 9.70 -25.41 -7.80
CA MET A 252 10.67 -25.26 -6.74
C MET A 252 10.23 -26.03 -5.51
N SER A 253 11.18 -26.27 -4.62
CA SER A 253 10.89 -26.95 -3.37
C SER A 253 12.09 -26.81 -2.45
N ASP A 254 12.03 -27.54 -1.34
CA ASP A 254 13.13 -27.62 -0.39
C ASP A 254 14.18 -28.64 -0.77
N VAL A 255 13.76 -29.83 -1.21
CA VAL A 255 14.72 -30.87 -1.55
C VAL A 255 15.47 -30.50 -2.83
N ASP A 256 16.74 -30.89 -2.89
CA ASP A 256 17.56 -30.61 -4.06
C ASP A 256 17.13 -31.39 -5.29
N GLY A 257 16.67 -32.63 -5.10
CA GLY A 257 16.26 -33.44 -6.22
C GLY A 257 15.88 -34.83 -5.77
N ILE A 258 15.86 -35.78 -6.69
CA ILE A 258 15.44 -37.14 -6.39
C ILE A 258 16.68 -38.02 -6.33
N TYR A 259 16.71 -38.93 -5.37
CA TYR A 259 17.82 -39.86 -5.28
C TYR A 259 17.42 -41.21 -5.84
N ASN A 260 18.39 -42.09 -5.92
CA ASN A 260 18.11 -43.47 -6.24
C ASN A 260 17.30 -44.15 -5.16
N LYS A 261 17.50 -43.75 -3.91
CA LYS A 261 16.93 -44.44 -2.77
C LYS A 261 16.81 -43.46 -1.62
N PRO A 262 16.16 -43.86 -0.53
CA PRO A 262 16.16 -43.04 0.68
C PRO A 262 17.56 -42.55 1.02
N PRO A 263 17.66 -41.34 1.56
CA PRO A 263 19.00 -40.77 1.81
C PRO A 263 19.79 -41.50 2.87
N TRP A 264 19.11 -42.15 3.81
CA TRP A 264 19.77 -42.89 4.89
C TRP A 264 20.21 -44.26 4.38
N GLU A 265 20.91 -44.25 3.25
CA GLU A 265 21.10 -45.47 2.49
C GLU A 265 22.24 -45.26 1.51
N ASP A 266 23.12 -46.25 1.45
CA ASP A 266 24.27 -46.20 0.56
C ASP A 266 23.77 -46.28 -0.89
N GLY A 267 24.13 -45.29 -1.69
CA GLY A 267 23.70 -45.27 -3.07
C GLY A 267 22.58 -44.29 -3.33
N ALA A 268 22.56 -43.19 -2.57
CA ALA A 268 21.56 -42.14 -2.76
C ALA A 268 21.91 -41.32 -4.00
N LYS A 269 21.87 -42.00 -5.14
CA LYS A 269 22.23 -41.39 -6.42
C LYS A 269 21.19 -40.34 -6.78
N LEU A 270 21.56 -39.07 -6.70
CA LEU A 270 20.65 -38.02 -7.10
C LEU A 270 20.37 -38.12 -8.59
N MET A 271 19.18 -38.60 -8.93
CA MET A 271 18.83 -38.91 -10.31
C MET A 271 18.43 -37.61 -11.01
N HIS A 272 19.42 -36.94 -11.61
CA HIS A 272 19.16 -35.67 -12.25
C HIS A 272 18.07 -35.79 -13.30
N THR A 273 18.31 -36.58 -14.33
CA THR A 273 17.22 -36.84 -15.24
C THR A 273 16.31 -37.91 -14.64
N TYR A 274 15.19 -38.15 -15.30
CA TYR A 274 14.31 -39.25 -14.93
C TYR A 274 13.70 -39.84 -16.18
N THR A 275 13.83 -41.14 -16.32
CA THR A 275 13.34 -41.89 -17.47
C THR A 275 11.83 -41.72 -17.63
N SER A 297 3.22 -38.49 -4.81
CA SER A 297 3.55 -37.14 -4.40
C SER A 297 3.98 -36.29 -5.58
N LYS A 298 5.02 -35.50 -5.35
CA LYS A 298 5.62 -34.71 -6.41
C LYS A 298 5.97 -35.59 -7.60
N VAL A 299 6.53 -36.77 -7.32
CA VAL A 299 6.89 -37.70 -8.38
C VAL A 299 5.67 -38.08 -9.20
N LYS A 300 4.58 -38.40 -8.54
CA LYS A 300 3.45 -38.81 -9.30
C LYS A 300 3.02 -37.64 -10.14
N ALA A 301 2.73 -36.54 -9.48
CA ALA A 301 2.22 -35.41 -10.24
C ALA A 301 3.11 -35.10 -11.42
N ALA A 302 4.41 -35.31 -11.28
CA ALA A 302 5.32 -35.09 -12.38
C ALA A 302 5.07 -36.07 -13.51
N THR A 303 4.89 -37.33 -13.17
CA THR A 303 4.57 -38.28 -14.19
C THR A 303 3.34 -37.78 -14.89
N TRP A 304 2.32 -37.48 -14.10
CA TRP A 304 1.05 -37.01 -14.66
C TRP A 304 1.27 -35.90 -15.68
N ALA A 305 1.89 -34.81 -15.25
CA ALA A 305 2.08 -33.68 -16.15
C ALA A 305 2.85 -34.07 -17.39
N LEU A 306 3.87 -34.92 -17.25
CA LEU A 306 4.55 -35.46 -18.41
C LEU A 306 3.56 -36.16 -19.33
N ASP A 307 2.68 -36.96 -18.73
CA ASP A 307 1.64 -37.65 -19.50
C ASP A 307 0.74 -36.67 -20.21
N ARG A 308 0.66 -35.43 -19.72
CA ARG A 308 -0.07 -34.38 -20.40
C ARG A 308 0.80 -33.69 -21.44
N GLY A 309 1.93 -34.29 -21.80
CA GLY A 309 2.84 -33.68 -22.74
C GLY A 309 3.54 -32.45 -22.23
N VAL A 310 3.99 -32.44 -20.99
CA VAL A 310 4.48 -31.23 -20.34
C VAL A 310 5.83 -31.54 -19.70
N SER A 311 6.80 -30.67 -19.93
CA SER A 311 8.14 -30.82 -19.38
C SER A 311 8.13 -30.30 -17.95
N VAL A 312 8.54 -31.14 -17.01
CA VAL A 312 8.55 -30.76 -15.61
C VAL A 312 9.98 -30.76 -15.08
N VAL A 313 10.24 -29.89 -14.11
CA VAL A 313 11.53 -29.83 -13.45
C VAL A 313 11.29 -29.51 -11.99
N ILE A 314 12.09 -30.09 -11.11
CA ILE A 314 11.97 -29.87 -9.68
C ILE A 314 13.34 -29.48 -9.15
N CYS A 315 13.48 -28.22 -8.75
CA CYS A 315 14.74 -27.68 -8.26
C CYS A 315 14.71 -27.57 -6.75
N ASN A 316 15.76 -26.96 -6.21
CA ASN A 316 15.82 -26.63 -4.80
C ASN A 316 15.66 -25.13 -4.65
N GLY A 317 14.77 -24.72 -3.74
CA GLY A 317 14.52 -23.31 -3.57
C GLY A 317 15.75 -22.55 -3.10
N MET A 318 16.40 -23.06 -2.05
CA MET A 318 17.52 -22.36 -1.45
C MET A 318 18.68 -22.16 -2.39
N GLN A 319 18.68 -22.81 -3.55
CA GLN A 319 19.76 -22.63 -4.49
C GLN A 319 19.57 -21.34 -5.27
N GLU A 320 20.62 -20.52 -5.32
CA GLU A 320 20.52 -19.21 -5.95
C GLU A 320 20.31 -19.35 -7.44
N LYS A 321 19.66 -18.34 -8.02
CA LYS A 321 19.55 -18.17 -9.47
C LYS A 321 18.95 -19.42 -10.12
N ALA A 322 18.25 -20.21 -9.30
CA ALA A 322 17.80 -21.54 -9.69
C ALA A 322 17.15 -21.53 -11.06
N ILE A 323 16.30 -20.54 -11.32
CA ILE A 323 15.69 -20.44 -12.64
C ILE A 323 16.75 -20.10 -13.68
N LYS A 324 17.37 -18.93 -13.53
CA LYS A 324 18.44 -18.54 -14.44
C LYS A 324 19.46 -19.67 -14.57
N THR A 325 19.73 -20.37 -13.48
CA THR A 325 20.51 -21.59 -13.58
C THR A 325 19.84 -22.60 -14.50
N ILE A 326 18.61 -22.98 -14.18
CA ILE A 326 18.02 -24.10 -14.88
C ILE A 326 17.64 -23.74 -16.30
N ILE A 327 17.38 -22.46 -16.57
CA ILE A 327 17.06 -22.11 -17.94
C ILE A 327 18.26 -22.27 -18.83
N GLY A 328 19.47 -22.16 -18.25
CA GLY A 328 20.68 -22.27 -19.06
C GLY A 328 20.90 -23.68 -19.58
N GLY A 329 20.36 -24.67 -18.88
CA GLY A 329 20.58 -26.05 -19.26
C GLY A 329 21.45 -26.72 -18.23
N ARG A 330 21.82 -25.98 -17.20
CA ARG A 330 22.72 -26.49 -16.19
C ARG A 330 22.10 -27.68 -15.45
N LYS A 331 22.92 -28.68 -15.18
CA LYS A 331 22.48 -29.93 -14.55
C LYS A 331 22.19 -29.68 -13.06
N VAL A 332 20.93 -29.38 -12.78
CA VAL A 332 20.52 -29.03 -11.43
C VAL A 332 19.10 -29.51 -11.20
N GLY A 333 18.78 -29.82 -9.95
CA GLY A 333 17.42 -30.20 -9.60
C GLY A 333 17.12 -31.60 -10.05
N THR A 334 16.06 -31.74 -10.84
CA THR A 334 15.69 -33.02 -11.40
C THR A 334 14.87 -32.78 -12.66
N PHE A 335 15.32 -33.37 -13.76
CA PHE A 335 14.68 -33.17 -15.05
C PHE A 335 13.98 -34.46 -15.43
N PHE A 336 12.90 -34.35 -16.18
CA PHE A 336 12.01 -35.49 -16.42
C PHE A 336 11.69 -35.60 -17.90
N THR A 337 12.12 -36.70 -18.51
CA THR A 337 11.71 -37.06 -19.86
C THR A 337 12.11 -38.50 -20.14
N GLU A 338 11.24 -39.28 -20.76
CA GLU A 338 11.56 -40.68 -21.09
C GLU A 338 12.00 -40.81 -22.53
N ALA A 339 12.29 -39.68 -23.17
CA ALA A 339 12.75 -39.63 -24.58
C ALA A 339 13.73 -40.80 -24.82
N THR A 340 14.65 -41.08 -23.90
CA THR A 340 15.52 -42.24 -24.03
C THR A 340 15.93 -42.46 -25.48
N GLU A 341 16.57 -41.45 -26.07
CA GLU A 341 16.94 -41.53 -27.48
C GLU A 341 18.01 -42.59 -27.71
N SER A 342 19.16 -42.46 -27.06
CA SER A 342 20.29 -43.31 -27.36
C SER A 342 20.80 -43.98 -26.10
N ALA A 343 21.60 -45.02 -26.31
CA ALA A 343 22.24 -45.70 -25.19
C ALA A 343 23.19 -44.77 -24.44
N ASN A 344 23.88 -43.89 -25.17
CA ASN A 344 24.86 -42.93 -24.65
C ASN A 344 25.66 -43.54 -23.49
N ALA A 345 26.38 -44.61 -23.82
CA ALA A 345 26.75 -45.75 -22.95
C ALA A 345 26.95 -45.25 -21.52
N VAL A 346 27.68 -44.17 -21.30
CA VAL A 346 27.85 -43.72 -19.91
C VAL A 346 27.25 -42.33 -19.76
N PRO A 347 26.48 -42.07 -18.71
CA PRO A 347 26.19 -40.67 -18.40
C PRO A 347 27.45 -39.89 -18.10
N VAL A 348 28.11 -40.14 -16.96
CA VAL A 348 29.49 -39.73 -16.76
C VAL A 348 30.30 -40.81 -16.04
N GLU A 349 29.63 -41.66 -15.25
CA GLU A 349 30.32 -42.28 -14.12
C GLU A 349 30.59 -43.76 -14.28
N VAL A 350 29.62 -44.52 -14.80
CA VAL A 350 29.88 -45.92 -15.07
C VAL A 350 31.12 -46.05 -15.93
N MET A 351 31.42 -45.02 -16.71
CA MET A 351 32.77 -44.78 -17.21
C MET A 351 33.80 -45.00 -16.11
N ALA A 352 33.69 -44.20 -15.05
CA ALA A 352 34.72 -44.20 -14.02
C ALA A 352 34.87 -45.56 -13.38
N GLU A 353 33.76 -46.17 -12.99
CA GLU A 353 33.86 -47.47 -12.36
C GLU A 353 34.45 -48.48 -13.33
N ASN A 354 34.07 -48.37 -14.58
CA ASN A 354 34.60 -49.30 -15.53
C ASN A 354 36.09 -49.14 -15.47
N ALA A 355 36.54 -47.92 -15.68
CA ALA A 355 37.97 -47.69 -15.74
C ALA A 355 38.66 -48.30 -14.53
N ARG A 356 38.05 -48.14 -13.36
CA ARG A 356 38.60 -48.78 -12.17
C ARG A 356 38.74 -50.28 -12.39
N THR A 357 37.68 -50.90 -12.91
CA THR A 357 37.73 -52.32 -13.20
C THR A 357 38.85 -52.65 -14.15
N GLY A 358 38.98 -51.88 -15.22
CA GLY A 358 40.02 -52.15 -16.19
C GLY A 358 41.41 -52.02 -15.60
N SER A 359 41.59 -51.06 -14.70
CA SER A 359 42.86 -50.94 -14.02
C SER A 359 43.14 -52.20 -13.22
N ARG A 360 42.17 -52.61 -12.41
CA ARG A 360 42.29 -53.87 -11.69
C ARG A 360 42.66 -55.00 -12.66
N GLN A 361 42.09 -54.95 -13.86
CA GLN A 361 42.36 -55.98 -14.85
C GLN A 361 43.82 -55.98 -15.24
N MET A 362 44.25 -54.90 -15.89
CA MET A 362 45.62 -54.82 -16.40
C MET A 362 46.63 -54.93 -15.29
N GLN A 363 46.20 -54.82 -14.04
CA GLN A 363 47.08 -55.04 -12.91
C GLN A 363 47.80 -56.37 -12.99
N ALA A 364 47.17 -57.39 -13.58
CA ALA A 364 47.72 -58.74 -13.59
C ALA A 364 48.32 -59.05 -14.95
N LEU A 365 48.78 -58.02 -15.65
CA LEU A 365 49.34 -58.23 -16.98
C LEU A 365 50.64 -57.47 -17.19
N THR A 366 51.60 -57.60 -16.28
CA THR A 366 52.87 -56.90 -16.46
C THR A 366 53.76 -57.52 -17.52
N PRO A 367 54.04 -58.83 -17.53
CA PRO A 367 55.21 -59.29 -18.26
C PRO A 367 55.01 -59.20 -19.76
N ALA A 368 55.58 -58.16 -20.35
CA ALA A 368 55.52 -57.89 -21.78
C ALA A 368 54.10 -57.74 -22.29
N GLN A 369 53.11 -57.87 -21.41
CA GLN A 369 51.71 -57.82 -21.82
C GLN A 369 51.34 -56.42 -22.27
N ARG A 370 51.41 -55.46 -21.36
CA ARG A 370 51.24 -54.07 -21.74
C ARG A 370 52.31 -53.64 -22.72
N ALA A 371 53.50 -54.24 -22.64
CA ALA A 371 54.57 -53.92 -23.58
C ALA A 371 54.17 -54.32 -24.99
N SER A 372 53.86 -55.60 -25.19
CA SER A 372 53.39 -56.03 -26.50
C SER A 372 52.15 -55.26 -26.92
N ALA A 373 51.32 -54.86 -25.96
CA ALA A 373 50.10 -54.14 -26.28
C ALA A 373 50.41 -52.77 -26.87
N VAL A 374 51.36 -52.05 -26.26
CA VAL A 374 51.69 -50.74 -26.79
C VAL A 374 52.49 -50.88 -28.08
N ASN A 375 53.25 -51.98 -28.23
CA ASN A 375 53.81 -52.30 -29.54
C ASN A 375 52.72 -52.37 -30.58
N THR A 376 51.67 -53.13 -30.27
CA THR A 376 50.51 -53.22 -31.14
C THR A 376 49.92 -51.86 -31.43
N LEU A 377 49.88 -50.99 -30.42
CA LEU A 377 49.35 -49.65 -30.65
C LEU A 377 50.20 -48.90 -31.66
N ALA A 378 51.52 -48.94 -31.50
CA ALA A 378 52.40 -48.28 -32.45
C ALA A 378 52.20 -48.82 -33.85
N ASP A 379 52.01 -50.14 -33.95
CA ASP A 379 51.80 -50.74 -35.27
C ASP A 379 50.50 -50.26 -35.88
N LEU A 380 49.41 -50.24 -35.10
CA LEU A 380 48.15 -49.71 -35.60
C LEU A 380 48.29 -48.26 -36.01
N LEU A 381 49.13 -47.51 -35.28
CA LEU A 381 49.40 -46.13 -35.65
C LEU A 381 50.09 -46.04 -37.00
N VAL A 382 51.08 -46.89 -37.23
CA VAL A 382 51.86 -46.79 -38.46
C VAL A 382 51.20 -47.55 -39.61
N SER A 383 50.08 -48.23 -39.37
CA SER A 383 49.48 -49.10 -40.38
C SER A 383 48.17 -48.58 -40.94
N ARG A 384 47.37 -47.87 -40.15
CA ARG A 384 46.05 -47.49 -40.61
C ARG A 384 45.93 -45.97 -40.63
N GLU A 385 47.08 -45.32 -40.76
CA GLU A 385 47.15 -43.87 -40.70
C GLU A 385 46.32 -43.17 -41.76
N LYS A 386 46.09 -43.83 -42.89
CA LYS A 386 45.28 -43.23 -43.95
C LYS A 386 43.95 -42.76 -43.40
N PHE A 387 43.26 -43.65 -42.68
CA PHE A 387 41.96 -43.31 -42.12
C PHE A 387 42.06 -42.10 -41.22
N ILE A 388 42.96 -42.15 -40.24
CA ILE A 388 43.04 -41.06 -39.27
C ILE A 388 43.56 -39.79 -39.93
N LEU A 389 44.42 -39.94 -40.93
CA LEU A 389 44.93 -38.77 -41.63
C LEU A 389 43.81 -38.05 -42.35
N ASP A 390 42.99 -38.79 -43.10
CA ASP A 390 41.86 -38.14 -43.76
C ASP A 390 40.87 -37.61 -42.75
N ALA A 391 40.69 -38.30 -41.63
CA ALA A 391 39.79 -37.80 -40.60
C ALA A 391 40.25 -36.43 -40.10
N ASN A 392 41.53 -36.29 -39.80
CA ASN A 392 42.03 -35.00 -39.36
C ASN A 392 41.92 -33.97 -40.48
N ALA A 393 42.22 -34.36 -41.71
CA ALA A 393 42.07 -33.42 -42.81
C ALA A 393 40.63 -32.88 -42.86
N LYS A 394 39.67 -33.78 -42.71
CA LYS A 394 38.26 -33.38 -42.71
C LYS A 394 37.97 -32.44 -41.56
N ASP A 395 38.34 -32.82 -40.35
CA ASP A 395 37.99 -32.02 -39.19
C ASP A 395 38.74 -30.69 -39.22
N LEU A 396 39.93 -30.67 -39.79
CA LEU A 396 40.68 -29.43 -39.95
C LEU A 396 39.99 -28.50 -40.93
N ALA A 397 39.50 -29.05 -42.03
CA ALA A 397 38.67 -28.25 -42.92
C ALA A 397 37.47 -27.69 -42.19
N GLU A 398 36.82 -28.51 -41.37
CA GLU A 398 35.70 -28.03 -40.58
C GLU A 398 36.11 -26.89 -39.65
N ALA A 399 37.30 -26.98 -39.08
CA ALA A 399 37.79 -25.91 -38.23
C ALA A 399 38.14 -24.66 -39.01
N GLN A 400 38.53 -24.82 -40.27
CA GLN A 400 38.98 -23.68 -41.06
C GLN A 400 37.87 -22.65 -41.20
N LYS A 401 36.66 -23.09 -41.56
CA LYS A 401 35.55 -22.16 -41.69
C LYS A 401 35.28 -21.44 -40.37
N SER A 402 35.57 -22.10 -39.26
CA SER A 402 35.42 -21.46 -37.97
C SER A 402 36.51 -20.43 -37.70
N GLY A 403 37.74 -20.72 -38.11
CA GLY A 403 38.85 -19.81 -37.93
C GLY A 403 39.02 -19.33 -36.51
N LEU A 404 39.35 -20.25 -35.60
CA LEU A 404 39.31 -19.93 -34.17
C LEU A 404 40.58 -19.23 -33.71
N ALA A 405 41.71 -19.93 -33.76
CA ALA A 405 42.92 -19.38 -33.20
C ALA A 405 44.13 -20.02 -33.86
N LYS A 406 44.98 -19.19 -34.43
CA LYS A 406 46.22 -19.69 -35.03
C LYS A 406 47.00 -20.61 -34.11
N PRO A 407 47.06 -20.41 -32.80
CA PRO A 407 47.56 -21.50 -31.94
C PRO A 407 46.78 -22.79 -32.17
N LEU A 408 45.46 -22.76 -31.99
CA LEU A 408 44.65 -23.93 -32.27
C LEU A 408 44.74 -24.33 -33.74
N LEU A 409 44.41 -23.39 -34.63
CA LEU A 409 44.42 -23.63 -36.07
C LEU A 409 45.78 -24.11 -36.57
N SER A 410 46.80 -24.08 -35.73
CA SER A 410 48.10 -24.63 -36.07
C SER A 410 48.35 -25.97 -35.40
N ARG A 411 47.92 -26.14 -34.16
CA ARG A 411 48.24 -27.34 -33.42
C ARG A 411 47.32 -28.50 -33.76
N LEU A 412 46.11 -28.23 -34.23
CA LEU A 412 45.24 -29.35 -34.61
C LEU A 412 45.73 -30.06 -35.86
N SER A 413 46.72 -29.51 -36.54
CA SER A 413 47.29 -30.12 -37.72
C SER A 413 47.96 -31.45 -37.38
N LEU A 414 48.22 -32.25 -38.41
CA LEU A 414 48.89 -33.53 -38.24
C LEU A 414 49.40 -34.00 -39.58
N ASN A 415 50.61 -34.54 -39.59
CA ASN A 415 51.25 -35.05 -40.79
C ASN A 415 51.81 -36.43 -40.49
N PRO A 416 51.89 -37.30 -41.51
CA PRO A 416 52.47 -38.63 -41.29
C PRO A 416 53.86 -38.58 -40.68
N ALA A 417 54.58 -37.46 -40.85
CA ALA A 417 55.82 -37.29 -40.12
C ALA A 417 55.55 -37.21 -38.62
N LYS A 418 54.53 -36.47 -38.22
CA LYS A 418 54.14 -36.48 -36.82
C LYS A 418 53.78 -37.88 -36.36
N LEU A 419 53.12 -38.66 -37.22
CA LEU A 419 52.79 -40.02 -36.84
C LEU A 419 54.03 -40.88 -36.68
N LYS A 420 55.04 -40.67 -37.52
CA LYS A 420 56.29 -41.39 -37.34
C LYS A 420 56.94 -41.00 -36.02
N ASN A 421 56.90 -39.71 -35.69
CA ASN A 421 57.40 -39.27 -34.40
C ASN A 421 56.67 -39.98 -33.27
N LEU A 422 55.35 -40.04 -33.34
CA LEU A 422 54.58 -40.70 -32.30
C LEU A 422 54.90 -42.17 -32.23
N SER A 423 55.12 -42.81 -33.38
CA SER A 423 55.41 -44.23 -33.40
C SER A 423 56.74 -44.51 -32.72
N VAL A 424 57.77 -43.72 -33.05
CA VAL A 424 59.06 -43.98 -32.43
C VAL A 424 59.00 -43.67 -30.94
N GLY A 425 58.28 -42.63 -30.54
CA GLY A 425 58.11 -42.38 -29.12
C GLY A 425 57.42 -43.53 -28.42
N LEU A 426 56.40 -44.11 -29.06
CA LEU A 426 55.66 -45.19 -28.45
C LEU A 426 56.50 -46.45 -28.36
N LYS A 427 57.28 -46.73 -29.40
CA LYS A 427 58.20 -47.86 -29.33
C LYS A 427 59.21 -47.67 -28.21
N GLN A 428 59.69 -46.45 -28.04
CA GLN A 428 60.59 -46.14 -26.95
C GLN A 428 59.93 -46.45 -25.61
N ILE A 429 58.75 -45.87 -25.39
CA ILE A 429 57.99 -46.11 -24.17
C ILE A 429 57.84 -47.61 -23.94
N ALA A 430 57.51 -48.35 -24.99
CA ALA A 430 57.39 -49.79 -24.88
C ALA A 430 58.66 -50.41 -24.35
N GLU A 431 59.76 -50.25 -25.08
CA GLU A 431 60.98 -50.94 -24.74
C GLU A 431 61.50 -50.56 -23.35
N ASP A 432 61.24 -49.33 -22.90
CA ASP A 432 61.77 -48.89 -21.63
C ASP A 432 60.78 -49.01 -20.50
N SER A 433 59.52 -49.34 -20.81
CA SER A 433 58.49 -49.42 -19.77
C SER A 433 58.37 -50.83 -19.29
N HIS A 434 59.49 -51.40 -18.91
CA HIS A 434 59.51 -52.80 -18.52
C HIS A 434 59.24 -53.04 -17.05
N LYS A 435 59.87 -52.28 -16.17
CA LYS A 435 59.89 -52.61 -14.75
C LYS A 435 59.37 -51.44 -13.92
N ASN A 436 58.42 -50.71 -14.47
CA ASN A 436 57.89 -49.54 -13.79
C ASN A 436 56.90 -49.89 -12.70
N VAL A 437 56.12 -50.96 -12.87
CA VAL A 437 55.05 -51.29 -11.94
C VAL A 437 55.49 -52.48 -11.11
N GLY A 438 54.94 -52.58 -9.91
CA GLY A 438 55.24 -53.69 -9.02
C GLY A 438 56.63 -53.67 -8.44
N ARG A 439 57.51 -52.79 -8.91
CA ARG A 439 58.87 -52.76 -8.41
C ARG A 439 58.88 -52.45 -6.92
N VAL A 440 59.65 -53.22 -6.17
CA VAL A 440 59.74 -53.04 -4.75
C VAL A 440 60.77 -51.95 -4.45
N LEU A 441 60.55 -51.23 -3.37
CA LEU A 441 61.45 -50.16 -2.97
C LEU A 441 62.15 -50.41 -1.65
N ARG A 442 61.59 -51.25 -0.80
CA ARG A 442 62.23 -51.57 0.46
C ARG A 442 62.13 -53.06 0.72
N ARG A 443 63.12 -53.58 1.43
CA ARG A 443 63.14 -54.98 1.83
C ARG A 443 63.74 -55.00 3.23
N THR A 444 62.93 -55.35 4.21
CA THR A 444 63.32 -55.24 5.59
C THR A 444 62.67 -56.34 6.42
N ARG A 445 63.36 -56.77 7.46
CA ARG A 445 62.83 -57.74 8.40
C ARG A 445 62.77 -57.10 9.78
N LEU A 446 61.58 -57.10 10.37
CA LEU A 446 61.41 -56.60 11.73
C LEU A 446 61.78 -57.65 12.77
N ALA A 447 61.38 -58.90 12.51
CA ALA A 447 61.74 -60.03 13.35
C ALA A 447 61.58 -61.28 12.52
N ASP A 448 61.77 -62.43 13.16
CA ASP A 448 61.69 -63.70 12.46
C ASP A 448 60.36 -63.83 11.74
N GLN A 449 60.42 -64.04 10.43
CA GLN A 449 59.25 -64.16 9.58
C GLN A 449 58.39 -62.90 9.64
N LEU A 450 59.07 -61.76 9.63
CA LEU A 450 58.40 -60.47 9.55
C LEU A 450 59.09 -59.68 8.46
N GLU A 451 58.64 -59.86 7.22
CA GLU A 451 59.32 -59.37 6.05
C GLU A 451 58.44 -58.34 5.36
N LEU A 452 58.56 -57.09 5.81
CA LEU A 452 57.88 -56.00 5.13
C LEU A 452 58.62 -55.66 3.84
N LYS A 453 57.85 -55.26 2.84
CA LYS A 453 58.44 -54.73 1.62
C LYS A 453 57.43 -53.81 0.98
N GLN A 454 57.90 -52.71 0.41
CA GLN A 454 57.03 -51.71 -0.17
C GLN A 454 57.23 -51.66 -1.68
N VAL A 455 56.13 -51.67 -2.43
CA VAL A 455 56.23 -51.91 -3.86
C VAL A 455 55.51 -50.80 -4.63
N THR A 456 55.46 -50.96 -5.94
CA THR A 456 54.94 -49.96 -6.85
C THR A 456 53.55 -50.35 -7.31
N VAL A 457 52.63 -49.39 -7.28
CA VAL A 457 51.25 -49.66 -7.66
C VAL A 457 50.69 -48.48 -8.43
N PRO A 458 49.65 -48.66 -9.20
CA PRO A 458 49.11 -47.55 -9.99
C PRO A 458 48.42 -46.53 -9.13
N ILE A 459 47.90 -45.48 -9.76
CA ILE A 459 47.15 -44.45 -9.06
C ILE A 459 45.66 -44.73 -9.10
N GLY A 460 45.12 -44.94 -10.29
CA GLY A 460 43.70 -45.15 -10.43
C GLY A 460 43.11 -44.45 -11.63
N VAL A 461 42.14 -43.59 -11.39
CA VAL A 461 41.36 -42.99 -12.46
C VAL A 461 41.94 -41.65 -12.87
N LEU A 462 42.84 -41.67 -13.85
CA LEU A 462 43.42 -40.43 -14.34
C LEU A 462 42.51 -39.79 -15.36
N LEU A 463 42.40 -38.47 -15.31
CA LEU A 463 41.57 -37.73 -16.25
C LEU A 463 42.41 -36.64 -16.90
N VAL A 464 42.62 -36.74 -18.18
CA VAL A 464 43.35 -35.72 -18.90
C VAL A 464 42.39 -34.65 -19.37
N ILE A 465 42.92 -33.45 -19.59
CA ILE A 465 42.18 -32.35 -20.17
C ILE A 465 43.15 -31.54 -21.02
N PHE A 466 42.75 -31.23 -22.24
CA PHE A 466 43.62 -30.51 -23.15
C PHE A 466 42.81 -30.00 -24.33
N GLU A 467 43.35 -28.97 -24.99
CA GLU A 467 42.71 -28.44 -26.17
C GLU A 467 43.03 -29.29 -27.38
N SER A 468 42.47 -28.89 -28.53
CA SER A 468 42.54 -29.77 -29.69
C SER A 468 43.99 -29.95 -30.12
N ARG A 469 44.54 -31.10 -29.78
CA ARG A 469 45.90 -31.50 -30.06
C ARG A 469 45.92 -33.02 -30.06
N PRO A 470 45.34 -33.66 -31.08
CA PRO A 470 45.21 -35.11 -31.06
C PRO A 470 46.53 -35.85 -31.02
N ASP A 471 47.63 -35.17 -31.31
CA ASP A 471 48.95 -35.79 -31.20
C ASP A 471 49.24 -36.29 -29.79
N SER A 472 48.81 -35.58 -28.77
CA SER A 472 49.10 -35.98 -27.40
C SER A 472 48.29 -37.21 -27.00
N LEU A 473 47.04 -37.26 -27.43
CA LEU A 473 46.13 -38.36 -27.08
C LEU A 473 46.77 -39.74 -27.09
N PRO A 474 47.38 -40.21 -28.18
CA PRO A 474 47.99 -41.54 -28.12
C PRO A 474 49.21 -41.56 -27.22
N GLN A 475 49.93 -40.45 -27.11
CA GLN A 475 51.06 -40.40 -26.20
C GLN A 475 50.60 -40.70 -24.78
N VAL A 476 49.63 -39.93 -24.29
CA VAL A 476 49.16 -40.14 -22.93
C VAL A 476 48.47 -41.49 -22.79
N ALA A 477 47.86 -41.98 -23.87
CA ALA A 477 47.28 -43.31 -23.80
C ALA A 477 48.35 -44.36 -23.57
N ALA A 478 49.47 -44.24 -24.29
CA ALA A 478 50.59 -45.13 -24.05
C ALA A 478 51.09 -44.99 -22.63
N LEU A 479 51.12 -43.77 -22.12
CA LEU A 479 51.50 -43.58 -20.72
C LEU A 479 50.61 -44.37 -19.80
N ALA A 480 49.29 -44.20 -19.93
CA ALA A 480 48.35 -44.95 -19.12
C ALA A 480 48.62 -46.44 -19.21
N MET A 481 48.59 -46.97 -20.44
CA MET A 481 48.66 -48.41 -20.61
C MET A 481 49.98 -48.99 -20.10
N ALA A 482 51.08 -48.27 -20.26
CA ALA A 482 52.33 -48.75 -19.69
C ALA A 482 52.35 -48.59 -18.18
N SER A 483 51.55 -47.68 -17.65
CA SER A 483 51.42 -47.47 -16.23
C SER A 483 50.26 -48.23 -15.64
N ALA A 484 49.61 -49.08 -16.43
CA ALA A 484 48.64 -50.07 -15.97
C ALA A 484 47.47 -49.45 -15.23
N ASN A 485 47.28 -48.15 -15.28
CA ASN A 485 46.15 -47.54 -14.61
C ASN A 485 45.13 -47.06 -15.62
N GLY A 486 43.89 -46.92 -15.16
CA GLY A 486 42.82 -46.46 -16.02
C GLY A 486 43.07 -45.06 -16.53
N LEU A 487 42.16 -44.60 -17.38
CA LEU A 487 42.33 -43.30 -18.02
C LEU A 487 41.03 -42.83 -18.63
N LEU A 488 40.69 -41.58 -18.39
CA LEU A 488 39.63 -40.90 -19.11
C LEU A 488 40.25 -39.87 -20.02
N LEU A 489 39.41 -39.18 -20.80
CA LEU A 489 39.90 -38.16 -21.71
C LEU A 489 38.83 -37.09 -21.89
N LYS A 490 39.29 -35.88 -22.17
CA LYS A 490 38.39 -34.83 -22.62
C LYS A 490 39.23 -33.79 -23.37
N GLY A 491 39.06 -33.73 -24.68
CA GLY A 491 39.70 -32.70 -25.45
C GLY A 491 38.92 -31.40 -25.40
N GLY A 492 38.69 -30.81 -26.57
CA GLY A 492 37.90 -29.61 -26.71
C GLY A 492 36.75 -29.83 -27.67
N LYS A 493 36.56 -28.86 -28.56
CA LYS A 493 35.54 -28.97 -29.61
C LYS A 493 36.07 -29.66 -30.85
N GLU A 494 37.15 -29.14 -31.43
CA GLU A 494 37.70 -29.68 -32.65
C GLU A 494 38.36 -31.03 -32.37
N ALA A 495 38.91 -31.64 -33.42
CA ALA A 495 39.63 -32.90 -33.34
C ALA A 495 38.72 -34.05 -32.94
N ALA A 496 37.47 -33.74 -32.62
CA ALA A 496 36.58 -34.72 -32.00
C ALA A 496 36.53 -36.00 -32.82
N HIS A 497 36.33 -35.88 -34.13
CA HIS A 497 36.32 -37.06 -34.98
C HIS A 497 37.70 -37.72 -35.00
N SER A 498 38.75 -36.92 -35.13
CA SER A 498 40.09 -37.46 -35.02
C SER A 498 40.28 -38.18 -33.69
N ASN A 499 39.77 -37.57 -32.63
CA ASN A 499 39.83 -38.21 -31.33
C ASN A 499 39.14 -39.56 -31.36
N LYS A 500 37.98 -39.64 -32.02
CA LYS A 500 37.27 -40.91 -32.09
C LYS A 500 38.08 -41.94 -32.85
N ALA A 501 38.73 -41.51 -33.93
CA ALA A 501 39.53 -42.43 -34.72
C ALA A 501 40.67 -43.00 -33.88
N LEU A 502 41.41 -42.10 -33.23
CA LEU A 502 42.47 -42.54 -32.33
C LEU A 502 41.91 -43.43 -31.24
N MET A 503 40.73 -43.11 -30.74
CA MET A 503 40.11 -43.88 -29.68
C MET A 503 39.84 -45.30 -30.14
N GLU A 504 39.32 -45.45 -31.37
CA GLU A 504 39.07 -46.78 -31.89
C GLU A 504 40.38 -47.53 -32.08
N LEU A 505 41.39 -46.86 -32.61
CA LEU A 505 42.69 -47.49 -32.77
C LEU A 505 43.19 -48.03 -31.43
N VAL A 506 43.13 -47.20 -30.39
CA VAL A 506 43.68 -47.62 -29.11
C VAL A 506 42.79 -48.65 -28.44
N LYS A 507 41.47 -48.58 -28.67
CA LYS A 507 40.60 -49.60 -28.12
C LYS A 507 40.92 -50.95 -28.71
N GLU A 508 41.16 -51.00 -30.02
CA GLU A 508 41.71 -52.21 -30.62
C GLU A 508 42.99 -52.61 -29.91
N ALA A 509 43.94 -51.68 -29.83
CA ALA A 509 45.26 -51.99 -29.29
C ALA A 509 45.16 -52.66 -27.92
N LEU A 510 44.28 -52.14 -27.05
CA LEU A 510 44.12 -52.76 -25.74
C LEU A 510 43.29 -54.03 -25.81
N ALA A 511 42.40 -54.14 -26.80
CA ALA A 511 41.58 -55.32 -26.93
C ALA A 511 42.39 -56.57 -27.18
N THR A 512 43.60 -56.44 -27.72
CA THR A 512 44.41 -57.61 -28.04
C THR A 512 44.64 -58.48 -26.81
N VAL A 513 45.32 -57.93 -25.81
CA VAL A 513 45.59 -58.64 -24.57
C VAL A 513 45.00 -57.82 -23.43
N GLY A 514 44.50 -58.50 -22.41
CA GLY A 514 43.75 -57.83 -21.37
C GLY A 514 42.36 -57.50 -21.87
N ALA A 515 42.31 -56.90 -23.06
CA ALA A 515 41.08 -56.77 -23.81
C ALA A 515 40.05 -55.88 -23.13
N GLU A 516 40.37 -55.38 -21.95
CA GLU A 516 39.42 -54.55 -21.24
C GLU A 516 39.64 -53.10 -21.61
N HIS A 517 38.53 -52.42 -21.88
CA HIS A 517 38.54 -51.03 -22.30
C HIS A 517 38.61 -50.15 -21.07
N ALA A 518 39.79 -50.07 -20.49
CA ALA A 518 40.02 -49.13 -19.39
C ALA A 518 40.40 -47.76 -19.93
N VAL A 519 39.65 -47.32 -20.91
CA VAL A 519 39.78 -46.01 -21.53
C VAL A 519 38.39 -45.58 -21.97
N SER A 520 38.18 -44.28 -22.06
CA SER A 520 36.89 -43.77 -22.49
C SER A 520 37.10 -42.44 -23.18
N LEU A 521 36.01 -41.69 -23.32
CA LEU A 521 36.06 -40.33 -23.81
C LEU A 521 34.76 -39.66 -23.44
N VAL A 522 34.85 -38.45 -22.94
CA VAL A 522 33.68 -37.72 -22.47
C VAL A 522 33.46 -36.55 -23.42
N SER A 523 32.63 -36.78 -24.42
CA SER A 523 32.35 -35.82 -25.46
C SER A 523 31.00 -35.17 -25.22
N THR A 524 30.54 -34.39 -26.18
CA THR A 524 29.20 -33.80 -26.15
C THR A 524 29.04 -32.84 -24.99
N ARG A 525 30.08 -32.04 -24.77
CA ARG A 525 30.03 -30.91 -23.83
C ARG A 525 29.64 -31.39 -22.43
N GLU A 526 30.53 -32.19 -21.84
CA GLU A 526 30.24 -32.78 -20.53
C GLU A 526 30.26 -31.79 -19.37
N GLU A 527 30.46 -30.52 -19.66
CA GLU A 527 30.40 -29.50 -18.61
C GLU A 527 31.54 -29.72 -17.59
N ILE A 528 32.73 -29.39 -18.05
CA ILE A 528 33.99 -29.60 -17.32
C ILE A 528 33.85 -29.30 -15.84
N SER A 529 33.18 -28.20 -15.49
CA SER A 529 33.05 -27.87 -14.08
C SER A 529 32.26 -28.95 -13.34
N ASP A 530 31.18 -29.43 -13.93
CA ASP A 530 30.47 -30.56 -13.34
C ASP A 530 31.35 -31.79 -13.28
N LEU A 531 32.10 -32.05 -14.35
CA LEU A 531 33.01 -33.18 -14.36
C LEU A 531 33.94 -33.15 -13.16
N LEU A 532 34.58 -32.01 -12.91
CA LEU A 532 35.50 -31.93 -11.79
C LEU A 532 34.75 -31.83 -10.47
N SER A 533 33.47 -31.52 -10.52
CA SER A 533 32.67 -31.56 -9.30
C SER A 533 32.52 -32.98 -8.78
N MET A 534 32.81 -33.98 -9.60
CA MET A 534 32.75 -35.36 -9.14
C MET A 534 33.80 -35.62 -8.08
N GLU A 535 33.83 -36.86 -7.61
CA GLU A 535 34.73 -37.22 -6.53
C GLU A 535 34.77 -38.73 -6.43
N ASN A 536 35.67 -39.23 -5.56
CA ASN A 536 35.72 -40.62 -5.15
C ASN A 536 36.13 -41.51 -6.31
N HIS A 537 36.25 -40.93 -7.49
CA HIS A 537 36.64 -41.67 -8.67
C HIS A 537 37.94 -41.15 -9.25
N ILE A 538 37.95 -39.89 -9.64
CA ILE A 538 39.07 -39.30 -10.35
C ILE A 538 40.14 -38.90 -9.35
N ASP A 539 41.40 -39.05 -9.77
CA ASP A 539 42.52 -38.79 -8.89
C ASP A 539 43.36 -37.61 -9.36
N LEU A 540 43.85 -37.67 -10.59
CA LEU A 540 44.81 -36.70 -11.09
C LEU A 540 44.20 -35.97 -12.28
N ILE A 541 43.80 -34.72 -12.07
CA ILE A 541 43.51 -33.87 -13.21
C ILE A 541 44.84 -33.53 -13.86
N ILE A 542 45.00 -33.91 -15.12
CA ILE A 542 46.22 -33.63 -15.84
C ILE A 542 45.91 -32.67 -16.98
N PRO A 543 45.75 -31.38 -16.69
CA PRO A 543 45.52 -30.43 -17.77
C PRO A 543 46.77 -30.33 -18.63
N ARG A 544 46.56 -30.10 -19.93
CA ARG A 544 47.67 -30.12 -20.87
C ARG A 544 47.67 -28.97 -21.87
N GLY A 545 46.59 -28.20 -21.97
CA GLY A 545 46.52 -27.22 -23.03
C GLY A 545 47.48 -26.06 -22.92
N SER A 546 47.23 -25.15 -21.99
CA SER A 546 48.01 -23.92 -21.90
C SER A 546 47.60 -23.21 -20.62
N SER A 547 48.19 -22.04 -20.39
CA SER A 547 47.90 -21.30 -19.18
C SER A 547 46.41 -21.23 -18.91
N ASP A 548 45.66 -20.72 -19.87
CA ASP A 548 44.24 -20.56 -19.65
C ASP A 548 43.68 -21.84 -19.12
N LEU A 549 43.72 -22.88 -19.94
CA LEU A 549 43.20 -24.15 -19.53
C LEU A 549 43.53 -24.46 -18.10
N VAL A 550 44.81 -24.52 -17.78
CA VAL A 550 45.20 -24.94 -16.43
C VAL A 550 44.76 -23.92 -15.41
N ARG A 551 44.71 -22.65 -15.77
CA ARG A 551 44.32 -21.61 -14.84
C ARG A 551 42.84 -21.72 -14.51
N SER A 552 42.01 -21.77 -15.54
CA SER A 552 40.59 -22.03 -15.33
C SER A 552 40.38 -23.26 -14.47
N ILE A 553 41.21 -24.28 -14.69
CA ILE A 553 41.09 -25.49 -13.88
C ILE A 553 41.35 -25.17 -12.41
N GLN A 554 42.56 -24.68 -12.11
CA GLN A 554 42.93 -24.41 -10.74
C GLN A 554 41.91 -23.52 -10.05
N GLN A 555 41.31 -22.60 -10.79
CA GLN A 555 40.29 -21.75 -10.18
C GLN A 555 39.00 -22.52 -9.97
N GLN A 556 38.72 -23.48 -10.85
CA GLN A 556 37.49 -24.25 -10.73
C GLN A 556 37.68 -25.48 -9.86
N SER A 557 38.85 -26.10 -9.92
CA SER A 557 39.08 -27.35 -9.21
C SER A 557 39.05 -27.12 -7.71
N LEU A 558 38.33 -27.97 -7.00
CA LEU A 558 38.30 -27.96 -5.55
C LEU A 558 38.21 -29.38 -5.05
N HIS A 559 39.03 -29.71 -4.05
CA HIS A 559 38.98 -31.01 -3.41
C HIS A 559 39.31 -32.12 -4.43
N ILE A 560 40.41 -31.92 -5.15
CA ILE A 560 40.86 -32.90 -6.13
C ILE A 560 42.29 -32.57 -6.54
N PRO A 561 43.20 -33.54 -6.50
CA PRO A 561 44.59 -33.25 -6.90
C PRO A 561 44.65 -32.81 -8.35
N VAL A 562 45.45 -31.79 -8.61
CA VAL A 562 45.58 -31.22 -9.94
C VAL A 562 47.05 -31.11 -10.27
N LEU A 563 47.58 -32.09 -10.98
CA LEU A 563 48.95 -31.98 -11.45
C LEU A 563 49.08 -30.79 -12.40
N GLY A 564 50.29 -30.25 -12.47
CA GLY A 564 50.61 -29.22 -13.43
C GLY A 564 50.72 -27.84 -12.81
N HIS A 565 51.25 -26.91 -13.61
CA HIS A 565 51.47 -25.54 -13.21
C HIS A 565 50.49 -24.64 -13.95
N ALA A 566 50.67 -23.33 -13.78
CA ALA A 566 49.92 -22.37 -14.57
C ALA A 566 50.74 -21.18 -15.05
N GLU A 567 51.92 -20.94 -14.50
CA GLU A 567 52.67 -19.75 -14.83
C GLU A 567 54.09 -20.11 -15.20
N GLY A 568 54.63 -19.41 -16.19
CA GLY A 568 55.95 -19.70 -16.69
C GLY A 568 56.95 -18.60 -16.45
N VAL A 569 56.80 -17.89 -15.33
CA VAL A 569 57.72 -16.81 -15.01
C VAL A 569 59.02 -17.43 -14.54
N CYS A 570 59.97 -17.56 -15.46
CA CYS A 570 61.27 -18.08 -15.11
C CYS A 570 62.18 -16.90 -14.78
N HIS A 571 63.47 -17.17 -14.60
CA HIS A 571 64.39 -16.10 -14.29
C HIS A 571 65.80 -16.51 -14.67
N VAL A 572 66.59 -15.53 -15.07
CA VAL A 572 67.95 -15.76 -15.50
C VAL A 572 68.81 -14.76 -14.76
N TYR A 573 69.70 -15.26 -13.91
CA TYR A 573 70.63 -14.38 -13.23
C TYR A 573 71.97 -14.42 -13.95
N ILE A 574 72.65 -13.29 -13.98
CA ILE A 574 73.96 -13.17 -14.60
C ILE A 574 74.90 -12.65 -13.55
N ASP A 575 76.04 -13.30 -13.36
CA ASP A 575 76.93 -12.82 -12.33
C ASP A 575 78.09 -12.03 -12.91
N ARG A 576 78.67 -11.19 -12.05
CA ARG A 576 79.77 -10.31 -12.39
C ARG A 576 80.96 -11.03 -12.99
N ASP A 577 81.10 -12.32 -12.76
CA ASP A 577 82.25 -13.08 -13.23
C ASP A 577 81.83 -14.06 -14.31
N ALA A 578 80.79 -13.69 -15.05
CA ALA A 578 80.27 -14.53 -16.12
C ALA A 578 80.76 -14.00 -17.46
N ASP A 579 81.19 -14.91 -18.33
CA ASP A 579 81.65 -14.51 -19.65
C ASP A 579 80.53 -13.85 -20.43
N LEU A 580 80.86 -12.72 -21.05
CA LEU A 580 79.85 -11.87 -21.66
C LEU A 580 79.18 -12.58 -22.83
N GLU A 581 79.95 -12.93 -23.86
CA GLU A 581 79.35 -13.56 -25.04
C GLU A 581 78.66 -14.86 -24.68
N LYS A 582 79.16 -15.56 -23.66
CA LYS A 582 78.48 -16.74 -23.18
C LYS A 582 77.05 -16.42 -22.81
N ALA A 583 76.86 -15.53 -21.84
CA ALA A 583 75.52 -15.14 -21.46
C ALA A 583 74.76 -14.58 -22.65
N LEU A 584 75.45 -13.90 -23.55
CA LEU A 584 74.80 -13.34 -24.72
C LEU A 584 74.07 -14.42 -25.48
N ARG A 585 74.81 -15.40 -26.00
CA ARG A 585 74.18 -16.48 -26.73
C ARG A 585 73.20 -17.25 -25.86
N ILE A 586 73.50 -17.36 -24.56
CA ILE A 586 72.64 -18.13 -23.68
C ILE A 586 71.25 -17.53 -23.63
N ALA A 587 71.15 -16.27 -23.23
CA ALA A 587 69.86 -15.61 -23.16
C ALA A 587 69.24 -15.47 -24.53
N ARG A 588 70.08 -15.25 -25.55
CA ARG A 588 69.61 -15.22 -26.92
C ARG A 588 68.74 -16.44 -27.20
N ASP A 589 69.31 -17.63 -27.02
CA ASP A 589 68.52 -18.83 -27.16
C ASP A 589 67.38 -18.90 -26.17
N ALA A 590 67.65 -18.66 -24.89
CA ALA A 590 66.67 -18.80 -23.83
C ALA A 590 65.37 -18.12 -24.19
N LYS A 591 65.45 -16.95 -24.80
CA LYS A 591 64.23 -16.27 -25.20
C LYS A 591 63.80 -16.63 -26.62
N CYS A 592 64.74 -16.76 -27.54
CA CYS A 592 64.43 -16.82 -28.97
C CYS A 592 64.49 -18.24 -29.52
N ASP A 593 64.05 -19.24 -28.76
CA ASP A 593 63.97 -20.59 -29.31
C ASP A 593 62.53 -21.02 -29.55
N TYR A 594 61.66 -20.83 -28.57
CA TYR A 594 60.22 -20.89 -28.78
C TYR A 594 59.57 -19.91 -27.82
N PRO A 595 59.67 -18.62 -28.12
CA PRO A 595 59.35 -17.60 -27.10
C PRO A 595 57.96 -17.73 -26.50
N ALA A 596 57.08 -18.51 -27.10
CA ALA A 596 55.77 -18.73 -26.51
C ALA A 596 55.73 -19.94 -25.58
N ALA A 597 56.89 -20.48 -25.20
CA ALA A 597 56.91 -21.68 -24.38
C ALA A 597 56.49 -21.36 -22.94
N CYS A 598 56.35 -22.41 -22.14
CA CYS A 598 56.07 -22.20 -20.73
C CYS A 598 57.40 -21.95 -20.07
N ASN A 599 58.37 -22.81 -20.33
CA ASN A 599 59.69 -22.64 -19.76
C ASN A 599 60.43 -21.50 -20.42
N ALA A 600 59.92 -20.28 -20.27
CA ALA A 600 60.54 -19.12 -20.90
C ALA A 600 60.99 -18.11 -19.88
N MET A 601 61.98 -17.29 -20.23
CA MET A 601 62.53 -16.33 -19.27
C MET A 601 61.89 -14.96 -19.39
N GLU A 602 60.65 -14.85 -18.97
CA GLU A 602 59.96 -13.59 -19.05
C GLU A 602 60.59 -12.58 -18.14
N THR A 603 61.90 -12.70 -17.91
CA THR A 603 62.63 -11.78 -17.06
C THR A 603 64.09 -12.09 -17.25
N LEU A 604 64.94 -11.14 -16.89
CA LEU A 604 66.38 -11.34 -16.98
C LEU A 604 67.04 -10.46 -15.94
N LEU A 605 67.76 -11.08 -15.01
CA LEU A 605 68.37 -10.34 -13.91
C LEU A 605 69.88 -10.36 -14.02
N ILE A 606 70.48 -9.22 -13.72
CA ILE A 606 71.89 -8.98 -13.97
C ILE A 606 72.53 -8.39 -12.72
N HIS A 607 73.77 -8.76 -12.46
CA HIS A 607 74.53 -8.18 -11.38
C HIS A 607 74.59 -6.66 -11.54
N GLU A 608 74.72 -5.95 -10.43
CA GLU A 608 74.78 -4.49 -10.51
C GLU A 608 76.09 -4.04 -11.16
N ASP A 609 77.17 -4.77 -10.91
CA ASP A 609 78.47 -4.38 -11.45
C ASP A 609 78.45 -4.33 -12.97
N LEU A 610 77.83 -5.33 -13.60
CA LEU A 610 77.98 -5.48 -15.04
C LEU A 610 77.20 -4.44 -15.83
N MET A 611 76.51 -3.52 -15.16
CA MET A 611 76.01 -2.35 -15.86
C MET A 611 77.16 -1.53 -16.44
N SER A 612 78.35 -1.63 -15.85
CA SER A 612 79.50 -0.89 -16.32
C SER A 612 80.03 -1.37 -17.65
N GLY A 613 80.03 -2.68 -17.90
CA GLY A 613 80.61 -3.21 -19.11
C GLY A 613 79.71 -3.06 -20.31
N ALA A 614 78.61 -2.32 -20.14
CA ALA A 614 77.63 -2.06 -21.20
C ALA A 614 77.03 -3.33 -21.77
N ILE A 615 77.23 -4.47 -21.10
CA ILE A 615 76.63 -5.71 -21.59
C ILE A 615 75.12 -5.58 -21.60
N PHE A 616 74.58 -4.80 -20.67
CA PHE A 616 73.18 -4.42 -20.75
C PHE A 616 72.84 -3.87 -22.13
N GLY A 617 73.65 -2.90 -22.58
CA GLY A 617 73.45 -2.39 -23.92
C GLY A 617 73.56 -3.47 -24.97
N ASP A 618 74.55 -4.36 -24.82
CA ASP A 618 74.76 -5.40 -25.82
C ASP A 618 73.53 -6.29 -25.94
N VAL A 619 72.93 -6.64 -24.81
CA VAL A 619 71.78 -7.54 -24.84
C VAL A 619 70.54 -6.80 -25.32
N CYS A 620 70.44 -5.50 -25.02
CA CYS A 620 69.37 -4.74 -25.65
C CYS A 620 69.52 -4.76 -27.16
N ASN A 621 70.74 -4.59 -27.64
CA ASN A 621 71.00 -4.70 -29.07
C ASN A 621 70.57 -6.05 -29.58
N MET A 622 70.90 -7.11 -28.86
CA MET A 622 70.57 -8.45 -29.32
C MET A 622 69.06 -8.65 -29.39
N LEU A 623 68.35 -8.25 -28.34
CA LEU A 623 66.90 -8.37 -28.33
C LEU A 623 66.28 -7.59 -29.48
N LYS A 624 66.78 -6.38 -29.72
CA LYS A 624 66.39 -5.66 -30.92
C LYS A 624 66.65 -6.48 -32.17
N ARG A 625 67.83 -7.10 -32.24
CA ARG A 625 68.16 -7.95 -33.38
C ARG A 625 67.04 -8.95 -33.56
N GLU A 626 66.53 -9.46 -32.45
CA GLU A 626 65.48 -10.45 -32.50
C GLU A 626 64.10 -9.83 -32.36
N GLY A 627 64.03 -8.50 -32.23
CA GLY A 627 62.76 -7.83 -32.12
C GLY A 627 62.02 -8.22 -30.85
N VAL A 628 62.56 -7.81 -29.71
CA VAL A 628 61.98 -8.15 -28.42
C VAL A 628 61.62 -6.86 -27.71
N LYS A 629 60.32 -6.68 -27.44
CA LYS A 629 59.85 -5.50 -26.74
C LYS A 629 60.26 -5.63 -25.28
N ILE A 630 61.25 -4.88 -24.88
CA ILE A 630 61.79 -4.99 -23.53
C ILE A 630 61.22 -3.86 -22.68
N TYR A 631 60.93 -4.17 -21.43
CA TYR A 631 60.58 -3.18 -20.43
C TYR A 631 61.79 -2.98 -19.52
N ALA A 632 61.61 -2.24 -18.43
CA ALA A 632 62.71 -1.95 -17.53
C ALA A 632 62.24 -2.10 -16.08
N GLY A 633 63.20 -2.43 -15.21
CA GLY A 633 62.92 -2.56 -13.82
C GLY A 633 62.96 -1.22 -13.12
N PRO A 634 62.22 -1.09 -12.02
CA PRO A 634 62.26 0.16 -11.26
C PRO A 634 63.66 0.66 -10.97
N ARG A 635 64.54 -0.22 -10.49
CA ARG A 635 65.93 0.17 -10.34
C ARG A 635 66.54 0.56 -11.67
N LEU A 636 66.29 -0.23 -12.72
CA LEU A 636 66.75 0.15 -14.04
C LEU A 636 66.11 1.45 -14.49
N ASN A 637 64.83 1.65 -14.17
CA ASN A 637 64.18 2.92 -14.46
C ASN A 637 64.97 4.08 -13.89
N GLN A 638 65.31 3.99 -12.61
CA GLN A 638 66.21 4.96 -12.01
C GLN A 638 67.53 5.06 -12.76
N GLN A 639 68.02 3.96 -13.33
CA GLN A 639 69.40 3.92 -13.77
C GLN A 639 69.68 4.92 -14.89
N LEU A 640 69.02 4.77 -16.03
CA LEU A 640 69.41 5.50 -17.23
C LEU A 640 68.56 6.77 -17.41
N THR A 641 68.73 7.42 -18.57
CA THR A 641 68.07 8.69 -18.84
C THR A 641 66.57 8.52 -19.04
N PHE A 642 66.16 7.91 -20.15
CA PHE A 642 64.80 7.42 -20.29
C PHE A 642 64.74 5.95 -20.68
N GLY A 643 65.68 5.50 -21.51
CA GLY A 643 65.81 4.10 -21.84
C GLY A 643 64.53 3.46 -22.30
N PRO A 644 64.45 2.14 -22.19
CA PRO A 644 63.21 1.43 -22.51
C PRO A 644 62.12 1.80 -21.52
N PRO A 645 60.85 1.60 -21.88
CA PRO A 645 59.76 2.01 -20.99
C PRO A 645 59.72 1.17 -19.73
N ALA A 646 59.05 1.69 -18.73
CA ALA A 646 58.97 1.03 -17.43
C ALA A 646 58.11 -0.23 -17.54
N ALA A 647 58.53 -1.28 -16.83
CA ALA A 647 57.72 -2.48 -16.77
C ALA A 647 56.42 -2.21 -16.05
N LYS A 648 55.34 -2.77 -16.57
CA LYS A 648 54.04 -2.62 -15.93
C LYS A 648 54.03 -3.26 -14.55
N SER A 649 54.20 -4.58 -14.49
CA SER A 649 54.19 -5.32 -13.24
C SER A 649 55.19 -6.46 -13.33
N LEU A 650 55.92 -6.69 -12.24
CA LEU A 650 56.96 -7.69 -12.25
C LEU A 650 56.41 -9.10 -12.35
N LYS A 651 55.20 -9.35 -11.86
CA LYS A 651 54.58 -10.66 -11.94
C LYS A 651 53.65 -10.78 -13.14
N HIS A 652 53.98 -10.10 -14.22
CA HIS A 652 53.22 -10.21 -15.44
C HIS A 652 53.81 -11.30 -16.34
N GLU A 653 53.08 -11.61 -17.40
CA GLU A 653 53.45 -12.65 -18.33
C GLU A 653 53.34 -12.10 -19.74
N TYR A 654 54.25 -12.49 -20.61
CA TYR A 654 54.30 -11.95 -21.96
C TYR A 654 53.95 -12.98 -23.02
N GLY A 655 54.65 -14.11 -23.04
CA GLY A 655 54.41 -15.08 -24.09
C GLY A 655 55.00 -14.69 -25.43
N ALA A 656 54.78 -13.45 -25.84
CA ALA A 656 55.35 -12.95 -27.08
C ALA A 656 56.75 -12.39 -26.81
N LEU A 657 57.31 -11.68 -27.80
CA LEU A 657 58.70 -11.25 -27.74
C LEU A 657 58.82 -10.08 -26.78
N GLU A 658 58.69 -10.38 -25.49
CA GLU A 658 58.86 -9.38 -24.44
C GLU A 658 59.64 -10.00 -23.30
N CYS A 659 60.46 -9.18 -22.64
CA CYS A 659 61.27 -9.66 -21.53
C CYS A 659 61.64 -8.48 -20.65
N CYS A 660 61.01 -8.39 -19.49
CA CYS A 660 61.47 -7.41 -18.52
C CYS A 660 62.93 -7.68 -18.16
N ILE A 661 63.64 -6.60 -17.86
CA ILE A 661 65.04 -6.69 -17.47
C ILE A 661 65.24 -5.79 -16.27
N GLU A 662 65.95 -6.28 -15.27
CA GLU A 662 66.20 -5.55 -14.05
C GLU A 662 67.56 -5.97 -13.49
N VAL A 663 68.16 -5.06 -12.73
CA VAL A 663 69.47 -5.35 -12.15
C VAL A 663 69.45 -5.06 -10.66
N VAL A 664 70.11 -5.91 -9.88
CA VAL A 664 70.13 -5.78 -8.43
C VAL A 664 71.57 -5.83 -7.95
N PRO A 665 71.86 -5.41 -6.71
CA PRO A 665 73.26 -5.35 -6.28
C PRO A 665 73.95 -6.70 -6.17
N SER A 666 73.36 -7.58 -5.37
CA SER A 666 74.06 -8.75 -4.86
C SER A 666 73.35 -10.03 -5.22
N LEU A 667 74.09 -11.13 -5.09
CA LEU A 667 73.50 -12.45 -5.18
C LEU A 667 72.24 -12.53 -4.36
N ASP A 668 72.38 -12.29 -3.07
CA ASP A 668 71.28 -12.52 -2.14
C ASP A 668 70.08 -11.66 -2.49
N GLU A 669 70.32 -10.44 -2.93
CA GLU A 669 69.20 -9.62 -3.37
C GLU A 669 68.45 -10.29 -4.50
N ALA A 670 69.19 -10.80 -5.48
CA ALA A 670 68.56 -11.53 -6.56
C ALA A 670 67.74 -12.69 -6.02
N ILE A 671 68.32 -13.43 -5.09
CA ILE A 671 67.62 -14.57 -4.52
C ILE A 671 66.29 -14.13 -3.95
N ASN A 672 66.32 -13.05 -3.19
CA ASN A 672 65.10 -12.58 -2.53
C ASN A 672 64.08 -12.15 -3.56
N HIS A 673 64.52 -11.44 -4.59
CA HIS A 673 63.58 -11.03 -5.63
C HIS A 673 62.96 -12.26 -6.28
N ILE A 674 63.77 -13.26 -6.55
CA ILE A 674 63.25 -14.50 -7.11
C ILE A 674 62.15 -15.04 -6.23
N HIS A 675 62.49 -15.35 -4.98
CA HIS A 675 61.52 -15.92 -4.06
C HIS A 675 60.28 -15.04 -3.96
N THR A 676 60.45 -13.74 -4.16
CA THR A 676 59.33 -12.83 -4.05
C THR A 676 58.41 -12.94 -5.25
N TYR A 677 58.99 -13.08 -6.43
CA TYR A 677 58.21 -13.05 -7.66
C TYR A 677 58.23 -14.38 -8.40
N GLY A 678 59.37 -15.06 -8.39
CA GLY A 678 59.47 -16.31 -9.10
C GLY A 678 58.42 -17.31 -8.65
N SER A 679 57.84 -18.01 -9.61
CA SER A 679 56.90 -19.08 -9.32
C SER A 679 57.60 -20.37 -8.93
N SER A 680 58.87 -20.29 -8.56
CA SER A 680 59.67 -21.46 -8.20
C SER A 680 59.68 -22.48 -9.33
N HIS A 681 59.43 -22.01 -10.55
CA HIS A 681 59.33 -22.91 -11.69
C HIS A 681 60.71 -23.34 -12.17
N THR A 682 61.53 -22.39 -12.60
CA THR A 682 62.76 -22.74 -13.30
C THR A 682 63.68 -21.53 -13.25
N ASP A 683 64.99 -21.78 -13.14
CA ASP A 683 65.97 -20.71 -13.18
C ASP A 683 67.34 -21.27 -13.52
N VAL A 684 68.25 -20.38 -13.89
CA VAL A 684 69.62 -20.74 -14.20
C VAL A 684 70.53 -19.61 -13.75
N ILE A 685 71.77 -19.95 -13.45
CA ILE A 685 72.79 -18.99 -13.11
C ILE A 685 73.91 -19.10 -14.13
N VAL A 686 74.55 -17.98 -14.45
CA VAL A 686 75.73 -17.98 -15.29
C VAL A 686 76.82 -17.21 -14.55
N THR A 687 77.97 -17.86 -14.37
CA THR A 687 79.06 -17.33 -13.57
C THR A 687 80.25 -18.27 -13.74
N GLU A 688 81.33 -17.94 -13.03
CA GLU A 688 82.50 -18.81 -13.01
C GLU A 688 82.95 -19.12 -11.59
N ASN A 689 82.28 -18.58 -10.59
CA ASN A 689 82.55 -18.91 -9.19
C ASN A 689 81.62 -20.01 -8.76
N ASP A 690 82.22 -21.05 -8.20
CA ASP A 690 81.46 -22.18 -7.73
C ASP A 690 81.05 -21.97 -6.30
N ALA A 691 81.67 -21.02 -5.63
CA ALA A 691 81.25 -20.73 -4.29
C ALA A 691 79.88 -20.15 -4.42
N ALA A 692 79.77 -19.10 -5.23
CA ALA A 692 78.49 -18.49 -5.45
C ALA A 692 77.61 -19.50 -6.12
N ALA A 693 78.23 -20.44 -6.84
CA ALA A 693 77.43 -21.39 -7.56
C ALA A 693 76.64 -22.16 -6.56
N ARG A 694 77.32 -22.73 -5.58
CA ARG A 694 76.65 -23.55 -4.60
C ARG A 694 75.72 -22.68 -3.81
N GLN A 695 76.13 -21.45 -3.55
CA GLN A 695 75.27 -20.54 -2.86
C GLN A 695 73.92 -20.62 -3.52
N PHE A 696 73.86 -20.24 -4.79
CA PHE A 696 72.62 -20.25 -5.53
C PHE A 696 71.95 -21.59 -5.44
N LEU A 697 72.66 -22.61 -5.87
CA LEU A 697 72.10 -23.94 -5.88
C LEU A 697 71.27 -24.19 -4.66
N GLY A 698 71.83 -23.96 -3.49
CA GLY A 698 71.09 -24.27 -2.30
C GLY A 698 69.99 -23.27 -2.12
N SER A 699 70.38 -22.03 -1.89
CA SER A 699 69.39 -21.00 -1.63
C SER A 699 68.16 -21.10 -2.50
N VAL A 700 68.36 -21.49 -3.75
CA VAL A 700 67.20 -21.45 -4.62
C VAL A 700 66.18 -22.49 -4.17
N ASP A 701 64.93 -22.28 -4.55
CA ASP A 701 63.85 -23.20 -4.23
C ASP A 701 62.97 -23.46 -5.44
N SER A 702 63.48 -23.15 -6.63
CA SER A 702 62.72 -23.42 -7.83
C SER A 702 62.46 -24.91 -7.95
N ALA A 703 61.50 -25.26 -8.80
CA ALA A 703 61.35 -26.66 -9.14
C ALA A 703 62.61 -27.22 -9.76
N CYS A 704 63.33 -26.41 -10.52
CA CYS A 704 64.53 -26.88 -11.18
C CYS A 704 65.45 -25.71 -11.46
N VAL A 705 66.74 -25.91 -11.24
CA VAL A 705 67.74 -24.86 -11.37
C VAL A 705 68.93 -25.39 -12.15
N PHE A 706 69.55 -24.53 -12.93
CA PHE A 706 70.64 -24.94 -13.79
C PHE A 706 71.85 -24.04 -13.58
N HIS A 707 72.92 -24.38 -14.29
CA HIS A 707 74.16 -23.63 -14.16
C HIS A 707 74.84 -23.65 -15.52
N ASN A 708 74.67 -22.57 -16.28
CA ASN A 708 75.19 -22.33 -17.61
C ASN A 708 74.41 -23.07 -18.70
N ALA A 709 73.24 -23.61 -18.39
CA ALA A 709 72.42 -24.26 -19.39
C ALA A 709 71.28 -23.34 -19.81
N SER A 710 70.35 -23.88 -20.58
CA SER A 710 69.25 -23.10 -21.11
C SER A 710 67.94 -23.51 -20.46
N SER A 711 67.07 -22.53 -20.22
CA SER A 711 65.76 -22.86 -19.68
C SER A 711 65.03 -23.84 -20.60
N ARG A 712 65.33 -23.79 -21.89
CA ARG A 712 64.64 -24.67 -22.84
C ARG A 712 65.05 -26.12 -22.65
N PHE A 713 65.85 -26.41 -21.63
CA PHE A 713 66.20 -27.79 -21.36
C PHE A 713 65.11 -28.54 -20.61
N ALA A 714 64.15 -27.83 -20.01
CA ALA A 714 63.10 -28.46 -19.20
C ALA A 714 62.11 -29.16 -20.14
N ASP A 715 62.47 -30.38 -20.52
CA ASP A 715 61.66 -31.14 -21.46
C ASP A 715 61.44 -32.59 -21.03
N GLY A 716 62.11 -33.04 -19.98
CA GLY A 716 61.88 -34.39 -19.51
C GLY A 716 62.48 -35.41 -20.45
N PHE A 717 61.92 -35.51 -21.66
CA PHE A 717 62.57 -36.28 -22.71
C PHE A 717 64.03 -35.88 -22.81
N ARG A 718 64.31 -34.58 -22.77
CA ARG A 718 65.70 -34.14 -22.77
C ARG A 718 66.46 -34.73 -21.61
N PHE A 719 65.79 -35.01 -20.50
CA PHE A 719 66.47 -35.57 -19.34
C PHE A 719 66.69 -37.06 -19.46
N GLY A 720 66.31 -37.67 -20.59
CA GLY A 720 66.27 -39.11 -20.65
C GLY A 720 65.29 -39.64 -19.64
N LEU A 721 64.23 -38.87 -19.40
CA LEU A 721 63.19 -39.21 -18.43
C LEU A 721 62.00 -39.85 -19.13
N GLY A 722 62.27 -40.58 -20.20
CA GLY A 722 61.17 -41.13 -20.98
C GLY A 722 60.33 -39.99 -21.55
N ALA A 723 59.11 -40.31 -21.90
CA ALA A 723 58.18 -39.33 -22.44
C ALA A 723 57.54 -38.61 -21.26
N GLU A 724 57.68 -37.29 -21.24
CA GLU A 724 57.07 -36.51 -20.18
C GLU A 724 55.55 -36.61 -20.27
N VAL A 725 54.89 -36.29 -19.16
CA VAL A 725 53.44 -36.15 -19.14
C VAL A 725 53.01 -34.74 -18.76
N GLY A 726 53.78 -34.04 -17.94
CA GLY A 726 53.41 -32.70 -17.55
C GLY A 726 54.56 -32.01 -16.87
N ILE A 727 54.29 -30.78 -16.45
CA ILE A 727 55.24 -29.98 -15.71
C ILE A 727 54.53 -29.56 -14.43
N SER A 728 54.92 -30.16 -13.31
CA SER A 728 54.25 -29.91 -12.06
C SER A 728 55.04 -28.93 -11.22
N THR A 729 54.36 -27.95 -10.66
CA THR A 729 54.96 -27.02 -9.72
C THR A 729 54.41 -27.15 -8.32
N ALA A 730 53.42 -28.01 -8.10
CA ALA A 730 52.92 -28.24 -6.76
C ALA A 730 54.05 -28.69 -5.84
N ARG A 731 53.83 -28.53 -4.53
CA ARG A 731 54.89 -28.76 -3.56
C ARG A 731 54.92 -30.20 -3.07
N ILE A 732 54.34 -31.14 -3.81
CA ILE A 732 54.19 -32.51 -3.34
C ILE A 732 54.36 -33.47 -4.49
N HIS A 733 55.15 -34.53 -4.28
CA HIS A 733 55.08 -35.75 -5.07
C HIS A 733 55.65 -35.59 -6.47
N ALA A 734 55.90 -34.36 -6.88
CA ALA A 734 56.17 -34.12 -8.29
C ALA A 734 56.70 -32.72 -8.52
N ARG A 735 57.78 -32.60 -9.27
CA ARG A 735 58.35 -31.29 -9.56
C ARG A 735 58.74 -31.21 -11.02
N GLY A 736 58.09 -30.29 -11.73
CA GLY A 736 58.42 -30.01 -13.10
C GLY A 736 58.27 -31.22 -13.98
N PRO A 737 59.38 -31.62 -14.60
CA PRO A 737 59.33 -32.75 -15.53
C PRO A 737 58.91 -34.01 -14.79
N VAL A 738 57.68 -34.44 -15.04
CA VAL A 738 57.15 -35.65 -14.45
C VAL A 738 57.05 -36.69 -15.54
N GLY A 739 57.80 -37.77 -15.39
CA GLY A 739 57.76 -38.85 -16.34
C GLY A 739 56.60 -39.75 -16.05
N VAL A 740 56.84 -41.06 -16.03
CA VAL A 740 55.81 -42.01 -15.66
C VAL A 740 55.74 -42.22 -14.16
N GLU A 741 56.88 -42.18 -13.48
CA GLU A 741 56.93 -42.47 -12.06
C GLU A 741 56.14 -41.47 -11.25
N GLY A 742 55.84 -40.30 -11.81
CA GLY A 742 54.89 -39.44 -11.18
C GLY A 742 53.48 -39.96 -11.19
N LEU A 743 53.27 -41.15 -11.73
CA LEU A 743 51.98 -41.81 -11.71
C LEU A 743 52.02 -43.15 -11.01
N LEU A 744 52.94 -43.32 -10.07
CA LEU A 744 53.08 -44.58 -9.35
C LEU A 744 53.15 -44.29 -7.87
N THR A 745 52.21 -44.82 -7.11
CA THR A 745 52.29 -44.74 -5.67
C THR A 745 52.81 -46.06 -5.13
N THR A 746 52.96 -46.15 -3.82
CA THR A 746 53.48 -47.35 -3.19
C THR A 746 52.40 -48.00 -2.36
N LYS A 747 52.72 -49.19 -1.84
CA LYS A 747 51.76 -49.94 -1.05
C LYS A 747 52.54 -50.88 -0.15
N TRP A 748 52.45 -50.65 1.15
CA TRP A 748 53.09 -51.53 2.12
C TRP A 748 52.46 -52.91 2.05
N ILE A 749 53.28 -53.95 1.95
CA ILE A 749 52.81 -55.31 2.10
C ILE A 749 53.66 -55.99 3.15
N LEU A 750 53.12 -57.07 3.70
CA LEU A 750 53.74 -57.71 4.86
C LEU A 750 53.28 -59.15 4.93
N GLU A 751 54.23 -60.08 5.00
CA GLU A 751 53.92 -61.50 5.01
C GLU A 751 54.50 -62.11 6.28
N GLY A 752 53.74 -62.03 7.36
CA GLY A 752 54.06 -62.74 8.57
C GLY A 752 53.52 -64.15 8.53
N GLN A 753 53.92 -64.95 9.52
CA GLN A 753 53.41 -66.31 9.65
C GLN A 753 52.37 -66.41 10.75
N ASP A 754 52.74 -66.05 11.97
CA ASP A 754 51.88 -66.23 13.14
C ASP A 754 51.95 -65.01 14.05
N HIS A 755 52.40 -63.88 13.51
CA HIS A 755 52.76 -62.77 14.36
C HIS A 755 51.51 -61.99 14.76
N ALA A 756 51.62 -61.30 15.89
CA ALA A 756 50.53 -60.49 16.42
C ALA A 756 51.14 -59.29 17.13
N ALA A 757 50.28 -58.35 17.51
CA ALA A 757 50.75 -57.09 18.07
C ALA A 757 51.33 -57.28 19.47
N ALA A 758 50.50 -57.72 20.41
CA ALA A 758 50.96 -57.94 21.77
C ALA A 758 52.02 -59.03 21.85
N ASP A 759 52.20 -59.81 20.78
CA ASP A 759 53.29 -60.77 20.76
C ASP A 759 54.65 -60.08 20.84
N PHE A 760 54.77 -58.89 20.25
CA PHE A 760 56.00 -58.12 20.38
C PHE A 760 56.04 -57.31 21.65
N ALA A 761 55.02 -57.40 22.49
CA ALA A 761 55.08 -56.81 23.82
C ALA A 761 55.92 -57.71 24.70
N GLU A 762 55.93 -57.44 26.00
CA GLU A 762 56.79 -58.17 26.92
C GLU A 762 56.44 -59.64 27.00
N GLY A 763 55.21 -60.01 26.66
CA GLY A 763 54.79 -61.40 26.82
C GLY A 763 55.47 -62.34 25.84
N GLY A 764 55.41 -62.02 24.55
CA GLY A 764 55.92 -62.90 23.51
C GLY A 764 57.36 -62.56 23.16
N GLY A 765 58.15 -63.59 22.94
CA GLY A 765 59.54 -63.41 22.59
C GLY A 765 59.71 -62.91 21.18
N ARG A 766 59.21 -61.71 20.93
CA ARG A 766 59.28 -61.09 19.61
C ARG A 766 59.98 -59.75 19.74
N THR A 767 61.14 -59.63 19.10
CA THR A 767 61.98 -58.46 19.23
C THR A 767 62.03 -57.72 17.90
N TRP A 768 62.87 -56.71 17.82
CA TRP A 768 62.93 -55.86 16.64
C TRP A 768 64.29 -55.96 16.00
N LEU A 769 64.29 -56.09 14.67
CA LEU A 769 65.52 -56.13 13.90
C LEU A 769 65.63 -54.96 12.94
N HIS A 770 64.61 -54.74 12.11
CA HIS A 770 64.63 -53.68 11.10
C HIS A 770 65.87 -53.78 10.23
N GLU A 771 66.32 -55.00 9.98
CA GLU A 771 67.49 -55.25 9.16
C GLU A 771 67.16 -54.96 7.71
N THR A 772 67.82 -53.97 7.14
CA THR A 772 67.54 -53.58 5.77
C THR A 772 68.00 -54.69 4.84
N LEU A 773 67.07 -55.53 4.44
CA LEU A 773 67.34 -56.57 3.49
C LEU A 773 67.73 -55.91 2.17
N PRO A 774 68.52 -56.58 1.34
CA PRO A 774 68.85 -56.01 0.03
C PRO A 774 67.60 -55.88 -0.82
N LEU A 775 67.19 -54.65 -1.08
CA LEU A 775 65.93 -54.42 -1.79
C LEU A 775 66.06 -54.87 -3.24
N ASP A 776 65.00 -55.44 -3.77
CA ASP A 776 64.96 -55.85 -5.16
C ASP A 776 64.52 -54.67 -6.03
N PRO B 45 -2.44 42.13 -6.85
CA PRO B 45 -2.61 41.16 -7.94
C PRO B 45 -3.25 41.79 -9.16
N THR B 46 -4.05 41.00 -9.87
CA THR B 46 -4.79 41.49 -11.02
C THR B 46 -6.28 41.19 -10.96
N PHE B 47 -6.70 40.08 -10.34
CA PHE B 47 -8.09 39.70 -10.32
C PHE B 47 -8.85 40.55 -9.32
N THR B 48 -10.10 40.87 -9.65
CA THR B 48 -10.89 41.78 -8.83
C THR B 48 -12.18 41.16 -8.32
N GLU B 49 -12.95 40.49 -9.18
CA GLU B 49 -14.24 39.96 -8.79
C GLU B 49 -14.27 38.45 -8.95
N ARG B 50 -15.17 37.82 -8.19
CA ARG B 50 -15.35 36.38 -8.31
C ARG B 50 -15.66 35.96 -9.73
N SER B 51 -16.18 36.88 -10.56
CA SER B 51 -16.34 36.59 -11.98
C SER B 51 -15.01 36.23 -12.62
N GLN B 52 -13.93 36.87 -12.20
CA GLN B 52 -12.63 36.62 -12.79
C GLN B 52 -12.06 35.26 -12.43
N LEU B 53 -12.74 34.52 -11.58
CA LEU B 53 -12.07 33.34 -11.07
C LEU B 53 -12.20 32.16 -11.93
N LYS B 54 -12.77 32.26 -13.13
CA LYS B 54 -12.64 31.15 -14.05
C LYS B 54 -11.36 31.22 -14.84
N TYR B 55 -10.43 32.10 -14.47
CA TYR B 55 -9.32 32.49 -15.33
C TYR B 55 -8.00 32.53 -14.56
N ALA B 56 -7.90 31.78 -13.48
CA ALA B 56 -6.65 31.63 -12.76
C ALA B 56 -6.01 30.30 -13.17
N ARG B 57 -4.75 30.35 -13.56
CA ARG B 57 -4.08 29.16 -14.09
C ARG B 57 -3.24 28.42 -13.06
N ARG B 58 -2.97 29.03 -11.91
CA ARG B 58 -2.13 28.41 -10.90
C ARG B 58 -2.83 28.55 -9.56
N LEU B 59 -3.07 27.44 -8.89
CA LEU B 59 -3.81 27.44 -7.64
C LEU B 59 -2.99 26.79 -6.53
N VAL B 60 -3.34 27.15 -5.30
CA VAL B 60 -2.72 26.53 -4.13
C VAL B 60 -3.79 26.31 -3.07
N VAL B 61 -3.94 25.07 -2.63
CA VAL B 61 -4.85 24.78 -1.55
C VAL B 61 -4.06 24.67 -0.25
N LYS B 62 -4.77 24.85 0.86
CA LYS B 62 -4.19 24.58 2.17
C LYS B 62 -5.31 24.13 3.08
N LEU B 63 -5.48 22.82 3.20
CA LEU B 63 -6.52 22.28 4.06
C LEU B 63 -6.21 22.65 5.49
N GLY B 64 -7.25 22.89 6.27
CA GLY B 64 -7.06 23.25 7.66
C GLY B 64 -6.98 22.05 8.57
N SER B 65 -6.35 22.24 9.72
CA SER B 65 -6.15 21.11 10.62
C SER B 65 -7.44 20.60 11.22
N ALA B 66 -8.57 21.27 10.99
CA ALA B 66 -9.84 20.88 11.57
C ALA B 66 -10.80 20.25 10.58
N VAL B 67 -10.55 20.40 9.29
CA VAL B 67 -11.48 19.88 8.30
C VAL B 67 -11.24 18.41 8.04
N ILE B 68 -10.07 17.90 8.43
CA ILE B 68 -9.73 16.52 8.12
C ILE B 68 -9.78 15.61 9.33
N THR B 69 -9.36 16.07 10.50
CA THR B 69 -9.44 15.27 11.69
C THR B 69 -10.88 15.20 12.14
N ARG B 70 -11.30 14.04 12.64
CA ARG B 70 -12.63 13.97 13.19
C ARG B 70 -12.69 14.76 14.50
N GLU B 71 -13.87 14.74 15.11
CA GLU B 71 -14.11 15.62 16.24
C GLU B 71 -13.52 15.02 17.50
N ASP B 72 -12.29 14.54 17.38
CA ASP B 72 -11.50 14.05 18.49
C ASP B 72 -10.07 14.57 18.44
N ASN B 73 -9.59 15.00 17.28
CA ASN B 73 -8.16 15.02 16.96
C ASN B 73 -7.51 13.68 17.25
N HIS B 74 -8.30 12.61 17.24
CA HIS B 74 -7.86 11.27 17.62
C HIS B 74 -8.31 10.28 16.55
N GLY B 75 -8.04 10.63 15.30
CA GLY B 75 -8.44 9.77 14.20
C GLY B 75 -8.36 10.53 12.90
N LEU B 76 -9.42 10.46 12.10
CA LEU B 76 -9.46 11.23 10.85
C LEU B 76 -10.90 11.26 10.36
N ALA B 77 -11.44 12.46 10.20
CA ALA B 77 -12.70 12.59 9.49
C ALA B 77 -12.43 12.44 8.00
N LEU B 78 -12.98 11.42 7.38
CA LEU B 78 -12.52 11.08 6.06
C LEU B 78 -13.36 11.73 4.96
N GLY B 79 -14.68 11.63 5.04
CA GLY B 79 -15.55 12.10 3.99
C GLY B 79 -15.20 13.47 3.47
N ARG B 80 -14.92 14.40 4.38
CA ARG B 80 -14.49 15.71 3.98
C ARG B 80 -13.21 15.63 3.16
N LEU B 81 -12.24 14.87 3.65
CA LEU B 81 -10.97 14.74 2.94
C LEU B 81 -11.18 14.18 1.55
N ALA B 82 -12.03 13.17 1.42
CA ALA B 82 -12.33 12.62 0.11
C ALA B 82 -12.93 13.67 -0.80
N SER B 83 -13.94 14.39 -0.32
CA SER B 83 -14.50 15.46 -1.12
C SER B 83 -13.40 16.39 -1.61
N ILE B 84 -12.48 16.73 -0.72
CA ILE B 84 -11.43 17.67 -1.09
C ILE B 84 -10.57 17.11 -2.20
N VAL B 85 -10.11 15.87 -2.05
CA VAL B 85 -9.22 15.33 -3.04
C VAL B 85 -9.92 15.19 -4.38
N GLU B 86 -11.22 14.91 -4.35
CA GLU B 86 -11.96 14.78 -5.60
C GLU B 86 -12.05 16.11 -6.30
N GLN B 87 -12.45 17.16 -5.57
CA GLN B 87 -12.49 18.48 -6.17
C GLN B 87 -11.13 18.86 -6.72
N VAL B 88 -10.07 18.58 -5.98
CA VAL B 88 -8.74 18.99 -6.40
C VAL B 88 -8.32 18.26 -7.67
N ALA B 89 -8.50 16.95 -7.69
CA ALA B 89 -8.23 16.19 -8.91
C ALA B 89 -9.03 16.73 -10.06
N GLU B 90 -10.25 17.19 -9.81
CA GLU B 90 -11.01 17.77 -10.89
C GLU B 90 -10.35 19.04 -11.41
N CYS B 91 -10.15 20.04 -10.55
CA CYS B 91 -9.56 21.28 -11.01
C CYS B 91 -8.22 21.06 -11.70
N HIS B 92 -7.48 20.04 -11.28
CA HIS B 92 -6.22 19.76 -11.96
C HIS B 92 -6.47 19.17 -13.34
N LEU B 93 -7.31 18.14 -13.42
CA LEU B 93 -7.68 17.56 -14.70
C LEU B 93 -8.20 18.59 -15.67
N GLU B 94 -8.82 19.66 -15.19
CA GLU B 94 -9.18 20.76 -16.04
C GLU B 94 -7.98 21.38 -16.73
N GLY B 95 -6.83 21.40 -16.07
CA GLY B 95 -5.64 22.03 -16.59
C GLY B 95 -5.09 23.12 -15.70
N ARG B 96 -5.78 23.46 -14.61
CA ARG B 96 -5.22 24.41 -13.66
C ARG B 96 -4.12 23.73 -12.85
N GLU B 97 -3.33 24.53 -12.16
CA GLU B 97 -2.14 24.04 -11.48
C GLU B 97 -2.34 24.19 -9.98
N VAL B 98 -2.24 23.08 -9.26
CA VAL B 98 -2.59 23.07 -7.85
C VAL B 98 -1.46 22.45 -7.03
N MET B 99 -1.25 22.99 -5.83
CA MET B 99 -0.25 22.44 -4.92
C MET B 99 -0.87 22.42 -3.53
N MET B 100 -1.42 21.27 -3.16
CA MET B 100 -2.02 21.14 -1.85
C MET B 100 -1.01 21.45 -0.75
N VAL B 101 -1.51 21.97 0.36
CA VAL B 101 -0.74 22.08 1.59
C VAL B 101 -1.61 21.48 2.68
N THR B 102 -1.48 20.18 2.89
CA THR B 102 -2.30 19.50 3.87
C THR B 102 -1.71 19.71 5.25
N SER B 103 -2.47 20.36 6.13
CA SER B 103 -2.07 20.46 7.52
C SER B 103 -2.49 19.21 8.27
N GLY B 104 -2.11 19.12 9.53
CA GLY B 104 -2.65 18.10 10.41
C GLY B 104 -2.36 16.67 10.02
N ALA B 105 -1.09 16.26 10.09
CA ALA B 105 -0.76 14.85 9.98
C ALA B 105 -0.79 14.14 11.32
N VAL B 106 -0.64 14.89 12.41
CA VAL B 106 -0.55 14.32 13.74
C VAL B 106 -1.66 13.32 14.00
N ALA B 107 -2.87 13.62 13.53
CA ALA B 107 -4.00 12.75 13.81
C ALA B 107 -3.78 11.38 13.20
N PHE B 108 -3.27 11.35 11.96
CA PHE B 108 -2.99 10.08 11.32
C PHE B 108 -2.12 9.20 12.21
N GLY B 109 -0.93 9.69 12.58
CA GLY B 109 -0.03 8.87 13.38
C GLY B 109 -0.61 8.54 14.74
N LYS B 110 -1.26 9.51 15.37
CA LYS B 110 -1.86 9.26 16.67
C LYS B 110 -2.80 8.07 16.60
N GLN B 111 -3.63 8.01 15.56
CA GLN B 111 -4.48 6.85 15.39
C GLN B 111 -3.67 5.61 15.07
N LYS B 112 -2.65 5.74 14.21
CA LYS B 112 -1.97 4.56 13.73
C LYS B 112 -1.27 3.83 14.87
N LEU B 113 -0.75 4.55 15.85
CA LEU B 113 -0.11 3.86 16.96
C LEU B 113 -1.16 3.29 17.89
N ALA B 114 -1.84 4.15 18.64
CA ALA B 114 -3.03 3.82 19.41
C ALA B 114 -2.82 2.68 20.39
N GLN B 115 -1.63 2.09 20.39
CA GLN B 115 -1.34 0.96 21.26
C GLN B 115 -0.12 1.27 22.10
N GLU B 116 0.91 1.78 21.45
CA GLU B 116 2.13 2.12 22.17
C GLU B 116 1.97 3.40 22.96
N LEU B 117 1.26 4.39 22.42
CA LEU B 117 0.88 5.52 23.26
C LEU B 117 0.09 5.04 24.47
N LEU B 118 -0.77 4.04 24.28
CA LEU B 118 -1.52 3.46 25.39
C LEU B 118 -0.57 2.88 26.43
N MET B 119 0.30 1.96 26.02
CA MET B 119 1.17 1.28 26.98
C MET B 119 2.26 2.19 27.53
N SER B 120 2.47 3.36 26.93
CA SER B 120 3.45 4.30 27.45
C SER B 120 2.84 5.34 28.39
N LEU B 121 1.58 5.73 28.18
CA LEU B 121 0.96 6.67 29.10
C LEU B 121 0.69 6.07 30.47
N SER B 122 0.89 4.76 30.63
CA SER B 122 0.84 4.12 31.94
C SER B 122 2.22 3.93 32.56
N MET B 123 3.28 3.90 31.75
CA MET B 123 4.63 3.75 32.25
C MET B 123 5.48 5.00 32.03
N ARG B 124 4.96 6.01 31.34
CA ARG B 124 5.69 7.24 31.09
C ARG B 124 4.76 8.43 31.24
N PRO B 142 4.95 13.65 20.87
CA PRO B 142 3.87 14.02 19.96
C PRO B 142 4.35 14.09 18.52
N ARG B 143 5.47 14.79 18.35
CA ARG B 143 6.05 15.00 17.02
C ARG B 143 6.30 13.68 16.29
N ALA B 144 6.78 12.66 17.00
CA ALA B 144 7.10 11.39 16.37
C ALA B 144 5.86 10.78 15.72
N ALA B 145 4.74 10.82 16.44
CA ALA B 145 3.48 10.38 15.87
C ALA B 145 3.19 11.13 14.58
N ALA B 146 3.53 12.42 14.54
CA ALA B 146 3.30 13.16 13.32
C ALA B 146 4.23 12.69 12.20
N ALA B 147 5.44 12.26 12.53
CA ALA B 147 6.34 11.75 11.48
C ALA B 147 5.80 10.47 10.87
N VAL B 148 5.43 9.52 11.73
CA VAL B 148 4.90 8.26 11.21
C VAL B 148 3.60 8.51 10.46
N GLY B 149 2.77 9.42 10.98
CA GLY B 149 1.56 9.78 10.26
C GLY B 149 1.86 10.42 8.92
N GLN B 150 2.91 11.23 8.86
CA GLN B 150 3.33 11.80 7.60
C GLN B 150 3.52 10.71 6.57
N SER B 151 4.29 9.69 6.93
CA SER B 151 4.47 8.56 6.02
C SER B 151 3.14 7.99 5.58
N GLY B 152 2.33 7.56 6.54
CA GLY B 152 1.09 6.86 6.20
C GLY B 152 0.16 7.71 5.36
N LEU B 153 -0.10 8.93 5.82
CA LEU B 153 -0.91 9.88 5.09
C LEU B 153 -0.43 10.04 3.66
N MET B 154 0.88 10.12 3.47
CA MET B 154 1.38 10.20 2.11
C MET B 154 0.90 9.01 1.31
N SER B 155 1.03 7.82 1.84
CA SER B 155 0.65 6.68 1.08
C SER B 155 -0.79 6.82 0.71
N LEU B 156 -1.62 7.19 1.68
CA LEU B 156 -3.05 7.24 1.44
C LEU B 156 -3.39 8.20 0.31
N TYR B 157 -2.80 9.39 0.34
CA TYR B 157 -2.98 10.32 -0.75
C TYR B 157 -2.56 9.69 -2.06
N ASP B 158 -1.46 8.95 -2.06
CA ASP B 158 -1.01 8.31 -3.29
C ASP B 158 -2.09 7.42 -3.84
N ALA B 159 -2.61 6.52 -3.02
CA ALA B 159 -3.66 5.62 -3.48
C ALA B 159 -4.82 6.41 -4.04
N MET B 160 -5.36 7.33 -3.27
CA MET B 160 -6.55 8.03 -3.72
C MET B 160 -6.33 8.82 -4.99
N PHE B 161 -5.30 9.66 -5.04
CA PHE B 161 -5.03 10.44 -6.24
C PHE B 161 -4.82 9.57 -7.45
N ALA B 162 -3.92 8.58 -7.33
CA ALA B 162 -3.72 7.66 -8.42
C ALA B 162 -5.01 7.02 -8.86
N GLN B 163 -6.02 6.96 -7.99
CA GLN B 163 -7.26 6.45 -8.54
C GLN B 163 -7.90 7.40 -9.54
N TYR B 164 -7.46 8.64 -9.61
CA TYR B 164 -7.79 9.48 -10.76
C TYR B 164 -6.68 9.47 -11.80
N GLY B 165 -5.65 8.67 -11.61
CA GLY B 165 -4.52 8.62 -12.51
C GLY B 165 -3.45 9.65 -12.24
N VAL B 166 -3.78 10.71 -11.50
CA VAL B 166 -2.78 11.70 -11.17
C VAL B 166 -1.75 11.11 -10.21
N LYS B 167 -0.52 11.56 -10.33
CA LYS B 167 0.55 11.18 -9.44
C LYS B 167 0.94 12.36 -8.58
N ILE B 168 1.48 12.08 -7.40
CA ILE B 168 1.88 13.10 -6.45
C ILE B 168 3.27 12.79 -5.94
N ALA B 169 3.80 13.71 -5.14
CA ALA B 169 5.16 13.57 -4.62
C ALA B 169 5.28 14.44 -3.38
N GLN B 170 5.55 13.81 -2.25
CA GLN B 170 5.68 14.53 -1.00
C GLN B 170 6.77 15.57 -1.11
N VAL B 171 6.55 16.73 -0.50
CA VAL B 171 7.56 17.77 -0.36
C VAL B 171 7.47 18.36 1.04
N LEU B 172 8.60 18.49 1.70
CA LEU B 172 8.67 18.99 3.06
C LEU B 172 9.42 20.31 3.07
N VAL B 173 8.91 21.29 3.82
CA VAL B 173 9.57 22.58 3.98
C VAL B 173 9.38 23.06 5.41
N THR B 174 10.00 24.19 5.73
CA THR B 174 9.74 24.91 6.97
C THR B 174 9.87 26.41 6.70
N LYS B 175 9.32 27.20 7.62
CA LYS B 175 9.43 28.65 7.52
C LYS B 175 10.85 29.14 7.33
N PRO B 176 11.85 28.68 8.09
CA PRO B 176 13.23 29.12 7.80
C PRO B 176 13.67 28.82 6.40
N ASP B 177 13.13 27.78 5.77
CA ASP B 177 13.54 27.43 4.43
C ASP B 177 13.15 28.48 3.41
N PHE B 178 12.24 29.38 3.76
CA PHE B 178 11.88 30.47 2.88
C PHE B 178 12.77 31.68 3.07
N TYR B 179 13.50 31.74 4.17
CA TYR B 179 14.22 32.93 4.56
C TYR B 179 15.59 33.04 3.90
N ASN B 180 16.41 32.01 4.01
CA ASN B 180 17.63 32.00 3.22
C ASN B 180 17.28 31.94 1.74
N GLU B 181 18.15 32.52 0.92
CA GLU B 181 17.80 32.68 -0.49
C GLU B 181 18.27 31.50 -1.33
N GLU B 182 19.40 30.90 -0.97
CA GLU B 182 19.86 29.73 -1.72
C GLU B 182 18.82 28.62 -1.64
N THR B 183 18.26 28.40 -0.45
CA THR B 183 17.20 27.42 -0.33
C THR B 183 15.95 27.88 -1.06
N ARG B 184 15.70 29.19 -1.12
CA ARG B 184 14.61 29.66 -1.94
C ARG B 184 14.79 29.22 -3.39
N ASN B 185 15.99 29.43 -3.93
CA ASN B 185 16.32 28.94 -5.26
C ASN B 185 16.08 27.44 -5.36
N ASN B 186 16.62 26.69 -4.40
CA ASN B 186 16.54 25.23 -4.46
C ASN B 186 15.09 24.77 -4.50
N LEU B 187 14.30 25.19 -3.52
CA LEU B 187 12.92 24.76 -3.42
C LEU B 187 12.12 25.21 -4.63
N PHE B 188 12.33 26.44 -5.10
CA PHE B 188 11.59 26.85 -6.27
C PHE B 188 11.93 26.01 -7.48
N CYS B 189 13.22 25.66 -7.62
CA CYS B 189 13.61 24.77 -8.71
C CYS B 189 12.91 23.43 -8.58
N THR B 190 12.85 22.89 -7.38
CA THR B 190 12.16 21.63 -7.16
C THR B 190 10.70 21.75 -7.56
N LEU B 191 10.05 22.86 -7.21
CA LEU B 191 8.64 23.01 -7.51
C LEU B 191 8.39 23.18 -8.99
N SER B 192 9.23 23.97 -9.66
CA SER B 192 9.05 24.17 -11.09
C SER B 192 9.25 22.86 -11.83
N GLU B 193 10.35 22.16 -11.53
CA GLU B 193 10.57 20.86 -12.13
C GLU B 193 9.39 19.94 -11.91
N LEU B 194 8.79 19.99 -10.72
CA LEU B 194 7.63 19.15 -10.46
C LEU B 194 6.46 19.54 -11.34
N ILE B 195 5.98 20.78 -11.19
CA ILE B 195 4.78 21.22 -11.88
C ILE B 195 4.91 21.00 -13.36
N SER B 196 6.11 21.16 -13.91
CA SER B 196 6.34 20.87 -15.31
C SER B 196 6.01 19.44 -15.67
N LEU B 197 5.87 18.55 -14.69
CA LEU B 197 5.71 17.13 -14.96
C LEU B 197 4.34 16.61 -14.59
N ASN B 198 3.35 17.48 -14.41
CA ASN B 198 1.98 17.07 -14.15
C ASN B 198 1.89 16.27 -12.85
N ILE B 199 2.59 16.76 -11.84
CA ILE B 199 2.60 16.13 -10.54
C ILE B 199 2.09 17.14 -9.53
N VAL B 200 1.32 16.65 -8.57
CA VAL B 200 0.71 17.54 -7.59
C VAL B 200 1.44 17.38 -6.26
N PRO B 201 2.45 18.17 -6.01
CA PRO B 201 3.22 17.99 -4.78
C PRO B 201 2.41 18.37 -3.56
N ILE B 202 2.50 17.53 -2.55
CA ILE B 202 1.88 17.78 -1.27
C ILE B 202 2.95 18.38 -0.39
N ILE B 203 2.65 19.51 0.23
CA ILE B 203 3.65 20.34 0.86
C ILE B 203 3.37 20.34 2.35
N ASN B 204 4.04 19.46 3.08
CA ASN B 204 3.92 19.53 4.52
C ASN B 204 5.12 20.24 5.11
N THR B 205 5.04 20.52 6.40
CA THR B 205 6.19 21.14 7.06
C THR B 205 7.08 20.06 7.59
N ASN B 206 8.37 20.32 7.63
CA ASN B 206 9.29 19.35 8.19
C ASN B 206 9.13 19.28 9.68
N ASP B 207 8.03 18.67 10.14
CA ASP B 207 7.79 18.56 11.56
C ASP B 207 9.09 18.26 12.28
N ALA B 208 9.84 17.30 11.78
CA ALA B 208 11.08 16.92 12.42
C ALA B 208 11.73 18.15 12.97
N VAL B 209 11.85 19.18 12.15
CA VAL B 209 12.41 20.43 12.61
C VAL B 209 11.29 21.37 12.98
N SER B 210 10.62 21.08 14.08
CA SER B 210 9.51 21.93 14.52
C SER B 210 9.31 21.83 16.02
N PRO B 211 9.32 22.97 16.71
CA PRO B 211 9.13 22.98 18.16
C PRO B 211 8.03 22.03 18.61
N ASP B 232 -0.65 28.11 13.08
CA ASP B 232 -0.86 26.82 12.44
C ASP B 232 -0.56 26.87 10.95
N ASN B 233 0.74 26.81 10.64
CA ASN B 233 1.28 26.52 9.31
C ASN B 233 0.49 27.17 8.17
N ASP B 234 -0.07 28.34 8.43
CA ASP B 234 -0.86 29.07 7.46
C ASP B 234 -0.06 30.17 6.79
N SER B 235 0.64 30.97 7.60
CA SER B 235 1.69 31.83 7.08
C SER B 235 2.55 31.09 6.08
N LEU B 236 2.81 29.81 6.34
CA LEU B 236 3.60 29.01 5.42
C LEU B 236 2.97 29.01 4.05
N SER B 237 1.71 28.59 3.97
CA SER B 237 1.03 28.54 2.68
C SER B 237 0.99 29.91 2.04
N ALA B 238 0.70 30.94 2.82
CA ALA B 238 0.63 32.28 2.27
C ALA B 238 1.93 32.65 1.58
N MET B 239 3.02 32.63 2.33
CA MET B 239 4.30 33.05 1.76
C MET B 239 4.77 32.06 0.70
N LEU B 240 4.25 30.83 0.74
CA LEU B 240 4.50 29.90 -0.34
C LEU B 240 3.93 30.43 -1.63
N ALA B 241 2.62 30.67 -1.65
CA ALA B 241 2.00 31.29 -2.80
C ALA B 241 2.76 32.54 -3.20
N ALA B 242 3.25 33.27 -2.21
CA ALA B 242 4.02 34.48 -2.49
C ALA B 242 5.23 34.16 -3.36
N GLU B 243 6.12 33.30 -2.88
CA GLU B 243 7.30 32.96 -3.66
C GLU B 243 6.91 32.40 -5.02
N VAL B 244 5.87 31.58 -5.07
CA VAL B 244 5.39 31.08 -6.34
C VAL B 244 4.70 32.16 -7.14
N GLN B 245 4.21 33.21 -6.49
CA GLN B 245 3.35 34.21 -7.13
C GLN B 245 2.21 33.50 -7.87
N ALA B 246 1.39 32.82 -7.07
CA ALA B 246 0.28 32.04 -7.57
C ALA B 246 -0.94 32.92 -7.80
N ASP B 247 -1.80 32.46 -8.71
CA ASP B 247 -2.99 33.22 -9.06
C ASP B 247 -3.90 33.44 -7.85
N LEU B 248 -4.44 32.35 -7.31
CA LEU B 248 -5.35 32.42 -6.20
C LEU B 248 -4.95 31.43 -5.13
N LEU B 249 -4.95 31.90 -3.89
CA LEU B 249 -4.73 31.02 -2.75
C LEU B 249 -6.12 30.71 -2.19
N ILE B 250 -6.50 29.45 -2.28
CA ILE B 250 -7.64 28.97 -1.51
C ILE B 250 -7.15 28.63 -0.12
N LEU B 251 -7.93 28.97 0.88
CA LEU B 251 -7.61 28.60 2.25
C LEU B 251 -8.88 28.08 2.88
N MET B 252 -9.11 26.77 2.75
CA MET B 252 -10.24 26.18 3.42
C MET B 252 -10.08 26.29 4.93
N SER B 253 -11.20 26.12 5.64
CA SER B 253 -11.17 26.15 7.08
C SER B 253 -12.51 25.64 7.60
N ASP B 254 -12.71 25.77 8.90
CA ASP B 254 -13.95 25.45 9.57
C ASP B 254 -14.98 26.56 9.51
N VAL B 255 -14.55 27.80 9.75
CA VAL B 255 -15.48 28.92 9.76
C VAL B 255 -15.95 29.22 8.33
N ASP B 256 -17.21 29.65 8.21
CA ASP B 256 -17.80 29.96 6.92
C ASP B 256 -17.18 31.20 6.29
N GLY B 257 -16.83 32.18 7.10
CA GLY B 257 -16.26 33.42 6.60
C GLY B 257 -16.05 34.43 7.69
N ILE B 258 -15.93 35.70 7.33
CA ILE B 258 -15.64 36.74 8.30
C ILE B 258 -16.90 37.55 8.52
N TYR B 259 -17.15 37.91 9.76
CA TYR B 259 -18.31 38.72 10.07
C TYR B 259 -17.89 40.17 10.27
N ASN B 260 -18.88 41.03 10.42
CA ASN B 260 -18.61 42.40 10.83
C ASN B 260 -18.05 42.46 12.24
N LYS B 261 -18.46 41.53 13.10
CA LYS B 261 -18.14 41.61 14.51
C LYS B 261 -18.19 40.20 15.08
N PRO B 262 -17.78 40.03 16.34
CA PRO B 262 -17.95 38.75 17.01
C PRO B 262 -19.35 38.21 16.82
N PRO B 263 -19.50 36.89 16.71
CA PRO B 263 -20.82 36.32 16.41
C PRO B 263 -21.83 36.50 17.53
N TRP B 264 -21.37 36.62 18.77
CA TRP B 264 -22.25 36.80 19.91
C TRP B 264 -22.66 38.28 20.03
N GLU B 265 -23.14 38.80 18.91
CA GLU B 265 -23.26 40.25 18.77
C GLU B 265 -24.19 40.56 17.62
N ASP B 266 -25.10 41.50 17.85
CA ASP B 266 -26.04 41.91 16.83
C ASP B 266 -25.29 42.63 15.72
N GLY B 267 -25.45 42.14 14.49
CA GLY B 267 -24.78 42.74 13.36
C GLY B 267 -23.58 41.94 12.89
N ALA B 268 -23.64 40.62 13.05
CA ALA B 268 -22.56 39.74 12.60
C ALA B 268 -22.64 39.60 11.08
N LYS B 269 -22.42 40.72 10.40
CA LYS B 269 -22.52 40.78 8.95
C LYS B 269 -21.37 39.98 8.35
N LEU B 270 -21.69 38.84 7.77
CA LEU B 270 -20.66 38.04 7.11
C LEU B 270 -20.12 38.80 5.91
N MET B 271 -18.92 39.35 6.06
CA MET B 271 -18.33 40.25 5.07
C MET B 271 -17.75 39.41 3.94
N HIS B 272 -18.57 39.12 2.93
CA HIS B 272 -18.13 38.28 1.83
C HIS B 272 -16.87 38.84 1.19
N THR B 273 -16.96 40.01 0.60
CA THR B 273 -15.73 40.62 0.15
C THR B 273 -15.01 41.27 1.32
N TYR B 274 -13.80 41.74 1.06
CA TYR B 274 -13.07 42.50 2.05
C TYR B 274 -12.27 43.58 1.35
N THR B 275 -12.43 44.81 1.81
CA THR B 275 -11.79 45.97 1.24
C THR B 275 -10.27 45.85 1.31
N SER B 297 -3.99 36.74 12.58
CA SER B 297 -4.33 35.37 12.25
C SER B 297 -4.48 35.18 10.75
N LYS B 298 -5.51 34.40 10.40
CA LYS B 298 -5.85 34.23 9.00
C LYS B 298 -6.03 35.57 8.31
N VAL B 299 -6.69 36.50 8.99
CA VAL B 299 -6.91 37.83 8.43
C VAL B 299 -5.58 38.50 8.11
N LYS B 300 -4.65 38.44 9.04
CA LYS B 300 -3.41 39.11 8.78
C LYS B 300 -2.78 38.44 7.59
N ALA B 301 -2.55 37.16 7.71
CA ALA B 301 -1.85 36.48 6.64
C ALA B 301 -2.49 36.78 5.29
N ALA B 302 -3.81 36.96 5.27
CA ALA B 302 -4.48 37.29 4.04
C ALA B 302 -4.09 38.68 3.56
N THR B 303 -4.05 39.63 4.47
CA THR B 303 -3.58 40.94 4.08
C THR B 303 -2.22 40.76 3.47
N TRP B 304 -1.35 40.09 4.21
CA TRP B 304 0.01 39.88 3.75
C TRP B 304 0.05 39.39 2.32
N ALA B 305 -0.58 38.25 2.07
CA ALA B 305 -0.54 37.65 0.74
C ALA B 305 -1.09 38.61 -0.31
N LEU B 306 -2.16 39.33 0.02
CA LEU B 306 -2.64 40.37 -0.88
C LEU B 306 -1.55 41.38 -1.16
N ASP B 307 -0.83 41.78 -0.12
CA ASP B 307 0.29 42.71 -0.27
C ASP B 307 1.36 42.13 -1.17
N ARG B 308 1.41 40.81 -1.30
CA ARG B 308 2.31 40.17 -2.24
C ARG B 308 1.69 40.05 -3.61
N GLY B 309 0.62 40.79 -3.86
CA GLY B 309 -0.08 40.73 -5.14
C GLY B 309 -0.79 39.43 -5.39
N VAL B 310 -1.46 38.86 -4.39
CA VAL B 310 -2.00 37.52 -4.49
C VAL B 310 -3.46 37.55 -4.04
N SER B 311 -4.33 36.91 -4.83
CA SER B 311 -5.76 36.84 -4.52
C SER B 311 -5.97 35.72 -3.52
N VAL B 312 -6.59 36.05 -2.39
CA VAL B 312 -6.83 35.07 -1.35
C VAL B 312 -8.34 34.89 -1.15
N VAL B 313 -8.72 33.68 -0.77
CA VAL B 313 -10.11 33.36 -0.46
C VAL B 313 -10.12 32.39 0.71
N ILE B 314 -11.11 32.54 1.58
CA ILE B 314 -11.23 31.68 2.75
C ILE B 314 -12.65 31.14 2.76
N CYS B 315 -12.79 29.85 2.51
CA CYS B 315 -14.09 29.20 2.45
C CYS B 315 -14.34 28.39 3.72
N ASN B 316 -15.43 27.65 3.72
CA ASN B 316 -15.74 26.71 4.77
C ASN B 316 -15.53 25.30 4.24
N GLY B 317 -14.80 24.49 5.01
CA GLY B 317 -14.51 23.14 4.56
C GLY B 317 -15.77 22.30 4.40
N MET B 318 -16.62 22.30 5.41
CA MET B 318 -17.79 21.43 5.41
C MET B 318 -18.75 21.74 4.28
N GLN B 319 -18.57 22.86 3.57
CA GLN B 319 -19.46 23.17 2.46
C GLN B 319 -19.06 22.37 1.23
N GLU B 320 -20.03 21.71 0.62
CA GLU B 320 -19.75 20.84 -0.51
C GLU B 320 -19.27 21.63 -1.71
N LYS B 321 -18.48 20.99 -2.55
CA LYS B 321 -18.09 21.50 -3.86
C LYS B 321 -17.44 22.88 -3.75
N ALA B 322 -16.96 23.17 -2.53
CA ALA B 322 -16.51 24.52 -2.18
C ALA B 322 -15.61 25.11 -3.25
N ILE B 323 -14.68 24.33 -3.77
CA ILE B 323 -13.84 24.82 -4.86
C ILE B 323 -14.67 25.05 -6.11
N LYS B 324 -15.24 23.96 -6.63
CA LYS B 324 -16.11 24.08 -7.80
C LYS B 324 -17.15 25.17 -7.60
N THR B 325 -17.66 25.31 -6.38
CA THR B 325 -18.47 26.46 -6.04
C THR B 325 -17.69 27.75 -6.25
N ILE B 326 -16.56 27.89 -5.56
CA ILE B 326 -15.91 29.20 -5.54
C ILE B 326 -15.26 29.50 -6.89
N ILE B 327 -14.88 28.49 -7.64
CA ILE B 327 -14.29 28.80 -8.95
C ILE B 327 -15.34 29.40 -9.86
N GLY B 328 -16.61 29.08 -9.64
CA GLY B 328 -17.65 29.59 -10.51
C GLY B 328 -17.85 31.09 -10.36
N GLY B 329 -17.50 31.63 -9.20
CA GLY B 329 -17.72 33.03 -8.93
C GLY B 329 -18.81 33.19 -7.90
N ARG B 330 -19.31 32.07 -7.42
CA ARG B 330 -20.41 32.09 -6.47
C ARG B 330 -19.99 32.79 -5.17
N LYS B 331 -20.91 33.57 -4.62
CA LYS B 331 -20.66 34.37 -3.42
C LYS B 331 -20.64 33.46 -2.19
N VAL B 332 -19.44 33.02 -1.85
CA VAL B 332 -19.26 32.07 -0.75
C VAL B 332 -17.93 32.34 -0.07
N GLY B 333 -17.88 32.02 1.22
CA GLY B 333 -16.62 32.15 1.94
C GLY B 333 -16.31 33.59 2.26
N THR B 334 -15.13 34.03 1.83
CA THR B 334 -14.74 35.42 2.00
C THR B 334 -13.69 35.75 0.96
N PHE B 335 -13.96 36.78 0.18
CA PHE B 335 -13.08 37.18 -0.91
C PHE B 335 -12.39 38.47 -0.52
N PHE B 336 -11.18 38.69 -1.01
CA PHE B 336 -10.34 39.77 -0.53
C PHE B 336 -9.76 40.54 -1.70
N THR B 337 -10.12 41.82 -1.81
CA THR B 337 -9.50 42.74 -2.75
C THR B 337 -9.92 44.15 -2.40
N GLU B 338 -8.98 45.10 -2.41
CA GLU B 338 -9.31 46.50 -2.12
C GLU B 338 -9.49 47.31 -3.40
N ALA B 339 -9.58 46.61 -4.53
CA ALA B 339 -9.79 47.23 -5.85
C ALA B 339 -10.76 48.41 -5.70
N THR B 340 -11.85 48.28 -4.96
CA THR B 340 -12.74 49.40 -4.69
C THR B 340 -12.89 50.28 -5.93
N GLU B 341 -13.36 49.68 -7.03
CA GLU B 341 -13.48 50.40 -8.28
C GLU B 341 -14.53 51.50 -8.19
N SER B 342 -15.76 51.13 -7.90
CA SER B 342 -16.88 52.06 -8.00
C SER B 342 -17.65 52.10 -6.68
N ALA B 343 -18.45 53.14 -6.53
CA ALA B 343 -19.32 53.25 -5.37
C ALA B 343 -20.33 52.12 -5.32
N ASN B 344 -20.83 51.70 -6.50
CA ASN B 344 -21.83 50.65 -6.66
C ASN B 344 -22.86 50.69 -5.53
N ALA B 345 -23.57 51.82 -5.46
CA ALA B 345 -24.15 52.44 -4.25
C ALA B 345 -24.58 51.35 -3.27
N VAL B 346 -25.28 50.31 -3.71
CA VAL B 346 -25.68 49.28 -2.75
C VAL B 346 -25.05 47.95 -3.14
N PRO B 347 -24.47 47.21 -2.21
CA PRO B 347 -24.16 45.81 -2.53
C PRO B 347 -25.41 45.03 -2.86
N VAL B 348 -26.28 44.76 -1.88
CA VAL B 348 -27.66 44.36 -2.14
C VAL B 348 -28.64 45.02 -1.19
N GLU B 349 -28.18 45.38 0.01
CA GLU B 349 -29.09 45.43 1.15
C GLU B 349 -29.39 46.83 1.66
N VAL B 350 -28.39 47.70 1.73
CA VAL B 350 -28.68 49.08 2.10
C VAL B 350 -29.75 49.64 1.17
N MET B 351 -29.84 49.09 -0.05
CA MET B 351 -31.05 49.17 -0.83
C MET B 351 -32.29 48.89 0.02
N ALA B 352 -32.33 47.69 0.60
CA ALA B 352 -33.52 47.25 1.30
C ALA B 352 -33.87 48.17 2.45
N GLU B 353 -32.87 48.48 3.28
CA GLU B 353 -33.16 49.35 4.41
C GLU B 353 -33.62 50.72 3.92
N ASN B 354 -33.01 51.19 2.86
CA ASN B 354 -33.40 52.46 2.36
C ASN B 354 -34.87 52.36 2.05
N ALA B 355 -35.21 51.40 1.23
CA ALA B 355 -36.60 51.27 0.81
C ALA B 355 -37.52 51.27 2.01
N ARG B 356 -37.13 50.57 3.07
CA ARG B 356 -37.93 50.62 4.29
C ARG B 356 -38.10 52.05 4.76
N THR B 357 -37.00 52.79 4.79
CA THR B 357 -37.06 54.19 5.19
C THR B 357 -38.01 54.97 4.30
N GLY B 358 -37.90 54.78 2.99
CA GLY B 358 -38.76 55.51 2.08
C GLY B 358 -40.22 55.17 2.26
N SER B 359 -40.52 53.92 2.58
CA SER B 359 -41.89 53.55 2.88
C SER B 359 -42.37 54.30 4.09
N ARG B 360 -41.58 54.26 5.17
CA ARG B 360 -41.91 55.05 6.35
C ARG B 360 -42.14 56.50 5.96
N GLN B 361 -41.36 56.99 5.00
CA GLN B 361 -41.51 58.37 4.57
C GLN B 361 -42.87 58.61 3.95
N MET B 362 -43.12 57.97 2.82
CA MET B 362 -44.35 58.19 2.08
C MET B 362 -45.57 57.82 2.90
N GLN B 363 -45.35 57.11 4.02
CA GLN B 363 -46.44 56.82 4.92
C GLN B 363 -47.20 58.07 5.34
N ALA B 364 -46.53 59.22 5.42
CA ALA B 364 -47.14 60.43 5.92
C ALA B 364 -47.49 61.37 4.78
N LEU B 365 -47.77 60.80 3.61
CA LEU B 365 -48.09 61.62 2.44
C LEU B 365 -49.28 61.09 1.66
N THR B 366 -50.39 60.81 2.33
CA THR B 366 -51.57 60.32 1.63
C THR B 366 -52.28 61.40 0.82
N PRO B 367 -52.62 62.57 1.36
CA PRO B 367 -53.66 63.37 0.72
C PRO B 367 -53.19 63.98 -0.58
N ALA B 368 -53.58 63.35 -1.68
CA ALA B 368 -53.25 63.76 -3.04
C ALA B 368 -51.76 63.82 -3.29
N GLN B 369 -50.95 63.49 -2.28
CA GLN B 369 -49.51 63.57 -2.39
C GLN B 369 -48.98 62.52 -3.36
N ARG B 370 -49.16 61.26 -3.02
CA ARG B 370 -48.85 60.19 -3.96
C ARG B 370 -49.71 60.30 -5.21
N ALA B 371 -50.92 60.85 -5.08
CA ALA B 371 -51.77 61.03 -6.24
C ALA B 371 -51.15 62.02 -7.21
N SER B 372 -50.87 63.24 -6.75
CA SER B 372 -50.19 64.20 -7.60
C SER B 372 -48.86 63.67 -8.08
N ALA B 373 -48.20 62.84 -7.27
CA ALA B 373 -46.91 62.30 -7.66
C ALA B 373 -47.04 61.37 -8.85
N VAL B 374 -48.03 60.49 -8.83
CA VAL B 374 -48.19 59.59 -9.96
C VAL B 374 -48.76 60.34 -11.16
N ASN B 375 -49.52 61.41 -10.93
CA ASN B 375 -49.85 62.31 -12.03
C ASN B 375 -48.58 62.82 -12.70
N THR B 376 -47.66 63.31 -11.88
CA THR B 376 -46.37 63.75 -12.37
C THR B 376 -45.66 62.64 -13.14
N LEU B 377 -45.76 61.42 -12.66
CA LEU B 377 -45.13 60.32 -13.37
C LEU B 377 -45.73 60.14 -14.75
N ALA B 378 -47.07 60.16 -14.84
CA ALA B 378 -47.72 60.04 -16.13
C ALA B 378 -47.30 61.16 -17.06
N ASP B 379 -47.16 62.37 -16.51
CA ASP B 379 -46.74 63.51 -17.33
C ASP B 379 -45.33 63.31 -17.85
N LEU B 380 -44.41 62.89 -16.98
CA LEU B 380 -43.05 62.60 -17.41
C LEU B 380 -43.04 61.50 -18.46
N LEU B 381 -43.95 60.54 -18.33
CA LEU B 381 -44.07 59.49 -19.34
C LEU B 381 -44.49 60.07 -20.68
N VAL B 382 -45.47 60.96 -20.68
CA VAL B 382 -46.01 61.48 -21.94
C VAL B 382 -45.19 62.65 -22.47
N SER B 383 -44.17 63.10 -21.73
CA SER B 383 -43.44 64.30 -22.10
C SER B 383 -42.02 64.06 -22.58
N ARG B 384 -41.34 63.04 -22.07
CA ARG B 384 -39.93 62.86 -22.38
C ARG B 384 -39.75 61.52 -23.08
N GLU B 385 -40.80 61.04 -23.72
CA GLU B 385 -40.81 59.73 -24.33
C GLU B 385 -39.77 59.57 -25.42
N LYS B 386 -39.38 60.67 -26.07
CA LYS B 386 -38.36 60.58 -27.10
C LYS B 386 -37.12 59.87 -26.59
N PHE B 387 -36.62 60.31 -25.44
CA PHE B 387 -35.43 59.70 -24.87
C PHE B 387 -35.63 58.20 -24.65
N ILE B 388 -36.70 57.83 -23.95
CA ILE B 388 -36.89 56.44 -23.62
C ILE B 388 -37.22 55.63 -24.87
N LEU B 389 -37.89 56.26 -25.83
CA LEU B 389 -38.19 55.55 -27.08
C LEU B 389 -36.92 55.20 -27.82
N ASP B 390 -36.02 56.17 -27.97
CA ASP B 390 -34.75 55.87 -28.64
C ASP B 390 -33.94 54.88 -27.82
N ALA B 391 -34.01 54.97 -26.50
CA ALA B 391 -33.30 54.03 -25.67
C ALA B 391 -33.75 52.60 -25.94
N ASN B 392 -35.06 52.38 -25.99
CA ASN B 392 -35.57 51.05 -26.30
C ASN B 392 -35.20 50.65 -27.72
N ALA B 393 -35.28 51.58 -28.66
CA ALA B 393 -34.88 51.25 -30.03
C ALA B 393 -33.45 50.73 -30.05
N LYS B 394 -32.57 51.43 -29.32
CA LYS B 394 -31.17 51.03 -29.24
C LYS B 394 -31.03 49.64 -28.62
N ASP B 395 -31.65 49.44 -27.47
CA ASP B 395 -31.47 48.18 -26.76
C ASP B 395 -32.13 47.04 -27.53
N LEU B 396 -33.19 47.33 -28.27
CA LEU B 396 -33.83 46.34 -29.11
C LEU B 396 -32.93 45.94 -30.26
N ALA B 397 -32.27 46.91 -30.88
CA ALA B 397 -31.26 46.58 -31.86
C ALA B 397 -30.18 45.70 -31.26
N GLU B 398 -29.75 46.03 -30.04
CA GLU B 398 -28.75 45.20 -29.36
C GLU B 398 -29.26 43.78 -29.17
N ALA B 399 -30.54 43.64 -28.84
CA ALA B 399 -31.13 42.31 -28.69
C ALA B 399 -31.26 41.58 -30.02
N GLN B 400 -31.42 42.32 -31.11
CA GLN B 400 -31.65 41.68 -32.39
C GLN B 400 -30.48 40.79 -32.79
N LYS B 401 -29.26 41.31 -32.67
CA LYS B 401 -28.09 40.50 -33.01
C LYS B 401 -28.03 39.25 -32.14
N SER B 402 -28.56 39.32 -30.92
CA SER B 402 -28.62 38.15 -30.06
C SER B 402 -29.67 37.16 -30.51
N GLY B 403 -30.82 37.65 -30.97
CA GLY B 403 -31.90 36.81 -31.44
C GLY B 403 -32.30 35.73 -30.45
N LEU B 404 -32.84 36.14 -29.30
CA LEU B 404 -33.05 35.20 -28.21
C LEU B 404 -34.34 34.42 -28.36
N ALA B 405 -35.48 35.11 -28.30
CA ALA B 405 -36.74 34.40 -28.29
C ALA B 405 -37.84 35.32 -28.79
N LYS B 406 -38.54 34.88 -29.82
CA LYS B 406 -39.66 35.65 -30.35
C LYS B 406 -40.64 36.08 -29.28
N PRO B 407 -40.94 35.28 -28.24
CA PRO B 407 -41.63 35.88 -27.09
C PRO B 407 -40.91 37.09 -26.55
N LEU B 408 -39.63 36.94 -26.16
CA LEU B 408 -38.84 38.08 -25.71
C LEU B 408 -38.69 39.11 -26.82
N LEU B 409 -38.15 38.67 -27.97
CA LEU B 409 -37.93 39.55 -29.11
C LEU B 409 -39.18 40.26 -29.57
N SER B 410 -40.34 39.88 -29.06
CA SER B 410 -41.58 40.57 -29.34
C SER B 410 -42.02 41.47 -28.19
N ARG B 411 -41.83 41.03 -26.96
CA ARG B 411 -42.35 41.77 -25.82
C ARG B 411 -41.44 42.92 -25.42
N LEU B 412 -40.15 42.85 -25.71
CA LEU B 412 -39.29 43.97 -25.38
C LEU B 412 -39.58 45.20 -26.22
N SER B 413 -40.41 45.07 -27.25
CA SER B 413 -40.77 46.17 -28.10
C SER B 413 -41.56 47.22 -27.31
N LEU B 414 -41.67 48.41 -27.89
CA LEU B 414 -42.42 49.49 -27.28
C LEU B 414 -42.70 50.56 -28.33
N ASN B 415 -43.92 51.08 -28.31
CA ASN B 415 -44.35 52.10 -29.23
C ASN B 415 -45.03 53.22 -28.45
N PRO B 416 -44.97 54.46 -28.95
CA PRO B 416 -45.65 55.56 -28.26
C PRO B 416 -47.13 55.29 -28.01
N ALA B 417 -47.75 54.41 -28.80
CA ALA B 417 -49.09 53.96 -28.48
C ALA B 417 -49.09 53.19 -27.17
N LYS B 418 -48.12 52.30 -26.97
CA LYS B 418 -47.99 51.65 -25.67
C LYS B 418 -47.81 52.67 -24.57
N LEU B 419 -47.05 53.74 -24.83
CA LEU B 419 -46.86 54.76 -23.81
C LEU B 419 -48.15 55.49 -23.51
N LYS B 420 -48.98 55.73 -24.53
CA LYS B 420 -50.28 56.33 -24.27
C LYS B 420 -51.14 55.41 -23.43
N ASN B 421 -51.09 54.11 -23.72
CA ASN B 421 -51.79 53.14 -22.90
C ASN B 421 -51.32 53.23 -21.45
N LEU B 422 -50.01 53.26 -21.25
CA LEU B 422 -49.48 53.33 -19.90
C LEU B 422 -49.89 54.63 -19.22
N SER B 423 -49.93 55.72 -19.97
CA SER B 423 -50.29 57.00 -19.38
C SER B 423 -51.73 56.99 -18.92
N VAL B 424 -52.63 56.47 -19.75
CA VAL B 424 -54.03 56.47 -19.34
C VAL B 424 -54.23 55.51 -18.18
N GLY B 425 -53.54 54.37 -18.17
CA GLY B 425 -53.61 53.49 -17.03
C GLY B 425 -53.13 54.17 -15.75
N LEU B 426 -52.05 54.94 -15.86
CA LEU B 426 -51.49 55.58 -14.69
C LEU B 426 -52.40 56.69 -14.19
N LYS B 427 -52.99 57.45 -15.10
CA LYS B 427 -53.96 58.46 -14.70
C LYS B 427 -55.15 57.80 -14.00
N GLN B 428 -55.58 56.66 -14.51
CA GLN B 428 -56.66 55.92 -13.87
C GLN B 428 -56.27 55.54 -12.45
N ILE B 429 -55.12 54.89 -12.31
CA ILE B 429 -54.61 54.52 -10.99
C ILE B 429 -54.57 55.73 -10.06
N ALA B 430 -54.11 56.86 -10.58
CA ALA B 430 -54.07 58.08 -9.80
C ALA B 430 -55.47 58.43 -9.28
N GLU B 431 -56.39 58.68 -10.21
CA GLU B 431 -57.70 59.18 -9.82
C GLU B 431 -58.44 58.22 -8.89
N ASP B 432 -58.20 56.92 -9.02
CA ASP B 432 -58.95 55.95 -8.21
C ASP B 432 -58.17 55.50 -6.98
N SER B 433 -56.91 55.89 -6.87
CA SER B 433 -56.09 55.44 -5.75
C SER B 433 -56.14 56.46 -4.66
N HIS B 434 -57.32 56.84 -4.28
CA HIS B 434 -57.49 57.91 -3.30
C HIS B 434 -57.52 57.42 -1.86
N LYS B 435 -58.25 56.37 -1.56
CA LYS B 435 -58.55 56.01 -0.18
C LYS B 435 -58.14 54.57 0.10
N ASN B 436 -57.06 54.14 -0.54
CA ASN B 436 -56.61 52.77 -0.38
C ASN B 436 -55.84 52.53 0.91
N VAL B 437 -55.11 53.52 1.39
CA VAL B 437 -54.25 53.36 2.56
C VAL B 437 -54.90 54.04 3.75
N GLY B 438 -54.58 53.57 4.94
CA GLY B 438 -55.09 54.14 6.15
C GLY B 438 -56.57 53.92 6.39
N ARG B 439 -57.29 53.38 5.42
CA ARG B 439 -58.72 53.18 5.58
C ARG B 439 -58.99 52.21 6.73
N VAL B 440 -59.91 52.59 7.59
CA VAL B 440 -60.27 51.77 8.74
C VAL B 440 -61.26 50.71 8.29
N LEU B 441 -61.21 49.57 8.94
CA LEU B 441 -62.11 48.47 8.63
C LEU B 441 -63.06 48.12 9.76
N ARG B 442 -62.71 48.43 11.00
CA ARG B 442 -63.59 48.16 12.12
C ARG B 442 -63.62 49.36 13.04
N ARG B 443 -64.74 49.53 13.71
CA ARG B 443 -64.91 50.59 14.70
C ARG B 443 -65.75 49.99 15.81
N THR B 444 -65.15 49.83 16.97
CA THR B 444 -65.80 49.10 18.05
C THR B 444 -65.35 49.67 19.39
N ARG B 445 -66.25 49.58 20.36
CA ARG B 445 -65.96 50.00 21.73
C ARG B 445 -66.12 48.80 22.64
N LEU B 446 -65.06 48.47 23.38
CA LEU B 446 -65.12 47.40 24.36
C LEU B 446 -65.71 47.86 25.67
N ALA B 447 -65.35 49.07 26.10
CA ALA B 447 -65.91 49.69 27.28
C ALA B 447 -65.67 51.20 27.17
N ASP B 448 -66.04 51.92 28.22
CA ASP B 448 -65.90 53.37 28.21
C ASP B 448 -64.47 53.77 27.89
N GLN B 449 -64.30 54.55 26.83
CA GLN B 449 -62.99 55.02 26.37
C GLN B 449 -62.10 53.84 26.01
N LEU B 450 -62.71 52.86 25.34
CA LEU B 450 -61.96 51.72 24.81
C LEU B 450 -62.40 51.55 23.37
N GLU B 451 -61.73 52.26 22.46
CA GLU B 451 -62.17 52.40 21.09
C GLU B 451 -61.13 51.76 20.18
N LEU B 452 -61.25 50.45 19.98
CA LEU B 452 -60.40 49.78 19.02
C LEU B 452 -60.87 50.09 17.60
N LYS B 453 -59.91 50.16 16.69
CA LYS B 453 -60.24 50.30 15.28
C LYS B 453 -59.08 49.72 14.49
N GLN B 454 -59.39 49.03 13.41
CA GLN B 454 -58.37 48.39 12.60
C GLN B 454 -58.28 49.04 11.23
N VAL B 455 -57.07 49.36 10.79
CA VAL B 455 -56.91 50.22 9.64
C VAL B 455 -56.01 49.58 8.60
N THR B 456 -55.74 50.32 7.54
CA THR B 456 -55.00 49.83 6.39
C THR B 456 -53.57 50.33 6.43
N VAL B 457 -52.63 49.44 6.18
CA VAL B 457 -51.21 49.79 6.24
C VAL B 457 -50.46 49.08 5.13
N PRO B 458 -49.30 49.56 4.74
CA PRO B 458 -48.57 48.93 3.64
C PRO B 458 -47.99 47.59 4.05
N ILE B 459 -47.32 46.93 3.13
CA ILE B 459 -46.65 45.66 3.40
C ILE B 459 -45.20 45.87 3.77
N GLY B 460 -44.46 46.59 2.93
CA GLY B 460 -43.06 46.78 3.18
C GLY B 460 -42.22 46.69 1.92
N VAL B 461 -41.26 45.78 1.92
CA VAL B 461 -40.28 45.72 0.86
C VAL B 461 -40.70 44.74 -0.21
N LEU B 462 -41.39 45.24 -1.23
CA LEU B 462 -41.82 44.39 -2.34
C LEU B 462 -40.69 44.26 -3.35
N LEU B 463 -40.53 43.07 -3.89
CA LEU B 463 -39.50 42.81 -4.89
C LEU B 463 -40.14 42.17 -6.10
N VAL B 464 -40.11 42.86 -7.21
CA VAL B 464 -40.66 42.32 -8.46
C VAL B 464 -39.57 41.54 -9.17
N ILE B 465 -39.98 40.60 -10.00
CA ILE B 465 -39.09 39.86 -10.88
C ILE B 465 -39.85 39.57 -12.16
N PHE B 466 -39.21 39.85 -13.30
CA PHE B 466 -39.86 39.66 -14.59
C PHE B 466 -38.83 39.73 -15.69
N GLU B 467 -39.18 39.13 -16.83
CA GLU B 467 -38.30 39.18 -17.99
C GLU B 467 -38.45 40.51 -18.71
N SER B 468 -37.67 40.67 -19.78
CA SER B 468 -37.56 41.98 -20.40
C SER B 468 -38.91 42.39 -20.96
N ARG B 469 -39.58 43.28 -20.24
CA ARG B 469 -40.90 43.82 -20.55
C ARG B 469 -40.98 45.16 -19.87
N PRO B 470 -40.27 46.17 -20.35
CA PRO B 470 -40.21 47.45 -19.63
C PRO B 470 -41.56 48.14 -19.51
N ASP B 471 -42.55 47.72 -20.27
CA ASP B 471 -43.89 48.26 -20.14
C ASP B 471 -44.47 48.07 -18.74
N SER B 472 -44.19 46.95 -18.10
CA SER B 472 -44.75 46.68 -16.78
C SER B 472 -44.11 47.56 -15.72
N LEU B 473 -42.79 47.75 -15.83
CA LEU B 473 -42.02 48.53 -14.86
C LEU B 473 -42.72 49.78 -14.36
N PRO B 474 -43.15 50.72 -15.20
CA PRO B 474 -43.84 51.90 -14.64
C PRO B 474 -45.18 51.55 -14.09
N GLN B 475 -45.86 50.54 -14.64
CA GLN B 475 -47.13 50.12 -14.07
C GLN B 475 -46.95 49.71 -12.61
N VAL B 476 -46.06 48.77 -12.36
CA VAL B 476 -45.86 48.31 -11.00
C VAL B 476 -45.27 49.41 -10.14
N ALA B 477 -44.51 50.32 -10.73
CA ALA B 477 -44.02 51.45 -9.95
C ALA B 477 -45.17 52.32 -9.48
N ALA B 478 -46.13 52.58 -10.35
CA ALA B 478 -47.32 53.30 -9.95
C ALA B 478 -48.06 52.55 -8.87
N LEU B 479 -48.12 51.23 -9.00
CA LEU B 479 -48.75 50.43 -7.94
C LEU B 479 -48.07 50.68 -6.60
N ALA B 480 -46.75 50.53 -6.56
CA ALA B 480 -46.02 50.79 -5.32
C ALA B 480 -46.34 52.16 -4.78
N MET B 481 -46.11 53.19 -5.59
CA MET B 481 -46.24 54.56 -5.10
C MET B 481 -47.64 54.88 -4.63
N ALA B 482 -48.66 54.36 -5.31
CA ALA B 482 -50.02 54.57 -4.83
C ALA B 482 -50.30 53.75 -3.60
N SER B 483 -49.57 52.66 -3.40
CA SER B 483 -49.70 51.81 -2.23
C SER B 483 -48.70 52.17 -1.16
N ALA B 484 -47.97 53.26 -1.33
CA ALA B 484 -47.15 53.88 -0.31
C ALA B 484 -46.10 52.95 0.28
N ASN B 485 -45.83 51.82 -0.33
CA ASN B 485 -44.81 50.92 0.19
C ASN B 485 -43.59 50.92 -0.72
N GLY B 486 -42.47 50.54 -0.15
CA GLY B 486 -41.24 50.49 -0.91
C GLY B 486 -41.31 49.49 -2.05
N LEU B 487 -40.24 49.44 -2.82
CA LEU B 487 -40.22 48.59 -4.00
C LEU B 487 -38.80 48.41 -4.51
N LEU B 488 -38.45 47.17 -4.81
CA LEU B 488 -37.24 46.86 -5.55
C LEU B 488 -37.62 46.39 -6.94
N LEU B 489 -36.62 46.11 -7.77
CA LEU B 489 -36.88 45.64 -9.12
C LEU B 489 -35.75 44.74 -9.56
N LYS B 490 -36.08 43.81 -10.45
CA LYS B 490 -35.06 43.05 -11.16
C LYS B 490 -35.69 42.50 -12.43
N GLY B 491 -35.27 43.04 -13.57
CA GLY B 491 -35.71 42.52 -14.84
C GLY B 491 -34.89 41.32 -15.24
N GLY B 492 -34.41 41.31 -16.49
CA GLY B 492 -33.54 40.28 -17.01
C GLY B 492 -32.25 40.88 -17.53
N LYS B 493 -31.85 40.42 -18.72
CA LYS B 493 -30.68 40.97 -19.38
C LYS B 493 -31.00 42.17 -20.24
N GLU B 494 -31.92 42.02 -21.18
CA GLU B 494 -32.27 43.08 -22.10
C GLU B 494 -33.03 44.17 -21.35
N ALA B 495 -33.41 45.22 -22.09
CA ALA B 495 -34.20 46.33 -21.58
C ALA B 495 -33.45 47.13 -20.54
N ALA B 496 -32.25 46.65 -20.17
CA ALA B 496 -31.54 47.21 -19.02
C ALA B 496 -31.42 48.71 -19.13
N HIS B 497 -30.97 49.20 -20.28
CA HIS B 497 -30.88 50.64 -20.48
C HIS B 497 -32.26 51.29 -20.44
N SER B 498 -33.23 50.67 -21.13
CA SER B 498 -34.59 51.16 -21.03
C SER B 498 -35.04 51.19 -19.58
N ASN B 499 -34.72 50.14 -18.84
CA ASN B 499 -35.05 50.11 -17.43
C ASN B 499 -34.44 51.30 -16.71
N LYS B 500 -33.19 51.63 -17.03
CA LYS B 500 -32.54 52.76 -16.37
C LYS B 500 -33.25 54.06 -16.71
N ALA B 501 -33.66 54.20 -17.97
CA ALA B 501 -34.36 55.41 -18.38
C ALA B 501 -35.66 55.56 -17.61
N LEU B 502 -36.47 54.51 -17.59
CA LEU B 502 -37.69 54.52 -16.82
C LEU B 502 -37.39 54.78 -15.35
N MET B 503 -36.30 54.22 -14.85
CA MET B 503 -35.93 54.40 -13.45
C MET B 503 -35.65 55.85 -13.16
N GLU B 504 -34.94 56.53 -14.04
CA GLU B 504 -34.67 57.94 -13.84
C GLU B 504 -35.95 58.75 -13.90
N LEU B 505 -36.81 58.43 -14.86
CA LEU B 505 -38.09 59.13 -14.96
C LEU B 505 -38.86 59.00 -13.65
N VAL B 506 -38.93 57.79 -13.10
CA VAL B 506 -39.73 57.58 -11.90
C VAL B 506 -39.04 58.16 -10.69
N LYS B 507 -37.70 58.15 -10.67
CA LYS B 507 -36.99 58.77 -9.56
C LYS B 507 -37.28 60.25 -9.51
N GLU B 508 -37.27 60.90 -10.67
CA GLU B 508 -37.77 62.26 -10.74
C GLU B 508 -39.19 62.35 -10.19
N ALA B 509 -40.08 61.52 -10.72
CA ALA B 509 -41.49 61.60 -10.34
C ALA B 509 -41.67 61.55 -8.83
N LEU B 510 -40.94 60.67 -8.16
CA LEU B 510 -41.06 60.60 -6.71
C LEU B 510 -40.31 61.73 -6.03
N ALA B 511 -39.25 62.24 -6.66
CA ALA B 511 -38.49 63.33 -6.08
C ALA B 511 -39.31 64.58 -5.88
N THR B 512 -40.38 64.76 -6.63
CA THR B 512 -41.18 65.98 -6.53
C THR B 512 -41.68 66.19 -5.10
N VAL B 513 -42.50 65.27 -4.61
CA VAL B 513 -43.03 65.33 -3.26
C VAL B 513 -42.62 64.06 -2.54
N GLY B 514 -42.35 64.17 -1.24
CA GLY B 514 -41.77 63.07 -0.51
C GLY B 514 -40.30 62.96 -0.83
N ALA B 515 -40.00 62.97 -2.13
CA ALA B 515 -38.64 63.16 -2.62
C ALA B 515 -37.71 62.01 -2.23
N GLU B 516 -38.21 61.03 -1.50
CA GLU B 516 -37.37 59.93 -1.09
C GLU B 516 -37.43 58.82 -2.12
N HIS B 517 -36.27 58.31 -2.46
CA HIS B 517 -36.12 57.28 -3.47
C HIS B 517 -36.36 55.93 -2.82
N ALA B 518 -37.64 55.63 -2.57
CA ALA B 518 -38.01 54.31 -2.08
C ALA B 518 -38.22 53.36 -3.26
N VAL B 519 -37.26 53.39 -4.17
CA VAL B 519 -37.22 52.51 -5.33
C VAL B 519 -35.76 52.28 -5.65
N SER B 520 -35.45 51.16 -6.30
CA SER B 520 -34.08 50.86 -6.66
C SER B 520 -34.09 50.01 -7.91
N LEU B 521 -32.96 49.36 -8.15
CA LEU B 521 -32.85 48.38 -9.23
C LEU B 521 -31.59 47.57 -8.96
N VAL B 522 -31.71 46.27 -9.10
CA VAL B 522 -30.61 45.35 -8.81
C VAL B 522 -30.16 44.75 -10.14
N SER B 523 -29.17 45.39 -10.74
CA SER B 523 -28.66 45.01 -12.04
C SER B 523 -27.34 44.26 -11.87
N THR B 524 -26.67 44.00 -12.98
CA THR B 524 -25.33 43.41 -12.98
C THR B 524 -25.34 42.02 -12.38
N ARG B 525 -26.35 41.24 -12.75
CA ARG B 525 -26.42 39.81 -12.44
C ARG B 525 -26.33 39.58 -10.94
N GLU B 526 -27.34 40.05 -10.22
CA GLU B 526 -27.34 39.96 -8.76
C GLU B 526 -27.51 38.55 -8.20
N GLU B 527 -27.59 37.56 -9.08
CA GLU B 527 -27.67 36.18 -8.62
C GLU B 527 -28.98 35.94 -7.86
N ILE B 528 -30.05 35.91 -8.64
CA ILE B 528 -31.42 35.80 -8.14
C ILE B 528 -31.55 34.85 -6.96
N SER B 529 -30.90 33.69 -7.03
CA SER B 529 -31.01 32.74 -5.93
C SER B 529 -30.44 33.31 -4.65
N ASP B 530 -29.30 33.99 -4.74
CA ASP B 530 -28.76 34.68 -3.58
C ASP B 530 -29.71 35.78 -3.13
N LEU B 531 -30.25 36.52 -4.08
CA LEU B 531 -31.20 37.58 -3.73
C LEU B 531 -32.33 37.03 -2.88
N LEU B 532 -32.95 35.93 -3.31
CA LEU B 532 -34.05 35.37 -2.55
C LEU B 532 -33.56 34.66 -1.30
N SER B 533 -32.27 34.34 -1.25
CA SER B 533 -31.71 33.79 -0.02
C SER B 533 -31.73 34.81 1.11
N MET B 534 -31.92 36.08 0.81
CA MET B 534 -32.02 37.08 1.85
C MET B 534 -33.26 36.87 2.69
N GLU B 535 -33.44 37.75 3.66
CA GLU B 535 -34.55 37.61 4.60
C GLU B 535 -34.68 38.91 5.38
N ASN B 536 -35.75 38.99 6.18
CA ASN B 536 -35.95 40.03 7.17
C ASN B 536 -36.18 41.37 6.50
N HIS B 537 -36.05 41.40 5.19
CA HIS B 537 -36.26 42.62 4.43
C HIS B 537 -37.40 42.48 3.44
N ILE B 538 -37.29 41.54 2.52
CA ILE B 538 -38.22 41.38 1.42
C ILE B 538 -39.43 40.61 1.91
N ASP B 539 -40.59 40.98 1.38
CA ASP B 539 -41.85 40.40 1.81
C ASP B 539 -42.51 39.60 0.71
N LEU B 540 -42.77 40.23 -0.43
CA LEU B 540 -43.57 39.64 -1.49
C LEU B 540 -42.73 39.52 -2.75
N ILE B 541 -42.30 38.30 -3.06
CA ILE B 541 -41.76 38.05 -4.39
C ILE B 541 -42.92 38.11 -5.36
N ILE B 542 -42.87 39.04 -6.30
CA ILE B 542 -43.93 39.16 -7.30
C ILE B 542 -43.36 38.82 -8.66
N PRO B 543 -43.19 37.54 -8.97
CA PRO B 543 -42.72 37.18 -10.31
C PRO B 543 -43.77 37.55 -11.33
N ARG B 544 -43.32 37.93 -12.52
CA ARG B 544 -44.23 38.43 -13.53
C ARG B 544 -43.98 37.86 -14.93
N GLY B 545 -42.88 37.18 -15.17
CA GLY B 545 -42.56 36.81 -16.53
C GLY B 545 -43.45 35.76 -17.15
N SER B 546 -43.33 34.51 -16.72
CA SER B 546 -44.05 33.41 -17.34
C SER B 546 -43.84 32.17 -16.48
N SER B 547 -44.40 31.05 -16.93
CA SER B 547 -44.31 29.83 -16.16
C SER B 547 -42.88 29.59 -15.68
N ASP B 548 -41.95 29.55 -16.61
CA ASP B 548 -40.59 29.25 -16.22
C ASP B 548 -40.20 30.12 -15.07
N LEU B 549 -40.15 31.42 -15.32
CA LEU B 549 -39.77 32.34 -14.28
C LEU B 549 -40.38 31.96 -12.96
N VAL B 550 -41.70 31.93 -12.89
CA VAL B 550 -42.35 31.68 -11.61
C VAL B 550 -42.05 30.30 -11.10
N ARG B 551 -41.87 29.33 -11.99
CA ARG B 551 -41.60 27.97 -11.58
C ARG B 551 -40.22 27.86 -10.96
N SER B 552 -39.21 28.35 -11.68
CA SER B 552 -37.87 28.42 -11.13
C SER B 552 -37.89 29.11 -9.77
N ILE B 553 -38.71 30.15 -9.64
CA ILE B 553 -38.81 30.85 -8.36
C ILE B 553 -39.33 29.90 -7.29
N GLN B 554 -40.53 29.37 -7.48
CA GLN B 554 -41.14 28.50 -6.48
C GLN B 554 -40.22 27.36 -6.10
N GLN B 555 -39.44 26.86 -7.05
CA GLN B 555 -38.51 25.79 -6.72
C GLN B 555 -37.33 26.33 -5.93
N GLN B 556 -36.94 27.57 -6.21
CA GLN B 556 -35.80 28.16 -5.53
C GLN B 556 -36.20 28.86 -4.24
N SER B 557 -37.37 29.47 -4.23
CA SER B 557 -37.79 30.26 -3.09
C SER B 557 -38.03 29.37 -1.88
N LEU B 558 -37.50 29.77 -0.73
CA LEU B 558 -37.74 29.08 0.52
C LEU B 558 -37.82 30.12 1.63
N HIS B 559 -38.82 29.97 2.50
CA HIS B 559 -38.96 30.84 3.66
C HIS B 559 -39.15 32.29 3.22
N ILE B 560 -40.08 32.49 2.31
CA ILE B 560 -40.40 33.84 1.81
C ILE B 560 -41.71 33.78 1.05
N PRO B 561 -42.67 34.66 1.34
CA PRO B 561 -43.93 34.64 0.60
C PRO B 561 -43.71 34.93 -0.86
N VAL B 562 -44.39 34.17 -1.72
CA VAL B 562 -44.25 34.28 -3.15
C VAL B 562 -45.63 34.39 -3.76
N LEU B 563 -46.06 35.61 -4.03
CA LEU B 563 -47.31 35.78 -4.75
C LEU B 563 -47.21 35.17 -6.13
N GLY B 564 -48.35 34.77 -6.68
CA GLY B 564 -48.43 34.31 -8.05
C GLY B 564 -48.59 32.80 -8.16
N HIS B 565 -48.92 32.37 -9.37
CA HIS B 565 -49.12 30.98 -9.71
C HIS B 565 -47.99 30.48 -10.58
N ALA B 566 -48.12 29.26 -11.07
CA ALA B 566 -47.19 28.72 -12.04
C ALA B 566 -47.84 27.93 -13.16
N GLU B 567 -49.09 27.51 -13.02
CA GLU B 567 -49.69 26.62 -14.00
C GLU B 567 -51.06 27.18 -14.41
N GLY B 568 -51.35 27.03 -15.70
CA GLY B 568 -52.58 27.58 -16.25
C GLY B 568 -53.54 26.52 -16.73
N VAL B 569 -53.56 25.37 -16.05
CA VAL B 569 -54.47 24.30 -16.44
C VAL B 569 -55.86 24.68 -16.00
N CYS B 570 -56.63 25.26 -16.91
CA CYS B 570 -58.01 25.61 -16.61
C CYS B 570 -58.90 24.46 -17.03
N HIS B 571 -60.21 24.66 -17.00
CA HIS B 571 -61.11 23.58 -17.40
C HIS B 571 -62.43 24.19 -17.80
N VAL B 572 -63.09 23.53 -18.74
CA VAL B 572 -64.37 23.99 -19.26
C VAL B 572 -65.30 22.79 -19.24
N TYR B 573 -66.35 22.87 -18.45
CA TYR B 573 -67.35 21.82 -18.43
C TYR B 573 -68.52 22.25 -19.29
N ILE B 574 -69.12 21.28 -19.97
CA ILE B 574 -70.29 21.51 -20.81
C ILE B 574 -71.39 20.59 -20.30
N ASP B 575 -72.57 21.13 -20.06
CA ASP B 575 -73.60 20.25 -19.54
C ASP B 575 -74.59 19.86 -20.63
N ARG B 576 -75.28 18.75 -20.38
CA ARG B 576 -76.25 18.17 -21.29
C ARG B 576 -77.34 19.13 -21.70
N ASP B 577 -77.59 20.18 -20.94
CA ASP B 577 -78.67 21.11 -21.21
C ASP B 577 -78.11 22.46 -21.61
N ALA B 578 -76.94 22.44 -22.23
CA ALA B 578 -76.28 23.65 -22.68
C ALA B 578 -76.48 23.82 -24.17
N ASP B 579 -76.81 25.04 -24.59
CA ASP B 579 -76.99 25.31 -26.02
C ASP B 579 -75.71 25.04 -26.79
N LEU B 580 -75.86 24.34 -27.90
CA LEU B 580 -74.71 23.84 -28.63
C LEU B 580 -73.87 24.98 -29.20
N GLU B 581 -74.46 25.79 -30.08
CA GLU B 581 -73.69 26.87 -30.69
C GLU B 581 -73.14 27.83 -29.66
N LYS B 582 -73.86 27.99 -28.55
CA LYS B 582 -73.35 28.80 -27.46
C LYS B 582 -71.99 28.30 -27.01
N ALA B 583 -71.93 27.05 -26.55
CA ALA B 583 -70.67 26.47 -26.15
C ALA B 583 -69.67 26.50 -27.29
N LEU B 584 -70.15 26.34 -28.51
CA LEU B 584 -69.28 26.36 -29.67
C LEU B 584 -68.47 27.64 -29.69
N ARG B 585 -69.15 28.76 -29.84
CA ARG B 585 -68.46 30.05 -29.86
C ARG B 585 -67.69 30.28 -28.56
N ILE B 586 -68.23 29.80 -27.44
CA ILE B 586 -67.59 30.04 -26.16
C ILE B 586 -66.20 29.43 -26.14
N ALA B 587 -66.12 28.12 -26.35
CA ALA B 587 -64.82 27.45 -26.34
C ALA B 587 -63.96 27.95 -27.49
N ARG B 588 -64.58 28.25 -28.62
CA ARG B 588 -63.87 28.84 -29.74
C ARG B 588 -63.02 30.02 -29.27
N ASP B 589 -63.68 31.00 -28.66
CA ASP B 589 -62.94 32.11 -28.09
C ASP B 589 -62.00 31.66 -26.98
N ALA B 590 -62.50 30.87 -26.03
CA ALA B 590 -61.74 30.48 -24.86
C ALA B 590 -60.37 29.98 -25.25
N LYS B 591 -60.27 29.24 -26.32
CA LYS B 591 -58.96 28.77 -26.76
C LYS B 591 -58.30 29.72 -27.74
N CYS B 592 -59.06 30.30 -28.66
CA CYS B 592 -58.49 31.01 -29.81
C CYS B 592 -58.53 32.52 -29.66
N ASP B 593 -58.29 33.03 -28.45
CA ASP B 593 -58.17 34.48 -28.29
C ASP B 593 -56.75 34.92 -28.04
N TYR B 594 -56.06 34.26 -27.10
CA TYR B 594 -54.60 34.36 -27.00
C TYR B 594 -54.10 33.03 -26.49
N PRO B 595 -54.06 32.02 -27.36
CA PRO B 595 -53.89 30.64 -26.89
C PRO B 595 -52.65 30.42 -26.05
N ALA B 596 -51.71 31.36 -26.04
CA ALA B 596 -50.55 31.23 -25.18
C ALA B 596 -50.74 31.87 -23.81
N ALA B 597 -51.97 32.22 -23.45
CA ALA B 597 -52.20 32.91 -22.19
C ALA B 597 -52.04 31.95 -21.01
N CYS B 598 -52.11 32.51 -19.80
CA CYS B 598 -52.08 31.66 -18.63
C CYS B 598 -53.50 31.17 -18.42
N ASN B 599 -54.45 32.10 -18.42
CA ASN B 599 -55.85 31.73 -18.25
C ASN B 599 -56.39 31.06 -19.50
N ALA B 600 -55.85 29.89 -19.83
CA ALA B 600 -56.27 29.18 -21.03
C ALA B 600 -56.86 27.82 -20.70
N MET B 601 -57.72 27.30 -21.56
CA MET B 601 -58.38 26.03 -21.27
C MET B 601 -57.67 24.85 -21.88
N GLU B 602 -56.52 24.50 -21.33
CA GLU B 602 -55.75 23.39 -21.85
C GLU B 602 -56.49 22.10 -21.64
N THR B 603 -57.82 22.16 -21.63
CA THR B 603 -58.64 20.97 -21.45
C THR B 603 -60.07 21.40 -21.75
N LEU B 604 -60.91 20.42 -22.04
CA LEU B 604 -62.32 20.70 -22.30
C LEU B 604 -63.11 19.45 -21.92
N LEU B 605 -64.02 19.60 -20.96
CA LEU B 605 -64.77 18.46 -20.46
C LEU B 605 -66.24 18.60 -20.83
N ILE B 606 -66.83 17.46 -21.20
CA ILE B 606 -68.16 17.43 -21.79
C ILE B 606 -68.98 16.35 -21.10
N HIS B 607 -70.27 16.61 -20.94
CA HIS B 607 -71.18 15.62 -20.40
C HIS B 607 -71.13 14.36 -21.25
N GLU B 608 -71.41 13.20 -20.64
CA GLU B 608 -71.39 11.96 -21.39
C GLU B 608 -72.52 11.91 -22.41
N ASP B 609 -73.67 12.48 -22.05
CA ASP B 609 -74.83 12.44 -22.94
C ASP B 609 -74.53 13.09 -24.28
N LEU B 610 -73.86 14.24 -24.26
CA LEU B 610 -73.74 15.04 -25.47
C LEU B 610 -72.78 14.46 -26.48
N MET B 611 -72.18 13.30 -26.20
CA MET B 611 -71.50 12.57 -27.25
C MET B 611 -72.47 12.15 -28.34
N SER B 612 -73.75 12.02 -28.01
CA SER B 612 -74.76 11.61 -28.97
C SER B 612 -75.06 12.69 -30.01
N GLY B 613 -75.09 13.96 -29.62
CA GLY B 613 -75.46 15.01 -30.54
C GLY B 613 -74.35 15.40 -31.48
N ALA B 614 -73.27 14.62 -31.47
CA ALA B 614 -72.09 14.84 -32.32
C ALA B 614 -71.46 16.20 -32.12
N ILE B 615 -71.85 16.92 -31.07
CA ILE B 615 -71.24 18.21 -30.79
C ILE B 615 -69.75 18.04 -30.59
N PHE B 616 -69.34 16.90 -30.04
CA PHE B 616 -67.93 16.56 -30.01
C PHE B 616 -67.32 16.68 -31.40
N GLY B 617 -67.98 16.08 -32.39
CA GLY B 617 -67.51 16.22 -33.75
C GLY B 617 -67.48 17.68 -34.18
N ASP B 618 -68.53 18.43 -33.84
CA ASP B 618 -68.61 19.82 -34.25
C ASP B 618 -67.43 20.61 -33.72
N VAL B 619 -67.05 20.38 -32.47
CA VAL B 619 -65.97 21.15 -31.88
C VAL B 619 -64.64 20.67 -32.39
N CYS B 620 -64.51 19.38 -32.71
CA CYS B 620 -63.31 18.94 -33.41
C CYS B 620 -63.18 19.67 -34.74
N ASN B 621 -64.29 19.79 -35.47
CA ASN B 621 -64.28 20.55 -36.71
C ASN B 621 -63.83 21.97 -36.44
N MET B 622 -64.36 22.59 -35.40
CA MET B 622 -64.01 23.98 -35.12
C MET B 622 -62.53 24.13 -34.81
N LEU B 623 -62.01 23.26 -33.94
CA LEU B 623 -60.59 23.31 -33.61
C LEU B 623 -59.73 23.13 -34.85
N LYS B 624 -60.10 22.18 -35.70
CA LYS B 624 -59.46 22.08 -37.01
C LYS B 624 -59.54 23.40 -37.76
N ARG B 625 -60.71 24.02 -37.76
CA ARG B 625 -60.86 25.31 -38.42
C ARG B 625 -59.79 26.22 -37.91
N GLU B 626 -59.53 26.17 -36.63
CA GLU B 626 -58.53 27.02 -36.00
C GLU B 626 -57.18 26.35 -35.92
N GLY B 627 -57.06 25.11 -36.40
CA GLY B 627 -55.79 24.42 -36.37
C GLY B 627 -55.33 24.15 -34.96
N VAL B 628 -56.05 23.29 -34.25
CA VAL B 628 -55.73 22.97 -32.87
C VAL B 628 -55.43 21.48 -32.77
N LYS B 629 -54.21 21.15 -32.38
CA LYS B 629 -53.80 19.76 -32.22
C LYS B 629 -54.48 19.22 -30.97
N ILE B 630 -55.49 18.40 -31.16
CA ILE B 630 -56.27 17.90 -30.04
C ILE B 630 -55.81 16.49 -29.71
N TYR B 631 -55.77 16.18 -28.42
CA TYR B 631 -55.57 14.82 -27.95
C TYR B 631 -56.90 14.27 -27.48
N ALA B 632 -56.88 13.10 -26.85
CA ALA B 632 -58.11 12.47 -26.39
C ALA B 632 -57.92 11.93 -24.98
N GLY B 633 -59.04 11.85 -24.26
CA GLY B 633 -59.04 11.32 -22.93
C GLY B 633 -59.13 9.81 -22.95
N PRO B 634 -58.60 9.16 -21.92
CA PRO B 634 -58.70 7.70 -21.83
C PRO B 634 -60.11 7.18 -22.07
N ARG B 635 -61.11 7.77 -21.42
CA ARG B 635 -62.49 7.41 -21.72
C ARG B 635 -62.81 7.70 -23.18
N LEU B 636 -62.42 8.87 -23.68
CA LEU B 636 -62.61 9.15 -25.09
C LEU B 636 -61.82 8.19 -25.95
N ASN B 637 -60.62 7.81 -25.53
CA ASN B 637 -59.86 6.80 -26.24
C ASN B 637 -60.68 5.55 -26.42
N GLN B 638 -61.26 5.05 -25.34
CA GLN B 638 -62.20 3.95 -25.43
C GLN B 638 -63.35 4.24 -26.38
N GLN B 639 -63.78 5.50 -26.45
CA GLN B 639 -65.06 5.80 -27.09
C GLN B 639 -65.08 5.44 -28.56
N LEU B 640 -64.22 6.07 -29.35
CA LEU B 640 -64.34 5.99 -30.80
C LEU B 640 -63.41 4.92 -31.39
N THR B 641 -63.33 4.89 -32.73
CA THR B 641 -62.57 3.85 -33.42
C THR B 641 -61.06 4.04 -33.23
N PHE B 642 -60.49 5.08 -33.84
CA PHE B 642 -59.16 5.53 -33.49
C PHE B 642 -59.11 7.00 -33.15
N GLY B 643 -59.90 7.82 -33.84
CA GLY B 643 -60.05 9.23 -33.50
C GLY B 643 -58.73 9.96 -33.37
N PRO B 644 -58.74 11.07 -32.64
CA PRO B 644 -57.51 11.79 -32.37
C PRO B 644 -56.61 10.97 -31.47
N PRO B 645 -55.31 11.27 -31.45
CA PRO B 645 -54.38 10.46 -30.67
C PRO B 645 -54.62 10.62 -29.18
N ALA B 646 -54.10 9.66 -28.42
CA ALA B 646 -54.29 9.65 -26.98
C ALA B 646 -53.51 10.78 -26.33
N ALA B 647 -54.11 11.40 -25.31
CA ALA B 647 -53.40 12.41 -24.55
C ALA B 647 -52.23 11.78 -23.81
N LYS B 648 -51.10 12.48 -23.80
CA LYS B 648 -49.93 12.01 -23.08
C LYS B 648 -50.21 11.93 -21.58
N SER B 649 -50.46 13.09 -20.96
CA SER B 649 -50.72 13.17 -19.53
C SER B 649 -51.74 14.25 -19.27
N LEU B 650 -52.67 13.98 -18.35
CA LEU B 650 -53.75 14.92 -18.10
C LEU B 650 -53.27 16.19 -17.43
N LYS B 651 -52.17 16.14 -16.67
CA LYS B 651 -51.62 17.31 -16.01
C LYS B 651 -50.50 17.94 -16.82
N HIS B 652 -50.59 17.84 -18.14
CA HIS B 652 -49.61 18.47 -19.01
C HIS B 652 -50.10 19.87 -19.39
N GLU B 653 -49.20 20.62 -20.04
CA GLU B 653 -49.44 21.99 -20.44
C GLU B 653 -49.04 22.14 -21.89
N TYR B 654 -49.80 22.93 -22.65
CA TYR B 654 -49.58 23.07 -24.08
C TYR B 654 -49.09 24.46 -24.45
N GLY B 655 -49.84 25.48 -24.08
CA GLY B 655 -49.47 26.83 -24.50
C GLY B 655 -49.76 27.12 -25.95
N ALA B 656 -49.41 26.20 -26.84
CA ALA B 656 -49.72 26.35 -28.26
C ALA B 656 -51.11 25.79 -28.54
N LEU B 657 -51.44 25.64 -29.82
CA LEU B 657 -52.80 25.28 -30.23
C LEU B 657 -53.03 23.80 -29.96
N GLU B 658 -53.16 23.47 -28.68
CA GLU B 658 -53.46 22.11 -28.26
C GLU B 658 -54.47 22.15 -27.12
N CYS B 659 -55.34 21.16 -27.09
CA CYS B 659 -56.37 21.11 -26.06
C CYS B 659 -56.83 19.67 -25.91
N CYS B 660 -56.43 19.02 -24.81
CA CYS B 660 -57.01 17.73 -24.50
C CYS B 660 -58.52 17.86 -24.36
N ILE B 661 -59.22 16.79 -24.72
CA ILE B 661 -60.66 16.75 -24.60
C ILE B 661 -61.03 15.41 -24.00
N GLU B 662 -61.93 15.40 -23.04
CA GLU B 662 -62.37 14.20 -22.36
C GLU B 662 -63.83 14.37 -21.94
N VAL B 663 -64.52 13.24 -21.82
CA VAL B 663 -65.92 13.26 -21.42
C VAL B 663 -66.15 12.33 -20.26
N VAL B 664 -66.99 12.74 -19.32
CA VAL B 664 -67.27 11.96 -18.12
C VAL B 664 -68.78 11.84 -17.95
N PRO B 665 -69.27 10.91 -17.12
CA PRO B 665 -70.72 10.71 -17.04
C PRO B 665 -71.48 11.88 -16.45
N SER B 666 -71.11 12.27 -15.24
CA SER B 666 -71.95 13.10 -14.39
C SER B 666 -71.24 14.37 -13.99
N LEU B 667 -72.05 15.32 -13.51
CA LEU B 667 -71.53 16.52 -12.87
C LEU B 667 -70.44 16.16 -11.89
N ASP B 668 -70.81 15.35 -10.89
CA ASP B 668 -69.92 15.08 -9.78
C ASP B 668 -68.63 14.44 -10.25
N GLU B 669 -68.71 13.57 -11.24
CA GLU B 669 -67.48 13.00 -11.78
C GLU B 669 -66.59 14.09 -12.33
N ALA B 670 -67.16 15.02 -13.08
CA ALA B 670 -66.38 16.14 -13.57
C ALA B 670 -65.74 16.89 -12.41
N ILE B 671 -66.52 17.14 -11.37
CA ILE B 671 -65.99 17.86 -10.22
C ILE B 671 -64.77 17.15 -9.68
N ASN B 672 -64.87 15.85 -9.52
CA ASN B 672 -63.78 15.08 -8.94
C ASN B 672 -62.56 15.13 -9.84
N HIS B 673 -62.77 15.00 -11.14
CA HIS B 673 -61.64 15.08 -12.06
C HIS B 673 -60.97 16.45 -11.94
N ILE B 674 -61.78 17.50 -11.86
CA ILE B 674 -61.23 18.82 -11.68
C ILE B 674 -60.33 18.85 -10.46
N HIS B 675 -60.92 18.57 -9.30
CA HIS B 675 -60.16 18.61 -8.06
C HIS B 675 -58.92 17.74 -8.14
N THR B 676 -58.97 16.68 -8.94
CA THR B 676 -57.85 15.78 -9.05
C THR B 676 -56.73 16.40 -9.88
N TYR B 677 -57.09 17.09 -10.95
CA TYR B 677 -56.10 17.59 -11.88
C TYR B 677 -56.05 19.11 -11.93
N GLY B 678 -57.21 19.76 -11.81
CA GLY B 678 -57.24 21.20 -11.87
C GLY B 678 -56.35 21.84 -10.82
N SER B 679 -55.65 22.89 -11.22
CA SER B 679 -54.83 23.66 -10.31
C SER B 679 -55.65 24.65 -9.51
N SER B 680 -56.97 24.46 -9.47
CA SER B 680 -57.88 25.37 -8.76
C SER B 680 -57.74 26.79 -9.28
N HIS B 681 -57.23 26.92 -10.50
CA HIS B 681 -56.99 28.24 -11.07
C HIS B 681 -58.27 28.90 -11.53
N THR B 682 -58.95 28.29 -12.50
CA THR B 682 -60.04 28.96 -13.19
C THR B 682 -60.90 27.90 -13.86
N ASP B 683 -62.21 28.12 -13.90
CA ASP B 683 -63.11 27.24 -14.60
C ASP B 683 -64.43 27.94 -14.90
N VAL B 684 -65.20 27.35 -15.81
CA VAL B 684 -66.51 27.86 -16.16
C VAL B 684 -67.43 26.68 -16.46
N ILE B 685 -68.72 26.91 -16.28
CA ILE B 685 -69.73 25.93 -16.62
C ILE B 685 -70.64 26.55 -17.66
N VAL B 686 -71.15 25.72 -18.57
CA VAL B 686 -72.16 26.15 -19.51
C VAL B 686 -73.32 25.17 -19.43
N THR B 687 -74.51 25.72 -19.19
CA THR B 687 -75.71 24.91 -18.96
C THR B 687 -76.89 25.87 -18.89
N GLU B 688 -78.07 25.30 -18.63
CA GLU B 688 -79.27 26.09 -18.44
C GLU B 688 -79.99 25.74 -17.14
N ASN B 689 -79.48 24.77 -16.39
CA ASN B 689 -80.02 24.43 -15.08
C ASN B 689 -79.24 25.18 -14.02
N ASP B 690 -79.99 25.86 -13.17
CA ASP B 690 -79.39 26.61 -12.09
C ASP B 690 -79.24 25.75 -10.88
N ALA B 691 -79.92 24.63 -10.85
CA ALA B 691 -79.74 23.72 -9.75
C ALA B 691 -78.34 23.22 -9.87
N ALA B 692 -78.04 22.67 -11.03
CA ALA B 692 -76.70 22.18 -11.27
C ALA B 692 -75.76 23.35 -11.21
N ALA B 693 -76.29 24.52 -11.53
CA ALA B 693 -75.43 25.68 -11.56
C ALA B 693 -74.88 25.88 -10.19
N ARG B 694 -75.75 25.96 -9.20
CA ARG B 694 -75.32 26.20 -7.85
C ARG B 694 -74.50 25.03 -7.40
N GLN B 695 -74.89 23.84 -7.82
CA GLN B 695 -74.12 22.68 -7.46
C GLN B 695 -72.68 23.00 -7.76
N PHE B 696 -72.37 23.24 -9.02
CA PHE B 696 -71.01 23.56 -9.42
C PHE B 696 -70.45 24.68 -8.60
N LEU B 697 -71.12 25.81 -8.65
CA LEU B 697 -70.64 26.97 -7.93
C LEU B 697 -70.06 26.59 -6.60
N GLY B 698 -70.81 25.87 -5.81
CA GLY B 698 -70.32 25.56 -4.49
C GLY B 698 -69.22 24.56 -4.58
N SER B 699 -69.58 23.37 -5.02
CA SER B 699 -68.59 22.30 -5.09
C SER B 699 -67.25 22.74 -5.57
N VAL B 700 -67.23 23.67 -6.51
CA VAL B 700 -65.93 23.99 -7.07
C VAL B 700 -65.07 24.67 -6.01
N ASP B 701 -63.76 24.62 -6.20
CA ASP B 701 -62.80 25.24 -5.29
C ASP B 701 -61.73 25.99 -6.06
N SER B 702 -61.99 26.27 -7.34
CA SER B 702 -61.04 27.05 -8.11
C SER B 702 -60.85 28.41 -7.49
N ALA B 703 -59.77 29.08 -7.87
CA ALA B 703 -59.63 30.48 -7.50
C ALA B 703 -60.79 31.31 -8.01
N CYS B 704 -61.30 30.97 -9.19
CA CYS B 704 -62.39 31.73 -9.77
C CYS B 704 -63.19 30.85 -10.73
N VAL B 705 -64.51 30.98 -10.68
CA VAL B 705 -65.41 30.14 -11.46
C VAL B 705 -66.45 31.02 -12.12
N PHE B 706 -66.87 30.64 -13.31
CA PHE B 706 -67.81 31.44 -14.06
C PHE B 706 -68.98 30.59 -14.53
N HIS B 707 -69.93 31.25 -15.18
CA HIS B 707 -71.13 30.58 -15.65
C HIS B 707 -71.55 31.25 -16.95
N ASN B 708 -71.18 30.63 -18.07
CA ASN B 708 -71.43 31.07 -19.44
C ASN B 708 -70.51 32.18 -19.89
N ALA B 709 -69.45 32.49 -19.15
CA ALA B 709 -68.49 33.50 -19.58
C ALA B 709 -67.24 32.83 -20.14
N SER B 710 -66.22 33.63 -20.40
CA SER B 710 -65.00 33.12 -21.01
C SER B 710 -63.85 33.14 -20.01
N SER B 711 -62.99 32.14 -20.10
CA SER B 711 -61.81 32.12 -19.23
C SER B 711 -60.99 33.39 -19.44
N ARG B 712 -61.05 33.96 -20.64
CA ARG B 712 -60.24 35.14 -20.93
C ARG B 712 -60.75 36.36 -20.18
N PHE B 713 -61.75 36.18 -19.31
CA PHE B 713 -62.21 37.28 -18.49
C PHE B 713 -61.31 37.57 -17.31
N ALA B 714 -60.45 36.63 -16.93
CA ALA B 714 -59.60 36.78 -15.74
C ALA B 714 -58.49 37.78 -16.04
N ASP B 715 -58.83 39.05 -15.88
CA ASP B 715 -57.91 40.14 -16.20
C ASP B 715 -57.85 41.20 -15.13
N GLY B 716 -58.73 41.16 -14.13
CA GLY B 716 -58.66 42.13 -13.05
C GLY B 716 -59.13 43.49 -13.51
N PHE B 717 -58.36 44.10 -14.41
CA PHE B 717 -58.85 45.29 -15.10
C PHE B 717 -60.24 45.05 -15.64
N ARG B 718 -60.45 43.89 -16.26
CA ARG B 718 -61.79 43.54 -16.72
C ARG B 718 -62.80 43.56 -15.59
N PHE B 719 -62.35 43.29 -14.37
CA PHE B 719 -63.25 43.27 -13.22
C PHE B 719 -63.53 44.65 -12.69
N GLY B 720 -62.99 45.70 -13.31
CA GLY B 720 -63.01 47.00 -12.70
C GLY B 720 -62.26 46.97 -11.39
N LEU B 721 -61.22 46.14 -11.34
CA LEU B 721 -60.40 45.95 -10.15
C LEU B 721 -59.14 46.79 -10.25
N GLY B 722 -59.24 47.94 -10.89
CA GLY B 722 -58.05 48.75 -11.11
C GLY B 722 -57.07 47.98 -11.95
N ALA B 723 -55.81 48.37 -11.89
CA ALA B 723 -54.76 47.71 -12.64
C ALA B 723 -54.30 46.51 -11.83
N GLU B 724 -54.38 45.33 -12.43
CA GLU B 724 -53.92 44.13 -11.76
C GLU B 724 -52.43 44.20 -11.50
N VAL B 725 -51.97 43.38 -10.57
CA VAL B 725 -50.54 43.18 -10.35
C VAL B 725 -50.11 41.75 -10.58
N GLY B 726 -50.98 40.79 -10.34
CA GLY B 726 -50.61 39.39 -10.55
C GLY B 726 -51.84 38.51 -10.48
N ILE B 727 -51.58 37.23 -10.64
CA ILE B 727 -52.60 36.20 -10.54
C ILE B 727 -52.12 35.22 -9.49
N SER B 728 -52.74 35.25 -8.32
CA SER B 728 -52.30 34.43 -7.21
C SER B 728 -53.18 33.20 -7.08
N THR B 729 -52.55 32.04 -6.93
CA THR B 729 -53.27 30.81 -6.65
C THR B 729 -52.99 30.26 -5.26
N ALA B 730 -52.12 30.89 -4.49
CA ALA B 730 -51.88 30.44 -3.13
C ALA B 730 -53.18 30.47 -2.34
N ARG B 731 -53.20 29.72 -1.24
CA ARG B 731 -54.42 29.52 -0.49
C ARG B 731 -54.62 30.56 0.60
N ILE B 732 -53.96 31.71 0.49
CA ILE B 732 -53.98 32.71 1.56
C ILE B 732 -53.98 34.10 0.96
N HIS B 733 -54.85 34.97 1.50
CA HIS B 733 -54.71 36.41 1.38
C HIS B 733 -55.00 36.94 -0.02
N ALA B 734 -55.11 36.05 -0.99
CA ALA B 734 -55.10 36.50 -2.37
C ALA B 734 -55.51 35.38 -3.31
N ARG B 735 -56.42 35.66 -4.22
CA ARG B 735 -56.86 34.66 -5.17
C ARG B 735 -56.96 35.27 -6.55
N GLY B 736 -56.15 34.76 -7.47
CA GLY B 736 -56.21 35.15 -8.85
C GLY B 736 -55.97 36.63 -9.04
N PRO B 737 -56.96 37.31 -9.60
CA PRO B 737 -56.80 38.74 -9.87
C PRO B 737 -56.59 39.49 -8.58
N VAL B 738 -55.36 39.93 -8.37
CA VAL B 738 -55.01 40.73 -7.20
C VAL B 738 -54.78 42.15 -7.65
N GLY B 739 -55.60 43.07 -7.16
CA GLY B 739 -55.44 44.46 -7.49
C GLY B 739 -54.40 45.09 -6.59
N VAL B 740 -54.71 46.24 -6.02
CA VAL B 740 -53.80 46.88 -5.08
C VAL B 740 -54.03 46.37 -3.67
N GLU B 741 -55.26 46.06 -3.30
CA GLU B 741 -55.60 45.66 -1.95
C GLU B 741 -54.92 44.37 -1.55
N GLY B 742 -54.46 43.59 -2.52
CA GLY B 742 -53.59 42.49 -2.18
C GLY B 742 -52.24 42.90 -1.70
N LEU B 743 -52.00 44.20 -1.58
CA LEU B 743 -50.76 44.73 -1.02
C LEU B 743 -51.01 45.59 0.19
N LEU B 744 -52.09 45.36 0.93
CA LEU B 744 -52.43 46.15 2.10
C LEU B 744 -52.75 45.20 3.24
N THR B 745 -51.99 45.29 4.31
CA THR B 745 -52.35 44.55 5.51
C THR B 745 -53.03 45.50 6.49
N THR B 746 -53.41 44.98 7.64
CA THR B 746 -54.10 45.77 8.65
C THR B 746 -53.23 45.93 9.87
N LYS B 747 -53.69 46.75 10.80
CA LYS B 747 -52.94 47.01 12.01
C LYS B 747 -53.93 47.46 13.07
N TRP B 748 -54.06 46.66 14.12
CA TRP B 748 -54.91 47.02 15.24
C TRP B 748 -54.34 48.25 15.94
N ILE B 749 -55.20 49.24 16.18
CA ILE B 749 -54.83 50.37 17.01
C ILE B 749 -55.90 50.52 18.09
N LEU B 750 -55.52 51.21 19.16
CA LEU B 750 -56.38 51.26 20.34
C LEU B 750 -56.01 52.48 21.14
N GLU B 751 -57.01 53.30 21.45
CA GLU B 751 -56.79 54.56 22.18
C GLU B 751 -57.63 54.53 23.45
N GLY B 752 -57.07 53.94 24.50
CA GLY B 752 -57.64 54.02 25.83
C GLY B 752 -57.18 55.27 26.53
N GLN B 753 -57.80 55.54 27.68
CA GLN B 753 -57.39 56.66 28.51
C GLN B 753 -56.57 56.20 29.71
N ASP B 754 -57.15 55.34 30.54
CA ASP B 754 -56.53 54.92 31.79
C ASP B 754 -56.71 53.43 32.00
N HIS B 755 -56.98 52.69 30.94
CA HIS B 755 -57.43 51.33 31.09
C HIS B 755 -56.24 50.40 31.33
N ALA B 756 -56.51 49.27 31.97
CA ALA B 756 -55.50 48.28 32.26
C ALA B 756 -56.17 46.90 32.21
N ALA B 757 -55.34 45.86 32.27
CA ALA B 757 -55.84 44.50 32.09
C ALA B 757 -56.68 44.05 33.28
N ALA B 758 -56.06 43.97 34.46
CA ALA B 758 -56.77 43.56 35.65
C ALA B 758 -57.88 44.54 36.03
N ASP B 759 -57.90 45.72 35.43
CA ASP B 759 -59.03 46.63 35.64
C ASP B 759 -60.33 46.03 35.14
N PHE B 760 -60.29 45.25 34.07
CA PHE B 760 -61.47 44.55 33.58
C PHE B 760 -61.70 43.25 34.31
N ALA B 761 -60.86 42.91 35.26
CA ALA B 761 -61.12 41.77 36.13
C ALA B 761 -62.17 42.20 37.16
N GLU B 762 -62.40 41.35 38.16
CA GLU B 762 -63.46 41.61 39.13
C GLU B 762 -63.19 42.87 39.96
N GLY B 763 -61.95 43.31 40.05
CA GLY B 763 -61.64 44.44 40.90
C GLY B 763 -62.17 45.75 40.35
N GLY B 764 -61.87 46.07 39.11
CA GLY B 764 -62.22 47.34 38.51
C GLY B 764 -63.54 47.25 37.79
N GLY B 765 -64.34 48.31 37.91
CA GLY B 765 -65.64 48.36 37.27
C GLY B 765 -65.52 48.58 35.79
N ARG B 766 -64.92 47.61 35.11
CA ARG B 766 -64.71 47.67 33.66
C ARG B 766 -65.35 46.45 33.02
N THR B 767 -66.35 46.67 32.20
CA THR B 767 -67.15 45.61 31.62
C THR B 767 -66.91 45.57 30.11
N TRP B 768 -67.66 44.74 29.42
CA TRP B 768 -67.46 44.53 28.01
C TRP B 768 -68.69 44.97 27.23
N LEU B 769 -68.46 45.70 26.15
CA LEU B 769 -69.52 46.14 25.26
C LEU B 769 -69.39 45.55 23.87
N HIS B 770 -68.23 45.69 23.24
CA HIS B 770 -68.01 45.22 21.87
C HIS B 770 -69.07 45.76 20.92
N GLU B 771 -69.53 46.98 21.19
CA GLU B 771 -70.55 47.62 20.37
C GLU B 771 -69.93 48.02 19.04
N THR B 772 -70.43 47.42 17.97
CA THR B 772 -69.87 47.70 16.65
C THR B 772 -70.22 49.13 16.28
N LEU B 773 -69.27 50.03 16.49
CA LEU B 773 -69.43 51.40 16.08
C LEU B 773 -69.52 51.44 14.56
N PRO B 774 -70.17 52.44 14.00
CA PRO B 774 -70.23 52.55 12.54
C PRO B 774 -68.84 52.78 11.97
N LEU B 775 -68.32 51.79 11.26
CA LEU B 775 -66.96 51.87 10.78
C LEU B 775 -66.85 52.94 9.70
N ASP B 776 -65.73 53.65 9.70
CA ASP B 776 -65.45 54.65 8.69
C ASP B 776 -64.81 53.99 7.48
N PRO C 45 36.16 5.56 21.70
CA PRO C 45 35.07 4.74 22.23
C PRO C 45 35.50 3.87 23.38
N THR C 46 34.91 2.68 23.47
CA THR C 46 35.30 1.68 24.47
C THR C 46 35.59 0.31 23.89
N PHE C 47 34.95 -0.08 22.80
CA PHE C 47 35.14 -1.41 22.25
C PHE C 47 36.46 -1.48 21.50
N THR C 48 37.11 -2.64 21.56
CA THR C 48 38.45 -2.79 21.01
C THR C 48 38.54 -3.89 19.96
N GLU C 49 37.99 -5.07 20.24
CA GLU C 49 38.11 -6.20 19.32
C GLU C 49 36.74 -6.66 18.86
N ARG C 50 36.73 -7.32 17.70
CA ARG C 50 35.50 -7.89 17.18
C ARG C 50 34.84 -8.84 18.18
N SER C 51 35.61 -9.38 19.12
CA SER C 51 35.00 -10.15 20.21
C SER C 51 34.00 -9.31 20.99
N GLN C 52 34.29 -8.03 21.17
CA GLN C 52 33.42 -7.16 21.95
C GLN C 52 32.11 -6.87 21.24
N LEU C 53 31.94 -7.32 20.02
CA LEU C 53 30.80 -6.82 19.28
C LEU C 53 29.57 -7.57 19.54
N LYS C 54 29.52 -8.51 20.47
CA LYS C 54 28.23 -9.03 20.86
C LYS C 54 27.60 -8.18 21.94
N TYR C 55 28.13 -7.00 22.21
CA TYR C 55 27.81 -6.25 23.41
C TYR C 55 27.58 -4.77 23.13
N ALA C 56 27.18 -4.45 21.91
CA ALA C 56 26.78 -3.10 21.56
C ALA C 56 25.26 -3.02 21.57
N ARG C 57 24.71 -2.04 22.27
CA ARG C 57 23.27 -1.95 22.45
C ARG C 57 22.60 -1.00 21.47
N ARG C 58 23.36 -0.15 20.79
CA ARG C 58 22.77 0.83 19.88
C ARG C 58 23.55 0.77 18.57
N LEU C 59 22.85 0.53 17.48
CA LEU C 59 23.49 0.37 16.18
C LEU C 59 22.93 1.36 15.17
N VAL C 60 23.71 1.62 14.15
CA VAL C 60 23.27 2.46 13.04
C VAL C 60 23.78 1.88 11.73
N VAL C 61 22.86 1.60 10.82
CA VAL C 61 23.26 1.15 9.50
C VAL C 61 23.24 2.33 8.53
N LYS C 62 23.99 2.18 7.44
CA LYS C 62 23.89 3.14 6.36
C LYS C 62 24.18 2.38 5.06
N LEU C 63 23.12 1.95 4.40
CA LEU C 63 23.27 1.23 3.14
C LEU C 63 23.88 2.15 2.11
N GLY C 64 24.72 1.60 1.24
CA GLY C 64 25.36 2.40 0.23
C GLY C 64 24.52 2.52 -1.03
N SER C 65 24.79 3.58 -1.79
CA SER C 65 23.97 3.82 -2.96
C SER C 65 24.17 2.78 -4.05
N ALA C 66 25.12 1.86 -3.89
CA ALA C 66 25.42 0.86 -4.90
C ALA C 66 24.94 -0.53 -4.54
N VAL C 67 24.61 -0.78 -3.28
CA VAL C 67 24.22 -2.12 -2.88
C VAL C 67 22.75 -2.36 -3.17
N ILE C 68 21.98 -1.30 -3.40
CA ILE C 68 20.55 -1.47 -3.59
C ILE C 68 20.12 -1.28 -5.03
N THR C 69 20.70 -0.34 -5.75
CA THR C 69 20.35 -0.14 -7.14
C THR C 69 20.96 -1.27 -7.94
N ARG C 70 20.23 -1.73 -8.95
CA ARG C 70 20.82 -2.71 -9.83
C ARG C 70 21.91 -2.06 -10.67
N GLU C 71 22.51 -2.87 -11.54
CA GLU C 71 23.70 -2.42 -12.24
C GLU C 71 23.31 -1.56 -13.43
N ASP C 72 22.39 -0.64 -13.17
CA ASP C 72 21.97 0.38 -14.13
C ASP C 72 21.88 1.76 -13.49
N ASN C 73 21.76 1.84 -12.17
CA ASN C 73 21.15 2.98 -11.50
C ASN C 73 19.81 3.34 -12.11
N HIS C 74 19.16 2.37 -12.73
CA HIS C 74 17.93 2.57 -13.48
C HIS C 74 16.91 1.51 -13.07
N GLY C 75 16.75 1.34 -11.76
CA GLY C 75 15.85 0.35 -11.24
C GLY C 75 16.11 0.10 -9.78
N LEU C 76 16.22 -1.17 -9.39
CA LEU C 76 16.55 -1.49 -8.01
C LEU C 76 16.98 -2.95 -7.96
N ALA C 77 18.20 -3.20 -7.49
CA ALA C 77 18.58 -4.56 -7.16
C ALA C 77 17.93 -4.94 -5.84
N LEU C 78 17.05 -5.92 -5.87
CA LEU C 78 16.20 -6.12 -4.71
C LEU C 78 16.78 -7.11 -3.72
N GLY C 79 17.20 -8.28 -4.19
CA GLY C 79 17.65 -9.35 -3.31
C GLY C 79 18.57 -8.89 -2.21
N ARG C 80 19.55 -8.07 -2.57
CA ARG C 80 20.43 -7.50 -1.57
C ARG C 80 19.65 -6.71 -0.54
N LEU C 81 18.75 -5.85 -1.00
CA LEU C 81 17.97 -5.03 -0.10
C LEU C 81 17.15 -5.90 0.85
N ALA C 82 16.54 -6.95 0.33
CA ALA C 82 15.79 -7.87 1.17
C ALA C 82 16.68 -8.50 2.22
N SER C 83 17.83 -9.02 1.81
CA SER C 83 18.76 -9.57 2.79
C SER C 83 19.03 -8.56 3.88
N ILE C 84 19.24 -7.30 3.50
CA ILE C 84 19.57 -6.28 4.48
C ILE C 84 18.45 -6.09 5.46
N VAL C 85 17.23 -5.93 4.96
CA VAL C 85 16.12 -5.66 5.86
C VAL C 85 15.88 -6.85 6.78
N GLU C 86 16.13 -8.06 6.28
CA GLU C 86 15.93 -9.22 7.14
C GLU C 86 16.95 -9.25 8.26
N GLN C 87 18.22 -9.06 7.92
CA GLN C 87 19.24 -9.00 8.97
C GLN C 87 18.91 -7.91 9.97
N VAL C 88 18.47 -6.75 9.49
CA VAL C 88 18.22 -5.63 10.39
C VAL C 88 17.06 -5.94 11.33
N ALA C 89 15.96 -6.44 10.77
CA ALA C 89 14.84 -6.85 11.61
C ALA C 89 15.29 -7.88 12.63
N GLU C 90 16.21 -8.75 12.24
CA GLU C 90 16.72 -9.69 13.22
C GLU C 90 17.43 -9.00 14.36
N CYS C 91 18.49 -8.24 14.06
CA CYS C 91 19.24 -7.59 15.13
C CYS C 91 18.34 -6.71 15.99
N HIS C 92 17.28 -6.16 15.43
CA HIS C 92 16.38 -5.38 16.25
C HIS C 92 15.55 -6.27 17.16
N LEU C 93 14.94 -7.30 16.59
CA LEU C 93 14.20 -8.27 17.39
C LEU C 93 15.02 -8.86 18.50
N GLU C 94 16.33 -8.96 18.33
CA GLU C 94 17.20 -9.33 19.42
C GLU C 94 17.11 -8.38 20.59
N GLY C 95 16.88 -7.10 20.33
CA GLY C 95 16.84 -6.09 21.36
C GLY C 95 17.86 -4.99 21.18
N ARG C 96 18.71 -5.08 20.17
CA ARG C 96 19.61 -3.98 19.87
C ARG C 96 18.83 -2.87 19.18
N GLU C 97 19.45 -1.69 19.12
CA GLU C 97 18.76 -0.49 18.64
C GLU C 97 19.40 -0.05 17.35
N VAL C 98 18.59 0.05 16.30
CA VAL C 98 19.10 0.28 14.96
C VAL C 98 18.38 1.44 14.30
N MET C 99 19.11 2.23 13.53
CA MET C 99 18.52 3.33 12.78
C MET C 99 19.12 3.31 11.38
N MET C 100 18.41 2.69 10.44
CA MET C 100 18.90 2.63 9.08
C MET C 100 19.11 4.04 8.53
N VAL C 101 20.07 4.14 7.63
CA VAL C 101 20.24 5.34 6.80
C VAL C 101 20.34 4.84 5.37
N THR C 102 19.21 4.71 4.71
CA THR C 102 19.19 4.20 3.35
C THR C 102 19.55 5.31 2.38
N SER C 103 20.66 5.14 1.67
CA SER C 103 21.00 6.07 0.61
C SER C 103 20.25 5.67 -0.66
N GLY C 104 20.40 6.48 -1.71
CA GLY C 104 19.95 6.09 -3.03
C GLY C 104 18.46 5.84 -3.19
N ALA C 105 17.66 6.89 -3.06
CA ALA C 105 16.25 6.79 -3.43
C ALA C 105 16.02 7.10 -4.89
N VAL C 106 16.93 7.85 -5.51
CA VAL C 106 16.78 8.30 -6.89
C VAL C 106 16.38 7.16 -7.81
N ALA C 107 16.96 5.99 -7.61
CA ALA C 107 16.69 4.89 -8.51
C ALA C 107 15.23 4.49 -8.46
N PHE C 108 14.66 4.46 -7.25
CA PHE C 108 13.24 4.14 -7.12
C PHE C 108 12.41 5.04 -8.01
N GLY C 109 12.50 6.35 -7.81
CA GLY C 109 11.68 7.26 -8.59
C GLY C 109 11.98 7.19 -10.07
N LYS C 110 13.26 7.12 -10.42
CA LYS C 110 13.63 7.01 -11.82
C LYS C 110 12.91 5.86 -12.49
N GLN C 111 12.88 4.71 -11.82
CA GLN C 111 12.12 3.60 -12.37
C GLN C 111 10.63 3.88 -12.36
N LYS C 112 10.12 4.47 -11.28
CA LYS C 112 8.68 4.61 -11.15
C LYS C 112 8.09 5.48 -12.24
N LEU C 113 8.84 6.51 -12.67
CA LEU C 113 8.28 7.33 -13.75
C LEU C 113 8.45 6.62 -15.08
N ALA C 114 9.68 6.53 -15.57
CA ALA C 114 10.05 5.68 -16.70
C ALA C 114 9.24 5.97 -17.96
N GLN C 115 8.27 6.87 -17.87
CA GLN C 115 7.42 7.19 -19.01
C GLN C 115 7.48 8.68 -19.28
N GLU C 116 7.35 9.47 -18.23
CA GLU C 116 7.40 10.91 -18.39
C GLU C 116 8.82 11.40 -18.61
N LEU C 117 9.81 10.81 -17.95
CA LEU C 117 11.19 11.06 -18.34
C LEU C 117 11.41 10.73 -19.80
N LEU C 118 10.79 9.65 -20.26
CA LEU C 118 10.86 9.27 -21.67
C LEU C 118 10.30 10.37 -22.56
N MET C 119 9.04 10.75 -22.32
CA MET C 119 8.39 11.73 -23.20
C MET C 119 8.94 13.14 -23.02
N SER C 120 9.73 13.38 -21.97
CA SER C 120 10.35 14.68 -21.79
C SER C 120 11.75 14.76 -22.36
N LEU C 121 12.50 13.67 -22.36
CA LEU C 121 13.83 13.70 -22.97
C LEU C 121 13.78 13.85 -24.48
N SER C 122 12.60 13.77 -25.09
CA SER C 122 12.43 14.08 -26.50
C SER C 122 11.92 15.49 -26.75
N MET C 123 11.27 16.09 -25.76
CA MET C 123 10.78 17.47 -25.88
C MET C 123 11.50 18.44 -24.96
N ARG C 124 12.39 17.96 -24.10
CA ARG C 124 13.12 18.82 -23.20
C ARG C 124 14.58 18.36 -23.11
N PRO C 142 16.15 15.79 -11.90
CA PRO C 142 16.62 14.56 -11.25
C PRO C 142 16.11 14.44 -9.83
N ARG C 143 16.24 15.55 -9.09
CA ARG C 143 15.84 15.60 -7.69
C ARG C 143 14.38 15.21 -7.50
N ALA C 144 13.50 15.66 -8.40
CA ALA C 144 12.07 15.38 -8.26
C ALA C 144 11.81 13.87 -8.28
N ALA C 145 12.47 13.17 -9.20
CA ALA C 145 12.39 11.72 -9.21
C ALA C 145 12.80 11.15 -7.87
N ALA C 146 13.79 11.76 -7.23
CA ALA C 146 14.19 11.26 -5.92
C ALA C 146 13.10 11.53 -4.88
N ALA C 147 12.37 12.63 -5.01
CA ALA C 147 11.29 12.89 -4.05
C ALA C 147 10.18 11.85 -4.17
N VAL C 148 9.73 11.63 -5.40
CA VAL C 148 8.67 10.64 -5.59
C VAL C 148 9.16 9.25 -5.18
N GLY C 149 10.42 8.94 -5.50
CA GLY C 149 10.98 7.68 -5.07
C GLY C 149 11.06 7.59 -3.56
N GLN C 150 11.36 8.70 -2.90
CA GLN C 150 11.35 8.72 -1.45
C GLN C 150 10.02 8.21 -0.93
N SER C 151 8.93 8.78 -1.45
CA SER C 151 7.61 8.31 -1.04
C SER C 151 7.49 6.81 -1.25
N GLY C 152 7.68 6.36 -2.49
CA GLY C 152 7.42 4.96 -2.79
C GLY C 152 8.28 4.02 -1.98
N LEU C 153 9.59 4.27 -1.96
CA LEU C 153 10.53 3.51 -1.16
C LEU C 153 10.08 3.41 0.28
N MET C 154 9.61 4.52 0.83
CA MET C 154 9.10 4.46 2.19
C MET C 154 8.00 3.43 2.30
N SER C 155 7.06 3.46 1.38
CA SER C 155 5.98 2.53 1.49
C SER C 155 6.53 1.14 1.48
N LEU C 156 7.44 0.88 0.56
CA LEU C 156 7.95 -0.47 0.40
C LEU C 156 8.61 -0.97 1.68
N TYR C 157 9.44 -0.13 2.28
CA TYR C 157 10.02 -0.49 3.56
C TYR C 157 8.94 -0.80 4.58
N ASP C 158 7.87 0.00 4.57
CA ASP C 158 6.79 -0.24 5.52
C ASP C 158 6.25 -1.64 5.36
N ALA C 159 5.88 -1.99 4.13
CA ALA C 159 5.36 -3.33 3.89
C ALA C 159 6.32 -4.39 4.39
N MET C 160 7.56 -4.33 3.92
CA MET C 160 8.50 -5.38 4.27
C MET C 160 8.74 -5.48 5.76
N PHE C 161 9.09 -4.39 6.42
CA PHE C 161 9.34 -4.42 7.86
C PHE C 161 8.13 -4.92 8.62
N ALA C 162 6.97 -4.32 8.37
CA ALA C 162 5.76 -4.80 9.01
C ALA C 162 5.56 -6.27 8.80
N GLN C 163 6.14 -6.84 7.74
CA GLN C 163 5.99 -8.29 7.68
C GLN C 163 6.78 -9.01 8.75
N TYR C 164 7.70 -8.34 9.44
CA TYR C 164 8.22 -8.86 10.68
C TYR C 164 7.51 -8.29 11.89
N GLY C 165 6.47 -7.49 11.68
CA GLY C 165 5.75 -6.87 12.76
C GLY C 165 6.34 -5.55 13.22
N VAL C 166 7.61 -5.29 12.92
CA VAL C 166 8.20 -4.03 13.29
C VAL C 166 7.57 -2.89 12.49
N LYS C 167 7.48 -1.73 13.12
CA LYS C 167 6.98 -0.53 12.46
C LYS C 167 8.14 0.45 12.30
N ILE C 168 8.01 1.33 11.30
CA ILE C 168 9.04 2.29 10.99
C ILE C 168 8.39 3.64 10.78
N ALA C 169 9.24 4.66 10.60
CA ALA C 169 8.75 6.02 10.46
C ALA C 169 9.83 6.84 9.76
N GLN C 170 9.48 7.36 8.59
CA GLN C 170 10.43 8.14 7.82
C GLN C 170 10.92 9.33 8.63
N VAL C 171 12.19 9.66 8.49
CA VAL C 171 12.77 10.86 9.05
C VAL C 171 13.72 11.47 8.04
N LEU C 172 13.60 12.78 7.82
CA LEU C 172 14.41 13.48 6.84
C LEU C 172 15.30 14.49 7.57
N VAL C 173 16.56 14.58 7.16
CA VAL C 173 17.50 15.53 7.72
C VAL C 173 18.40 16.04 6.60
N THR C 174 19.26 17.01 6.94
CA THR C 174 20.35 17.44 6.08
C THR C 174 21.54 17.82 6.93
N LYS C 175 22.70 17.89 6.29
CA LYS C 175 23.91 18.31 6.99
C LYS C 175 23.76 19.62 7.74
N PRO C 176 23.20 20.69 7.16
CA PRO C 176 23.00 21.91 7.96
C PRO C 176 22.17 21.67 9.20
N ASP C 177 21.26 20.69 9.18
CA ASP C 177 20.42 20.44 10.33
C ASP C 177 21.21 19.97 11.54
N PHE C 178 22.44 19.53 11.34
CA PHE C 178 23.29 19.13 12.45
C PHE C 178 24.08 20.29 13.00
N TYR C 179 24.17 21.39 12.26
CA TYR C 179 25.07 22.48 12.59
C TYR C 179 24.47 23.45 13.58
N ASN C 180 23.27 23.97 13.32
CA ASN C 180 22.58 24.74 14.32
C ASN C 180 22.24 23.84 15.51
N GLU C 181 22.20 24.44 16.69
CA GLU C 181 22.07 23.62 17.89
C GLU C 181 20.61 23.42 18.29
N GLU C 182 19.76 24.41 18.05
CA GLU C 182 18.34 24.23 18.35
C GLU C 182 17.77 23.06 17.56
N THR C 183 18.12 22.97 16.28
CA THR C 183 17.69 21.83 15.50
C THR C 183 18.36 20.55 15.98
N ARG C 184 19.59 20.65 16.48
CA ARG C 184 20.19 19.47 17.10
C ARG C 184 19.31 18.97 18.23
N ASN C 185 18.89 19.87 19.12
CA ASN C 185 17.96 19.51 20.18
C ASN C 185 16.70 18.88 19.60
N ASN C 186 16.11 19.55 18.61
CA ASN C 186 14.84 19.10 18.06
C ASN C 186 14.95 17.68 17.53
N LEU C 187 15.89 17.47 16.61
CA LEU C 187 16.06 16.17 15.97
C LEU C 187 16.41 15.11 16.99
N PHE C 188 17.28 15.42 17.96
CA PHE C 188 17.60 14.40 18.95
C PHE C 188 16.38 14.03 19.76
N CYS C 189 15.55 15.03 20.09
CA CYS C 189 14.31 14.73 20.80
C CYS C 189 13.43 13.81 19.97
N THR C 190 13.32 14.11 18.68
CA THR C 190 12.53 13.26 17.80
C THR C 190 13.05 11.84 17.79
N LEU C 191 14.38 11.68 17.77
CA LEU C 191 14.97 10.35 17.69
C LEU C 191 14.77 9.60 19.00
N SER C 192 14.97 10.27 20.12
CA SER C 192 14.80 9.61 21.40
C SER C 192 13.36 9.17 21.60
N GLU C 193 12.42 10.08 21.35
CA GLU C 193 11.02 9.73 21.42
C GLU C 193 10.71 8.53 20.53
N LEU C 194 11.32 8.48 19.35
CA LEU C 194 11.08 7.34 18.47
C LEU C 194 11.62 6.05 19.07
N ILE C 195 12.93 6.00 19.31
CA ILE C 195 13.58 4.78 19.75
C ILE C 195 12.90 4.26 21.01
N SER C 196 12.45 5.16 21.87
CA SER C 196 11.71 4.73 23.04
C SER C 196 10.47 3.95 22.71
N LEU C 197 10.01 3.98 21.46
CA LEU C 197 8.74 3.38 21.09
C LEU C 197 8.89 2.18 20.18
N ASN C 198 10.09 1.59 20.10
CA ASN C 198 10.31 0.37 19.33
C ASN C 198 10.01 0.61 17.85
N ILE C 199 10.47 1.74 17.36
CA ILE C 199 10.28 2.10 15.97
C ILE C 199 11.65 2.29 15.34
N VAL C 200 11.78 1.85 14.10
CA VAL C 200 13.07 1.91 13.42
C VAL C 200 13.03 3.03 12.40
N PRO C 201 13.43 4.24 12.76
CA PRO C 201 13.33 5.35 11.83
C PRO C 201 14.31 5.20 10.70
N ILE C 202 13.83 5.48 9.50
CA ILE C 202 14.63 5.47 8.30
C ILE C 202 15.02 6.92 8.07
N ILE C 203 16.30 7.17 7.89
CA ILE C 203 16.85 8.53 7.94
C ILE C 203 17.37 8.85 6.55
N ASN C 204 16.56 9.51 5.75
CA ASN C 204 17.08 9.98 4.49
C ASN C 204 17.43 11.45 4.57
N THR C 205 18.06 11.96 3.54
CA THR C 205 18.37 13.37 3.52
C THR C 205 17.24 14.10 2.86
N ASN C 206 17.00 15.33 3.29
CA ASN C 206 15.95 16.12 2.67
C ASN C 206 16.37 16.54 1.28
N ASP C 207 16.38 15.60 0.35
CA ASP C 207 16.77 15.91 -1.01
C ASP C 207 16.24 17.26 -1.41
N ALA C 208 14.96 17.48 -1.15
CA ALA C 208 14.34 18.75 -1.52
C ALA C 208 15.35 19.86 -1.34
N VAL C 209 15.97 19.89 -0.18
CA VAL C 209 17.00 20.87 0.07
C VAL C 209 18.36 20.26 -0.18
N SER C 210 18.67 20.02 -1.45
CA SER C 210 19.96 19.43 -1.79
C SER C 210 20.37 19.81 -3.20
N PRO C 211 21.57 20.38 -3.34
CA PRO C 211 22.07 20.77 -4.67
C PRO C 211 21.76 19.73 -5.73
N ASP C 232 28.80 11.41 -0.84
CA ASP C 232 27.55 10.64 -0.86
C ASP C 232 27.06 10.35 0.55
N ASN C 233 26.43 11.35 1.16
CA ASN C 233 25.60 11.25 2.36
C ASN C 233 26.14 10.27 3.40
N ASP C 234 27.45 10.16 3.48
CA ASP C 234 28.13 9.27 4.41
C ASP C 234 28.60 10.00 5.65
N SER C 235 29.27 11.13 5.45
CA SER C 235 29.50 12.07 6.54
C SER C 235 28.24 12.25 7.35
N LEU C 236 27.09 12.27 6.68
CA LEU C 236 25.82 12.42 7.39
C LEU C 236 25.66 11.32 8.42
N SER C 237 25.74 10.07 7.98
CA SER C 237 25.59 8.96 8.89
C SER C 237 26.62 9.00 10.00
N ALA C 238 27.87 9.32 9.64
CA ALA C 238 28.92 9.37 10.63
C ALA C 238 28.56 10.34 11.74
N MET C 239 28.35 11.61 11.38
CA MET C 239 28.07 12.61 12.39
C MET C 239 26.73 12.37 13.06
N LEU C 240 25.85 11.63 12.39
CA LEU C 240 24.63 11.19 13.04
C LEU C 240 24.95 10.31 14.22
N ALA C 241 25.64 9.20 13.97
CA ALA C 241 26.09 8.36 15.06
C ALA C 241 26.78 9.20 16.11
N ALA C 242 27.54 10.20 15.67
CA ALA C 242 28.24 11.08 16.60
C ALA C 242 27.26 11.72 17.57
N GLU C 243 26.30 12.49 17.05
CA GLU C 243 25.33 13.14 17.92
C GLU C 243 24.60 12.13 18.78
N VAL C 244 24.25 10.99 18.21
CA VAL C 244 23.63 9.94 19.00
C VAL C 244 24.61 9.28 19.95
N GLN C 245 25.90 9.36 19.65
CA GLN C 245 26.92 8.61 20.38
C GLN C 245 26.51 7.13 20.43
N ALA C 246 26.46 6.54 19.24
CA ALA C 246 26.03 5.17 19.07
C ALA C 246 27.20 4.22 19.28
N ASP C 247 26.86 2.98 19.65
CA ASP C 247 27.88 1.98 19.95
C ASP C 247 28.74 1.71 18.73
N LEU C 248 28.14 1.16 17.68
CA LEU C 248 28.86 0.80 16.48
C LEU C 248 28.14 1.34 15.25
N LEU C 249 28.93 1.93 14.36
CA LEU C 249 28.39 2.35 13.07
C LEU C 249 28.78 1.26 12.07
N ILE C 250 27.78 0.57 11.55
CA ILE C 250 28.01 -0.26 10.38
C ILE C 250 27.92 0.63 9.16
N LEU C 251 28.80 0.41 8.20
CA LEU C 251 28.74 1.14 6.94
C LEU C 251 28.94 0.12 5.84
N MET C 252 27.84 -0.45 5.37
CA MET C 252 27.92 -1.35 4.23
C MET C 252 28.39 -0.59 3.01
N SER C 253 28.87 -1.34 2.02
CA SER C 253 29.28 -0.75 0.76
C SER C 253 29.49 -1.87 -0.25
N ASP C 254 30.05 -1.50 -1.40
CA ASP C 254 30.41 -2.43 -2.45
C ASP C 254 31.77 -3.08 -2.22
N VAL C 255 32.77 -2.29 -1.83
CA VAL C 255 34.11 -2.83 -1.65
C VAL C 255 34.14 -3.73 -0.41
N ASP C 256 34.95 -4.79 -0.48
CA ASP C 256 35.08 -5.74 0.62
C ASP C 256 35.76 -5.12 1.83
N GLY C 257 36.74 -4.25 1.61
CA GLY C 257 37.46 -3.64 2.70
C GLY C 257 38.59 -2.77 2.20
N ILE C 258 39.56 -2.48 3.05
CA ILE C 258 40.65 -1.58 2.70
C ILE C 258 41.90 -2.42 2.48
N TYR C 259 42.67 -2.07 1.47
CA TYR C 259 43.91 -2.77 1.22
C TYR C 259 45.09 -1.96 1.73
N ASN C 260 46.26 -2.57 1.67
CA ASN C 260 47.48 -1.83 1.92
C ASN C 260 47.72 -0.78 0.87
N LYS C 261 47.31 -1.03 -0.37
CA LYS C 261 47.65 -0.17 -1.49
C LYS C 261 46.59 -0.34 -2.56
N PRO C 262 46.64 0.47 -3.62
CA PRO C 262 45.77 0.25 -4.76
C PRO C 262 45.76 -1.20 -5.20
N PRO C 263 44.62 -1.70 -5.66
CA PRO C 263 44.53 -3.13 -5.98
C PRO C 263 45.38 -3.55 -7.16
N TRP C 264 45.67 -2.62 -8.08
CA TRP C 264 46.50 -2.92 -9.26
C TRP C 264 47.98 -2.87 -8.88
N GLU C 265 48.30 -3.59 -7.82
CA GLU C 265 49.58 -3.39 -7.16
C GLU C 265 49.87 -4.59 -6.27
N ASP C 266 51.11 -5.06 -6.35
CA ASP C 266 51.54 -6.20 -5.56
C ASP C 266 51.57 -5.80 -4.08
N GLY C 267 50.85 -6.54 -3.25
CA GLY C 267 50.81 -6.22 -1.84
C GLY C 267 49.53 -5.54 -1.43
N ALA C 268 48.42 -5.86 -2.11
CA ALA C 268 47.12 -5.31 -1.76
C ALA C 268 46.58 -6.00 -0.50
N LYS C 269 47.30 -5.80 0.59
CA LYS C 269 46.97 -6.43 1.86
C LYS C 269 45.67 -5.85 2.38
N LEU C 270 44.61 -6.64 2.35
CA LEU C 270 43.35 -6.18 2.89
C LEU C 270 43.47 -5.98 4.40
N MET C 271 43.54 -4.71 4.80
CA MET C 271 43.84 -4.37 6.19
C MET C 271 42.55 -4.49 7.00
N HIS C 272 42.32 -5.68 7.55
CA HIS C 272 41.09 -5.93 8.30
C HIS C 272 40.93 -4.93 9.43
N THR C 273 41.85 -4.94 10.38
CA THR C 273 41.80 -3.88 11.36
C THR C 273 42.43 -2.63 10.78
N TYR C 274 42.32 -1.53 11.53
CA TYR C 274 43.00 -0.30 11.16
C TYR C 274 43.45 0.40 12.42
N THR C 275 44.74 0.73 12.46
CA THR C 275 45.35 1.39 13.60
C THR C 275 44.70 2.72 13.91
N SER C 297 37.52 10.39 2.12
CA SER C 297 36.34 9.63 1.78
C SER C 297 35.81 8.86 2.96
N LYS C 298 35.40 7.62 2.69
CA LYS C 298 34.97 6.73 3.76
C LYS C 298 36.03 6.64 4.85
N VAL C 299 37.30 6.54 4.44
CA VAL C 299 38.39 6.47 5.40
C VAL C 299 38.39 7.70 6.29
N LYS C 300 38.25 8.86 5.71
CA LYS C 300 38.31 10.03 6.55
C LYS C 300 37.14 9.95 7.50
N ALA C 301 35.96 9.89 6.94
CA ALA C 301 34.79 9.92 7.81
C ALA C 301 34.92 8.90 8.93
N ALA C 302 35.56 7.77 8.66
CA ALA C 302 35.76 6.78 9.69
C ALA C 302 36.70 7.29 10.77
N THR C 303 37.78 7.92 10.36
CA THR C 303 38.65 8.50 11.35
C THR C 303 37.81 9.43 12.18
N TRP C 304 37.10 10.32 11.51
CA TRP C 304 36.28 11.30 12.20
C TRP C 304 35.42 10.66 13.27
N ALA C 305 34.58 9.71 12.86
CA ALA C 305 33.67 9.08 13.80
C ALA C 305 34.42 8.43 14.95
N LEU C 306 35.54 7.78 14.66
CA LEU C 306 36.39 7.26 15.72
C LEU C 306 36.78 8.38 16.67
N ASP C 307 37.17 9.52 16.11
CA ASP C 307 37.53 10.69 16.91
C ASP C 307 36.37 11.14 17.77
N ARG C 308 35.15 10.81 17.37
CA ARG C 308 33.96 11.08 18.18
C ARG C 308 33.71 9.96 19.17
N GLY C 309 34.70 9.10 19.40
CA GLY C 309 34.53 7.97 20.29
C GLY C 309 33.57 6.92 19.81
N VAL C 310 33.61 6.57 18.53
CA VAL C 310 32.60 5.72 17.92
C VAL C 310 33.30 4.61 17.14
N SER C 311 32.84 3.38 17.35
CA SER C 311 33.40 2.21 16.67
C SER C 311 32.77 2.12 15.28
N VAL C 312 33.62 2.09 14.25
CA VAL C 312 33.14 2.04 12.89
C VAL C 312 33.59 0.74 12.23
N VAL C 313 32.78 0.25 11.30
CA VAL C 313 33.10 -0.95 10.53
C VAL C 313 32.60 -0.74 9.13
N ILE C 314 33.34 -1.23 8.14
CA ILE C 314 32.95 -1.11 6.75
C ILE C 314 33.02 -2.49 6.13
N CYS C 315 31.86 -3.05 5.80
CA CYS C 315 31.75 -4.38 5.24
C CYS C 315 31.50 -4.31 3.74
N ASN C 316 31.24 -5.46 3.15
CA ASN C 316 30.83 -5.56 1.77
C ASN C 316 29.36 -5.93 1.72
N GLY C 317 28.59 -5.19 0.93
CA GLY C 317 27.16 -5.45 0.87
C GLY C 317 26.85 -6.83 0.34
N MET C 318 27.45 -7.19 -0.79
CA MET C 318 27.13 -8.44 -1.45
C MET C 318 27.43 -9.66 -0.59
N GLN C 319 28.14 -9.50 0.51
CA GLN C 319 28.44 -10.64 1.36
C GLN C 319 27.23 -10.96 2.23
N GLU C 320 26.84 -12.23 2.24
CA GLU C 320 25.65 -12.63 2.96
C GLU C 320 25.84 -12.48 4.47
N LYS C 321 24.72 -12.26 5.16
CA LYS C 321 24.66 -12.31 6.61
C LYS C 321 25.67 -11.35 7.24
N ALA C 322 26.09 -10.36 6.43
CA ALA C 322 27.20 -9.50 6.77
C ALA C 322 27.09 -8.97 8.19
N ILE C 323 25.90 -8.54 8.60
CA ILE C 323 25.72 -8.10 9.97
C ILE C 323 25.87 -9.26 10.92
N LYS C 324 24.98 -10.25 10.80
CA LYS C 324 25.08 -11.44 11.63
C LYS C 324 26.49 -12.00 11.60
N THR C 325 27.13 -11.95 10.45
CA THR C 325 28.55 -12.24 10.39
C THR C 325 29.35 -11.32 11.30
N ILE C 326 29.25 -10.01 11.07
CA ILE C 326 30.15 -9.11 11.75
C ILE C 326 29.80 -8.98 13.22
N ILE C 327 28.55 -9.19 13.59
CA ILE C 327 28.23 -9.09 15.01
C ILE C 327 28.88 -10.23 15.77
N GLY C 328 29.14 -11.36 15.10
CA GLY C 328 29.74 -12.49 15.79
C GLY C 328 31.18 -12.23 16.19
N GLY C 329 31.85 -11.34 15.48
CA GLY C 329 33.25 -11.08 15.75
C GLY C 329 34.10 -11.60 14.62
N ARG C 330 33.43 -12.13 13.60
CA ARG C 330 34.14 -12.73 12.49
C ARG C 330 34.95 -11.68 11.74
N LYS C 331 36.16 -12.09 11.32
CA LYS C 331 37.10 -11.19 10.66
C LYS C 331 36.64 -10.93 9.23
N VAL C 332 35.90 -9.84 9.07
CA VAL C 332 35.31 -9.49 7.78
C VAL C 332 35.24 -7.98 7.65
N GLY C 333 35.31 -7.50 6.41
CA GLY C 333 35.16 -6.09 6.17
C GLY C 333 36.40 -5.33 6.55
N THR C 334 36.23 -4.34 7.42
CA THR C 334 37.35 -3.57 7.93
C THR C 334 36.95 -2.97 9.27
N PHE C 335 37.75 -3.25 10.28
CA PHE C 335 37.46 -2.80 11.64
C PHE C 335 38.47 -1.71 11.99
N PHE C 336 38.06 -0.77 12.84
CA PHE C 336 38.84 0.43 13.08
C PHE C 336 38.96 0.69 14.57
N THR C 337 40.20 0.63 15.08
CA THR C 337 40.50 1.05 16.43
C THR C 337 42.01 1.17 16.57
N GLU C 338 42.49 2.23 17.23
CA GLU C 338 43.95 2.41 17.44
C GLU C 338 44.35 1.94 18.82
N ALA C 339 43.46 1.25 19.51
CA ALA C 339 43.70 0.71 20.86
C ALA C 339 45.14 0.20 20.95
N THR C 340 45.65 -0.51 19.93
CA THR C 340 47.05 -0.92 19.91
C THR C 340 47.52 -1.31 21.30
N GLU C 341 46.85 -2.31 21.89
CA GLU C 341 47.19 -2.71 23.25
C GLU C 341 48.57 -3.34 23.32
N SER C 342 48.79 -4.42 22.58
CA SER C 342 50.01 -5.21 22.73
C SER C 342 50.69 -5.36 21.39
N ALA C 343 51.97 -5.76 21.45
CA ALA C 343 52.71 -6.04 20.24
C ALA C 343 52.10 -7.21 19.47
N ASN C 344 51.59 -8.21 20.20
CA ASN C 344 50.99 -9.43 19.65
C ASN C 344 51.73 -9.89 18.39
N ALA C 345 53.01 -10.20 18.59
CA ALA C 345 54.12 -10.10 17.61
C ALA C 345 53.60 -10.38 16.21
N VAL C 346 52.82 -11.43 15.99
CA VAL C 346 52.33 -11.67 14.63
C VAL C 346 50.82 -11.58 14.61
N PRO C 347 50.20 -10.89 13.66
CA PRO C 347 48.77 -11.10 13.47
C PRO C 347 48.45 -12.53 13.11
N VAL C 348 48.81 -12.98 11.90
CA VAL C 348 48.89 -14.42 11.60
C VAL C 348 50.12 -14.75 10.76
N GLU C 349 50.60 -13.78 9.98
CA GLU C 349 51.32 -14.13 8.75
C GLU C 349 52.81 -13.86 8.79
N VAL C 350 53.22 -12.71 9.33
CA VAL C 350 54.65 -12.48 9.49
C VAL C 350 55.28 -13.65 10.24
N MET C 351 54.48 -14.34 11.05
CA MET C 351 54.79 -15.71 11.44
C MET C 351 55.24 -16.53 10.25
N ALA C 352 54.37 -16.65 9.25
CA ALA C 352 54.62 -17.55 8.14
C ALA C 352 55.88 -17.17 7.40
N GLU C 353 56.03 -15.89 7.06
CA GLU C 353 57.24 -15.48 6.35
C GLU C 353 58.46 -15.75 7.20
N ASN C 354 58.35 -15.50 8.49
CA ASN C 354 59.49 -15.72 9.32
C ASN C 354 59.85 -17.16 9.14
N ALA C 355 58.90 -18.04 9.39
CA ALA C 355 59.18 -19.46 9.33
C ALA C 355 59.87 -19.81 8.03
N ARG C 356 59.41 -19.23 6.93
CA ARG C 356 60.09 -19.45 5.66
C ARG C 356 61.55 -19.05 5.77
N THR C 357 61.81 -17.88 6.34
CA THR C 357 63.18 -17.44 6.53
C THR C 357 63.97 -18.43 7.36
N GLY C 358 63.39 -18.89 8.46
CA GLY C 358 64.09 -19.82 9.32
C GLY C 358 64.39 -21.12 8.62
N SER C 359 63.49 -21.58 7.77
CA SER C 359 63.75 -22.77 6.98
C SER C 359 64.94 -22.54 6.08
N ARG C 360 64.93 -21.43 5.34
CA ARG C 360 66.08 -21.07 4.54
C ARG C 360 67.34 -21.07 5.39
N GLN C 361 67.22 -20.62 6.63
CA GLN C 361 68.36 -20.57 7.53
C GLN C 361 68.90 -21.96 7.79
N MET C 362 68.10 -22.79 8.47
CA MET C 362 68.55 -24.12 8.86
C MET C 362 68.90 -24.95 7.66
N GLN C 363 68.52 -24.51 6.46
CA GLN C 363 68.93 -25.19 5.25
C GLN C 363 70.43 -25.39 5.18
N ALA C 364 71.22 -24.48 5.75
CA ALA C 364 72.67 -24.52 5.63
C ALA C 364 73.30 -25.06 6.91
N LEU C 365 72.57 -25.90 7.63
CA LEU C 365 73.07 -26.42 8.89
C LEU C 365 72.83 -27.92 9.03
N THR C 366 73.20 -28.71 8.04
CA THR C 366 73.00 -30.15 8.14
C THR C 366 73.98 -30.83 9.09
N PRO C 367 75.30 -30.63 8.98
CA PRO C 367 76.22 -31.60 9.57
C PRO C 367 76.20 -31.54 11.08
N ALA C 368 75.48 -32.47 11.70
CA ALA C 368 75.35 -32.60 13.14
C ALA C 368 74.75 -31.35 13.78
N GLN C 369 74.45 -30.33 12.99
CA GLN C 369 73.95 -29.08 13.52
C GLN C 369 72.56 -29.25 14.09
N ARG C 370 71.60 -29.60 13.23
CA ARG C 370 70.28 -29.95 13.72
C ARG C 370 70.35 -31.17 14.63
N ALA C 371 71.32 -32.05 14.39
CA ALA C 371 71.47 -33.22 15.26
C ALA C 371 71.83 -32.79 16.67
N SER C 372 72.93 -32.06 16.83
CA SER C 372 73.29 -31.55 18.13
C SER C 372 72.17 -30.69 18.72
N ALA C 373 71.43 -30.00 17.85
CA ALA C 373 70.36 -29.14 18.33
C ALA C 373 69.25 -29.96 18.98
N VAL C 374 68.85 -31.04 18.33
CA VAL C 374 67.79 -31.85 18.92
C VAL C 374 68.32 -32.63 20.11
N ASN C 375 69.62 -32.95 20.13
CA ASN C 375 70.22 -33.45 21.36
C ASN C 375 70.01 -32.45 22.48
N THR C 376 70.33 -31.20 22.23
CA THR C 376 70.10 -30.13 23.19
C THR C 376 68.64 -30.09 23.61
N LEU C 377 67.72 -30.29 22.67
CA LEU C 377 66.32 -30.28 23.02
C LEU C 377 65.99 -31.40 24.00
N ALA C 378 66.48 -32.60 23.72
CA ALA C 378 66.25 -33.73 24.64
C ALA C 378 66.83 -33.43 26.01
N ASP C 379 67.99 -32.80 26.05
CA ASP C 379 68.60 -32.46 27.33
C ASP C 379 67.76 -31.45 28.09
N LEU C 380 67.29 -30.41 27.40
CA LEU C 380 66.40 -29.44 28.04
C LEU C 380 65.13 -30.11 28.53
N LEU C 381 64.66 -31.11 27.78
CA LEU C 381 63.50 -31.88 28.21
C LEU C 381 63.78 -32.62 29.51
N VAL C 382 64.93 -33.27 29.60
CA VAL C 382 65.23 -34.11 30.75
C VAL C 382 65.81 -33.29 31.91
N SER C 383 66.03 -31.99 31.72
CA SER C 383 66.72 -31.19 32.72
C SER C 383 65.84 -30.18 33.43
N ARG C 384 64.83 -29.63 32.77
CA ARG C 384 64.06 -28.56 33.35
C ARG C 384 62.60 -28.98 33.48
N GLU C 385 62.39 -30.30 33.56
CA GLU C 385 61.06 -30.88 33.57
C GLU C 385 60.22 -30.41 34.75
N LYS C 386 60.86 -30.03 35.86
CA LYS C 386 60.11 -29.56 37.01
C LYS C 386 59.16 -28.44 36.61
N PHE C 387 59.69 -27.44 35.91
CA PHE C 387 58.87 -26.31 35.49
C PHE C 387 57.69 -26.78 34.65
N ILE C 388 57.96 -27.54 33.61
CA ILE C 388 56.89 -27.94 32.70
C ILE C 388 55.95 -28.92 33.39
N LEU C 389 56.47 -29.73 34.30
CA LEU C 389 55.62 -30.66 35.04
C LEU C 389 54.62 -29.91 35.89
N ASP C 390 55.09 -28.93 36.65
CA ASP C 390 54.17 -28.14 37.46
C ASP C 390 53.22 -27.35 36.57
N ALA C 391 53.71 -26.87 35.43
CA ALA C 391 52.84 -26.15 34.52
C ALA C 391 51.68 -27.02 34.07
N ASN C 392 51.96 -28.25 33.66
CA ASN C 392 50.88 -29.15 33.28
C ASN C 392 49.99 -29.47 34.45
N ALA C 393 50.57 -29.69 35.64
CA ALA C 393 49.74 -29.94 36.80
C ALA C 393 48.74 -28.82 37.00
N LYS C 394 49.23 -27.58 36.89
CA LYS C 394 48.38 -26.40 37.03
C LYS C 394 47.29 -26.39 35.97
N ASP C 395 47.66 -26.54 34.72
CA ASP C 395 46.68 -26.42 33.65
C ASP C 395 45.70 -27.59 33.68
N LEU C 396 46.15 -28.74 34.16
CA LEU C 396 45.27 -29.89 34.33
C LEU C 396 44.25 -29.63 35.42
N ALA C 397 44.70 -29.04 36.53
CA ALA C 397 43.74 -28.62 37.54
C ALA C 397 42.73 -27.65 36.94
N GLU C 398 43.21 -26.71 36.13
CA GLU C 398 42.29 -25.76 35.48
C GLU C 398 41.29 -26.50 34.61
N ALA C 399 41.74 -27.55 33.91
CA ALA C 399 40.84 -28.34 33.10
C ALA C 399 39.86 -29.14 33.92
N GLN C 400 40.26 -29.54 35.14
CA GLN C 400 39.41 -30.41 35.94
C GLN C 400 38.08 -29.73 36.25
N LYS C 401 38.11 -28.48 36.69
CA LYS C 401 36.86 -27.78 36.98
C LYS C 401 35.99 -27.69 35.74
N SER C 402 36.60 -27.67 34.57
CA SER C 402 35.83 -27.67 33.33
C SER C 402 35.22 -29.04 33.04
N GLY C 403 35.96 -30.12 33.32
CA GLY C 403 35.47 -31.47 33.10
C GLY C 403 34.96 -31.70 31.70
N LEU C 404 35.84 -31.64 30.71
CA LEU C 404 35.40 -31.62 29.32
C LEU C 404 35.16 -33.03 28.79
N ALA C 405 36.20 -33.83 28.70
CA ALA C 405 36.05 -35.13 28.06
C ALA C 405 37.14 -36.06 28.56
N LYS C 406 36.71 -37.20 29.12
CA LYS C 406 37.66 -38.21 29.58
C LYS C 406 38.71 -38.56 28.54
N PRO C 407 38.42 -38.61 27.23
CA PRO C 407 39.53 -38.63 26.28
C PRO C 407 40.48 -37.47 26.49
N LEU C 408 39.99 -36.23 26.43
CA LEU C 408 40.83 -35.07 26.70
C LEU C 408 41.36 -35.11 28.12
N LEU C 409 40.45 -35.19 29.10
CA LEU C 409 40.81 -35.21 30.51
C LEU C 409 41.78 -36.32 30.86
N SER C 410 42.02 -37.25 29.94
CA SER C 410 43.02 -38.28 30.13
C SER C 410 44.29 -38.01 29.35
N ARG C 411 44.19 -37.46 28.15
CA ARG C 411 45.36 -37.30 27.31
C ARG C 411 46.16 -36.05 27.66
N LEU C 412 45.53 -35.04 28.25
CA LEU C 412 46.28 -33.86 28.63
C LEU C 412 47.24 -34.13 29.78
N SER C 413 47.14 -35.31 30.41
CA SER C 413 48.01 -35.68 31.49
C SER C 413 49.45 -35.81 31.00
N LEU C 414 50.38 -35.84 31.95
CA LEU C 414 51.79 -36.00 31.64
C LEU C 414 52.53 -36.39 32.90
N ASN C 415 53.46 -37.32 32.76
CA ASN C 415 54.27 -37.83 33.86
C ASN C 415 55.72 -37.84 33.44
N PRO C 416 56.65 -37.67 34.39
CA PRO C 416 58.07 -37.73 34.03
C PRO C 416 58.45 -39.01 33.31
N ALA C 417 57.68 -40.09 33.49
CA ALA C 417 57.87 -41.27 32.65
C ALA C 417 57.58 -40.95 31.19
N LYS C 418 56.49 -40.24 30.93
CA LYS C 418 56.23 -39.78 29.58
C LYS C 418 57.38 -38.93 29.06
N LEU C 419 57.96 -38.09 29.92
CA LEU C 419 59.09 -37.27 29.48
C LEU C 419 60.30 -38.12 29.16
N LYS C 420 60.52 -39.18 29.93
CA LYS C 420 61.62 -40.08 29.60
C LYS C 420 61.37 -40.75 28.25
N ASN C 421 60.12 -41.15 28.01
CA ASN C 421 59.76 -41.69 26.70
C ASN C 421 60.07 -40.69 25.59
N LEU C 422 59.66 -39.44 25.79
CA LEU C 422 59.92 -38.43 24.78
C LEU C 422 61.41 -38.21 24.58
N SER C 423 62.18 -38.25 25.67
CA SER C 423 63.60 -38.03 25.57
C SER C 423 64.27 -39.12 24.76
N VAL C 424 63.91 -40.38 25.03
CA VAL C 424 64.55 -41.45 24.29
C VAL C 424 64.11 -41.42 22.84
N GLY C 425 62.85 -41.09 22.58
CA GLY C 425 62.42 -40.93 21.20
C GLY C 425 63.19 -39.84 20.49
N LEU C 426 63.44 -38.73 21.19
CA LEU C 426 64.13 -37.62 20.56
C LEU C 426 65.60 -37.95 20.31
N LYS C 427 66.23 -38.65 21.26
CA LYS C 427 67.60 -39.10 21.05
C LYS C 427 67.67 -40.04 19.85
N GLN C 428 66.67 -40.91 19.73
CA GLN C 428 66.61 -41.79 18.57
C GLN C 428 66.53 -40.99 17.29
N ILE C 429 65.57 -40.07 17.21
CA ILE C 429 65.42 -39.21 16.05
C ILE C 429 66.74 -38.52 15.73
N ALA C 430 67.42 -38.02 16.76
CA ALA C 430 68.71 -37.38 16.57
C ALA C 430 69.68 -38.32 15.88
N GLU C 431 69.98 -39.45 16.53
CA GLU C 431 71.02 -40.33 16.03
C GLU C 431 70.71 -40.86 14.64
N ASP C 432 69.44 -41.03 14.29
CA ASP C 432 69.10 -41.62 13.01
C ASP C 432 68.76 -40.56 11.96
N SER C 433 68.66 -39.30 12.36
CA SER C 433 68.28 -38.24 11.42
C SER C 433 69.51 -37.61 10.86
N HIS C 434 70.40 -38.43 10.35
CA HIS C 434 71.68 -37.92 9.88
C HIS C 434 71.68 -37.50 8.42
N LYS C 435 71.10 -38.30 7.52
CA LYS C 435 71.28 -38.11 6.09
C LYS C 435 69.94 -38.00 5.40
N ASN C 436 68.97 -37.40 6.08
CA ASN C 436 67.64 -37.29 5.51
C ASN C 436 67.51 -36.16 4.50
N VAL C 437 68.26 -35.07 4.67
CA VAL C 437 68.12 -33.90 3.82
C VAL C 437 69.31 -33.85 2.88
N GLY C 438 69.10 -33.21 1.73
CA GLY C 438 70.15 -33.06 0.75
C GLY C 438 70.58 -34.32 0.05
N ARG C 439 70.10 -35.48 0.50
CA ARG C 439 70.50 -36.73 -0.13
C ARG C 439 70.08 -36.76 -1.58
N VAL C 440 71.00 -37.16 -2.43
CA VAL C 440 70.73 -37.23 -3.86
C VAL C 440 70.04 -38.56 -4.17
N LEU C 441 69.19 -38.53 -5.18
CA LEU C 441 68.47 -39.73 -5.59
C LEU C 441 68.84 -40.21 -6.97
N ARG C 442 69.34 -39.35 -7.83
CA ARG C 442 69.74 -39.77 -9.17
C ARG C 442 71.08 -39.13 -9.51
N ARG C 443 71.83 -39.82 -10.33
CA ARG C 443 73.12 -39.33 -10.82
C ARG C 443 73.22 -39.78 -12.26
N THR C 444 73.18 -38.85 -13.18
CA THR C 444 73.09 -39.17 -14.60
C THR C 444 73.81 -38.12 -15.42
N ARG C 445 74.35 -38.56 -16.55
CA ARG C 445 74.99 -37.66 -17.50
C ARG C 445 74.25 -37.74 -18.82
N LEU C 446 73.78 -36.60 -19.31
CA LEU C 446 73.13 -36.55 -20.61
C LEU C 446 74.14 -36.44 -21.74
N ALA C 447 75.19 -35.65 -21.53
CA ALA C 447 76.29 -35.54 -22.47
C ALA C 447 77.49 -34.99 -21.72
N ASP C 448 78.57 -34.73 -22.44
CA ASP C 448 79.80 -34.24 -21.82
C ASP C 448 79.52 -33.00 -20.99
N GLN C 449 79.84 -33.07 -19.70
CA GLN C 449 79.63 -31.97 -18.76
C GLN C 449 78.15 -31.62 -18.66
N LEU C 450 77.32 -32.66 -18.65
CA LEU C 450 75.90 -32.48 -18.43
C LEU C 450 75.50 -33.49 -17.35
N GLU C 451 75.62 -33.06 -16.10
CA GLU C 451 75.51 -33.96 -14.95
C GLU C 451 74.29 -33.54 -14.13
N LEU C 452 73.14 -34.06 -14.50
CA LEU C 452 71.95 -33.84 -13.70
C LEU C 452 72.00 -34.73 -12.47
N LYS C 453 71.45 -34.22 -11.37
CA LYS C 453 71.28 -35.03 -10.18
C LYS C 453 70.12 -34.45 -9.39
N GLN C 454 69.31 -35.32 -8.80
CA GLN C 454 68.12 -34.89 -8.08
C GLN C 454 68.28 -35.19 -6.60
N VAL C 455 67.99 -34.20 -5.76
CA VAL C 455 68.36 -34.29 -4.35
C VAL C 455 67.17 -34.06 -3.46
N THR C 456 67.42 -34.04 -2.16
CA THR C 456 66.38 -33.96 -1.15
C THR C 456 66.30 -32.55 -0.59
N VAL C 457 65.09 -32.04 -0.47
CA VAL C 457 64.89 -30.67 0.00
C VAL C 457 63.66 -30.62 0.89
N PRO C 458 63.54 -29.62 1.74
CA PRO C 458 62.39 -29.55 2.65
C PRO C 458 61.11 -29.22 1.92
N ILE C 459 60.01 -29.14 2.66
CA ILE C 459 58.74 -28.77 2.09
C ILE C 459 58.47 -27.28 2.24
N GLY C 460 58.59 -26.78 3.46
CA GLY C 460 58.32 -25.38 3.71
C GLY C 460 57.56 -25.16 5.00
N VAL C 461 56.39 -24.53 4.90
CA VAL C 461 55.67 -24.09 6.08
C VAL C 461 54.66 -25.13 6.51
N LEU C 462 55.07 -26.01 7.40
CA LEU C 462 54.16 -27.03 7.93
C LEU C 462 53.34 -26.46 9.07
N LEU C 463 52.07 -26.83 9.11
CA LEU C 463 51.17 -26.36 10.16
C LEU C 463 50.50 -27.57 10.79
N VAL C 464 50.79 -27.80 12.06
CA VAL C 464 50.16 -28.89 12.77
C VAL C 464 48.86 -28.41 13.39
N ILE C 465 47.95 -29.34 13.63
CA ILE C 465 46.72 -29.07 14.36
C ILE C 465 46.38 -30.31 15.15
N PHE C 466 46.06 -30.13 16.43
CA PHE C 466 45.77 -31.25 17.30
C PHE C 466 45.12 -30.74 18.58
N GLU C 467 44.41 -31.64 19.25
CA GLU C 467 43.79 -31.31 20.52
C GLU C 467 44.81 -31.38 21.64
N SER C 468 44.36 -31.07 22.84
CA SER C 468 45.30 -30.89 23.94
C SER C 468 46.01 -32.20 24.24
N ARG C 469 47.25 -32.29 23.78
CA ARG C 469 48.12 -33.45 23.90
C ARG C 469 49.54 -32.92 23.81
N PRO C 470 50.03 -32.22 24.84
CA PRO C 470 51.34 -31.57 24.73
C PRO C 470 52.48 -32.54 24.52
N ASP C 471 52.27 -33.84 24.76
CA ASP C 471 53.29 -34.84 24.50
C ASP C 471 53.73 -34.85 23.04
N SER C 472 52.82 -34.64 22.10
CA SER C 472 53.17 -34.68 20.69
C SER C 472 54.00 -33.48 20.29
N LEU C 473 53.65 -32.31 20.82
CA LEU C 473 54.33 -31.05 20.49
C LEU C 473 55.83 -31.17 20.35
N PRO C 474 56.59 -31.64 21.35
CA PRO C 474 58.04 -31.73 21.15
C PRO C 474 58.40 -32.80 20.15
N GLN C 475 57.60 -33.86 20.04
CA GLN C 475 57.87 -34.88 19.04
C GLN C 475 57.86 -34.25 17.65
N VAL C 476 56.75 -33.60 17.29
CA VAL C 476 56.66 -33.00 15.97
C VAL C 476 57.67 -31.87 15.82
N ALA C 477 58.02 -31.20 16.90
CA ALA C 477 59.05 -30.18 16.81
C ALA C 477 60.38 -30.80 16.42
N ALA C 478 60.72 -31.93 17.03
CA ALA C 478 61.93 -32.64 16.64
C ALA C 478 61.84 -33.06 15.20
N LEU C 479 60.66 -33.50 14.76
CA LEU C 479 60.49 -33.84 13.35
C LEU C 479 60.84 -32.66 12.47
N ALA C 480 60.23 -31.51 12.73
CA ALA C 480 60.52 -30.32 11.94
C ALA C 480 62.01 -30.04 11.92
N MET C 481 62.61 -29.90 13.11
CA MET C 481 63.99 -29.48 13.18
C MET C 481 64.95 -30.47 12.53
N ALA C 482 64.68 -31.77 12.63
CA ALA C 482 65.50 -32.73 11.92
C ALA C 482 65.24 -32.71 10.44
N SER C 483 64.06 -32.25 10.04
CA SER C 483 63.68 -32.13 8.65
C SER C 483 63.94 -30.72 8.11
N ALA C 484 64.59 -29.87 8.90
CA ALA C 484 65.12 -28.59 8.47
C ALA C 484 64.07 -27.66 7.87
N ASN C 485 62.79 -27.95 8.03
CA ASN C 485 61.77 -27.07 7.50
C ASN C 485 61.05 -26.35 8.63
N GLY C 486 60.46 -25.22 8.29
CA GLY C 486 59.74 -24.43 9.26
C GLY C 486 58.56 -25.19 9.83
N LEU C 487 57.89 -24.55 10.79
CA LEU C 487 56.80 -25.21 11.50
C LEU C 487 55.97 -24.20 12.25
N LEU C 488 54.65 -24.31 12.12
CA LEU C 488 53.72 -23.61 12.97
C LEU C 488 53.05 -24.61 13.90
N LEU C 489 52.19 -24.11 14.78
CA LEU C 489 51.49 -24.98 15.71
C LEU C 489 50.14 -24.38 16.06
N LYS C 490 49.20 -25.25 16.37
CA LYS C 490 47.94 -24.81 16.96
C LYS C 490 47.33 -25.99 17.69
N GLY C 491 47.33 -25.93 19.01
CA GLY C 491 46.67 -26.95 19.79
C GLY C 491 45.19 -26.68 19.91
N GLY C 492 44.65 -26.74 21.12
CA GLY C 492 43.26 -26.43 21.40
C GLY C 492 43.16 -25.34 22.44
N LYS C 493 42.27 -25.57 23.41
CA LYS C 493 42.13 -24.64 24.53
C LYS C 493 43.05 -24.96 25.68
N GLU C 494 43.00 -26.19 26.18
CA GLU C 494 43.81 -26.59 27.31
C GLU C 494 45.27 -26.69 26.90
N ALA C 495 46.12 -27.06 27.85
CA ALA C 495 47.55 -27.29 27.63
C ALA C 495 48.27 -26.01 27.24
N ALA C 496 47.51 -24.93 27.05
CA ALA C 496 48.06 -23.72 26.45
C ALA C 496 49.31 -23.26 27.19
N HIS C 497 49.25 -23.20 28.52
CA HIS C 497 50.43 -22.83 29.29
C HIS C 497 51.52 -23.88 29.14
N SER C 498 51.14 -25.16 29.22
CA SER C 498 52.12 -26.21 28.96
C SER C 498 52.72 -26.04 27.59
N ASN C 499 51.88 -25.73 26.60
CA ASN C 499 52.39 -25.48 25.27
C ASN C 499 53.41 -24.35 25.28
N LYS C 500 53.15 -23.30 26.03
CA LYS C 500 54.09 -22.18 26.07
C LYS C 500 55.40 -22.62 26.70
N ALA C 501 55.33 -23.44 27.75
CA ALA C 501 56.53 -23.92 28.40
C ALA C 501 57.37 -24.73 27.43
N LEU C 502 56.74 -25.70 26.78
CA LEU C 502 57.44 -26.47 25.76
C LEU C 502 57.97 -25.57 24.67
N MET C 503 57.21 -24.54 24.30
CA MET C 503 57.63 -23.64 23.25
C MET C 503 58.90 -22.91 23.65
N GLU C 504 58.97 -22.46 24.89
CA GLU C 504 60.18 -21.78 25.35
C GLU C 504 61.35 -22.74 25.36
N LEU C 505 61.12 -23.96 25.85
CA LEU C 505 62.18 -24.95 25.85
C LEU C 505 62.73 -25.16 24.45
N VAL C 506 61.84 -25.32 23.48
CA VAL C 506 62.30 -25.61 22.12
C VAL C 506 62.90 -24.37 21.48
N LYS C 507 62.40 -23.19 21.82
CA LYS C 507 62.99 -21.97 21.29
C LYS C 507 64.43 -21.84 21.76
N GLU C 508 64.66 -22.13 23.04
CA GLU C 508 66.04 -22.25 23.50
C GLU C 508 66.80 -23.27 22.67
N ALA C 509 66.24 -24.47 22.55
CA ALA C 509 66.95 -25.55 21.87
C ALA C 509 67.41 -25.14 20.49
N LEU C 510 66.55 -24.45 19.74
CA LEU C 510 66.95 -24.01 18.41
C LEU C 510 67.85 -22.79 18.47
N ALA C 511 67.74 -21.98 19.52
CA ALA C 511 68.56 -20.80 19.65
C ALA C 511 70.04 -21.13 19.75
N THR C 512 70.38 -22.34 20.19
CA THR C 512 71.79 -22.70 20.37
C THR C 512 72.55 -22.54 19.07
N VAL C 513 72.20 -23.31 18.05
CA VAL C 513 72.83 -23.22 16.74
C VAL C 513 71.76 -22.90 15.72
N GLY C 514 72.14 -22.13 14.70
CA GLY C 514 71.16 -21.61 13.77
C GLY C 514 70.42 -20.46 14.41
N ALA C 515 69.95 -20.69 15.63
CA ALA C 515 69.46 -19.63 16.51
C ALA C 515 68.22 -18.94 15.97
N GLU C 516 67.74 -19.35 14.80
CA GLU C 516 66.57 -18.71 14.23
C GLU C 516 65.34 -19.45 14.68
N HIS C 517 64.34 -18.68 15.08
CA HIS C 517 63.08 -19.20 15.60
C HIS C 517 62.17 -19.50 14.42
N ALA C 518 62.45 -20.60 13.73
CA ALA C 518 61.56 -21.08 12.69
C ALA C 518 60.47 -21.95 13.28
N VAL C 519 59.88 -21.45 14.36
CA VAL C 519 58.76 -22.10 15.04
C VAL C 519 57.92 -20.97 15.62
N SER C 520 56.64 -21.24 15.82
CA SER C 520 55.75 -20.24 16.39
C SER C 520 54.64 -20.94 17.15
N LEU C 521 53.58 -20.19 17.42
CA LEU C 521 52.38 -20.76 17.99
C LEU C 521 51.27 -19.75 17.78
N VAL C 522 50.11 -20.24 17.35
CA VAL C 522 48.99 -19.38 17.03
C VAL C 522 47.90 -19.63 18.08
N SER C 523 47.93 -18.84 19.13
CA SER C 523 47.03 -18.99 20.25
C SER C 523 45.92 -17.94 20.17
N THR C 524 45.12 -17.84 21.23
CA THR C 524 44.11 -16.80 21.36
C THR C 524 43.06 -16.92 20.27
N ARG C 525 42.63 -18.16 20.01
CA ARG C 525 41.48 -18.45 19.15
C ARG C 525 41.68 -17.84 17.77
N GLU C 526 42.68 -18.36 17.05
CA GLU C 526 43.01 -17.79 15.73
C GLU C 526 41.98 -18.08 14.65
N GLU C 527 40.89 -18.75 14.99
CA GLU C 527 39.83 -18.99 14.01
C GLU C 527 40.33 -19.90 12.89
N ILE C 528 40.49 -21.17 13.27
CA ILE C 528 41.05 -22.22 12.43
C ILE C 528 40.59 -22.11 10.97
N SER C 529 39.30 -21.85 10.76
CA SER C 529 38.81 -21.76 9.38
C SER C 529 39.48 -20.61 8.64
N ASP C 530 39.61 -19.46 9.31
CA ASP C 530 40.36 -18.36 8.71
C ASP C 530 41.81 -18.75 8.49
N LEU C 531 42.40 -19.42 9.48
CA LEU C 531 43.78 -19.87 9.33
C LEU C 531 43.96 -20.68 8.06
N LEU C 532 43.10 -21.67 7.83
CA LEU C 532 43.24 -22.48 6.63
C LEU C 532 42.78 -21.73 5.40
N SER C 533 42.04 -20.65 5.58
CA SER C 533 41.69 -19.81 4.44
C SER C 533 42.91 -19.14 3.84
N MET C 534 44.02 -19.11 4.56
CA MET C 534 45.25 -18.54 4.03
C MET C 534 45.76 -19.36 2.87
N GLU C 535 46.89 -18.93 2.31
CA GLU C 535 47.43 -19.58 1.13
C GLU C 535 48.86 -19.07 0.93
N ASN C 536 49.55 -19.68 -0.03
CA ASN C 536 50.83 -19.21 -0.53
C ASN C 536 51.91 -19.35 0.52
N HIS C 537 51.51 -19.74 1.72
CA HIS C 537 52.45 -19.91 2.81
C HIS C 537 52.47 -21.34 3.31
N ILE C 538 51.33 -21.83 3.77
CA ILE C 538 51.22 -23.13 4.41
C ILE C 538 51.15 -24.21 3.36
N ASP C 539 51.76 -25.34 3.64
CA ASP C 539 51.83 -26.44 2.69
C ASP C 539 51.06 -27.66 3.17
N LEU C 540 51.39 -28.17 4.34
CA LEU C 540 50.86 -29.44 4.82
C LEU C 540 50.08 -29.21 6.09
N ILE C 541 48.77 -29.26 6.00
CA ILE C 541 47.96 -29.36 7.21
C ILE C 541 48.16 -30.76 7.77
N ILE C 542 48.70 -30.84 8.98
CA ILE C 542 48.93 -32.13 9.61
C ILE C 542 48.03 -32.25 10.83
N PRO C 543 46.75 -32.53 10.64
CA PRO C 543 45.87 -32.73 11.79
C PRO C 543 46.29 -33.97 12.55
N ARG C 544 46.12 -33.94 13.86
CA ARG C 544 46.62 -35.02 14.70
C ARG C 544 45.63 -35.49 15.77
N GLY C 545 44.54 -34.77 16.02
CA GLY C 545 43.70 -35.11 17.14
C GLY C 545 42.93 -36.40 17.02
N SER C 546 41.92 -36.44 16.18
CA SER C 546 41.04 -37.59 16.08
C SER C 546 40.10 -37.39 14.90
N SER C 547 39.20 -38.34 14.69
CA SER C 547 38.31 -38.25 13.56
C SER C 547 37.70 -36.87 13.44
N ASP C 548 37.05 -36.41 14.49
CA ASP C 548 36.39 -35.13 14.41
C ASP C 548 37.34 -34.12 13.84
N LEU C 549 38.39 -33.85 14.59
CA LEU C 549 39.37 -32.87 14.15
C LEU C 549 39.64 -32.99 12.67
N VAL C 550 40.11 -34.15 12.24
CA VAL C 550 40.51 -34.28 10.84
C VAL C 550 39.31 -34.17 9.92
N ARG C 551 38.14 -34.60 10.38
CA ARG C 551 36.95 -34.54 9.54
C ARG C 551 36.52 -33.10 9.34
N SER C 552 36.37 -32.36 10.44
CA SER C 552 36.09 -30.94 10.34
C SER C 552 37.09 -30.26 9.43
N ILE C 553 38.35 -30.68 9.50
CA ILE C 553 39.37 -30.10 8.63
C ILE C 553 39.02 -30.36 7.17
N GLN C 554 38.96 -31.64 6.80
CA GLN C 554 38.71 -32.01 5.41
C GLN C 554 37.46 -31.33 4.88
N GLN C 555 36.46 -31.14 5.72
CA GLN C 555 35.26 -30.45 5.26
C GLN C 555 35.53 -28.96 5.11
N GLN C 556 36.39 -28.41 5.95
CA GLN C 556 36.67 -26.99 5.90
C GLN C 556 37.81 -26.67 4.94
N SER C 557 38.79 -27.56 4.85
CA SER C 557 39.97 -27.29 4.05
C SER C 557 39.62 -27.25 2.58
N LEU C 558 40.10 -26.23 1.88
CA LEU C 558 39.94 -26.13 0.43
C LEU C 558 41.20 -25.51 -0.15
N HIS C 559 41.70 -26.09 -1.23
CA HIS C 559 42.84 -25.55 -1.95
C HIS C 559 44.07 -25.52 -1.04
N ILE C 560 44.34 -26.66 -0.41
CA ILE C 560 45.50 -26.80 0.47
C ILE C 560 45.73 -28.27 0.77
N PRO C 561 46.95 -28.78 0.60
CA PRO C 561 47.19 -30.20 0.89
C PRO C 561 46.93 -30.50 2.35
N VAL C 562 46.29 -31.63 2.61
CA VAL C 562 45.92 -32.03 3.96
C VAL C 562 46.35 -33.46 4.15
N LEU C 563 47.51 -33.65 4.76
CA LEU C 563 47.94 -34.99 5.11
C LEU C 563 46.95 -35.60 6.12
N GLY C 564 46.87 -36.92 6.12
CA GLY C 564 46.11 -37.64 7.11
C GLY C 564 44.81 -38.20 6.56
N HIS C 565 44.20 -39.06 7.37
CA HIS C 565 42.95 -39.73 7.05
C HIS C 565 41.84 -39.18 7.93
N ALA C 566 40.67 -39.79 7.82
CA ALA C 566 39.58 -39.48 8.73
C ALA C 566 38.80 -40.69 9.22
N GLU C 567 38.94 -41.86 8.59
CA GLU C 567 38.11 -42.99 8.93
C GLU C 567 38.98 -44.21 9.14
N GLY C 568 38.60 -45.02 10.12
CA GLY C 568 39.38 -46.19 10.48
C GLY C 568 38.68 -47.49 10.23
N VAL C 569 37.87 -47.53 9.17
CA VAL C 569 37.15 -48.75 8.84
C VAL C 569 38.13 -49.73 8.22
N CYS C 570 38.66 -50.62 9.04
CA CYS C 570 39.58 -51.63 8.54
C CYS C 570 38.77 -52.88 8.21
N HIS C 571 39.44 -53.97 7.90
CA HIS C 571 38.72 -55.19 7.59
C HIS C 571 39.63 -56.38 7.81
N VAL C 572 39.04 -57.50 8.19
CA VAL C 572 39.77 -58.71 8.49
C VAL C 572 39.07 -59.83 7.74
N TYR C 573 39.75 -60.42 6.79
CA TYR C 573 39.21 -61.57 6.09
C TYR C 573 39.77 -62.84 6.68
N ILE C 574 38.95 -63.88 6.73
CA ILE C 574 39.34 -65.18 7.23
C ILE C 574 39.10 -66.19 6.14
N ASP C 575 40.08 -67.00 5.81
CA ASP C 575 39.84 -67.94 4.73
C ASP C 575 39.55 -69.34 5.26
N ARG C 576 38.91 -70.12 4.40
CA ARG C 576 38.50 -71.48 4.70
C ARG C 576 39.64 -72.38 5.15
N ASP C 577 40.88 -72.04 4.83
CA ASP C 577 42.02 -72.87 5.14
C ASP C 577 42.89 -72.20 6.19
N ALA C 578 42.26 -71.39 7.04
CA ALA C 578 42.95 -70.68 8.10
C ALA C 578 42.74 -71.41 9.42
N ASP C 579 43.83 -71.55 10.18
CA ASP C 579 43.73 -72.19 11.49
C ASP C 579 42.79 -71.43 12.40
N LEU C 580 41.91 -72.18 13.06
CA LEU C 580 40.83 -71.56 13.81
C LEU C 580 41.36 -70.76 14.99
N GLU C 581 42.04 -71.41 15.93
CA GLU C 581 42.53 -70.71 17.11
C GLU C 581 43.47 -69.57 16.72
N LYS C 582 44.20 -69.74 15.62
CA LYS C 582 45.04 -68.65 15.13
C LYS C 582 44.21 -67.41 14.91
N ALA C 583 43.22 -67.50 14.03
CA ALA C 583 42.34 -66.35 13.79
C ALA C 583 41.67 -65.91 15.07
N LEU C 584 41.37 -66.86 15.95
CA LEU C 584 40.72 -66.52 17.21
C LEU C 584 41.55 -65.49 17.96
N ARG C 585 42.76 -65.88 18.35
CA ARG C 585 43.62 -64.94 19.07
C ARG C 585 43.91 -63.71 18.23
N ILE C 586 44.01 -63.87 16.90
CA ILE C 586 44.35 -62.74 16.05
C ILE C 586 43.30 -61.65 16.18
N ALA C 587 42.05 -61.99 15.86
CA ALA C 587 40.98 -61.01 15.94
C ALA C 587 40.76 -60.56 17.38
N ARG C 588 40.94 -61.48 18.33
CA ARG C 588 40.88 -61.14 19.74
C ARG C 588 41.74 -59.91 20.02
N ASP C 589 43.02 -60.01 19.70
CA ASP C 589 43.89 -58.85 19.84
C ASP C 589 43.46 -57.70 18.95
N ALA C 590 43.22 -57.97 17.67
CA ALA C 590 42.92 -56.93 16.69
C ALA C 590 41.85 -55.99 17.20
N LYS C 591 40.85 -56.52 17.88
CA LYS C 591 39.83 -55.64 18.44
C LYS C 591 40.14 -55.19 19.85
N CYS C 592 40.67 -56.08 20.68
CA CYS C 592 40.76 -55.86 22.12
C CYS C 592 42.16 -55.45 22.57
N ASP C 593 42.86 -54.64 21.80
CA ASP C 593 44.14 -54.12 22.26
C ASP C 593 44.07 -52.64 22.60
N TYR C 594 43.50 -51.83 21.71
CA TYR C 594 43.07 -50.47 22.05
C TYR C 594 41.85 -50.17 21.21
N PRO C 595 40.70 -50.72 21.58
CA PRO C 595 39.55 -50.73 20.67
C PRO C 595 39.13 -49.35 20.18
N ALA C 596 39.60 -48.29 20.80
CA ALA C 596 39.30 -46.95 20.32
C ALA C 596 40.32 -46.44 19.32
N ALA C 597 41.21 -47.29 18.80
CA ALA C 597 42.26 -46.84 17.91
C ALA C 597 41.69 -46.47 16.54
N CYS C 598 42.54 -45.93 15.69
CA CYS C 598 42.12 -45.65 14.33
C CYS C 598 42.28 -46.95 13.57
N ASN C 599 43.46 -47.56 13.69
CA ASN C 599 43.70 -48.82 13.01
C ASN C 599 42.95 -49.96 13.68
N ALA C 600 41.62 -49.90 13.66
CA ALA C 600 40.81 -50.93 14.31
C ALA C 600 39.93 -51.65 13.31
N MET C 601 39.54 -52.88 13.62
CA MET C 601 38.75 -53.67 12.68
C MET C 601 37.27 -53.57 12.95
N GLU C 602 36.70 -52.41 12.64
CA GLU C 602 35.28 -52.22 12.86
C GLU C 602 34.48 -53.13 11.96
N THR C 603 35.02 -54.28 11.62
CA THR C 603 34.34 -55.22 10.76
C THR C 603 35.16 -56.51 10.80
N LEU C 604 34.53 -57.62 10.44
CA LEU C 604 35.23 -58.90 10.39
C LEU C 604 34.53 -59.76 9.35
N LEU C 605 35.28 -60.16 8.32
CA LEU C 605 34.71 -60.91 7.22
C LEU C 605 35.26 -62.33 7.20
N ILE C 606 34.38 -63.28 6.91
CA ILE C 606 34.66 -64.69 7.06
C ILE C 606 34.22 -65.41 5.80
N HIS C 607 34.97 -66.44 5.41
CA HIS C 607 34.59 -67.29 4.30
C HIS C 607 33.22 -67.88 4.55
N GLU C 608 32.49 -68.19 3.47
CA GLU C 608 31.16 -68.77 3.65
C GLU C 608 31.26 -70.18 4.21
N ASP C 609 32.29 -70.93 3.81
CA ASP C 609 32.43 -72.30 4.26
C ASP C 609 32.51 -72.39 5.78
N LEU C 610 33.28 -71.49 6.39
CA LEU C 610 33.61 -71.68 7.80
C LEU C 610 32.44 -71.36 8.73
N MET C 611 31.28 -71.01 8.18
CA MET C 611 30.08 -71.00 8.99
C MET C 611 29.77 -72.38 9.52
N SER C 612 30.21 -73.43 8.83
CA SER C 612 29.96 -74.80 9.24
C SER C 612 30.73 -75.19 10.49
N GLY C 613 31.97 -74.76 10.64
CA GLY C 613 32.78 -75.18 11.77
C GLY C 613 32.43 -74.46 13.05
N ALA C 614 31.35 -73.68 13.03
CA ALA C 614 30.86 -72.92 14.18
C ALA C 614 31.89 -71.95 14.72
N ILE C 615 32.97 -71.70 13.97
CA ILE C 615 33.96 -70.73 14.42
C ILE C 615 33.31 -69.38 14.57
N PHE C 616 32.30 -69.08 13.75
CA PHE C 616 31.47 -67.90 13.97
C PHE C 616 30.96 -67.88 15.40
N GLY C 617 30.39 -69.00 15.85
CA GLY C 617 29.96 -69.08 17.24
C GLY C 617 31.11 -68.85 18.19
N ASP C 618 32.26 -69.46 17.91
CA ASP C 618 33.40 -69.34 18.80
C ASP C 618 33.81 -67.89 18.98
N VAL C 619 33.82 -67.14 17.89
CA VAL C 619 34.26 -65.76 17.97
C VAL C 619 33.19 -64.89 18.60
N CYS C 620 31.92 -65.22 18.40
CA CYS C 620 30.89 -64.54 19.16
C CYS C 620 31.10 -64.75 20.65
N ASN C 621 31.41 -65.99 21.03
CA ASN C 621 31.73 -66.28 22.42
C ASN C 621 32.89 -65.42 22.88
N MET C 622 33.93 -65.32 22.06
CA MET C 622 35.11 -64.57 22.47
C MET C 622 34.78 -63.09 22.65
N LEU C 623 34.06 -62.51 21.70
CA LEU C 623 33.67 -61.12 21.81
C LEU C 623 32.83 -60.87 23.06
N LYS C 624 31.90 -61.78 23.33
CA LYS C 624 31.19 -61.75 24.60
C LYS C 624 32.17 -61.77 25.77
N ARG C 625 33.15 -62.67 25.69
CA ARG C 625 34.17 -62.73 26.74
C ARG C 625 34.73 -61.35 26.96
N GLU C 626 34.93 -60.63 25.88
CA GLU C 626 35.48 -59.30 25.95
C GLU C 626 34.41 -58.23 25.97
N GLY C 627 33.14 -58.62 25.94
CA GLY C 627 32.07 -57.66 25.98
C GLY C 627 32.06 -56.77 24.76
N VAL C 628 31.77 -57.34 23.60
CA VAL C 628 31.76 -56.61 22.34
C VAL C 628 30.37 -56.67 21.76
N LYS C 629 29.72 -55.51 21.61
CA LYS C 629 28.39 -55.45 21.03
C LYS C 629 28.53 -55.69 19.54
N ILE C 630 28.13 -56.87 19.11
CA ILE C 630 28.29 -57.25 17.71
C ILE C 630 26.97 -57.07 16.98
N TYR C 631 27.05 -56.61 15.74
CA TYR C 631 25.91 -56.58 14.85
C TYR C 631 26.06 -57.72 13.86
N ALA C 632 25.20 -57.74 12.83
CA ALA C 632 25.22 -58.81 11.85
C ALA C 632 25.08 -58.23 10.45
N GLY C 633 25.64 -58.96 9.48
CA GLY C 633 25.54 -58.57 8.11
C GLY C 633 24.24 -59.05 7.50
N PRO C 634 23.77 -58.33 6.49
CA PRO C 634 22.54 -58.76 5.80
C PRO C 634 22.54 -60.23 5.42
N ARG C 635 23.62 -60.72 4.81
CA ARG C 635 23.73 -62.14 4.56
C ARG C 635 23.68 -62.93 5.86
N LEU C 636 24.44 -62.48 6.87
CA LEU C 636 24.36 -63.12 8.17
C LEU C 636 22.96 -63.01 8.76
N ASN C 637 22.30 -61.87 8.55
CA ASN C 637 20.92 -61.72 9.00
C ASN C 637 20.07 -62.83 8.42
N GLN C 638 20.15 -63.05 7.12
CA GLN C 638 19.50 -64.19 6.50
C GLN C 638 19.93 -65.51 7.13
N GLN C 639 21.18 -65.62 7.59
CA GLN C 639 21.74 -66.92 7.91
C GLN C 639 21.00 -67.60 9.05
N LEU C 640 21.02 -66.99 10.24
CA LEU C 640 20.58 -67.68 11.44
C LEU C 640 19.13 -67.35 11.79
N THR C 641 18.68 -67.81 12.96
CA THR C 641 17.29 -67.66 13.36
C THR C 641 16.94 -66.20 13.68
N PHE C 642 17.47 -65.68 14.78
CA PHE C 642 17.47 -64.24 15.01
C PHE C 642 18.85 -63.70 15.32
N GLY C 643 19.68 -64.46 16.03
CA GLY C 643 21.06 -64.11 16.26
C GLY C 643 21.26 -62.71 16.79
N PRO C 644 22.45 -62.17 16.60
CA PRO C 644 22.70 -60.78 16.97
C PRO C 644 21.90 -59.84 16.12
N PRO C 645 21.67 -58.60 16.57
CA PRO C 645 20.83 -57.67 15.82
C PRO C 645 21.50 -57.26 14.51
N ALA C 646 20.67 -56.76 13.60
CA ALA C 646 21.14 -56.37 12.28
C ALA C 646 22.03 -55.13 12.38
N ALA C 647 23.09 -55.12 11.58
CA ALA C 647 23.93 -53.93 11.50
C ALA C 647 23.16 -52.77 10.92
N LYS C 648 23.36 -51.58 11.51
CA LYS C 648 22.70 -50.39 10.98
C LYS C 648 23.17 -50.08 9.58
N SER C 649 24.46 -49.75 9.42
CA SER C 649 25.04 -49.41 8.13
C SER C 649 26.45 -49.95 8.06
N LEU C 650 26.82 -50.49 6.89
CA LEU C 650 28.12 -51.10 6.75
C LEU C 650 29.26 -50.10 6.81
N LYS C 651 29.01 -48.85 6.41
CA LYS C 651 30.04 -47.81 6.46
C LYS C 651 29.93 -46.98 7.72
N HIS C 652 29.51 -47.59 8.82
CA HIS C 652 29.46 -46.91 10.09
C HIS C 652 30.76 -47.13 10.85
N GLU C 653 30.89 -46.41 11.96
CA GLU C 653 32.09 -46.43 12.79
C GLU C 653 31.65 -46.61 14.23
N TYR C 654 32.42 -47.37 15.00
CA TYR C 654 32.05 -47.70 16.37
C TYR C 654 32.99 -47.07 17.38
N GLY C 655 34.29 -47.33 17.26
CA GLY C 655 35.21 -46.83 18.27
C GLY C 655 35.16 -47.59 19.57
N ALA C 656 33.97 -47.85 20.08
CA ALA C 656 33.81 -48.63 21.30
C ALA C 656 33.76 -50.12 20.95
N LEU C 657 33.38 -50.95 21.91
CA LEU C 657 33.45 -52.41 21.76
C LEU C 657 32.31 -52.88 20.87
N GLU C 658 32.43 -52.57 19.58
CA GLU C 658 31.47 -53.00 18.59
C GLU C 658 32.21 -53.45 17.34
N CYS C 659 31.67 -54.46 16.67
CA CYS C 659 32.30 -54.99 15.47
C CYS C 659 31.25 -55.70 14.63
N CYS C 660 30.84 -55.08 13.54
CA CYS C 660 29.99 -55.79 12.59
C CYS C 660 30.72 -57.03 12.10
N ILE C 661 29.93 -58.06 11.80
CA ILE C 661 30.47 -59.31 11.29
C ILE C 661 29.58 -59.74 10.14
N GLU C 662 30.20 -60.17 9.04
CA GLU C 662 29.49 -60.59 7.86
C GLU C 662 30.31 -61.67 7.15
N VAL C 663 29.60 -62.52 6.41
CA VAL C 663 30.26 -63.60 5.69
C VAL C 663 29.85 -63.60 4.23
N VAL C 664 30.80 -63.87 3.35
CA VAL C 664 30.56 -63.84 1.91
C VAL C 664 31.07 -65.14 1.30
N PRO C 665 30.66 -65.49 0.07
CA PRO C 665 31.06 -66.79 -0.48
C PRO C 665 32.54 -66.94 -0.74
N SER C 666 33.09 -66.04 -1.54
CA SER C 666 34.37 -66.26 -2.18
C SER C 666 35.35 -65.15 -1.83
N LEU C 667 36.62 -65.45 -2.10
CA LEU C 667 37.66 -64.44 -2.03
C LEU C 667 37.22 -63.18 -2.75
N ASP C 668 36.93 -63.32 -4.04
CA ASP C 668 36.68 -62.16 -4.87
C ASP C 668 35.50 -61.36 -4.37
N GLU C 669 34.47 -62.04 -3.87
CA GLU C 669 33.36 -61.31 -3.29
C GLU C 669 33.83 -60.46 -2.13
N ALA C 670 34.65 -61.02 -1.26
CA ALA C 670 35.21 -60.23 -0.17
C ALA C 670 35.96 -59.04 -0.71
N ILE C 671 36.77 -59.25 -1.75
CA ILE C 671 37.54 -58.16 -2.32
C ILE C 671 36.61 -57.04 -2.74
N ASN C 672 35.54 -57.40 -3.43
CA ASN C 672 34.63 -56.39 -3.93
C ASN C 672 33.96 -55.65 -2.80
N HIS C 673 33.54 -56.38 -1.76
CA HIS C 673 32.94 -55.71 -0.63
C HIS C 673 33.91 -54.74 -0.01
N ILE C 674 35.17 -55.15 0.12
CA ILE C 674 36.18 -54.26 0.65
C ILE C 674 36.23 -52.99 -0.17
N HIS C 675 36.53 -53.12 -1.46
CA HIS C 675 36.63 -51.96 -2.32
C HIS C 675 35.38 -51.11 -2.25
N THR C 676 34.24 -51.74 -1.99
CA THR C 676 32.99 -51.00 -1.94
C THR C 676 32.89 -50.18 -0.67
N TYR C 677 33.32 -50.74 0.44
CA TYR C 677 33.13 -50.10 1.74
C TYR C 677 34.45 -49.70 2.39
N GLY C 678 35.48 -50.52 2.22
CA GLY C 678 36.76 -50.21 2.85
C GLY C 678 37.27 -48.85 2.42
N SER C 679 37.82 -48.12 3.38
CA SER C 679 38.46 -46.85 3.11
C SER C 679 39.88 -47.02 2.59
N SER C 680 40.21 -48.22 2.10
CA SER C 680 41.55 -48.52 1.61
C SER C 680 42.60 -48.25 2.66
N HIS C 681 42.19 -48.24 3.92
CA HIS C 681 43.10 -47.91 5.00
C HIS C 681 44.02 -49.07 5.32
N THR C 682 43.46 -50.20 5.75
CA THR C 682 44.27 -51.27 6.32
C THR C 682 43.46 -52.55 6.26
N ASP C 683 44.15 -53.67 6.02
CA ASP C 683 43.48 -54.97 6.04
C ASP C 683 44.51 -56.07 6.23
N VAL C 684 44.03 -57.26 6.57
CA VAL C 684 44.88 -58.43 6.73
C VAL C 684 44.09 -59.65 6.27
N ILE C 685 44.82 -60.67 5.85
CA ILE C 685 44.23 -61.95 5.48
C ILE C 685 44.83 -63.01 6.39
N VAL C 686 44.03 -64.02 6.72
CA VAL C 686 44.51 -65.18 7.45
C VAL C 686 44.11 -66.43 6.66
N THR C 687 45.10 -67.25 6.35
CA THR C 687 44.91 -68.41 5.50
C THR C 687 46.20 -69.19 5.49
N GLU C 688 46.22 -70.28 4.73
CA GLU C 688 47.43 -71.07 4.54
C GLU C 688 47.76 -71.28 3.07
N ASN C 689 46.92 -70.79 2.16
CA ASN C 689 47.19 -70.85 0.74
C ASN C 689 47.87 -69.55 0.31
N ASP C 690 48.99 -69.72 -0.37
CA ASP C 690 49.74 -68.58 -0.84
C ASP C 690 49.27 -68.20 -2.20
N ALA C 691 48.54 -69.07 -2.86
CA ALA C 691 47.99 -68.70 -4.14
C ALA C 691 46.99 -67.63 -3.85
N ALA C 692 46.06 -67.95 -2.98
CA ALA C 692 45.05 -66.98 -2.60
C ALA C 692 45.76 -65.84 -1.93
N ALA C 693 46.90 -66.13 -1.33
CA ALA C 693 47.60 -65.09 -0.60
C ALA C 693 47.94 -64.02 -1.58
N ARG C 694 48.62 -64.40 -2.64
CA ARG C 694 49.05 -63.42 -3.62
C ARG C 694 47.85 -62.81 -4.25
N GLN C 695 46.83 -63.61 -4.47
CA GLN C 695 45.62 -63.08 -5.02
C GLN C 695 45.28 -61.84 -4.25
N PHE C 696 45.02 -62.00 -2.97
CA PHE C 696 44.68 -60.88 -2.12
C PHE C 696 45.68 -59.78 -2.23
N LEU C 697 46.92 -60.11 -1.93
CA LEU C 697 47.97 -59.12 -1.95
C LEU C 697 47.80 -58.18 -3.12
N GLY C 698 47.67 -58.72 -4.31
CA GLY C 698 47.59 -57.84 -5.45
C GLY C 698 46.26 -57.15 -5.48
N SER C 699 45.22 -57.94 -5.65
CA SER C 699 43.89 -57.37 -5.76
C SER C 699 43.63 -56.25 -4.78
N VAL C 700 44.19 -56.36 -3.59
CA VAL C 700 43.82 -55.34 -2.62
C VAL C 700 44.40 -54.01 -3.05
N ASP C 701 43.81 -52.92 -2.54
CA ASP C 701 44.26 -51.57 -2.82
C ASP C 701 44.31 -50.73 -1.56
N SER C 702 44.29 -51.38 -0.41
CA SER C 702 44.39 -50.66 0.84
C SER C 702 45.71 -49.90 0.89
N ALA C 703 45.78 -48.93 1.78
CA ALA C 703 47.07 -48.31 2.05
C ALA C 703 48.09 -49.33 2.52
N CYS C 704 47.65 -50.33 3.27
CA CYS C 704 48.57 -51.33 3.79
C CYS C 704 47.81 -52.62 4.06
N VAL C 705 48.43 -53.74 3.71
CA VAL C 705 47.80 -55.05 3.82
C VAL C 705 48.78 -56.01 4.46
N PHE C 706 48.26 -56.95 5.24
CA PHE C 706 49.10 -57.87 5.96
C PHE C 706 48.67 -59.30 5.71
N HIS C 707 49.42 -60.23 6.29
CA HIS C 707 49.14 -61.64 6.11
C HIS C 707 49.52 -62.36 7.40
N ASN C 708 48.52 -62.63 8.22
CA ASN C 708 48.60 -63.27 9.53
C ASN C 708 49.11 -62.35 10.64
N ALA C 709 49.20 -61.04 10.39
CA ALA C 709 49.61 -60.12 11.42
C ALA C 709 48.39 -59.40 11.99
N SER C 710 48.64 -58.39 12.81
CA SER C 710 47.57 -57.66 13.48
C SER C 710 47.44 -56.26 12.93
N SER C 711 46.21 -55.77 12.84
CA SER C 711 46.00 -54.41 12.39
C SER C 711 46.74 -53.43 13.30
N ARG C 712 46.93 -53.81 14.56
CA ARG C 712 47.60 -52.92 15.50
C ARG C 712 49.08 -52.77 15.20
N PHE C 713 49.53 -53.35 14.09
CA PHE C 713 50.91 -53.18 13.70
C PHE C 713 51.17 -51.84 13.01
N ALA C 714 50.12 -51.17 12.54
CA ALA C 714 50.27 -49.92 11.79
C ALA C 714 50.66 -48.80 12.75
N ASP C 715 51.96 -48.72 13.03
CA ASP C 715 52.48 -47.76 13.99
C ASP C 715 53.71 -47.02 13.49
N GLY C 716 54.27 -47.42 12.36
CA GLY C 716 55.41 -46.69 11.82
C GLY C 716 56.66 -46.95 12.64
N PHE C 717 56.65 -46.46 13.88
CA PHE C 717 57.69 -46.88 14.82
C PHE C 717 57.85 -48.38 14.83
N ARG C 718 56.73 -49.10 14.84
CA ARG C 718 56.79 -50.56 14.75
C ARG C 718 57.50 -50.99 13.49
N PHE C 719 57.44 -50.19 12.42
CA PHE C 719 58.08 -50.55 11.17
C PHE C 719 59.56 -50.24 11.18
N GLY C 720 60.11 -49.75 12.28
CA GLY C 720 61.45 -49.20 12.26
C GLY C 720 61.50 -48.03 11.31
N LEU C 721 60.39 -47.30 11.22
CA LEU C 721 60.26 -46.15 10.33
C LEU C 721 60.51 -44.86 11.09
N GLY C 722 61.38 -44.92 12.08
CA GLY C 722 61.58 -43.75 12.92
C GLY C 722 60.30 -43.40 13.62
N ALA C 723 60.19 -42.16 14.06
CA ALA C 723 58.99 -41.68 14.75
C ALA C 723 58.00 -41.27 13.68
N GLU C 724 56.82 -41.86 13.72
CA GLU C 724 55.78 -41.49 12.77
C GLU C 724 55.35 -40.05 13.00
N VAL C 725 54.71 -39.48 11.97
CA VAL C 725 54.08 -38.18 12.09
C VAL C 725 52.59 -38.25 11.84
N GLY C 726 52.12 -39.16 11.00
CA GLY C 726 50.70 -39.27 10.74
C GLY C 726 50.40 -40.56 9.99
N ILE C 727 49.12 -40.70 9.69
CA ILE C 727 48.63 -41.83 8.91
C ILE C 727 47.88 -41.24 7.73
N SER C 728 48.48 -41.32 6.55
CA SER C 728 47.90 -40.71 5.37
C SER C 728 47.19 -41.75 4.53
N THR C 729 45.97 -41.42 4.10
CA THR C 729 45.24 -42.26 3.18
C THR C 729 45.03 -41.62 1.81
N ALA C 730 45.48 -40.37 1.63
CA ALA C 730 45.39 -39.74 0.32
C ALA C 730 46.13 -40.58 -0.71
N ARG C 731 45.79 -40.36 -1.98
CA ARG C 731 46.27 -41.20 -3.05
C ARG C 731 47.58 -40.69 -3.64
N ILE C 732 48.32 -39.87 -2.91
CA ILE C 732 49.51 -39.22 -3.45
C ILE C 732 50.57 -39.10 -2.37
N HIS C 733 51.81 -39.45 -2.74
CA HIS C 733 53.00 -39.00 -2.02
C HIS C 733 53.18 -39.67 -0.66
N ALA C 734 52.15 -40.37 -0.21
CA ALA C 734 52.16 -40.79 1.19
C ALA C 734 51.05 -41.79 1.46
N ARG C 735 51.38 -42.89 2.13
CA ARG C 735 50.38 -43.90 2.44
C ARG C 735 50.58 -44.37 3.87
N GLY C 736 49.56 -44.14 4.68
CA GLY C 736 49.53 -44.63 6.04
C GLY C 736 50.69 -44.12 6.85
N PRO C 737 51.51 -45.05 7.35
CA PRO C 737 52.63 -44.66 8.20
C PRO C 737 53.58 -43.78 7.41
N VAL C 738 53.57 -42.50 7.75
CA VAL C 738 54.47 -41.54 7.13
C VAL C 738 55.52 -41.14 8.15
N GLY C 739 56.77 -41.46 7.86
CA GLY C 739 57.85 -41.09 8.75
C GLY C 739 58.26 -39.66 8.51
N VAL C 740 59.56 -39.44 8.37
CA VAL C 740 60.06 -38.10 8.05
C VAL C 740 60.08 -37.88 6.55
N GLU C 741 60.39 -38.91 5.77
CA GLU C 741 60.55 -38.77 4.34
C GLU C 741 59.26 -38.35 3.66
N GLY C 742 58.13 -38.51 4.33
CA GLY C 742 56.93 -37.89 3.83
C GLY C 742 56.93 -36.40 3.93
N LEU C 743 58.03 -35.81 4.42
CA LEU C 743 58.18 -34.36 4.47
C LEU C 743 59.39 -33.89 3.68
N LEU C 744 59.79 -34.63 2.65
CA LEU C 744 60.95 -34.27 1.85
C LEU C 744 60.55 -34.35 0.39
N THR C 745 60.65 -33.24 -0.32
CA THR C 745 60.47 -33.27 -1.75
C THR C 745 61.85 -33.25 -2.42
N THR C 746 61.86 -33.28 -3.74
CA THR C 746 63.10 -33.30 -4.49
C THR C 746 63.27 -32.00 -5.26
N LYS C 747 64.43 -31.86 -5.88
CA LYS C 747 64.72 -30.64 -6.63
C LYS C 747 65.79 -30.99 -7.66
N TRP C 748 65.43 -30.91 -8.92
CA TRP C 748 66.39 -31.13 -9.98
C TRP C 748 67.46 -30.06 -9.97
N ILE C 749 68.72 -30.48 -10.00
CA ILE C 749 69.82 -29.54 -10.19
C ILE C 749 70.65 -30.03 -11.36
N LEU C 750 71.42 -29.11 -11.93
CA LEU C 750 72.12 -29.40 -13.17
C LEU C 750 73.30 -28.45 -13.30
N GLU C 751 74.48 -29.01 -13.51
CA GLU C 751 75.71 -28.22 -13.59
C GLU C 751 76.37 -28.47 -14.93
N GLY C 752 75.94 -27.72 -15.94
CA GLY C 752 76.59 -27.69 -17.22
C GLY C 752 77.73 -26.69 -17.22
N GLN C 753 78.51 -26.73 -18.28
CA GLN C 753 79.60 -25.76 -18.46
C GLN C 753 79.24 -24.68 -19.46
N ASP C 754 78.92 -25.08 -20.69
CA ASP C 754 78.68 -24.16 -21.79
C ASP C 754 77.49 -24.60 -22.62
N HIS C 755 76.64 -25.44 -22.05
CA HIS C 755 75.64 -26.12 -22.85
C HIS C 755 74.44 -25.21 -23.10
N ALA C 756 73.74 -25.48 -24.19
CA ALA C 756 72.56 -24.73 -24.56
C ALA C 756 71.58 -25.67 -25.25
N ALA C 757 70.37 -25.18 -25.49
CA ALA C 757 69.31 -26.04 -26.01
C ALA C 757 69.56 -26.42 -27.46
N ALA C 758 69.60 -25.43 -28.35
CA ALA C 758 69.84 -25.70 -29.75
C ALA C 758 71.22 -26.30 -29.99
N ASP C 759 72.11 -26.26 -29.00
CA ASP C 759 73.38 -26.94 -29.14
C ASP C 759 73.21 -28.44 -29.30
N PHE C 760 72.19 -29.01 -28.65
CA PHE C 760 71.89 -30.42 -28.82
C PHE C 760 71.02 -30.68 -30.05
N ALA C 761 70.68 -29.64 -30.79
CA ALA C 761 70.04 -29.82 -32.07
C ALA C 761 71.09 -30.24 -33.09
N GLU C 762 70.71 -30.27 -34.36
CA GLU C 762 71.62 -30.76 -35.40
C GLU C 762 72.86 -29.90 -35.55
N GLY C 763 72.81 -28.64 -35.12
CA GLY C 763 73.94 -27.76 -35.33
C GLY C 763 75.14 -28.11 -34.48
N GLY C 764 74.94 -28.25 -33.17
CA GLY C 764 76.03 -28.47 -32.24
C GLY C 764 76.24 -29.95 -32.00
N GLY C 765 77.51 -30.35 -31.90
CA GLY C 765 77.86 -31.73 -31.69
C GLY C 765 77.57 -32.15 -30.26
N ARG C 766 76.30 -32.13 -29.88
CA ARG C 766 75.87 -32.49 -28.55
C ARG C 766 74.85 -33.61 -28.65
N THR C 767 75.19 -34.77 -28.11
CA THR C 767 74.38 -35.96 -28.23
C THR C 767 73.83 -36.34 -26.86
N TRP C 768 73.17 -37.49 -26.80
CA TRP C 768 72.52 -37.92 -25.58
C TRP C 768 73.14 -39.20 -25.07
N LEU C 769 73.39 -39.23 -23.77
CA LEU C 769 73.92 -40.40 -23.10
C LEU C 769 72.95 -40.98 -22.09
N HIS C 770 72.47 -40.16 -21.15
CA HIS C 770 71.58 -40.62 -20.09
C HIS C 770 72.18 -41.79 -19.33
N GLU C 771 73.51 -41.79 -19.21
CA GLU C 771 74.22 -42.85 -18.52
C GLU C 771 73.96 -42.72 -17.03
N THR C 772 73.31 -43.73 -16.45
CA THR C 772 72.98 -43.69 -15.03
C THR C 772 74.26 -43.78 -14.22
N LEU C 773 74.77 -42.63 -13.80
CA LEU C 773 75.92 -42.59 -12.94
C LEU C 773 75.55 -43.25 -11.62
N PRO C 774 76.52 -43.80 -10.91
CA PRO C 774 76.22 -44.39 -9.60
C PRO C 774 75.75 -43.32 -8.64
N LEU C 775 74.49 -43.38 -8.26
CA LEU C 775 73.90 -42.34 -7.43
C LEU C 775 74.50 -42.40 -6.03
N ASP C 776 74.70 -41.23 -5.45
CA ASP C 776 75.19 -41.13 -4.09
C ASP C 776 74.02 -41.19 -3.11
N PRO D 45 -39.46 -13.12 9.60
CA PRO D 45 -38.54 -12.67 10.64
C PRO D 45 -39.23 -12.39 11.96
N THR D 46 -38.72 -11.41 12.68
CA THR D 46 -39.35 -10.94 13.92
C THR D 46 -39.59 -9.45 13.98
N PHE D 47 -38.76 -8.64 13.33
CA PHE D 47 -38.89 -7.19 13.42
C PHE D 47 -40.04 -6.73 12.53
N THR D 48 -40.75 -5.70 12.98
CA THR D 48 -41.95 -5.24 12.30
C THR D 48 -41.88 -3.79 11.87
N GLU D 49 -41.44 -2.89 12.74
CA GLU D 49 -41.43 -1.46 12.43
C GLU D 49 -40.02 -0.92 12.51
N ARG D 50 -39.81 0.20 11.80
CA ARG D 50 -38.53 0.88 11.85
C ARG D 50 -38.12 1.23 13.27
N SER D 51 -39.08 1.34 14.19
CA SER D 51 -38.74 1.50 15.59
C SER D 51 -37.89 0.36 16.10
N GLN D 52 -38.15 -0.85 15.63
CA GLN D 52 -37.41 -2.02 16.09
C GLN D 52 -35.98 -2.03 15.59
N LEU D 53 -35.60 -1.09 14.77
CA LEU D 53 -34.30 -1.26 14.13
C LEU D 53 -33.17 -0.77 14.93
N LYS D 54 -33.36 -0.34 16.17
CA LYS D 54 -32.20 -0.12 17.01
C LYS D 54 -31.76 -1.39 17.70
N TYR D 55 -32.29 -2.54 17.29
CA TYR D 55 -32.17 -3.77 18.07
C TYR D 55 -31.82 -4.98 17.20
N ALA D 56 -31.17 -4.73 16.07
CA ALA D 56 -30.65 -5.80 15.23
C ALA D 56 -29.16 -5.95 15.50
N ARG D 57 -28.72 -7.17 15.79
CA ARG D 57 -27.34 -7.39 16.20
C ARG D 57 -26.45 -7.85 15.05
N ARG D 58 -27.02 -8.25 13.91
CA ARG D 58 -26.22 -8.76 12.80
C ARG D 58 -26.71 -8.06 11.54
N LEU D 59 -25.82 -7.40 10.83
CA LEU D 59 -26.20 -6.64 9.65
C LEU D 59 -25.40 -7.10 8.44
N VAL D 60 -25.96 -6.83 7.26
CA VAL D 60 -25.26 -7.11 6.01
C VAL D 60 -25.52 -5.97 5.04
N VAL D 61 -24.45 -5.36 4.55
CA VAL D 61 -24.60 -4.35 3.52
C VAL D 61 -24.33 -4.96 2.16
N LYS D 62 -24.85 -4.30 1.13
CA LYS D 62 -24.50 -4.68 -0.24
C LYS D 62 -24.56 -3.41 -1.07
N LEU D 63 -23.40 -2.77 -1.25
CA LEU D 63 -23.33 -1.55 -2.05
C LEU D 63 -23.69 -1.89 -3.48
N GLY D 64 -24.36 -0.96 -4.15
CA GLY D 64 -24.75 -1.19 -5.53
C GLY D 64 -23.68 -0.77 -6.51
N SER D 65 -23.73 -1.36 -7.70
CA SER D 65 -22.69 -1.09 -8.67
C SER D 65 -22.71 0.34 -9.19
N ALA D 66 -23.71 1.13 -8.82
CA ALA D 66 -23.85 2.49 -9.32
C ALA D 66 -23.51 3.55 -8.28
N VAL D 67 -23.46 3.19 -7.01
CA VAL D 67 -23.22 4.18 -5.98
C VAL D 67 -21.74 4.46 -5.82
N ILE D 68 -20.88 3.58 -6.35
CA ILE D 68 -19.46 3.74 -6.15
C ILE D 68 -18.73 4.19 -7.40
N THR D 69 -19.11 3.70 -8.57
CA THR D 69 -18.49 4.13 -9.81
C THR D 69 -18.98 5.53 -10.12
N ARG D 70 -18.09 6.36 -10.65
CA ARG D 70 -18.53 7.66 -11.08
C ARG D 70 -19.39 7.52 -12.33
N GLU D 71 -19.85 8.65 -12.85
CA GLU D 71 -20.85 8.63 -13.89
C GLU D 71 -20.19 8.38 -15.23
N ASP D 72 -19.30 7.40 -15.25
CA ASP D 72 -18.66 6.90 -16.45
C ASP D 72 -18.63 5.38 -16.49
N ASN D 73 -18.77 4.70 -15.36
CA ASN D 73 -18.27 3.35 -15.16
C ASN D 73 -16.81 3.24 -15.59
N HIS D 74 -16.09 4.36 -15.57
CA HIS D 74 -14.72 4.45 -16.06
C HIS D 74 -13.86 5.15 -15.03
N GLY D 75 -13.98 4.71 -13.78
CA GLY D 75 -13.23 5.32 -12.70
C GLY D 75 -13.80 4.90 -11.37
N LEU D 76 -14.04 5.86 -10.48
CA LEU D 76 -14.66 5.54 -9.20
C LEU D 76 -15.15 6.85 -8.58
N ALA D 77 -16.45 6.92 -8.31
CA ALA D 77 -16.96 7.99 -7.48
C ALA D 77 -16.59 7.71 -6.03
N LEU D 78 -15.78 8.56 -5.44
CA LEU D 78 -15.19 8.16 -4.17
C LEU D 78 -16.00 8.64 -2.98
N GLY D 79 -16.37 9.91 -2.94
CA GLY D 79 -17.03 10.49 -1.79
C GLY D 79 -18.14 9.64 -1.22
N ARG D 80 -18.99 9.11 -2.10
CA ARG D 80 -20.02 8.21 -1.66
C ARG D 80 -19.42 7.00 -0.96
N LEU D 81 -18.41 6.39 -1.58
CA LEU D 81 -17.78 5.22 -1.00
C LEU D 81 -17.22 5.52 0.38
N ALA D 82 -16.57 6.68 0.51
CA ALA D 82 -16.04 7.07 1.81
C ALA D 82 -17.15 7.20 2.83
N SER D 83 -18.21 7.91 2.48
CA SER D 83 -19.35 8.00 3.39
C SER D 83 -19.78 6.63 3.84
N ILE D 84 -19.85 5.69 2.90
CA ILE D 84 -20.34 4.35 3.22
C ILE D 84 -19.42 3.69 4.22
N VAL D 85 -18.11 3.71 3.96
CA VAL D 85 -17.20 3.01 4.84
C VAL D 85 -17.21 3.64 6.22
N GLU D 86 -17.41 4.95 6.28
CA GLU D 86 -17.43 5.60 7.59
C GLU D 86 -18.65 5.17 8.38
N GLN D 87 -19.83 5.22 7.75
CA GLN D 87 -21.03 4.74 8.42
C GLN D 87 -20.85 3.31 8.88
N VAL D 88 -20.28 2.46 8.03
CA VAL D 88 -20.16 1.05 8.35
C VAL D 88 -19.23 0.85 9.53
N ALA D 89 -18.06 1.49 9.49
CA ALA D 89 -17.15 1.42 10.64
C ALA D 89 -17.84 1.91 11.89
N GLU D 90 -18.71 2.90 11.76
CA GLU D 90 -19.44 3.34 12.94
C GLU D 90 -20.34 2.24 13.48
N CYS D 91 -21.27 1.75 12.66
CA CYS D 91 -22.19 0.72 13.15
C CYS D 91 -21.45 -0.49 13.70
N HIS D 92 -20.27 -0.79 13.15
CA HIS D 92 -19.52 -1.90 13.71
C HIS D 92 -18.93 -1.55 15.06
N LEU D 93 -18.26 -0.40 15.16
CA LEU D 93 -17.74 0.07 16.43
C LEU D 93 -18.79 0.13 17.51
N GLU D 94 -20.04 0.36 17.14
CA GLU D 94 -21.14 0.25 18.08
C GLU D 94 -21.23 -1.14 18.70
N GLY D 95 -20.90 -2.17 17.94
CA GLY D 95 -21.03 -3.54 18.39
C GLY D 95 -21.93 -4.39 17.52
N ARG D 96 -22.57 -3.81 16.52
CA ARG D 96 -23.33 -4.61 15.59
C ARG D 96 -22.39 -5.34 14.64
N GLU D 97 -22.92 -6.32 13.93
CA GLU D 97 -22.11 -7.21 13.12
C GLU D 97 -22.45 -6.99 11.66
N VAL D 98 -21.44 -6.65 10.87
CA VAL D 98 -21.66 -6.23 9.50
C VAL D 98 -20.77 -7.00 8.54
N MET D 99 -21.30 -7.32 7.37
CA MET D 99 -20.52 -8.01 6.34
C MET D 99 -20.83 -7.33 5.02
N MET D 100 -19.98 -6.38 4.62
CA MET D 100 -20.19 -5.70 3.37
C MET D 100 -20.21 -6.69 2.20
N VAL D 101 -20.97 -6.33 1.18
CA VAL D 101 -20.91 -7.02 -0.11
C VAL D 101 -20.75 -5.93 -1.15
N THR D 102 -19.51 -5.58 -1.45
CA THR D 102 -19.25 -4.50 -2.40
C THR D 102 -19.36 -5.04 -3.81
N SER D 103 -20.30 -4.51 -4.58
CA SER D 103 -20.38 -4.85 -5.98
C SER D 103 -19.41 -3.96 -6.76
N GLY D 104 -19.32 -4.20 -8.06
CA GLY D 104 -18.63 -3.29 -8.95
C GLY D 104 -17.16 -3.07 -8.67
N ALA D 105 -16.34 -4.09 -8.87
CA ALA D 105 -14.90 -3.91 -8.88
C ALA D 105 -14.37 -3.55 -10.24
N VAL D 106 -15.10 -3.90 -11.30
CA VAL D 106 -14.65 -3.68 -12.67
C VAL D 106 -14.13 -2.28 -12.88
N ALA D 107 -14.80 -1.29 -12.30
CA ALA D 107 -14.41 0.09 -12.53
C ALA D 107 -13.00 0.34 -12.02
N PHE D 108 -12.69 -0.20 -10.84
CA PHE D 108 -11.34 -0.05 -10.30
C PHE D 108 -10.30 -0.49 -11.31
N GLY D 109 -10.37 -1.74 -11.75
CA GLY D 109 -9.37 -2.25 -12.67
C GLY D 109 -9.37 -1.50 -13.99
N LYS D 110 -10.56 -1.22 -14.51
CA LYS D 110 -10.65 -0.47 -15.76
C LYS D 110 -9.86 0.82 -15.68
N GLN D 111 -10.02 1.54 -14.57
CA GLN D 111 -9.22 2.74 -14.40
C GLN D 111 -7.75 2.40 -14.22
N LYS D 112 -7.44 1.36 -13.46
CA LYS D 112 -6.05 1.13 -13.11
C LYS D 112 -5.23 0.80 -14.34
N LEU D 113 -5.81 0.12 -15.32
CA LEU D 113 -5.02 -0.16 -16.52
C LEU D 113 -4.94 1.08 -17.39
N ALA D 114 -6.06 1.44 -18.02
CA ALA D 114 -6.23 2.73 -18.70
C ALA D 114 -5.17 2.99 -19.76
N GLN D 115 -4.20 2.10 -19.90
CA GLN D 115 -3.12 2.29 -20.86
C GLN D 115 -3.06 1.09 -21.78
N GLU D 116 -3.11 -0.10 -21.20
CA GLU D 116 -3.06 -1.32 -22.00
C GLU D 116 -4.38 -1.58 -22.70
N LEU D 117 -5.51 -1.30 -22.04
CA LEU D 117 -6.77 -1.29 -22.78
C LEU D 117 -6.71 -0.32 -23.94
N LEU D 118 -6.06 0.83 -23.73
CA LEU D 118 -5.87 1.80 -24.80
C LEU D 118 -5.09 1.20 -25.97
N MET D 119 -3.89 0.68 -25.68
CA MET D 119 -3.04 0.17 -26.75
C MET D 119 -3.55 -1.13 -27.33
N SER D 120 -4.51 -1.79 -26.69
CA SER D 120 -5.09 -3.00 -27.25
C SER D 120 -6.34 -2.75 -28.06
N LEU D 121 -7.14 -1.73 -27.72
CA LEU D 121 -8.32 -1.42 -28.52
C LEU D 121 -7.96 -0.89 -29.89
N SER D 122 -6.69 -0.60 -30.15
CA SER D 122 -6.22 -0.24 -31.48
C SER D 122 -5.61 -1.41 -32.23
N MET D 123 -5.14 -2.44 -31.52
CA MET D 123 -4.57 -3.62 -32.14
C MET D 123 -5.41 -4.87 -31.92
N ARG D 124 -6.48 -4.79 -31.13
CA ARG D 124 -7.34 -5.92 -30.87
C ARG D 124 -8.79 -5.47 -30.89
N PRO D 142 -12.70 -8.14 -20.28
CA PRO D 142 -13.34 -7.31 -19.26
C PRO D 142 -13.13 -7.88 -17.86
N ARG D 143 -13.36 -9.18 -17.75
CA ARG D 143 -13.24 -9.87 -16.46
C ARG D 143 -11.86 -9.68 -15.83
N ALA D 144 -10.80 -9.74 -16.65
CA ALA D 144 -9.45 -9.61 -16.12
C ALA D 144 -9.27 -8.28 -15.41
N ALA D 145 -9.76 -7.21 -16.02
CA ALA D 145 -9.74 -5.90 -15.37
C ALA D 145 -10.44 -5.98 -14.02
N ALA D 146 -11.50 -6.76 -13.93
CA ALA D 146 -12.18 -6.89 -12.65
C ALA D 146 -11.31 -7.65 -11.65
N ALA D 147 -10.51 -8.61 -12.11
CA ALA D 147 -9.64 -9.33 -11.17
C ALA D 147 -8.59 -8.40 -10.59
N VAL D 148 -7.89 -7.67 -11.47
CA VAL D 148 -6.87 -6.76 -10.98
C VAL D 148 -7.50 -5.68 -10.10
N GLY D 149 -8.68 -5.20 -10.49
CA GLY D 149 -9.37 -4.23 -9.65
C GLY D 149 -9.76 -4.83 -8.32
N GLN D 150 -10.14 -6.10 -8.30
CA GLN D 150 -10.42 -6.77 -7.04
C GLN D 150 -9.23 -6.63 -6.10
N SER D 151 -8.05 -6.94 -6.60
CA SER D 151 -6.86 -6.78 -5.76
C SER D 151 -6.75 -5.35 -5.24
N GLY D 152 -6.72 -4.39 -6.15
CA GLY D 152 -6.47 -3.01 -5.74
C GLY D 152 -7.52 -2.49 -4.78
N LEU D 153 -8.79 -2.66 -5.14
CA LEU D 153 -9.90 -2.29 -4.28
C LEU D 153 -9.76 -2.87 -2.90
N MET D 154 -9.35 -4.14 -2.82
CA MET D 154 -9.13 -4.72 -1.52
C MET D 154 -8.12 -3.90 -0.74
N SER D 155 -7.02 -3.56 -1.35
CA SER D 155 -6.03 -2.83 -0.63
C SER D 155 -6.63 -1.56 -0.13
N LEU D 156 -7.34 -0.87 -0.99
CA LEU D 156 -7.87 0.43 -0.63
C LEU D 156 -8.79 0.34 0.58
N TYR D 157 -9.69 -0.64 0.56
CA TYR D 157 -10.54 -0.87 1.72
C TYR D 157 -9.69 -1.11 2.96
N ASP D 158 -8.61 -1.87 2.81
CA ASP D 158 -7.76 -2.14 3.95
C ASP D 158 -7.25 -0.85 4.55
N ALA D 159 -6.66 0.00 3.72
CA ALA D 159 -6.16 1.28 4.21
C ALA D 159 -7.26 2.05 4.94
N MET D 160 -8.37 2.26 4.25
CA MET D 160 -9.41 3.10 4.84
C MET D 160 -9.95 2.53 6.15
N PHE D 161 -10.37 1.27 6.16
CA PHE D 161 -10.90 0.67 7.37
C PHE D 161 -9.90 0.71 8.49
N ALA D 162 -8.68 0.22 8.24
CA ALA D 162 -7.66 0.30 9.25
C ALA D 162 -7.48 1.71 9.77
N GLN D 163 -7.86 2.72 8.99
CA GLN D 163 -7.76 4.03 9.62
C GLN D 163 -8.80 4.23 10.72
N TYR D 164 -9.79 3.37 10.83
CA TYR D 164 -10.58 3.31 12.05
C TYR D 164 -10.10 2.21 12.98
N GLY D 165 -9.00 1.55 12.65
CA GLY D 165 -8.48 0.47 13.45
C GLY D 165 -9.09 -0.89 13.15
N VAL D 166 -10.26 -0.91 12.51
CA VAL D 166 -10.85 -2.18 12.15
C VAL D 166 -10.03 -2.86 11.07
N LYS D 167 -10.00 -4.18 11.12
CA LYS D 167 -9.35 -4.99 10.10
C LYS D 167 -10.40 -5.72 9.28
N ILE D 168 -10.03 -6.07 8.05
CA ILE D 168 -10.93 -6.73 7.13
C ILE D 168 -10.19 -7.89 6.48
N ALA D 169 -10.93 -8.66 5.69
CA ALA D 169 -10.37 -9.85 5.06
C ALA D 169 -11.24 -10.20 3.86
N GLN D 170 -10.65 -10.16 2.67
CA GLN D 170 -11.38 -10.46 1.46
C GLN D 170 -11.97 -11.87 1.53
N VAL D 171 -13.18 -12.03 1.01
CA VAL D 171 -13.81 -13.33 0.86
C VAL D 171 -14.50 -13.37 -0.49
N LEU D 172 -14.28 -14.44 -1.24
CA LEU D 172 -14.84 -14.60 -2.58
C LEU D 172 -15.82 -15.77 -2.57
N VAL D 173 -16.96 -15.60 -3.21
CA VAL D 173 -17.95 -16.66 -3.35
C VAL D 173 -18.58 -16.57 -4.73
N THR D 174 -19.45 -17.54 -5.04
CA THR D 174 -20.32 -17.48 -6.21
C THR D 174 -21.64 -18.14 -5.86
N LYS D 175 -22.65 -17.86 -6.70
CA LYS D 175 -23.95 -18.48 -6.51
C LYS D 175 -23.90 -20.00 -6.42
N PRO D 176 -23.18 -20.73 -7.29
CA PRO D 176 -23.09 -22.18 -7.10
C PRO D 176 -22.53 -22.57 -5.75
N ASP D 177 -21.69 -21.73 -5.14
CA ASP D 177 -21.10 -22.07 -3.86
C ASP D 177 -22.14 -22.15 -2.76
N PHE D 178 -23.33 -21.61 -2.98
CA PHE D 178 -24.40 -21.70 -2.00
C PHE D 178 -25.22 -22.95 -2.20
N TYR D 179 -25.11 -23.59 -3.36
CA TYR D 179 -26.01 -24.67 -3.73
C TYR D 179 -25.58 -26.02 -3.19
N ASN D 180 -24.34 -26.41 -3.42
CA ASN D 180 -23.83 -27.59 -2.74
C ASN D 180 -23.77 -27.32 -1.25
N GLU D 181 -23.93 -28.40 -0.48
CA GLU D 181 -24.08 -28.21 0.97
C GLU D 181 -22.74 -28.29 1.69
N GLU D 182 -21.81 -29.10 1.20
CA GLU D 182 -20.50 -29.16 1.83
C GLU D 182 -19.84 -27.79 1.78
N THR D 183 -19.93 -27.11 0.64
CA THR D 183 -19.40 -25.76 0.55
C THR D 183 -20.21 -24.81 1.42
N ARG D 184 -21.51 -25.05 1.57
CA ARG D 184 -22.28 -24.26 2.52
C ARG D 184 -21.66 -24.36 3.90
N ASN D 185 -21.39 -25.58 4.35
CA ASN D 185 -20.71 -25.78 5.62
C ASN D 185 -19.38 -25.03 5.64
N ASN D 186 -18.57 -25.21 4.61
CA ASN D 186 -17.25 -24.62 4.58
C ASN D 186 -17.32 -23.11 4.73
N LEU D 187 -18.07 -22.46 3.84
CA LEU D 187 -18.16 -21.01 3.84
C LEU D 187 -18.77 -20.50 5.14
N PHE D 188 -19.78 -21.17 5.66
CA PHE D 188 -20.34 -20.69 6.91
C PHE D 188 -19.33 -20.79 8.04
N CYS D 189 -18.54 -21.86 8.05
CA CYS D 189 -17.48 -21.98 9.04
C CYS D 189 -16.49 -20.84 8.90
N THR D 190 -16.10 -20.53 7.67
CA THR D 190 -15.19 -19.42 7.45
C THR D 190 -15.78 -18.11 7.97
N LEU D 191 -17.08 -17.89 7.75
CA LEU D 191 -17.70 -16.65 8.17
C LEU D 191 -17.80 -16.57 9.68
N SER D 192 -18.19 -17.67 10.32
CA SER D 192 -18.32 -17.66 11.77
C SER D 192 -16.96 -17.43 12.42
N GLU D 193 -15.95 -18.17 11.97
CA GLU D 193 -14.61 -17.96 12.48
C GLU D 193 -14.19 -16.52 12.30
N LEU D 194 -14.54 -15.90 11.18
CA LEU D 194 -14.19 -14.51 10.97
C LEU D 194 -14.90 -13.60 11.96
N ILE D 195 -16.23 -13.60 11.93
CA ILE D 195 -17.00 -12.67 12.75
C ILE D 195 -16.62 -12.81 14.21
N SER D 196 -16.30 -14.02 14.64
CA SER D 196 -15.84 -14.21 16.00
C SER D 196 -14.58 -13.41 16.31
N LEU D 197 -13.89 -12.92 15.30
CA LEU D 197 -12.60 -12.27 15.49
C LEU D 197 -12.63 -10.78 15.21
N ASN D 198 -13.81 -10.16 15.18
CA ASN D 198 -13.93 -8.72 15.01
C ASN D 198 -13.32 -8.28 13.68
N ILE D 199 -13.63 -9.04 12.64
CA ILE D 199 -13.15 -8.74 11.31
C ILE D 199 -14.35 -8.56 10.40
N VAL D 200 -14.25 -7.61 9.49
CA VAL D 200 -15.37 -7.30 8.63
C VAL D 200 -15.08 -7.84 7.23
N PRO D 201 -15.49 -9.05 6.93
CA PRO D 201 -15.15 -9.64 5.64
C PRO D 201 -15.90 -8.94 4.52
N ILE D 202 -15.17 -8.67 3.46
CA ILE D 202 -15.72 -8.09 2.25
C ILE D 202 -15.99 -9.27 1.32
N ILE D 203 -17.20 -9.34 0.80
CA ILE D 203 -17.68 -10.54 0.13
C ILE D 203 -17.90 -10.18 -1.33
N ASN D 204 -16.91 -10.44 -2.16
CA ASN D 204 -17.15 -10.27 -3.58
C ASN D 204 -17.44 -11.61 -4.23
N THR D 205 -17.83 -11.57 -5.49
CA THR D 205 -18.06 -12.80 -6.21
C THR D 205 -16.79 -13.22 -6.88
N ASN D 206 -16.58 -14.51 -7.02
CA ASN D 206 -15.40 -14.99 -7.70
C ASN D 206 -15.51 -14.72 -9.18
N ASP D 207 -15.38 -13.46 -9.58
CA ASP D 207 -15.48 -13.11 -10.98
C ASP D 207 -14.81 -14.16 -11.83
N ALA D 208 -13.60 -14.54 -11.45
CA ALA D 208 -12.87 -15.53 -12.22
C ALA D 208 -13.84 -16.55 -12.75
N VAL D 209 -14.68 -17.08 -11.88
CA VAL D 209 -15.69 -18.02 -12.31
C VAL D 209 -17.00 -17.29 -12.53
N SER D 210 -17.06 -16.49 -13.58
CA SER D 210 -18.27 -15.75 -13.87
C SER D 210 -18.37 -15.42 -15.35
N PRO D 211 -19.50 -15.81 -15.98
CA PRO D 211 -19.70 -15.53 -17.40
C PRO D 211 -19.23 -14.14 -17.80
N ASP D 232 -27.49 -8.57 -11.19
CA ASP D 232 -26.30 -7.95 -10.62
C ASP D 232 -26.11 -8.34 -9.16
N ASN D 233 -25.57 -9.54 -8.95
CA ASN D 233 -25.00 -10.02 -7.70
C ASN D 233 -25.78 -9.60 -6.47
N ASP D 234 -27.09 -9.47 -6.61
CA ASP D 234 -27.97 -9.05 -5.53
C ASP D 234 -28.65 -10.24 -4.87
N SER D 235 -29.22 -11.12 -5.68
CA SER D 235 -29.61 -12.44 -5.20
C SER D 235 -28.53 -13.04 -4.32
N LEU D 236 -27.27 -12.81 -4.69
CA LEU D 236 -26.18 -13.31 -3.90
C LEU D 236 -26.26 -12.81 -2.47
N SER D 237 -26.32 -11.49 -2.31
CA SER D 237 -26.40 -10.92 -0.98
C SER D 237 -27.64 -11.41 -0.24
N ALA D 238 -28.77 -11.46 -0.94
CA ALA D 238 -29.99 -11.90 -0.31
C ALA D 238 -29.82 -13.29 0.28
N MET D 239 -29.48 -14.26 -0.55
CA MET D 239 -29.36 -15.63 -0.08
C MET D 239 -28.20 -15.77 0.88
N LEU D 240 -27.24 -14.86 0.81
CA LEU D 240 -26.18 -14.81 1.82
C LEU D 240 -26.78 -14.55 3.18
N ALA D 241 -27.45 -13.42 3.32
CA ALA D 241 -28.15 -13.13 4.56
C ALA D 241 -29.00 -14.31 4.96
N ALA D 242 -29.61 -14.98 3.97
CA ALA D 242 -30.43 -16.14 4.26
C ALA D 242 -29.64 -17.20 5.00
N GLU D 243 -28.56 -17.69 4.39
CA GLU D 243 -27.76 -18.72 5.04
C GLU D 243 -27.27 -18.24 6.41
N VAL D 244 -26.85 -16.98 6.49
CA VAL D 244 -26.45 -16.44 7.77
C VAL D 244 -27.64 -16.23 8.70
N GLN D 245 -28.84 -16.10 8.14
CA GLN D 245 -30.02 -15.69 8.92
C GLN D 245 -29.70 -14.43 9.71
N ALA D 246 -29.43 -13.38 8.94
CA ALA D 246 -29.05 -12.09 9.50
C ALA D 246 -30.27 -11.28 9.88
N ASP D 247 -30.06 -10.36 10.83
CA ASP D 247 -31.17 -9.56 11.34
C ASP D 247 -31.79 -8.71 10.23
N LEU D 248 -31.02 -7.80 9.68
CA LEU D 248 -31.50 -6.89 8.65
C LEU D 248 -30.52 -6.85 7.48
N LEU D 249 -31.08 -6.94 6.28
CA LEU D 249 -30.27 -6.76 5.08
C LEU D 249 -30.51 -5.33 4.62
N ILE D 250 -29.47 -4.53 4.67
CA ILE D 250 -29.49 -3.24 3.97
C ILE D 250 -29.12 -3.50 2.53
N LEU D 251 -29.80 -2.83 1.62
CA LEU D 251 -29.46 -2.92 0.21
C LEU D 251 -29.48 -1.50 -0.33
N MET D 252 -28.33 -0.84 -0.27
CA MET D 252 -28.24 0.49 -0.86
C MET D 252 -28.41 0.38 -2.37
N SER D 253 -28.71 1.52 -2.98
CA SER D 253 -28.84 1.58 -4.43
C SER D 253 -28.89 3.04 -4.85
N ASP D 254 -29.19 3.25 -6.12
CA ASP D 254 -29.38 4.58 -6.70
C ASP D 254 -30.78 5.12 -6.47
N VAL D 255 -31.81 4.29 -6.68
CA VAL D 255 -33.18 4.76 -6.54
C VAL D 255 -33.50 5.00 -5.07
N ASP D 256 -34.32 6.02 -4.82
CA ASP D 256 -34.71 6.37 -3.45
C ASP D 256 -35.60 5.32 -2.82
N GLY D 257 -36.47 4.70 -3.59
CA GLY D 257 -37.36 3.69 -3.07
C GLY D 257 -38.33 3.20 -4.11
N ILE D 258 -39.44 2.60 -3.70
CA ILE D 258 -40.40 2.02 -4.62
C ILE D 258 -41.60 2.92 -4.69
N TYR D 259 -42.14 3.11 -5.88
CA TYR D 259 -43.34 3.91 -6.03
C TYR D 259 -44.55 3.01 -6.19
N ASN D 260 -45.72 3.64 -6.20
CA ASN D 260 -46.93 2.93 -6.55
C ASN D 260 -46.92 2.47 -8.00
N LYS D 261 -46.27 3.23 -8.86
CA LYS D 261 -46.34 2.99 -10.29
C LYS D 261 -45.09 3.57 -10.95
N PRO D 262 -44.90 3.32 -12.24
CA PRO D 262 -43.82 3.98 -12.97
C PRO D 262 -43.80 5.47 -12.68
N PRO D 263 -42.61 6.08 -12.64
CA PRO D 263 -42.52 7.49 -12.26
C PRO D 263 -43.15 8.44 -13.27
N TRP D 264 -43.20 8.04 -14.54
CA TRP D 264 -43.78 8.87 -15.59
C TRP D 264 -45.31 8.74 -15.58
N GLU D 265 -45.87 8.92 -14.40
CA GLU D 265 -47.25 8.51 -14.17
C GLU D 265 -47.77 9.19 -12.91
N ASP D 266 -48.98 9.71 -13.02
CA ASP D 266 -49.61 10.39 -11.90
C ASP D 266 -49.92 9.37 -10.81
N GLY D 267 -49.41 9.62 -9.60
CA GLY D 267 -49.64 8.71 -8.50
C GLY D 267 -48.44 7.85 -8.20
N ALA D 268 -47.23 8.38 -8.43
CA ALA D 268 -46.00 7.67 -8.11
C ALA D 268 -45.76 7.70 -6.61
N LYS D 269 -46.67 7.05 -5.88
CA LYS D 269 -46.64 7.03 -4.44
C LYS D 269 -45.43 6.21 -3.98
N LEU D 270 -44.42 6.88 -3.44
CA LEU D 270 -43.28 6.16 -2.93
C LEU D 270 -43.69 5.31 -1.74
N MET D 271 -43.79 4.00 -1.96
CA MET D 271 -44.33 3.09 -0.97
C MET D 271 -43.24 2.77 0.05
N HIS D 272 -43.18 3.58 1.11
CA HIS D 272 -42.15 3.40 2.12
C HIS D 272 -42.17 1.99 2.68
N THR D 273 -43.25 1.62 3.34
CA THR D 273 -43.34 0.23 3.73
C THR D 273 -43.79 -0.60 2.53
N TYR D 274 -43.78 -1.91 2.71
CA TYR D 274 -44.32 -2.81 1.70
C TYR D 274 -44.98 -3.99 2.40
N THR D 275 -46.23 -4.24 2.02
CA THR D 275 -47.04 -5.29 2.61
C THR D 275 -46.39 -6.66 2.40
N SER D 297 -36.67 -8.57 -9.89
CA SER D 297 -35.47 -7.78 -9.62
C SER D 297 -35.23 -7.66 -8.13
N LYS D 298 -34.83 -6.45 -7.73
CA LYS D 298 -34.66 -6.15 -6.31
C LYS D 298 -35.92 -6.50 -5.54
N VAL D 299 -37.08 -6.18 -6.10
CA VAL D 299 -38.35 -6.50 -5.45
C VAL D 299 -38.47 -7.99 -5.22
N LYS D 300 -38.17 -8.78 -6.23
CA LYS D 300 -38.34 -10.19 -6.03
C LYS D 300 -37.39 -10.61 -4.94
N ALA D 301 -36.12 -10.36 -5.16
CA ALA D 301 -35.15 -10.83 -4.19
C ALA D 301 -35.55 -10.42 -2.78
N ALA D 302 -36.17 -9.26 -2.63
CA ALA D 302 -36.62 -8.82 -1.32
C ALA D 302 -37.73 -9.72 -0.80
N THR D 303 -38.68 -10.04 -1.66
CA THR D 303 -39.69 -10.97 -1.23
C THR D 303 -39.00 -12.21 -0.76
N TRP D 304 -38.14 -12.73 -1.60
CA TRP D 304 -37.42 -13.96 -1.28
C TRP D 304 -36.82 -13.91 0.12
N ALA D 305 -35.96 -12.92 0.35
CA ALA D 305 -35.28 -12.83 1.64
C ALA D 305 -36.28 -12.72 2.78
N LEU D 306 -37.35 -11.96 2.59
CA LEU D 306 -38.42 -11.93 3.58
C LEU D 306 -38.95 -13.34 3.83
N ASP D 307 -39.16 -14.09 2.75
CA ASP D 307 -39.61 -15.47 2.86
C ASP D 307 -38.62 -16.32 3.63
N ARG D 308 -37.37 -15.90 3.67
CA ARG D 308 -36.36 -16.57 4.49
C ARG D 308 -36.36 -16.03 5.92
N GLY D 309 -37.40 -15.30 6.29
CA GLY D 309 -37.48 -14.73 7.61
C GLY D 309 -36.49 -13.61 7.86
N VAL D 310 -36.28 -12.72 6.89
CA VAL D 310 -35.22 -11.73 6.95
C VAL D 310 -35.79 -10.36 6.63
N SER D 311 -35.44 -9.37 7.45
CA SER D 311 -35.91 -8.00 7.27
C SER D 311 -35.02 -7.34 6.23
N VAL D 312 -35.65 -6.81 5.19
CA VAL D 312 -34.90 -6.16 4.11
C VAL D 312 -35.28 -4.69 4.04
N VAL D 313 -34.32 -3.87 3.61
CA VAL D 313 -34.54 -2.45 3.41
C VAL D 313 -33.75 -2.02 2.19
N ILE D 314 -34.30 -1.11 1.41
CA ILE D 314 -33.64 -0.61 0.22
C ILE D 314 -33.65 0.91 0.29
N CYS D 315 -32.47 1.49 0.47
CA CYS D 315 -32.32 2.93 0.62
C CYS D 315 -31.77 3.52 -0.67
N ASN D 316 -31.45 4.81 -0.62
CA ASN D 316 -30.77 5.50 -1.69
C ASN D 316 -29.35 5.77 -1.28
N GLY D 317 -28.40 5.43 -2.14
CA GLY D 317 -27.00 5.61 -1.80
C GLY D 317 -26.65 7.07 -1.58
N MET D 318 -27.03 7.92 -2.52
CA MET D 318 -26.64 9.33 -2.46
C MET D 318 -27.17 10.04 -1.23
N GLN D 319 -28.07 9.43 -0.48
CA GLN D 319 -28.59 10.08 0.71
C GLN D 319 -27.59 9.92 1.86
N GLU D 320 -27.27 11.03 2.51
CA GLU D 320 -26.27 11.01 3.56
C GLU D 320 -26.74 10.21 4.76
N LYS D 321 -25.78 9.64 5.49
CA LYS D 321 -26.02 9.02 6.78
C LYS D 321 -27.08 7.93 6.70
N ALA D 322 -27.29 7.45 5.47
CA ALA D 322 -28.41 6.57 5.15
C ALA D 322 -28.56 5.46 6.18
N ILE D 323 -27.45 4.84 6.57
CA ILE D 323 -27.53 3.81 7.60
C ILE D 323 -27.92 4.43 8.93
N LYS D 324 -27.06 5.32 9.44
CA LYS D 324 -27.38 6.02 10.69
C LYS D 324 -28.78 6.60 10.63
N THR D 325 -29.19 7.10 9.47
CA THR D 325 -30.57 7.46 9.27
C THR D 325 -31.49 6.27 9.49
N ILE D 326 -31.29 5.21 8.73
CA ILE D 326 -32.27 4.13 8.73
C ILE D 326 -32.21 3.34 10.02
N ILE D 327 -31.06 3.30 10.69
CA ILE D 327 -31.03 2.56 11.94
C ILE D 327 -31.88 3.27 12.98
N GLY D 328 -32.06 4.59 12.85
CA GLY D 328 -32.83 5.32 13.84
C GLY D 328 -34.31 4.98 13.79
N GLY D 329 -34.78 4.52 12.64
CA GLY D 329 -36.19 4.25 12.47
C GLY D 329 -36.81 5.27 11.56
N ARG D 330 -35.99 6.17 11.04
CA ARG D 330 -36.47 7.24 10.20
C ARG D 330 -37.08 6.69 8.92
N LYS D 331 -38.19 7.29 8.50
CA LYS D 331 -38.95 6.84 7.33
C LYS D 331 -38.21 7.22 6.06
N VAL D 332 -37.39 6.28 5.58
CA VAL D 332 -36.54 6.52 4.43
C VAL D 332 -36.38 5.23 3.65
N GLY D 333 -36.17 5.37 2.34
CA GLY D 333 -35.91 4.20 1.51
C GLY D 333 -37.18 3.42 1.27
N THR D 334 -37.13 2.13 1.60
CA THR D 334 -38.30 1.27 1.48
C THR D 334 -38.15 0.11 2.45
N PHE D 335 -39.16 -0.05 3.31
CA PHE D 335 -39.11 -1.07 4.34
C PHE D 335 -40.11 -2.16 3.95
N PHE D 336 -39.84 -3.39 4.36
CA PHE D 336 -40.59 -4.54 3.88
C PHE D 336 -41.00 -5.42 5.04
N THR D 337 -42.31 -5.54 5.25
CA THR D 337 -42.87 -6.51 6.18
C THR D 337 -44.37 -6.61 5.95
N GLU D 338 -44.92 -7.82 5.94
CA GLU D 338 -46.37 -8.00 5.76
C GLU D 338 -47.06 -8.19 7.09
N ALA D 339 -46.36 -7.92 8.18
CA ALA D 339 -46.90 -8.04 9.55
C ALA D 339 -48.35 -7.55 9.57
N THR D 340 -48.67 -6.44 8.90
CA THR D 340 -50.06 -5.98 8.79
C THR D 340 -50.82 -6.24 10.09
N GLU D 341 -50.33 -5.65 11.18
CA GLU D 341 -50.94 -5.89 12.47
C GLU D 341 -52.34 -5.29 12.55
N SER D 342 -52.46 -3.98 12.35
CA SER D 342 -53.72 -3.29 12.58
C SER D 342 -54.12 -2.51 11.36
N ALA D 343 -55.39 -2.12 11.33
CA ALA D 343 -55.90 -1.28 10.26
C ALA D 343 -55.21 0.07 10.23
N ASN D 344 -54.90 0.61 11.43
CA ASN D 344 -54.25 1.92 11.60
C ASN D 344 -54.75 2.93 10.58
N ALA D 345 -56.07 3.18 10.64
CA ALA D 345 -56.94 3.59 9.52
C ALA D 345 -56.17 4.44 8.52
N VAL D 346 -55.40 5.43 8.96
CA VAL D 346 -54.67 6.23 7.98
C VAL D 346 -53.18 6.09 8.23
N PRO D 347 -52.36 5.86 7.21
CA PRO D 347 -50.92 6.07 7.42
C PRO D 347 -50.61 7.49 7.81
N VAL D 348 -50.74 8.46 6.89
CA VAL D 348 -50.83 9.87 7.27
C VAL D 348 -51.87 10.60 6.43
N GLU D 349 -52.15 10.12 5.22
CA GLU D 349 -52.61 11.02 4.16
C GLU D 349 -54.08 10.84 3.78
N VAL D 350 -54.53 9.59 3.66
CA VAL D 350 -55.95 9.39 3.41
C VAL D 350 -56.78 10.12 4.46
N MET D 351 -56.19 10.34 5.64
CA MET D 351 -56.63 11.39 6.53
C MET D 351 -56.86 12.69 5.77
N ALA D 352 -55.81 13.20 5.12
CA ALA D 352 -55.88 14.51 4.51
C ALA D 352 -56.96 14.57 3.45
N GLU D 353 -56.98 13.59 2.56
CA GLU D 353 -57.98 13.60 1.52
C GLU D 353 -59.38 13.52 2.12
N ASN D 354 -59.51 12.72 3.15
CA ASN D 354 -60.80 12.60 3.76
C ASN D 354 -61.19 13.98 4.18
N ALA D 355 -60.33 14.60 4.97
CA ALA D 355 -60.68 15.90 5.51
C ALA D 355 -61.10 16.84 4.39
N ARG D 356 -60.40 16.79 3.26
CA ARG D 356 -60.83 17.59 2.13
C ARG D 356 -62.26 17.27 1.75
N THR D 357 -62.58 15.97 1.67
CA THR D 357 -63.94 15.55 1.36
C THR D 357 -64.91 16.11 2.38
N GLY D 358 -64.59 16.00 3.66
CA GLY D 358 -65.49 16.48 4.68
C GLY D 358 -65.71 17.97 4.61
N SER D 359 -64.67 18.72 4.24
CA SER D 359 -64.82 20.15 4.05
C SER D 359 -65.81 20.40 2.92
N ARG D 360 -65.59 19.75 1.78
CA ARG D 360 -66.54 19.83 0.68
C ARG D 360 -67.94 19.51 1.18
N GLN D 361 -68.05 18.56 2.08
CA GLN D 361 -69.34 18.16 2.61
C GLN D 361 -70.00 19.31 3.36
N MET D 362 -69.38 19.71 4.48
CA MET D 362 -69.96 20.73 5.33
C MET D 362 -70.11 22.05 4.59
N GLN D 363 -69.48 22.17 3.43
CA GLN D 363 -69.66 23.34 2.60
C GLN D 363 -71.14 23.63 2.32
N ALA D 364 -71.96 22.59 2.26
CA ALA D 364 -73.37 22.76 1.89
C ALA D 364 -74.27 22.69 3.11
N LEU D 365 -73.73 23.08 4.26
CA LEU D 365 -74.50 23.01 5.49
C LEU D 365 -74.35 24.27 6.34
N THR D 366 -74.55 25.44 5.75
CA THR D 366 -74.46 26.67 6.53
C THR D 366 -75.64 26.90 7.46
N PRO D 367 -76.90 26.83 7.02
CA PRO D 367 -77.96 27.48 7.79
C PRO D 367 -78.24 26.74 9.08
N ALA D 368 -77.69 27.26 10.17
CA ALA D 368 -77.85 26.73 11.53
C ALA D 368 -77.35 25.29 11.63
N GLN D 369 -76.84 24.73 10.55
CA GLN D 369 -76.41 23.35 10.54
C GLN D 369 -75.16 23.17 11.39
N ARG D 370 -74.07 23.81 11.00
CA ARG D 370 -72.90 23.85 11.84
C ARG D 370 -73.19 24.53 13.16
N ALA D 371 -74.14 25.47 13.17
CA ALA D 371 -74.51 26.13 14.41
C ALA D 371 -75.13 25.13 15.39
N SER D 372 -76.20 24.47 14.96
CA SER D 372 -76.79 23.44 15.81
C SER D 372 -75.78 22.35 16.15
N ALA D 373 -74.85 22.09 15.24
CA ALA D 373 -73.86 21.05 15.47
C ALA D 373 -72.94 21.44 16.62
N VAL D 374 -72.46 22.68 16.64
CA VAL D 374 -71.58 23.08 17.71
C VAL D 374 -72.37 23.26 19.00
N ASN D 375 -73.66 23.61 18.90
CA ASN D 375 -74.53 23.53 20.07
C ASN D 375 -74.50 22.13 20.66
N THR D 376 -74.70 21.14 19.80
CA THR D 376 -74.61 19.75 20.20
C THR D 376 -73.27 19.44 20.84
N LEU D 377 -72.19 20.00 20.30
CA LEU D 377 -70.89 19.76 20.88
C LEU D 377 -70.82 20.30 22.30
N ALA D 378 -71.30 21.53 22.50
CA ALA D 378 -71.30 22.11 23.84
C ALA D 378 -72.12 21.26 24.80
N ASP D 379 -73.24 20.73 24.30
CA ASP D 379 -74.09 19.88 25.15
C ASP D 379 -73.36 18.60 25.54
N LEU D 380 -72.72 17.96 24.56
CA LEU D 380 -71.93 16.76 24.85
C LEU D 380 -70.82 17.08 25.83
N LEU D 381 -70.25 18.28 25.73
CA LEU D 381 -69.24 18.71 26.67
C LEU D 381 -69.80 18.82 28.08
N VAL D 382 -70.98 19.41 28.22
CA VAL D 382 -71.54 19.65 29.54
C VAL D 382 -72.30 18.43 30.07
N SER D 383 -72.43 17.37 29.27
CA SER D 383 -73.27 16.23 29.65
C SER D 383 -72.49 14.97 29.99
N ARG D 384 -71.34 14.73 29.37
CA ARG D 384 -70.66 13.47 29.54
C ARG D 384 -69.28 13.72 30.14
N GLU D 385 -69.15 14.84 30.84
CA GLU D 385 -67.87 15.29 31.37
C GLU D 385 -67.27 14.31 32.36
N LYS D 386 -68.10 13.50 33.03
CA LYS D 386 -67.58 12.52 33.97
C LYS D 386 -66.52 11.66 33.31
N PHE D 387 -66.85 11.11 32.14
CA PHE D 387 -65.91 10.25 31.43
C PHE D 387 -64.61 10.98 31.15
N ILE D 388 -64.70 12.15 30.53
CA ILE D 388 -63.49 12.86 30.13
C ILE D 388 -62.75 13.37 31.36
N LEU D 389 -63.48 13.71 32.41
CA LEU D 389 -62.84 14.17 33.63
C LEU D 389 -61.99 13.07 34.25
N ASP D 390 -62.56 11.87 34.37
CA ASP D 390 -61.77 10.76 34.90
C ASP D 390 -60.64 10.40 33.96
N ALA D 391 -60.87 10.52 32.65
CA ALA D 391 -59.80 10.24 31.71
C ALA D 391 -58.62 11.16 31.94
N ASN D 392 -58.88 12.46 32.09
CA ASN D 392 -57.77 13.38 32.36
C ASN D 392 -57.15 13.09 33.72
N ALA D 393 -57.97 12.78 34.72
CA ALA D 393 -57.40 12.44 36.02
C ALA D 393 -56.42 11.29 35.88
N LYS D 394 -56.81 10.26 35.13
CA LYS D 394 -55.95 9.12 34.90
C LYS D 394 -54.67 9.52 34.20
N ASP D 395 -54.79 10.24 33.09
CA ASP D 395 -53.61 10.56 32.30
C ASP D 395 -52.72 11.54 33.05
N LEU D 396 -53.31 12.38 33.90
CA LEU D 396 -52.53 13.29 34.72
C LEU D 396 -51.74 12.51 35.77
N ALA D 397 -52.37 11.51 36.38
CA ALA D 397 -51.61 10.62 37.26
C ALA D 397 -50.47 9.98 36.51
N GLU D 398 -50.73 9.52 35.28
CA GLU D 398 -49.66 8.94 34.47
C GLU D 398 -48.54 9.94 34.24
N ALA D 399 -48.88 11.20 34.02
CA ALA D 399 -47.87 12.23 33.84
C ALA D 399 -47.12 12.53 35.12
N GLN D 400 -47.77 12.35 36.28
CA GLN D 400 -47.14 12.72 37.54
C GLN D 400 -45.86 11.92 37.76
N LYS D 401 -45.92 10.60 37.58
CA LYS D 401 -44.73 9.79 37.76
C LYS D 401 -43.62 10.23 36.82
N SER D 402 -43.99 10.77 35.66
CA SER D 402 -42.99 11.28 34.74
C SER D 402 -42.39 12.61 35.23
N GLY D 403 -43.22 13.47 35.81
CA GLY D 403 -42.76 14.75 36.32
C GLY D 403 -41.99 15.56 35.30
N LEU D 404 -42.66 15.99 34.24
CA LEU D 404 -41.95 16.58 33.10
C LEU D 404 -41.67 18.06 33.32
N ALA D 405 -42.71 18.87 33.40
CA ALA D 405 -42.50 20.32 33.46
C ALA D 405 -43.71 20.97 34.11
N LYS D 406 -43.44 21.71 35.18
CA LYS D 406 -44.51 22.45 35.85
C LYS D 406 -45.35 23.29 34.89
N PRO D 407 -44.80 23.90 33.84
CA PRO D 407 -45.70 24.41 32.79
C PRO D 407 -46.62 23.32 32.26
N LEU D 408 -46.06 22.22 31.75
CA LEU D 408 -46.89 21.11 31.31
C LEU D 408 -47.70 20.53 32.45
N LEU D 409 -47.01 20.13 33.52
CA LEU D 409 -47.65 19.52 34.68
C LEU D 409 -48.71 20.41 35.30
N SER D 410 -48.81 21.65 34.87
CA SER D 410 -49.87 22.55 35.30
C SER D 410 -50.95 22.72 34.25
N ARG D 411 -50.58 22.76 32.97
CA ARG D 411 -51.56 23.05 31.93
C ARG D 411 -52.34 21.82 31.52
N LEU D 412 -51.80 20.62 31.70
CA LEU D 412 -52.57 19.44 31.35
C LEU D 412 -53.75 19.21 32.29
N SER D 413 -53.82 19.97 33.38
CA SER D 413 -54.91 19.87 34.32
C SER D 413 -56.23 20.27 33.66
N LEU D 414 -57.33 19.92 34.32
CA LEU D 414 -58.65 20.26 33.84
C LEU D 414 -59.65 20.09 34.97
N ASN D 415 -60.58 21.03 35.08
CA ASN D 415 -61.60 21.02 36.10
C ASN D 415 -62.95 21.29 35.45
N PRO D 416 -64.03 20.77 36.02
CA PRO D 416 -65.36 21.06 35.45
C PRO D 416 -65.64 22.53 35.32
N ALA D 417 -64.98 23.38 36.11
CA ALA D 417 -65.05 24.81 35.88
C ALA D 417 -64.45 25.17 34.53
N LYS D 418 -63.31 24.59 34.20
CA LYS D 418 -62.76 24.78 32.86
C LYS D 418 -63.75 24.31 31.80
N LEU D 419 -64.45 23.21 32.06
CA LEU D 419 -65.41 22.73 31.08
C LEU D 419 -66.58 23.70 30.95
N LYS D 420 -67.01 24.31 32.05
CA LYS D 420 -68.05 25.32 31.94
C LYS D 420 -67.56 26.50 31.13
N ASN D 421 -66.32 26.91 31.34
CA ASN D 421 -65.72 27.96 30.52
C ASN D 421 -65.76 27.58 29.05
N LEU D 422 -65.35 26.35 28.73
CA LEU D 422 -65.36 25.92 27.34
C LEU D 422 -66.76 25.89 26.78
N SER D 423 -67.73 25.47 27.59
CA SER D 423 -69.10 25.40 27.12
C SER D 423 -69.64 26.77 26.78
N VAL D 424 -69.39 27.74 27.65
CA VAL D 424 -69.92 29.07 27.36
C VAL D 424 -69.21 29.67 26.17
N GLY D 425 -67.90 29.42 26.05
CA GLY D 425 -67.21 29.89 24.86
C GLY D 425 -67.76 29.27 23.60
N LEU D 426 -68.10 27.99 23.65
CA LEU D 426 -68.60 27.30 22.47
C LEU D 426 -70.00 27.78 22.12
N LYS D 427 -70.83 28.01 23.12
CA LYS D 427 -72.16 28.58 22.87
C LYS D 427 -72.03 29.96 22.24
N GLN D 428 -71.06 30.74 22.72
CA GLN D 428 -70.81 32.04 22.13
C GLN D 428 -70.44 31.90 20.65
N ILE D 429 -69.44 31.07 20.38
CA ILE D 429 -69.03 30.81 19.00
C ILE D 429 -70.22 30.41 18.15
N ALA D 430 -71.07 29.53 18.69
CA ALA D 430 -72.27 29.11 17.98
C ALA D 430 -73.12 30.31 17.62
N GLU D 431 -73.59 31.04 18.62
CA GLU D 431 -74.56 32.10 18.38
C GLU D 431 -74.01 33.18 17.47
N ASP D 432 -72.69 33.43 17.49
CA ASP D 432 -72.13 34.51 16.71
C ASP D 432 -71.54 34.03 15.39
N SER D 433 -71.47 32.72 15.18
CA SER D 433 -70.85 32.17 13.97
C SER D 433 -71.92 31.92 12.95
N HIS D 434 -72.73 32.92 12.70
CA HIS D 434 -73.86 32.75 11.80
C HIS D 434 -73.55 33.04 10.35
N LYS D 435 -72.85 34.12 10.05
CA LYS D 435 -72.72 34.60 8.68
C LYS D 435 -71.27 34.75 8.28
N ASN D 436 -70.43 33.87 8.79
CA ASN D 436 -69.01 33.94 8.51
C ASN D 436 -68.63 33.39 7.16
N VAL D 437 -69.35 32.38 6.67
CA VAL D 437 -68.99 31.71 5.43
C VAL D 437 -69.95 32.15 4.34
N GLY D 438 -69.50 32.09 3.10
CA GLY D 438 -70.32 32.44 1.97
C GLY D 438 -70.65 33.90 1.84
N ARG D 439 -70.32 34.71 2.85
CA ARG D 439 -70.65 36.12 2.79
C ARG D 439 -69.95 36.79 1.62
N VAL D 440 -70.70 37.57 0.87
CA VAL D 440 -70.15 38.26 -0.28
C VAL D 440 -69.48 39.54 0.18
N LEU D 441 -68.45 39.95 -0.54
CA LEU D 441 -67.71 41.16 -0.21
C LEU D 441 -67.82 42.23 -1.27
N ARG D 442 -68.10 41.87 -2.51
CA ARG D 442 -68.24 42.85 -3.56
C ARG D 442 -69.45 42.51 -4.41
N ARG D 443 -70.07 43.54 -4.97
CA ARG D 443 -71.20 43.37 -5.87
C ARG D 443 -71.03 44.44 -6.94
N THR D 444 -70.77 44.02 -8.16
CA THR D 444 -70.41 44.94 -9.22
C THR D 444 -70.90 44.40 -10.55
N ARG D 445 -71.23 45.32 -11.46
CA ARG D 445 -71.62 44.99 -12.81
C ARG D 445 -70.64 45.62 -13.78
N LEU D 446 -70.03 44.80 -14.63
CA LEU D 446 -69.13 45.30 -15.65
C LEU D 446 -69.89 45.76 -16.88
N ALA D 447 -70.93 45.02 -17.26
CA ALA D 447 -71.81 45.39 -18.35
C ALA D 447 -73.10 44.62 -18.18
N ASP D 448 -74.01 44.77 -19.14
CA ASP D 448 -75.30 44.12 -19.06
C ASP D 448 -75.14 42.62 -18.85
N GLN D 449 -75.73 42.12 -17.77
CA GLN D 449 -75.65 40.71 -17.40
C GLN D 449 -74.21 40.28 -17.18
N LEU D 450 -73.45 41.16 -16.53
CA LEU D 450 -72.09 40.84 -16.12
C LEU D 450 -71.95 41.22 -14.66
N GLU D 451 -72.30 40.28 -13.78
CA GLU D 451 -72.47 40.56 -12.36
C GLU D 451 -71.43 39.76 -11.59
N LEU D 452 -70.24 40.33 -11.46
CA LEU D 452 -69.23 39.73 -10.61
C LEU D 452 -69.56 39.96 -9.15
N LYS D 453 -69.22 38.98 -8.32
CA LYS D 453 -69.33 39.17 -6.88
C LYS D 453 -68.32 38.23 -6.23
N GLN D 454 -67.70 38.70 -5.16
CA GLN D 454 -66.66 37.94 -4.49
C GLN D 454 -67.12 37.55 -3.10
N VAL D 455 -66.95 36.27 -2.76
CA VAL D 455 -67.61 35.74 -1.57
C VAL D 455 -66.61 35.08 -0.64
N THR D 456 -67.11 34.48 0.42
CA THR D 456 -66.30 33.90 1.48
C THR D 456 -66.26 32.40 1.34
N VAL D 457 -65.07 31.82 1.46
CA VAL D 457 -64.91 30.38 1.29
C VAL D 457 -63.88 29.87 2.29
N PRO D 458 -63.89 28.59 2.60
CA PRO D 458 -62.94 28.07 3.59
C PRO D 458 -61.53 28.04 3.06
N ILE D 459 -60.60 27.58 3.88
CA ILE D 459 -59.21 27.44 3.48
C ILE D 459 -58.93 26.03 3.00
N GLY D 460 -59.26 25.04 3.81
CA GLY D 460 -58.97 23.67 3.45
C GLY D 460 -58.48 22.85 4.62
N VAL D 461 -57.29 22.29 4.48
CA VAL D 461 -56.80 21.32 5.45
C VAL D 461 -55.95 22.00 6.50
N LEU D 462 -56.56 22.41 7.60
CA LEU D 462 -55.83 23.03 8.69
C LEU D 462 -55.22 21.98 9.58
N LEU D 463 -54.00 22.22 10.04
CA LEU D 463 -53.32 21.29 10.93
C LEU D 463 -52.84 22.05 12.15
N VAL D 464 -53.39 21.71 13.30
CA VAL D 464 -52.96 22.32 14.54
C VAL D 464 -51.80 21.55 15.12
N ILE D 465 -50.99 22.22 15.93
CA ILE D 465 -49.91 21.60 16.68
C ILE D 465 -49.80 22.33 18.00
N PHE D 466 -49.74 21.57 19.10
CA PHE D 466 -49.68 22.17 20.42
C PHE D 466 -49.28 21.11 21.43
N GLU D 467 -48.75 21.58 22.56
CA GLU D 467 -48.39 20.68 23.64
C GLU D 467 -49.62 20.29 24.44
N SER D 468 -49.40 19.45 25.45
CA SER D 468 -50.53 18.84 26.13
C SER D 468 -51.34 19.92 26.83
N ARG D 469 -52.47 20.26 26.23
CA ARG D 469 -53.40 21.28 26.68
C ARG D 469 -54.74 20.93 26.09
N PRO D 470 -55.40 19.86 26.56
CA PRO D 470 -56.64 19.40 25.92
C PRO D 470 -57.75 20.41 25.95
N ASP D 471 -57.65 21.45 26.78
CA ASP D 471 -58.64 22.51 26.80
C ASP D 471 -58.78 23.20 25.45
N SER D 472 -57.69 23.38 24.72
CA SER D 472 -57.75 24.08 23.44
C SER D 472 -58.44 23.22 22.38
N LEU D 473 -58.14 21.92 22.39
CA LEU D 473 -58.68 20.98 21.40
C LEU D 473 -60.14 21.24 21.04
N PRO D 474 -61.10 21.24 21.96
CA PRO D 474 -62.48 21.49 21.54
C PRO D 474 -62.68 22.91 21.09
N GLN D 475 -61.93 23.86 21.63
CA GLN D 475 -62.03 25.23 21.16
C GLN D 475 -61.71 25.31 19.67
N VAL D 476 -60.54 24.82 19.29
CA VAL D 476 -60.15 24.88 17.88
C VAL D 476 -61.05 23.99 17.04
N ALA D 477 -61.59 22.92 17.62
CA ALA D 477 -62.53 22.10 16.87
C ALA D 477 -63.78 22.89 16.54
N ALA D 478 -64.29 23.65 17.52
CA ALA D 478 -65.42 24.52 17.26
C ALA D 478 -65.08 25.54 16.21
N LEU D 479 -63.84 26.07 16.25
CA LEU D 479 -63.42 26.99 15.22
C LEU D 479 -63.52 26.36 13.84
N ALA D 480 -62.93 25.19 13.67
CA ALA D 480 -63.01 24.49 12.40
C ALA D 480 -64.45 24.32 11.97
N MET D 481 -65.27 23.70 12.82
CA MET D 481 -66.62 23.35 12.41
C MET D 481 -67.46 24.57 12.09
N ALA D 482 -67.28 25.67 12.82
CA ALA D 482 -67.99 26.89 12.48
C ALA D 482 -67.43 27.52 11.23
N SER D 483 -66.17 27.25 10.91
CA SER D 483 -65.53 27.74 9.70
C SER D 483 -65.60 26.74 8.57
N ALA D 484 -66.35 25.66 8.75
CA ALA D 484 -66.73 24.73 7.69
C ALA D 484 -65.55 24.13 6.96
N ASN D 485 -64.34 24.24 7.48
CA ASN D 485 -63.19 23.64 6.82
C ASN D 485 -62.68 22.46 7.62
N GLY D 486 -61.97 21.57 6.93
CA GLY D 486 -61.43 20.41 7.58
C GLY D 486 -60.42 20.76 8.65
N LEU D 487 -59.94 19.73 9.32
CA LEU D 487 -59.04 19.95 10.45
C LEU D 487 -58.32 18.66 10.82
N LEU D 488 -57.02 18.75 11.02
CA LEU D 488 -56.25 17.70 11.62
C LEU D 488 -55.81 18.14 13.02
N LEU D 489 -55.14 17.26 13.73
CA LEU D 489 -54.68 17.59 15.08
C LEU D 489 -53.39 16.82 15.36
N LYS D 490 -52.57 17.41 16.22
CA LYS D 490 -51.44 16.68 16.79
C LYS D 490 -51.04 17.39 18.09
N GLY D 491 -51.30 16.74 19.21
CA GLY D 491 -50.86 17.26 20.48
C GLY D 491 -49.41 16.90 20.74
N GLY D 492 -49.13 16.38 21.93
CA GLY D 492 -47.83 15.91 22.32
C GLY D 492 -47.88 14.46 22.75
N LYS D 493 -47.22 14.18 23.87
CA LYS D 493 -47.25 12.85 24.46
C LYS D 493 -48.41 12.67 25.42
N GLU D 494 -48.51 13.53 26.42
CA GLU D 494 -49.55 13.41 27.43
C GLU D 494 -50.90 13.77 26.82
N ALA D 495 -51.93 13.71 27.65
CA ALA D 495 -53.30 14.08 27.27
C ALA D 495 -53.87 13.16 26.22
N ALA D 496 -53.04 12.24 25.71
CA ALA D 496 -53.40 11.45 24.55
C ALA D 496 -54.75 10.78 24.73
N HIS D 497 -54.95 10.13 25.87
CA HIS D 497 -56.24 9.51 26.14
C HIS D 497 -57.33 10.56 26.27
N SER D 498 -57.04 11.64 26.98
CA SER D 498 -57.99 12.75 27.04
C SER D 498 -58.30 13.25 25.65
N ASN D 499 -57.27 13.37 24.82
CA ASN D 499 -57.48 13.78 23.44
C ASN D 499 -58.43 12.82 22.74
N LYS D 500 -58.27 11.52 22.96
CA LYS D 500 -59.16 10.55 22.33
C LYS D 500 -60.59 10.74 22.81
N ALA D 501 -60.76 10.98 24.10
CA ALA D 501 -62.09 11.18 24.64
C ALA D 501 -62.77 12.38 24.00
N LEU D 502 -62.06 13.51 23.99
CA LEU D 502 -62.57 14.68 23.32
C LEU D 502 -62.83 14.41 21.85
N MET D 503 -61.97 13.62 21.22
CA MET D 503 -62.13 13.31 19.82
C MET D 503 -63.41 12.53 19.58
N GLU D 504 -63.71 11.57 20.45
CA GLU D 504 -64.95 10.83 20.30
C GLU D 504 -66.15 11.74 20.52
N LEU D 505 -66.08 12.60 21.53
CA LEU D 505 -67.16 13.53 21.78
C LEU D 505 -67.43 14.38 20.54
N VAL D 506 -66.37 14.91 19.93
CA VAL D 506 -66.56 15.80 18.79
C VAL D 506 -66.96 15.02 17.56
N LYS D 507 -66.49 13.78 17.42
CA LYS D 507 -66.91 12.96 16.29
C LYS D 507 -68.40 12.70 16.36
N GLU D 508 -68.90 12.40 17.55
CA GLU D 508 -70.34 12.36 17.74
C GLU D 508 -70.97 13.69 17.32
N ALA D 509 -70.45 14.78 17.87
CA ALA D 509 -71.06 16.09 17.63
C ALA D 509 -71.21 16.37 16.14
N LEU D 510 -70.19 16.05 15.35
CA LEU D 510 -70.29 16.27 13.92
C LEU D 510 -71.14 15.20 13.24
N ALA D 511 -71.19 14.01 13.81
CA ALA D 511 -71.98 12.93 13.23
C ALA D 511 -73.45 13.26 13.18
N THR D 512 -73.93 14.16 14.03
CA THR D 512 -75.36 14.46 14.07
C THR D 512 -75.85 14.95 12.71
N VAL D 513 -75.33 16.07 12.24
CA VAL D 513 -75.69 16.62 10.94
C VAL D 513 -74.42 16.73 10.11
N GLY D 514 -74.55 16.53 8.81
CA GLY D 514 -73.38 16.43 7.96
C GLY D 514 -72.73 15.08 8.15
N ALA D 515 -72.52 14.70 9.41
CA ALA D 515 -72.18 13.35 9.79
C ALA D 515 -70.82 12.92 9.26
N GLU D 516 -70.14 13.77 8.52
CA GLU D 516 -68.85 13.41 7.96
C GLU D 516 -67.75 13.81 8.94
N HIS D 517 -66.83 12.88 9.14
CA HIS D 517 -65.73 13.06 10.08
C HIS D 517 -64.62 13.81 9.37
N ALA D 518 -64.81 15.11 9.21
CA ALA D 518 -63.75 15.96 8.69
C ALA D 518 -62.84 16.42 9.81
N VAL D 519 -62.46 15.47 10.64
CA VAL D 519 -61.53 15.66 11.74
C VAL D 519 -60.76 14.37 11.91
N SER D 520 -59.56 14.44 12.47
CA SER D 520 -58.76 13.26 12.69
C SER D 520 -57.86 13.50 13.88
N LEU D 521 -56.84 12.65 13.99
CA LEU D 521 -55.80 12.83 14.99
C LEU D 521 -54.63 11.98 14.58
N VAL D 522 -53.43 12.54 14.65
CA VAL D 522 -52.23 11.86 14.20
C VAL D 522 -51.39 11.57 15.45
N SER D 523 -51.59 10.39 16.00
CA SER D 523 -50.94 9.97 17.22
C SER D 523 -49.79 9.02 16.89
N THR D 524 -49.22 8.41 17.93
CA THR D 524 -48.20 7.38 17.78
C THR D 524 -46.95 7.92 17.09
N ARG D 525 -46.55 9.13 17.51
CA ARG D 525 -45.27 9.71 17.13
C ARG D 525 -45.14 9.80 15.60
N GLU D 526 -46.01 10.63 15.01
CA GLU D 526 -46.05 10.74 13.54
C GLU D 526 -44.84 11.44 12.93
N GLU D 527 -43.87 11.82 13.76
CA GLU D 527 -42.65 12.41 13.22
C GLU D 527 -42.96 13.77 12.55
N ILE D 528 -43.24 14.73 13.42
CA ILE D 528 -43.67 16.08 13.04
C ILE D 528 -42.92 16.60 11.83
N SER D 529 -41.61 16.41 11.78
CA SER D 529 -40.85 16.92 10.64
C SER D 529 -41.30 16.25 9.34
N ASP D 530 -41.52 14.94 9.38
CA ASP D 530 -42.08 14.27 8.22
C ASP D 530 -43.48 14.78 7.92
N LEU D 531 -44.28 14.97 8.96
CA LEU D 531 -45.62 15.49 8.75
C LEU D 531 -45.58 16.80 7.98
N LEU D 532 -44.74 17.75 8.38
CA LEU D 532 -44.67 19.02 7.69
C LEU D 532 -43.94 18.89 6.36
N SER D 533 -43.20 17.79 6.18
CA SER D 533 -42.59 17.54 4.88
C SER D 533 -43.63 17.28 3.81
N MET D 534 -44.87 16.98 4.21
CA MET D 534 -45.93 16.77 3.24
C MET D 534 -46.24 18.07 2.50
N GLU D 535 -47.21 17.97 1.60
CA GLU D 535 -47.55 19.11 0.76
C GLU D 535 -48.87 18.82 0.07
N ASN D 536 -49.39 19.83 -0.63
CA ASN D 536 -50.52 19.70 -1.53
C ASN D 536 -51.79 19.40 -0.77
N HIS D 537 -51.66 19.20 0.53
CA HIS D 537 -52.80 18.90 1.37
C HIS D 537 -52.99 19.95 2.44
N ILE D 538 -51.99 20.13 3.29
CA ILE D 538 -52.07 20.99 4.46
C ILE D 538 -51.83 22.42 4.04
N ASP D 539 -52.53 23.34 4.68
CA ASP D 539 -52.47 24.75 4.33
C ASP D 539 -51.87 25.58 5.44
N LEU D 540 -52.45 25.53 6.63
CA LEU D 540 -52.09 26.43 7.73
C LEU D 540 -51.57 25.60 8.88
N ILE D 541 -50.26 25.62 9.09
CA ILE D 541 -49.73 25.13 10.34
C ILE D 541 -50.10 26.13 11.42
N ILE D 542 -50.87 25.69 12.41
CA ILE D 542 -51.27 26.58 13.49
C ILE D 542 -50.63 26.09 14.78
N PRO D 543 -49.36 26.37 15.00
CA PRO D 543 -48.74 25.97 16.27
C PRO D 543 -49.36 26.77 17.40
N ARG D 544 -49.46 26.13 18.56
CA ARG D 544 -50.16 26.74 19.68
C ARG D 544 -49.43 26.63 21.01
N GLY D 545 -48.38 25.83 21.12
CA GLY D 545 -47.80 25.58 22.42
C GLY D 545 -47.08 26.75 23.06
N SER D 546 -45.92 27.10 22.53
CA SER D 546 -45.09 28.14 23.15
C SER D 546 -43.94 28.44 22.21
N SER D 547 -43.06 29.34 22.64
CA SER D 547 -41.94 29.73 21.79
C SER D 547 -41.27 28.53 21.18
N ASP D 548 -40.82 27.60 22.02
CA ASP D 548 -40.09 26.46 21.50
C ASP D 548 -40.87 25.87 20.37
N LEU D 549 -42.03 25.34 20.68
CA LEU D 549 -42.85 24.72 19.68
C LEU D 549 -42.82 25.50 18.39
N VAL D 550 -43.26 26.75 18.44
CA VAL D 550 -43.38 27.51 17.21
C VAL D 550 -42.02 27.77 16.59
N ARG D 551 -40.98 27.88 17.42
CA ARG D 551 -39.65 28.15 16.89
C ARG D 551 -39.11 26.94 16.16
N SER D 552 -39.15 25.78 16.81
CA SER D 552 -38.80 24.54 16.15
C SER D 552 -39.57 24.39 14.84
N ILE D 553 -40.84 24.80 14.84
CA ILE D 553 -41.63 24.73 13.62
C ILE D 553 -41.02 25.60 12.54
N GLN D 554 -40.94 26.91 12.80
CA GLN D 554 -40.43 27.84 11.81
C GLN D 554 -39.06 27.42 11.28
N GLN D 555 -38.25 26.81 12.14
CA GLN D 555 -36.96 26.34 11.66
C GLN D 555 -37.11 25.10 10.81
N GLN D 556 -38.10 24.28 11.12
CA GLN D 556 -38.30 23.04 10.38
C GLN D 556 -39.21 23.25 9.18
N SER D 557 -40.19 24.12 9.30
CA SER D 557 -41.18 24.30 8.25
C SER D 557 -40.54 24.91 7.02
N LEU D 558 -40.82 24.35 5.86
CA LEU D 558 -40.37 24.89 4.59
C LEU D 558 -41.46 24.67 3.55
N HIS D 559 -41.75 25.69 2.77
CA HIS D 559 -42.71 25.59 1.68
C HIS D 559 -44.09 25.23 2.21
N ILE D 560 -44.54 25.96 3.22
CA ILE D 560 -45.85 25.75 3.81
C ILE D 560 -46.20 26.94 4.70
N PRO D 561 -47.37 27.53 4.53
CA PRO D 561 -47.74 28.68 5.37
C PRO D 561 -47.80 28.28 6.83
N VAL D 562 -47.27 29.14 7.69
CA VAL D 562 -47.18 28.87 9.11
C VAL D 562 -47.72 30.09 9.85
N LEU D 563 -48.99 30.04 10.23
CA LEU D 563 -49.53 31.10 11.06
C LEU D 563 -48.80 31.13 12.39
N GLY D 564 -48.78 32.31 13.01
CA GLY D 564 -48.26 32.47 14.35
C GLY D 564 -46.92 33.15 14.38
N HIS D 565 -46.52 33.52 15.60
CA HIS D 565 -45.26 34.20 15.87
C HIS D 565 -44.33 33.27 16.61
N ALA D 566 -43.19 33.80 17.03
CA ALA D 566 -42.28 33.06 17.89
C ALA D 566 -41.68 33.88 19.01
N GLU D 567 -41.74 35.21 18.95
CA GLU D 567 -41.04 36.03 19.93
C GLU D 567 -42.00 37.06 20.49
N GLY D 568 -41.85 37.33 21.79
CA GLY D 568 -42.75 38.24 22.46
C GLY D 568 -42.06 39.49 22.97
N VAL D 569 -41.07 39.96 22.24
CA VAL D 569 -40.35 41.16 22.64
C VAL D 569 -41.23 42.35 22.34
N CYS D 570 -41.96 42.81 23.34
CA CYS D 570 -42.80 43.98 23.19
C CYS D 570 -41.99 45.20 23.62
N HIS D 571 -42.65 46.35 23.71
CA HIS D 571 -41.93 47.54 24.12
C HIS D 571 -42.93 48.55 24.68
N VAL D 572 -42.47 49.34 25.63
CA VAL D 572 -43.30 50.32 26.29
C VAL D 572 -42.51 51.63 26.28
N TYR D 573 -43.03 52.62 25.58
CA TYR D 573 -42.40 53.93 25.59
C TYR D 573 -43.13 54.82 26.58
N ILE D 574 -42.39 55.68 27.24
CA ILE D 574 -42.94 56.64 28.19
C ILE D 574 -42.52 58.02 27.73
N ASP D 575 -43.46 58.94 27.62
CA ASP D 575 -43.05 60.25 27.15
C ASP D 575 -42.94 61.25 28.29
N ARG D 576 -42.17 62.30 28.04
CA ARG D 576 -41.89 63.35 28.99
C ARG D 576 -43.13 64.01 29.56
N ASP D 577 -44.26 63.91 28.88
CA ASP D 577 -45.48 64.57 29.30
C ASP D 577 -46.52 63.54 29.73
N ALA D 578 -46.03 62.42 30.25
CA ALA D 578 -46.88 61.34 30.70
C ALA D 578 -46.99 61.38 32.22
N ASP D 579 -48.20 61.21 32.73
CA ASP D 579 -48.40 61.20 34.18
C ASP D 579 -47.63 60.06 34.82
N LEU D 580 -46.93 60.39 35.91
CA LEU D 580 -46.00 59.45 36.50
C LEU D 580 -46.71 58.22 37.05
N GLU D 581 -47.60 58.43 38.02
CA GLU D 581 -48.29 57.29 38.64
C GLU D 581 -49.08 56.50 37.61
N LYS D 582 -49.57 57.18 36.58
CA LYS D 582 -50.24 56.47 35.50
C LYS D 582 -49.33 55.41 34.91
N ALA D 583 -48.19 55.84 34.37
CA ALA D 583 -47.24 54.90 33.83
C ALA D 583 -46.81 53.88 34.88
N LEU D 584 -46.73 54.32 36.14
CA LEU D 584 -46.35 53.42 37.21
C LEU D 584 -47.25 52.20 37.23
N ARG D 585 -48.53 52.43 37.50
CA ARG D 585 -49.48 51.32 37.53
C ARG D 585 -49.53 50.61 36.20
N ILE D 586 -49.37 51.35 35.10
CA ILE D 586 -49.48 50.75 33.77
C ILE D 586 -48.43 49.67 33.60
N ALA D 587 -47.16 50.05 33.73
CA ALA D 587 -46.09 49.08 33.57
C ALA D 587 -46.14 48.03 34.66
N ARG D 588 -46.54 48.43 35.86
CA ARG D 588 -46.75 47.49 36.95
C ARG D 588 -47.58 46.32 36.48
N ASP D 589 -48.78 46.60 35.99
CA ASP D 589 -49.61 45.56 35.42
C ASP D 589 -48.96 44.91 34.21
N ALA D 590 -48.48 45.71 33.26
CA ALA D 590 -47.94 45.22 32.01
C ALA D 590 -46.96 44.09 32.24
N LYS D 591 -46.14 44.19 33.27
CA LYS D 591 -45.22 43.12 33.56
C LYS D 591 -45.78 42.10 34.52
N CYS D 592 -46.50 42.55 35.54
CA CYS D 592 -46.87 41.71 36.67
C CYS D 592 -48.30 41.20 36.61
N ASP D 593 -48.80 40.87 35.43
CA ASP D 593 -50.12 40.26 35.34
C ASP D 593 -50.04 38.78 34.98
N TYR D 594 -49.28 38.43 33.96
CA TYR D 594 -48.86 37.05 33.73
C TYR D 594 -47.49 37.09 33.11
N PRO D 595 -46.47 37.36 33.91
CA PRO D 595 -45.16 37.72 33.34
C PRO D 595 -44.59 36.70 32.39
N ALA D 596 -45.12 35.49 32.35
CA ALA D 596 -44.67 34.49 31.39
C ALA D 596 -45.46 34.54 30.08
N ALA D 597 -46.25 35.58 29.85
CA ALA D 597 -47.08 35.62 28.66
C ALA D 597 -46.23 35.89 27.42
N CYS D 598 -46.87 35.82 26.26
CA CYS D 598 -46.18 36.17 25.04
C CYS D 598 -46.24 37.68 24.92
N ASN D 599 -47.44 38.23 25.07
CA ASN D 599 -47.60 39.68 25.00
C ASN D 599 -47.06 40.34 26.25
N ALA D 600 -45.75 40.24 26.46
CA ALA D 600 -45.14 40.82 27.64
C ALA D 600 -44.10 41.87 27.28
N MET D 601 -43.85 42.81 28.18
CA MET D 601 -42.92 43.90 27.88
C MET D 601 -41.51 43.61 28.35
N GLU D 602 -40.84 42.70 27.69
CA GLU D 602 -39.48 42.35 28.07
C GLU D 602 -38.56 43.52 27.85
N THR D 603 -39.09 44.73 27.96
CA THR D 603 -38.28 45.93 27.78
C THR D 603 -39.16 47.09 28.24
N LEU D 604 -38.52 48.22 28.53
CA LEU D 604 -39.25 49.41 28.93
C LEU D 604 -38.40 50.61 28.54
N LEU D 605 -38.94 51.47 27.69
CA LEU D 605 -38.20 52.61 27.18
C LEU D 605 -38.79 53.90 27.70
N ILE D 606 -37.92 54.84 28.04
CA ILE D 606 -38.30 56.05 28.75
C ILE D 606 -37.64 57.24 28.06
N HIS D 607 -38.35 58.36 28.03
CA HIS D 607 -37.79 59.60 27.52
C HIS D 607 -36.53 59.95 28.29
N GLU D 608 -35.62 60.67 27.64
CA GLU D 608 -34.38 61.04 28.32
C GLU D 608 -34.64 62.06 29.41
N ASP D 609 -35.61 62.95 29.20
CA ASP D 609 -35.90 63.99 30.18
C ASP D 609 -36.29 63.39 31.52
N LEU D 610 -37.12 62.35 31.51
CA LEU D 610 -37.73 61.89 32.75
C LEU D 610 -36.76 61.13 33.64
N MET D 611 -35.49 61.01 33.23
CA MET D 611 -34.49 60.58 34.18
C MET D 611 -34.35 61.56 35.33
N SER D 612 -34.69 62.82 35.10
CA SER D 612 -34.59 63.85 36.13
C SER D 612 -35.60 63.68 37.24
N GLY D 613 -36.83 63.28 36.93
CA GLY D 613 -37.87 63.19 37.94
C GLY D 613 -37.76 61.96 38.80
N ALA D 614 -36.66 61.22 38.65
CA ALA D 614 -36.37 60.00 39.40
C ALA D 614 -37.44 58.94 39.23
N ILE D 615 -38.33 59.10 38.26
CA ILE D 615 -39.34 58.09 38.02
C ILE D 615 -38.68 56.78 37.66
N PHE D 616 -37.52 56.84 37.02
CA PHE D 616 -36.70 55.65 36.85
C PHE D 616 -36.49 54.97 38.18
N GLY D 617 -36.07 55.72 39.19
CA GLY D 617 -35.93 55.15 40.52
C GLY D 617 -37.23 54.58 41.02
N ASP D 618 -38.33 55.31 40.82
CA ASP D 618 -39.62 54.85 41.32
C ASP D 618 -39.99 53.50 40.74
N VAL D 619 -39.75 53.32 39.45
CA VAL D 619 -40.14 52.07 38.80
C VAL D 619 -39.17 50.97 39.18
N CYS D 620 -37.90 51.29 39.41
CA CYS D 620 -37.01 50.29 39.97
C CYS D 620 -37.53 49.82 41.32
N ASN D 621 -37.96 50.77 42.15
CA ASN D 621 -38.57 50.42 43.42
C ASN D 621 -39.76 49.51 43.21
N MET D 622 -40.61 49.83 42.24
CA MET D 622 -41.80 49.04 42.02
C MET D 622 -41.45 47.62 41.59
N LEU D 623 -40.53 47.49 40.64
CA LEU D 623 -40.10 46.18 40.18
C LEU D 623 -39.52 45.37 41.33
N LYS D 624 -38.71 46.00 42.16
CA LYS D 624 -38.27 45.36 43.38
C LYS D 624 -39.46 44.91 44.22
N ARG D 625 -40.45 45.79 44.36
CA ARG D 625 -41.65 45.43 45.10
C ARG D 625 -42.18 44.13 44.56
N GLU D 626 -42.13 43.99 43.26
CA GLU D 626 -42.63 42.79 42.60
C GLU D 626 -41.54 41.77 42.36
N GLY D 627 -40.30 42.07 42.75
CA GLY D 627 -39.21 41.15 42.58
C GLY D 627 -38.91 40.89 41.11
N VAL D 628 -38.43 41.91 40.43
CA VAL D 628 -38.14 41.82 39.00
C VAL D 628 -36.66 42.08 38.79
N LYS D 629 -35.95 41.08 38.27
CA LYS D 629 -34.52 41.21 38.01
C LYS D 629 -34.37 42.11 36.79
N ILE D 630 -33.95 43.33 37.02
CA ILE D 630 -33.85 44.30 35.94
C ILE D 630 -32.40 44.40 35.49
N TYR D 631 -32.21 44.55 34.19
CA TYR D 631 -30.92 44.87 33.62
C TYR D 631 -30.91 46.34 33.24
N ALA D 632 -29.87 46.77 32.53
CA ALA D 632 -29.75 48.18 32.15
C ALA D 632 -29.30 48.29 30.70
N GLY D 633 -29.69 49.39 30.07
CA GLY D 633 -29.30 49.67 28.72
C GLY D 633 -27.93 50.30 28.66
N PRO D 634 -27.22 50.09 27.55
CA PRO D 634 -25.90 50.72 27.39
C PRO D 634 -25.90 52.20 27.73
N ARG D 635 -26.86 52.96 27.19
CA ARG D 635 -26.97 54.36 27.60
C ARG D 635 -27.23 54.47 29.09
N LEU D 636 -28.15 53.65 29.61
CA LEU D 636 -28.36 53.64 31.06
C LEU D 636 -27.10 53.21 31.80
N ASN D 637 -26.37 52.24 31.23
CA ASN D 637 -25.09 51.85 31.83
C ASN D 637 -24.20 53.05 32.00
N GLN D 638 -24.03 53.84 30.94
CA GLN D 638 -23.32 55.10 31.05
C GLN D 638 -23.93 56.01 32.11
N GLN D 639 -25.25 55.96 32.30
CA GLN D 639 -25.93 57.01 33.05
C GLN D 639 -25.47 57.06 34.51
N LEU D 640 -25.68 55.99 35.26
CA LEU D 640 -25.53 56.04 36.70
C LEU D 640 -24.15 55.52 37.14
N THR D 641 -23.98 55.38 38.47
CA THR D 641 -22.68 54.99 39.02
C THR D 641 -22.34 53.54 38.72
N PHE D 642 -23.06 52.60 39.34
CA PHE D 642 -23.04 51.22 38.89
C PHE D 642 -24.42 50.66 38.64
N GLY D 643 -25.41 51.06 39.44
CA GLY D 643 -26.79 50.72 39.20
C GLY D 643 -27.03 49.24 38.99
N PRO D 644 -28.13 48.90 38.34
CA PRO D 644 -28.40 47.51 38.00
C PRO D 644 -27.39 47.00 36.99
N PRO D 645 -27.20 45.69 36.88
CA PRO D 645 -26.19 45.16 35.96
C PRO D 645 -26.56 45.42 34.52
N ALA D 646 -25.54 45.33 33.66
CA ALA D 646 -25.73 45.60 32.24
C ALA D 646 -26.55 44.51 31.59
N ALA D 647 -27.43 44.90 30.68
CA ALA D 647 -28.19 43.92 29.91
C ALA D 647 -27.25 43.10 29.03
N LYS D 648 -27.51 41.80 28.97
CA LYS D 648 -26.72 40.93 28.12
C LYS D 648 -26.88 41.30 26.65
N SER D 649 -28.09 41.15 26.12
CA SER D 649 -28.38 41.47 24.73
C SER D 649 -29.78 42.04 24.62
N LEU D 650 -29.94 43.06 23.77
CA LEU D 650 -31.21 43.75 23.67
C LEU D 650 -32.29 42.88 23.04
N LYS D 651 -31.91 41.92 22.18
CA LYS D 651 -32.87 41.03 21.55
C LYS D 651 -32.99 39.72 22.30
N HIS D 652 -32.82 39.75 23.60
CA HIS D 652 -32.99 38.57 24.43
C HIS D 652 -34.42 38.49 24.93
N GLU D 653 -34.74 37.35 25.54
CA GLU D 653 -36.08 37.05 26.04
C GLU D 653 -35.95 36.54 27.46
N TYR D 654 -36.90 36.92 28.31
CA TYR D 654 -36.82 36.59 29.73
C TYR D 654 -37.92 35.61 30.15
N GLY D 655 -39.17 35.96 29.91
CA GLY D 655 -40.25 35.10 30.37
C GLY D 655 -40.50 35.20 31.85
N ALA D 656 -39.44 35.14 32.65
CA ALA D 656 -39.57 35.28 34.10
C ALA D 656 -39.52 36.77 34.46
N LEU D 657 -39.38 37.06 35.76
CA LEU D 657 -39.49 38.42 36.27
C LEU D 657 -38.21 39.19 35.92
N GLU D 658 -38.06 39.50 34.64
CA GLU D 658 -36.93 40.29 34.17
C GLU D 658 -37.43 41.28 33.14
N CYS D 659 -36.82 42.45 33.11
CA CYS D 659 -37.22 43.50 32.18
C CYS D 659 -36.05 44.44 31.98
N CYS D 660 -35.40 44.37 30.82
CA CYS D 660 -34.43 45.39 30.49
C CYS D 660 -35.09 46.76 30.48
N ILE D 661 -34.31 47.77 30.83
CA ILE D 661 -34.79 49.14 30.85
C ILE D 661 -33.71 49.99 30.21
N GLU D 662 -34.11 50.90 29.33
CA GLU D 662 -33.20 51.78 28.63
C GLU D 662 -33.92 53.10 28.34
N VAL D 663 -33.11 54.15 28.21
CA VAL D 663 -33.66 55.47 27.94
C VAL D 663 -32.97 56.11 26.75
N VAL D 664 -33.74 56.78 25.92
CA VAL D 664 -33.21 57.40 24.70
C VAL D 664 -33.64 58.86 24.65
N PRO D 665 -33.03 59.70 23.82
CA PRO D 665 -33.35 61.13 23.85
C PRO D 665 -34.76 61.45 23.40
N SER D 666 -35.10 61.04 22.18
CA SER D 666 -36.24 61.58 21.47
C SER D 666 -37.22 60.49 21.07
N LEU D 667 -38.41 60.94 20.73
CA LEU D 667 -39.41 60.07 20.12
C LEU D 667 -38.78 59.24 19.02
N ASP D 668 -38.23 59.93 18.02
CA ASP D 668 -37.78 59.25 16.82
C ASP D 668 -36.68 58.25 17.13
N GLU D 669 -35.81 58.59 18.08
CA GLU D 669 -34.79 57.62 18.47
C GLU D 669 -35.45 56.36 19.00
N ALA D 670 -36.45 56.51 19.86
CA ALA D 670 -37.18 55.35 20.34
C ALA D 670 -37.76 54.56 19.18
N ILE D 671 -38.35 55.26 18.22
CA ILE D 671 -38.94 54.58 17.07
C ILE D 671 -37.90 53.72 16.38
N ASN D 672 -36.72 54.30 16.17
CA ASN D 672 -35.68 53.59 15.45
C ASN D 672 -35.22 52.39 16.24
N HIS D 673 -35.05 52.54 17.54
CA HIS D 673 -34.66 51.41 18.35
C HIS D 673 -35.70 50.31 18.26
N ILE D 674 -36.97 50.68 18.32
CA ILE D 674 -38.03 49.70 18.18
C ILE D 674 -37.86 48.93 16.88
N HIS D 675 -37.89 49.65 15.76
CA HIS D 675 -37.77 49.00 14.46
C HIS D 675 -36.51 48.15 14.39
N THR D 676 -35.48 48.54 15.13
CA THR D 676 -34.23 47.80 15.09
C THR D 676 -34.35 46.49 15.84
N TYR D 677 -35.02 46.52 16.98
CA TYR D 677 -35.07 45.35 17.85
C TYR D 677 -36.46 44.77 17.98
N GLY D 678 -37.48 45.62 18.00
CA GLY D 678 -38.83 45.12 18.15
C GLY D 678 -39.20 44.14 17.07
N SER D 679 -39.89 43.08 17.46
CA SER D 679 -40.41 42.09 16.53
C SER D 679 -41.69 42.55 15.87
N SER D 680 -41.97 43.85 15.92
CA SER D 680 -43.20 44.42 15.36
C SER D 680 -44.43 43.75 15.95
N HIS D 681 -44.27 43.16 17.12
CA HIS D 681 -45.37 42.42 17.73
C HIS D 681 -46.39 43.36 18.36
N THR D 682 -45.98 44.15 19.35
CA THR D 682 -46.94 44.89 20.15
C THR D 682 -46.19 46.02 20.84
N ASP D 683 -46.86 47.16 21.01
CA ASP D 683 -46.28 48.27 21.73
C ASP D 683 -47.37 49.23 22.19
N VAL D 684 -47.02 50.11 23.12
CA VAL D 684 -47.93 51.12 23.61
C VAL D 684 -47.13 52.38 23.93
N ILE D 685 -47.81 53.51 23.87
CA ILE D 685 -47.23 54.79 24.24
C ILE D 685 -48.03 55.36 25.39
N VAL D 686 -47.37 56.07 26.29
CA VAL D 686 -48.03 56.80 27.34
C VAL D 686 -47.54 58.24 27.30
N THR D 687 -48.49 59.17 27.21
CA THR D 687 -48.18 60.58 27.03
C THR D 687 -49.49 61.34 27.12
N GLU D 688 -49.39 62.66 26.93
CA GLU D 688 -50.59 63.51 26.88
C GLU D 688 -50.62 64.38 25.64
N ASN D 689 -49.59 64.30 24.80
CA ASN D 689 -49.58 65.00 23.52
C ASN D 689 -50.10 64.08 22.44
N ASP D 690 -51.07 64.59 21.70
CA ASP D 690 -51.65 63.81 20.62
C ASP D 690 -50.90 64.06 19.35
N ALA D 691 -50.09 65.10 19.32
CA ALA D 691 -49.29 65.32 18.15
C ALA D 691 -48.31 64.19 18.12
N ALA D 692 -47.60 64.04 19.21
CA ALA D 692 -46.65 62.95 19.30
C ALA D 692 -47.42 61.67 19.23
N ALA D 693 -48.66 61.71 19.67
CA ALA D 693 -49.44 60.49 19.70
C ALA D 693 -49.54 59.99 18.29
N ARG D 694 -50.01 60.84 17.39
CA ARG D 694 -50.20 60.43 16.03
C ARG D 694 -48.86 60.12 15.43
N GLN D 695 -47.86 60.88 15.81
CA GLN D 695 -46.53 60.59 15.33
C GLN D 695 -46.29 59.12 15.51
N PHE D 696 -46.30 58.67 16.75
CA PHE D 696 -46.08 57.27 17.05
C PHE D 696 -47.00 56.39 16.26
N LEU D 697 -48.28 56.61 16.42
CA LEU D 697 -49.26 55.79 15.75
C LEU D 697 -48.82 55.46 14.35
N GLY D 698 -48.47 56.48 13.57
CA GLY D 698 -48.13 56.20 12.21
C GLY D 698 -46.80 55.53 12.14
N SER D 699 -45.78 56.26 12.54
CA SER D 699 -44.44 55.73 12.46
C SER D 699 -44.32 54.29 12.86
N VAL D 700 -45.12 53.88 13.83
CA VAL D 700 -44.90 52.51 14.29
C VAL D 700 -45.31 51.54 13.21
N ASP D 701 -44.79 50.32 13.28
CA ASP D 701 -45.12 49.26 12.34
C ASP D 701 -45.37 47.95 13.05
N SER D 702 -45.62 48.01 14.35
CA SER D 702 -45.93 46.82 15.09
C SER D 702 -47.20 46.18 14.52
N ALA D 703 -47.40 44.91 14.86
CA ALA D 703 -48.69 44.31 14.56
C ALA D 703 -49.82 45.05 15.23
N CYS D 704 -49.59 45.59 16.41
CA CYS D 704 -50.63 46.29 17.14
C CYS D 704 -50.02 47.28 18.09
N VAL D 705 -50.60 48.47 18.17
CA VAL D 705 -50.07 49.56 18.98
C VAL D 705 -51.20 50.18 19.78
N PHE D 706 -50.89 50.64 20.97
CA PHE D 706 -51.90 51.18 21.86
C PHE D 706 -51.49 52.55 22.37
N HIS D 707 -52.38 53.14 23.14
CA HIS D 707 -52.14 54.49 23.67
C HIS D 707 -52.80 54.56 25.03
N ASN D 708 -52.00 54.37 26.08
CA ASN D 708 -52.36 54.36 27.49
C ASN D 708 -53.04 53.07 27.94
N ALA D 709 -53.02 52.02 27.12
CA ALA D 709 -53.59 50.76 27.52
C ALA D 709 -52.47 49.80 27.93
N SER D 710 -52.83 48.54 28.14
CA SER D 710 -51.89 47.54 28.61
C SER D 710 -51.58 46.52 27.53
N SER D 711 -50.34 46.08 27.47
CA SER D 711 -49.99 45.04 26.51
C SER D 711 -50.86 43.81 26.72
N ARG D 712 -51.31 43.59 27.95
CA ARG D 712 -52.10 42.40 28.24
C ARG D 712 -53.48 42.48 27.61
N PHE D 713 -53.73 43.51 26.82
CA PHE D 713 -54.99 43.61 26.11
C PHE D 713 -55.05 42.75 24.87
N ALA D 714 -53.89 42.30 24.37
CA ALA D 714 -53.84 41.52 23.12
C ALA D 714 -54.36 40.11 23.38
N ASP D 715 -55.68 39.98 23.33
CA ASP D 715 -56.34 38.72 23.63
C ASP D 715 -57.41 38.34 22.61
N GLY D 716 -57.76 39.24 21.70
CA GLY D 716 -58.73 38.89 20.68
C GLY D 716 -60.12 38.81 21.25
N PHE D 717 -60.34 37.82 22.12
CA PHE D 717 -61.57 37.81 22.91
C PHE D 717 -61.79 39.17 23.57
N ARG D 718 -60.73 39.75 24.12
CA ARG D 718 -60.84 41.09 24.68
C ARG D 718 -61.31 42.08 23.64
N PHE D 719 -61.00 41.84 22.38
CA PHE D 719 -61.40 42.75 21.32
C PHE D 719 -62.83 42.55 20.89
N GLY D 720 -63.55 41.64 21.52
CA GLY D 720 -64.83 41.23 20.99
C GLY D 720 -64.65 40.62 19.61
N LEU D 721 -63.51 39.96 19.44
CA LEU D 721 -63.15 39.33 18.17
C LEU D 721 -63.49 37.85 18.20
N GLY D 722 -64.55 37.49 18.92
CA GLY D 722 -64.85 36.08 19.09
C GLY D 722 -63.71 35.39 19.79
N ALA D 723 -63.65 34.07 19.64
CA ALA D 723 -62.59 33.28 20.25
C ALA D 723 -61.38 33.34 19.34
N GLU D 724 -60.27 33.80 19.88
CA GLU D 724 -59.04 33.84 19.10
C GLU D 724 -58.60 32.44 18.72
N VAL D 725 -57.75 32.36 17.70
CA VAL D 725 -57.09 31.11 17.34
C VAL D 725 -55.58 31.21 17.45
N GLY D 726 -55.00 32.38 17.23
CA GLY D 726 -53.57 32.52 17.33
C GLY D 726 -53.18 33.98 17.32
N ILE D 727 -51.87 34.20 17.38
CA ILE D 727 -51.29 35.53 17.30
C ILE D 727 -50.29 35.50 16.16
N SER D 728 -50.65 36.12 15.05
CA SER D 728 -49.81 36.07 13.86
C SER D 728 -48.99 37.34 13.74
N THR D 729 -47.70 37.19 13.46
CA THR D 729 -46.84 38.31 13.18
C THR D 729 -46.34 38.34 11.75
N ALA D 730 -46.68 37.34 10.93
CA ALA D 730 -46.30 37.36 9.53
C ALA D 730 -46.85 38.61 8.86
N ARG D 731 -46.26 38.96 7.73
CA ARG D 731 -46.56 40.22 7.07
C ARG D 731 -47.70 40.10 6.07
N ILE D 732 -48.53 39.07 6.19
CA ILE D 732 -49.55 38.80 5.18
C ILE D 732 -50.81 38.26 5.86
N HIS D 733 -51.96 38.79 5.46
CA HIS D 733 -53.24 38.13 5.65
C HIS D 733 -53.73 38.13 7.09
N ALA D 734 -52.85 38.49 8.01
CA ALA D 734 -53.14 38.24 9.41
C ALA D 734 -52.16 38.95 10.31
N ARG D 735 -52.67 39.66 11.33
CA ARG D 735 -51.81 40.36 12.25
C ARG D 735 -52.30 40.15 13.67
N GLY D 736 -51.46 39.53 14.48
CA GLY D 736 -51.73 39.36 15.88
C GLY D 736 -53.00 38.59 16.12
N PRO D 737 -53.93 39.23 16.81
CA PRO D 737 -55.19 38.56 17.15
C PRO D 737 -55.93 38.18 15.89
N VAL D 738 -55.92 36.89 15.60
CA VAL D 738 -56.64 36.35 14.46
C VAL D 738 -57.85 35.59 14.97
N GLY D 739 -59.03 36.07 14.60
CA GLY D 739 -60.25 35.39 15.00
C GLY D 739 -60.54 34.25 14.06
N VAL D 740 -61.78 34.18 13.58
CA VAL D 740 -62.13 33.15 12.61
C VAL D 740 -61.85 33.62 11.19
N GLU D 741 -62.03 34.92 10.92
CA GLU D 741 -61.89 35.44 9.58
C GLU D 741 -60.49 35.30 9.06
N GLY D 742 -59.52 35.10 9.92
CA GLY D 742 -58.21 34.71 9.45
C GLY D 742 -58.17 33.33 8.87
N LEU D 743 -59.31 32.64 8.81
CA LEU D 743 -59.41 31.33 8.18
C LEU D 743 -60.41 31.33 7.04
N LEU D 744 -60.62 32.47 6.39
CA LEU D 744 -61.58 32.57 5.31
C LEU D 744 -60.91 33.28 4.14
N THR D 745 -60.81 32.60 3.02
CA THR D 745 -60.36 33.27 1.81
C THR D 745 -61.57 33.62 0.95
N THR D 746 -61.32 34.23 -0.19
CA THR D 746 -62.38 34.66 -1.08
C THR D 746 -62.33 33.86 -2.36
N LYS D 747 -63.34 34.06 -3.21
CA LYS D 747 -63.42 33.33 -4.45
C LYS D 747 -64.28 34.16 -5.41
N TRP D 748 -63.67 34.63 -6.48
CA TRP D 748 -64.40 35.36 -7.50
C TRP D 748 -65.41 34.44 -8.17
N ILE D 749 -66.65 34.90 -8.27
CA ILE D 749 -67.65 34.21 -9.07
C ILE D 749 -68.26 35.20 -10.03
N LEU D 750 -68.85 34.68 -11.09
CA LEU D 750 -69.30 35.52 -12.19
C LEU D 750 -70.39 34.80 -12.95
N GLU D 751 -71.53 35.45 -13.12
CA GLU D 751 -72.68 34.84 -13.79
C GLU D 751 -73.06 35.70 -14.99
N GLY D 752 -72.40 35.47 -16.11
CA GLY D 752 -72.78 36.05 -17.37
C GLY D 752 -73.86 35.21 -18.03
N GLN D 753 -74.41 35.76 -19.12
CA GLN D 753 -75.40 35.04 -19.91
C GLN D 753 -74.79 34.51 -21.20
N ASP D 754 -74.25 35.40 -22.03
CA ASP D 754 -73.76 35.05 -23.36
C ASP D 754 -72.44 35.76 -23.64
N HIS D 755 -71.77 36.22 -22.59
CA HIS D 755 -70.66 37.13 -22.79
C HIS D 755 -69.40 36.37 -23.18
N ALA D 756 -68.50 37.07 -23.86
CA ALA D 756 -67.24 36.51 -24.30
C ALA D 756 -66.19 37.61 -24.27
N ALA D 757 -64.93 37.21 -24.46
CA ALA D 757 -63.82 38.15 -24.32
C ALA D 757 -63.80 39.16 -25.45
N ALA D 758 -63.61 38.68 -26.69
CA ALA D 758 -63.59 39.57 -27.84
C ALA D 758 -64.91 40.28 -28.06
N ASP D 759 -65.99 39.84 -27.38
CA ASP D 759 -67.24 40.57 -27.45
C ASP D 759 -67.09 41.98 -26.87
N PHE D 760 -66.27 42.14 -25.85
CA PHE D 760 -65.99 43.46 -25.31
C PHE D 760 -64.91 44.20 -26.09
N ALA D 761 -64.38 43.59 -27.13
CA ALA D 761 -63.50 44.30 -28.04
C ALA D 761 -64.34 45.18 -28.95
N GLU D 762 -63.73 45.75 -29.98
CA GLU D 762 -64.43 46.70 -30.83
C GLU D 762 -65.57 46.07 -31.59
N GLY D 763 -65.55 44.75 -31.78
CA GLY D 763 -66.58 44.11 -32.58
C GLY D 763 -67.93 44.11 -31.92
N GLY D 764 -68.01 43.63 -30.68
CA GLY D 764 -69.27 43.47 -29.99
C GLY D 764 -69.60 44.69 -29.14
N GLY D 765 -70.88 45.06 -29.14
CA GLY D 765 -71.32 46.22 -28.39
C GLY D 765 -71.35 45.94 -26.91
N ARG D 766 -70.18 45.68 -26.34
CA ARG D 766 -70.03 45.38 -24.93
C ARG D 766 -69.06 46.37 -24.31
N THR D 767 -69.57 47.18 -23.39
CA THR D 767 -68.80 48.27 -22.80
C THR D 767 -68.55 47.96 -21.33
N TRP D 768 -67.98 48.93 -20.63
CA TRP D 768 -67.60 48.72 -19.24
C TRP D 768 -68.37 49.67 -18.34
N LEU D 769 -68.87 49.12 -17.24
CA LEU D 769 -69.58 49.90 -16.24
C LEU D 769 -68.87 49.91 -14.91
N HIS D 770 -68.54 48.73 -14.36
CA HIS D 770 -67.90 48.62 -13.06
C HIS D 770 -68.70 49.35 -12.00
N GLU D 771 -70.02 49.35 -12.14
CA GLU D 771 -70.90 50.03 -11.21
C GLU D 771 -70.94 49.24 -9.92
N THR D 772 -70.48 49.84 -8.83
CA THR D 772 -70.42 49.15 -7.56
C THR D 772 -71.85 48.94 -7.06
N LEU D 773 -72.36 47.74 -7.31
CA LEU D 773 -73.67 47.37 -6.81
C LEU D 773 -73.61 47.36 -5.29
N PRO D 774 -74.72 47.58 -4.62
CA PRO D 774 -74.72 47.50 -3.15
C PRO D 774 -74.39 46.10 -2.70
N LEU D 775 -73.23 45.91 -2.09
CA LEU D 775 -72.78 44.59 -1.73
C LEU D 775 -73.64 44.03 -0.59
N ASP D 776 -73.91 42.74 -0.65
CA ASP D 776 -74.67 42.06 0.39
C ASP D 776 -73.72 41.62 1.50
#